data_2LYY
#
_entry.id   2LYY
#
_entity_poly.entity_id   1
_entity_poly.type   'polypeptide(L)'
_entity_poly.pdbx_seq_one_letter_code
;SNNENAFYARATELIKLANQQNQNTEIQTGEVSASFMWALARYNAWFGSTSFETKEQMQAKKQEMMDYYMDRYKEMLDAN
MEDYIENFDHYRATQK
;
_entity_poly.pdbx_strand_id   A,B
#
# COMPACT_ATOMS: atom_id res chain seq x y z
N SER A 1 12.24 -13.64 17.09
CA SER A 1 13.34 -14.28 16.34
C SER A 1 13.57 -13.55 15.02
N ASN A 2 12.84 -13.97 13.99
CA ASN A 2 12.93 -13.32 12.68
C ASN A 2 12.10 -12.06 12.68
N ASN A 3 11.03 -12.08 13.47
CA ASN A 3 10.20 -10.90 13.67
C ASN A 3 10.17 -10.58 15.15
N GLU A 4 10.22 -9.30 15.49
CA GLU A 4 10.25 -8.92 16.89
C GLU A 4 8.84 -8.90 17.47
N ASN A 5 8.11 -7.81 17.21
CA ASN A 5 6.75 -7.68 17.71
C ASN A 5 5.76 -7.49 16.56
N ALA A 6 6.30 -7.25 15.38
CA ALA A 6 5.49 -7.01 14.19
C ALA A 6 5.55 -8.18 13.23
N PHE A 7 4.66 -8.13 12.23
CA PHE A 7 4.53 -9.20 11.24
C PHE A 7 5.56 -9.08 10.13
N TYR A 8 6.80 -8.76 10.50
CA TYR A 8 7.87 -8.53 9.53
C TYR A 8 7.97 -9.67 8.52
N ALA A 9 8.02 -10.89 9.02
CA ALA A 9 8.18 -12.07 8.19
C ALA A 9 7.06 -12.19 7.15
N ARG A 10 5.83 -11.95 7.57
CA ARG A 10 4.70 -12.11 6.67
C ARG A 10 4.64 -10.99 5.64
N ALA A 11 4.72 -9.74 6.09
CA ALA A 11 4.65 -8.58 5.19
C ALA A 11 5.79 -8.61 4.19
N THR A 12 6.85 -9.28 4.57
CA THR A 12 8.01 -9.45 3.73
C THR A 12 7.67 -10.34 2.50
N GLU A 13 6.71 -11.25 2.64
CA GLU A 13 6.34 -12.12 1.54
C GLU A 13 5.53 -11.35 0.52
N LEU A 14 4.83 -10.34 1.02
CA LEU A 14 4.04 -9.44 0.18
C LEU A 14 4.95 -8.73 -0.80
N ILE A 15 6.07 -8.22 -0.29
CA ILE A 15 7.05 -7.54 -1.12
C ILE A 15 7.80 -8.55 -1.99
N LYS A 16 7.88 -9.79 -1.51
CA LYS A 16 8.58 -10.85 -2.22
C LYS A 16 7.89 -11.12 -3.56
N LEU A 17 6.57 -10.95 -3.62
CA LEU A 17 5.82 -11.13 -4.85
C LEU A 17 6.20 -10.02 -5.84
N ALA A 18 6.35 -8.81 -5.30
CA ALA A 18 6.68 -7.64 -6.11
C ALA A 18 8.03 -7.80 -6.79
N ASN A 19 8.95 -8.49 -6.10
CA ASN A 19 10.28 -8.72 -6.63
C ASN A 19 10.22 -9.48 -7.94
N GLN A 20 9.32 -10.45 -8.02
CA GLN A 20 9.17 -11.28 -9.21
C GLN A 20 8.64 -10.48 -10.39
N GLN A 21 7.78 -9.51 -10.12
CA GLN A 21 7.19 -8.71 -11.18
C GLN A 21 8.18 -7.67 -11.68
N ASN A 22 9.10 -7.27 -10.80
CA ASN A 22 10.08 -6.25 -11.14
C ASN A 22 11.28 -6.88 -11.85
N GLN A 23 11.29 -8.20 -11.93
CA GLN A 23 12.39 -8.91 -12.59
C GLN A 23 12.39 -8.71 -14.10
N ASN A 24 11.30 -8.13 -14.62
CA ASN A 24 11.21 -7.89 -16.04
C ASN A 24 11.98 -6.63 -16.40
N THR A 25 12.74 -6.72 -17.47
CA THR A 25 13.68 -5.68 -17.84
C THR A 25 13.00 -4.39 -18.32
N GLU A 26 11.93 -4.50 -19.11
CA GLU A 26 11.31 -3.32 -19.70
C GLU A 26 10.26 -2.70 -18.79
N ILE A 27 10.07 -3.27 -17.61
CA ILE A 27 9.10 -2.71 -16.66
C ILE A 27 9.76 -1.64 -15.82
N GLN A 28 8.98 -0.66 -15.45
CA GLN A 28 9.46 0.37 -14.56
C GLN A 28 9.34 -0.14 -13.12
N THR A 29 10.33 0.19 -12.31
CA THR A 29 10.28 -0.16 -10.90
C THR A 29 9.06 0.50 -10.26
N GLY A 30 8.66 1.62 -10.84
CA GLY A 30 7.49 2.34 -10.41
C GLY A 30 6.18 1.66 -10.79
N GLU A 31 6.23 0.67 -11.69
CA GLU A 31 5.01 -0.03 -12.06
C GLU A 31 4.64 -1.04 -10.99
N VAL A 32 5.65 -1.64 -10.40
CA VAL A 32 5.45 -2.65 -9.37
C VAL A 32 4.99 -2.00 -8.06
N SER A 33 5.60 -0.87 -7.72
CA SER A 33 5.22 -0.13 -6.54
C SER A 33 3.77 0.33 -6.65
N ALA A 34 3.41 0.84 -7.83
CA ALA A 34 2.05 1.27 -8.09
C ALA A 34 1.07 0.09 -8.05
N SER A 35 1.56 -1.09 -8.43
CA SER A 35 0.72 -2.28 -8.38
C SER A 35 0.42 -2.66 -6.93
N PHE A 36 1.44 -2.57 -6.08
CA PHE A 36 1.27 -2.80 -4.65
C PHE A 36 0.34 -1.72 -4.07
N MET A 37 0.46 -0.54 -4.65
CA MET A 37 -0.33 0.61 -4.26
C MET A 37 -1.82 0.35 -4.49
N TRP A 38 -2.16 0.09 -5.75
CA TRP A 38 -3.53 -0.20 -6.16
C TRP A 38 -4.07 -1.44 -5.44
N ALA A 39 -3.19 -2.38 -5.17
CA ALA A 39 -3.57 -3.60 -4.48
C ALA A 39 -4.03 -3.30 -3.05
N LEU A 40 -3.30 -2.42 -2.36
CA LEU A 40 -3.68 -2.04 -1.01
C LEU A 40 -4.96 -1.23 -1.04
N ALA A 41 -5.12 -0.43 -2.09
CA ALA A 41 -6.30 0.40 -2.25
C ALA A 41 -7.57 -0.45 -2.29
N ARG A 42 -7.47 -1.65 -2.84
CA ARG A 42 -8.60 -2.56 -2.90
C ARG A 42 -8.70 -3.40 -1.63
N TYR A 43 -7.57 -3.94 -1.20
CA TYR A 43 -7.54 -4.88 -0.08
C TYR A 43 -7.90 -4.18 1.24
N ASN A 44 -7.52 -2.91 1.37
CA ASN A 44 -7.69 -2.20 2.62
C ASN A 44 -9.08 -1.57 2.73
N ALA A 45 -9.72 -1.34 1.58
CA ALA A 45 -11.07 -0.76 1.55
C ALA A 45 -12.10 -1.81 1.94
N TRP A 46 -11.65 -3.05 2.03
CA TRP A 46 -12.48 -4.19 2.36
C TRP A 46 -13.13 -4.03 3.74
N PHE A 47 -12.50 -3.24 4.60
CA PHE A 47 -12.97 -3.07 5.97
C PHE A 47 -14.02 -1.97 6.08
N GLY A 48 -14.34 -1.33 4.97
CA GLY A 48 -15.42 -0.37 4.96
C GLY A 48 -16.75 -1.06 5.25
N SER A 49 -16.83 -2.32 4.85
CA SER A 49 -18.04 -3.11 4.99
C SER A 49 -18.32 -3.48 6.45
N THR A 50 -17.40 -3.15 7.35
CA THR A 50 -17.60 -3.43 8.77
C THR A 50 -17.60 -2.13 9.59
N SER A 51 -17.73 -0.99 8.91
CA SER A 51 -17.75 0.29 9.59
C SER A 51 -19.16 0.59 10.11
N PHE A 52 -20.16 0.41 9.25
CA PHE A 52 -21.55 0.65 9.59
C PHE A 52 -22.44 -0.39 8.93
N GLU A 53 -23.65 -0.46 9.41
CA GLU A 53 -24.58 -1.51 9.03
C GLU A 53 -25.25 -1.20 7.70
N THR A 54 -25.64 0.05 7.54
CA THR A 54 -26.28 0.49 6.32
C THR A 54 -25.28 1.21 5.45
N LYS A 55 -25.45 1.13 4.15
CA LYS A 55 -24.53 1.77 3.24
C LYS A 55 -24.67 3.29 3.36
N GLU A 56 -25.85 3.72 3.80
CA GLU A 56 -26.12 5.12 4.02
C GLU A 56 -25.18 5.69 5.07
N GLN A 57 -25.07 5.00 6.20
CA GLN A 57 -24.23 5.47 7.30
C GLN A 57 -22.77 5.10 7.03
N MET A 58 -22.58 4.06 6.24
CA MET A 58 -21.25 3.62 5.85
C MET A 58 -20.59 4.59 4.87
N GLN A 59 -21.35 5.04 3.88
CA GLN A 59 -20.85 5.93 2.84
C GLN A 59 -20.37 7.25 3.41
N ALA A 60 -21.08 7.74 4.43
CA ALA A 60 -20.73 9.01 5.07
C ALA A 60 -19.41 8.89 5.85
N LYS A 61 -18.98 7.67 6.09
CA LYS A 61 -17.78 7.41 6.87
C LYS A 61 -16.60 7.13 5.97
N LYS A 62 -16.82 7.20 4.67
CA LYS A 62 -15.79 6.88 3.71
C LYS A 62 -14.52 7.67 4.00
N GLN A 63 -14.68 8.97 4.20
CA GLN A 63 -13.55 9.85 4.40
C GLN A 63 -12.94 9.62 5.78
N GLU A 64 -13.76 9.19 6.72
CA GLU A 64 -13.31 8.99 8.09
C GLU A 64 -12.54 7.69 8.24
N MET A 65 -12.96 6.65 7.53
CA MET A 65 -12.29 5.36 7.66
C MET A 65 -11.02 5.38 6.82
N MET A 66 -11.02 6.22 5.79
CA MET A 66 -9.88 6.32 4.90
C MET A 66 -8.80 7.23 5.48
N ASP A 67 -9.13 7.97 6.54
CA ASP A 67 -8.17 8.88 7.16
C ASP A 67 -7.05 8.04 7.77
N TYR A 68 -7.42 6.82 8.12
CA TYR A 68 -6.50 5.89 8.72
C TYR A 68 -6.02 4.86 7.73
N TYR A 69 -6.22 5.15 6.46
CA TYR A 69 -5.67 4.33 5.41
C TYR A 69 -4.52 5.07 4.75
N MET A 70 -4.73 6.34 4.46
CA MET A 70 -3.66 7.19 3.94
C MET A 70 -2.55 7.38 4.99
N ASP A 71 -2.92 7.96 6.14
CA ASP A 71 -1.94 8.44 7.13
C ASP A 71 -1.25 7.33 7.94
N ARG A 72 -1.80 6.13 7.92
CA ARG A 72 -1.50 5.17 8.98
C ARG A 72 -0.42 4.18 8.63
N TYR A 73 0.12 4.35 7.46
CA TYR A 73 1.34 3.65 7.11
C TYR A 73 2.45 4.64 6.83
N LYS A 74 2.14 5.91 7.10
CA LYS A 74 3.03 6.99 6.71
C LYS A 74 4.21 7.11 7.69
N GLU A 75 3.95 6.93 8.98
CA GLU A 75 5.00 7.03 9.97
C GLU A 75 5.95 5.85 9.85
N MET A 76 5.40 4.71 9.44
CA MET A 76 6.20 3.52 9.20
C MET A 76 6.95 3.65 7.87
N LEU A 77 6.38 4.41 6.95
CA LEU A 77 7.02 4.68 5.68
C LEU A 77 8.22 5.61 5.87
N ASP A 78 8.02 6.66 6.65
CA ASP A 78 9.09 7.60 6.99
C ASP A 78 10.21 6.87 7.75
N ALA A 79 9.83 5.86 8.52
CA ALA A 79 10.80 5.08 9.26
C ALA A 79 11.72 4.30 8.35
N ASN A 80 11.36 4.18 7.07
CA ASN A 80 12.20 3.49 6.11
C ASN A 80 12.89 4.50 5.19
N MET A 81 12.47 5.75 5.28
CA MET A 81 13.08 6.82 4.50
C MET A 81 14.49 7.10 5.00
N GLU A 82 14.62 7.24 6.31
CA GLU A 82 15.90 7.56 6.93
C GLU A 82 16.98 6.55 6.57
N ASP A 83 16.57 5.31 6.33
CA ASP A 83 17.50 4.24 5.95
C ASP A 83 18.29 4.63 4.71
N TYR A 84 17.72 5.50 3.89
CA TYR A 84 18.39 5.99 2.70
C TYR A 84 18.83 7.44 2.88
N ILE A 85 18.06 8.21 3.65
CA ILE A 85 18.33 9.63 3.84
C ILE A 85 19.59 9.87 4.69
N GLU A 86 19.54 9.44 5.95
CA GLU A 86 20.65 9.72 6.87
C GLU A 86 21.84 8.81 6.61
N ASN A 87 21.67 7.89 5.66
CA ASN A 87 22.74 7.00 5.26
C ASN A 87 23.26 7.37 3.89
N PHE A 88 22.73 8.47 3.33
CA PHE A 88 23.14 8.94 2.01
C PHE A 88 24.66 9.07 1.93
N ASP A 89 25.23 9.81 2.88
CA ASP A 89 26.67 10.06 2.90
C ASP A 89 27.45 8.74 2.94
N HIS A 90 26.88 7.75 3.61
CA HIS A 90 27.51 6.44 3.72
C HIS A 90 27.53 5.74 2.36
N TYR A 91 26.37 5.65 1.72
CA TYR A 91 26.27 5.04 0.40
C TYR A 91 27.05 5.84 -0.63
N ARG A 92 26.99 7.16 -0.49
CA ARG A 92 27.71 8.08 -1.36
C ARG A 92 29.21 7.87 -1.18
N ALA A 93 29.59 7.34 -0.03
CA ALA A 93 30.99 7.11 0.28
C ALA A 93 31.43 5.71 -0.16
N THR A 94 30.47 4.87 -0.51
CA THR A 94 30.78 3.51 -0.93
C THR A 94 30.76 3.39 -2.45
N GLN A 95 30.44 4.48 -3.13
CA GLN A 95 30.39 4.46 -4.59
C GLN A 95 31.65 5.07 -5.19
N LYS A 96 32.48 4.19 -5.71
CA LYS A 96 33.71 4.58 -6.37
C LYS A 96 33.96 3.69 -7.59
N SER B 1 -4.49 -8.57 -21.82
CA SER B 1 -5.77 -9.25 -21.98
C SER B 1 -6.46 -9.42 -20.63
N ASN B 2 -5.66 -9.63 -19.60
CA ASN B 2 -6.19 -9.82 -18.25
C ASN B 2 -6.29 -8.48 -17.55
N ASN B 3 -6.00 -7.41 -18.27
CA ASN B 3 -6.07 -6.07 -17.74
C ASN B 3 -6.26 -5.08 -18.88
N GLU B 4 -7.01 -4.02 -18.62
CA GLU B 4 -7.28 -3.02 -19.65
C GLU B 4 -6.12 -2.03 -19.78
N ASN B 5 -6.18 -0.95 -19.03
CA ASN B 5 -5.14 0.08 -19.07
C ASN B 5 -4.26 0.01 -17.84
N ALA B 6 -4.81 -0.50 -16.75
CA ALA B 6 -4.08 -0.58 -15.50
C ALA B 6 -3.56 -1.99 -15.27
N PHE B 7 -2.59 -2.09 -14.37
CA PHE B 7 -1.90 -3.34 -14.07
C PHE B 7 -2.76 -4.28 -13.20
N TYR B 8 -4.03 -4.42 -13.55
CA TYR B 8 -4.96 -5.25 -12.78
C TYR B 8 -4.42 -6.68 -12.62
N ALA B 9 -3.87 -7.21 -13.70
CA ALA B 9 -3.38 -8.58 -13.74
C ALA B 9 -2.14 -8.76 -12.87
N ARG B 10 -1.45 -7.67 -12.56
CA ARG B 10 -0.25 -7.74 -11.73
C ARG B 10 -0.59 -7.52 -10.27
N ALA B 11 -1.22 -6.39 -9.97
CA ALA B 11 -1.62 -6.05 -8.60
C ALA B 11 -2.43 -7.15 -7.94
N THR B 12 -3.13 -7.96 -8.73
CA THR B 12 -3.94 -9.04 -8.19
C THR B 12 -3.06 -10.15 -7.59
N GLU B 13 -1.79 -10.22 -8.01
CA GLU B 13 -0.89 -11.25 -7.49
C GLU B 13 -0.34 -10.80 -6.15
N LEU B 14 -0.25 -9.50 -5.98
CA LEU B 14 0.16 -8.89 -4.72
C LEU B 14 -0.88 -9.23 -3.66
N ILE B 15 -2.15 -9.05 -4.01
CA ILE B 15 -3.26 -9.43 -3.15
C ILE B 15 -3.32 -10.96 -3.01
N LYS B 16 -2.92 -11.65 -4.06
CA LYS B 16 -2.93 -13.10 -4.08
C LYS B 16 -2.04 -13.67 -2.99
N LEU B 17 -0.90 -13.03 -2.73
CA LEU B 17 0.01 -13.47 -1.67
C LEU B 17 -0.72 -13.34 -0.32
N ALA B 18 -1.46 -12.26 -0.17
CA ALA B 18 -2.24 -12.01 1.03
C ALA B 18 -3.27 -13.12 1.24
N ASN B 19 -3.71 -13.72 0.13
CA ASN B 19 -4.70 -14.79 0.18
C ASN B 19 -4.14 -16.01 0.89
N GLN B 20 -2.85 -16.29 0.68
CA GLN B 20 -2.20 -17.44 1.30
C GLN B 20 -2.09 -17.25 2.81
N GLN B 21 -1.79 -16.04 3.24
CA GLN B 21 -1.66 -15.76 4.67
C GLN B 21 -3.02 -15.66 5.31
N ASN B 22 -4.02 -15.38 4.48
CA ASN B 22 -5.40 -15.27 4.93
C ASN B 22 -6.04 -16.65 5.05
N GLN B 23 -5.29 -17.69 4.69
CA GLN B 23 -5.76 -19.06 4.81
C GLN B 23 -5.64 -19.56 6.25
N ASN B 24 -5.00 -18.76 7.10
CA ASN B 24 -4.83 -19.13 8.50
C ASN B 24 -6.08 -18.78 9.27
N THR B 25 -6.85 -19.80 9.60
CA THR B 25 -8.17 -19.64 10.19
C THR B 25 -8.16 -18.88 11.52
N GLU B 26 -7.08 -19.02 12.30
CA GLU B 26 -7.02 -18.40 13.61
C GLU B 26 -6.69 -16.92 13.51
N ILE B 27 -6.27 -16.49 12.33
CA ILE B 27 -5.87 -15.11 12.13
C ILE B 27 -7.01 -14.33 11.51
N GLN B 28 -7.06 -13.05 11.82
CA GLN B 28 -8.06 -12.19 11.24
C GLN B 28 -7.58 -11.66 9.91
N THR B 29 -8.52 -11.39 9.02
CA THR B 29 -8.22 -10.85 7.70
C THR B 29 -7.44 -9.54 7.83
N GLY B 30 -7.60 -8.89 8.97
CA GLY B 30 -6.95 -7.62 9.24
C GLY B 30 -5.45 -7.74 9.44
N GLU B 31 -4.98 -8.91 9.89
CA GLU B 31 -3.55 -9.07 10.14
C GLU B 31 -2.79 -9.24 8.83
N VAL B 32 -3.53 -9.49 7.77
CA VAL B 32 -2.96 -9.64 6.45
C VAL B 32 -2.92 -8.29 5.75
N SER B 33 -4.01 -7.54 5.88
CA SER B 33 -4.10 -6.20 5.28
C SER B 33 -3.06 -5.27 5.91
N ALA B 34 -2.87 -5.40 7.21
CA ALA B 34 -1.89 -4.60 7.92
C ALA B 34 -0.48 -4.92 7.43
N SER B 35 -0.26 -6.18 7.05
CA SER B 35 1.04 -6.59 6.51
C SER B 35 1.27 -5.92 5.16
N PHE B 36 0.21 -5.86 4.34
CA PHE B 36 0.28 -5.20 3.05
C PHE B 36 0.57 -3.71 3.26
N MET B 37 0.00 -3.18 4.33
CA MET B 37 0.19 -1.79 4.73
C MET B 37 1.66 -1.49 4.97
N TRP B 38 2.24 -2.20 5.93
CA TRP B 38 3.65 -2.05 6.28
C TRP B 38 4.56 -2.35 5.10
N ALA B 39 4.18 -3.31 4.29
CA ALA B 39 4.96 -3.69 3.12
C ALA B 39 5.04 -2.55 2.11
N LEU B 40 3.90 -1.91 1.85
CA LEU B 40 3.85 -0.82 0.89
C LEU B 40 4.67 0.38 1.38
N ALA B 41 4.69 0.57 2.69
CA ALA B 41 5.45 1.66 3.30
C ALA B 41 6.93 1.51 3.00
N ARG B 42 7.44 0.30 3.12
CA ARG B 42 8.85 0.03 2.87
C ARG B 42 9.18 0.16 1.38
N TYR B 43 8.25 -0.27 0.54
CA TYR B 43 8.48 -0.29 -0.90
C TYR B 43 8.45 1.14 -1.46
N ASN B 44 7.53 1.96 -0.95
CA ASN B 44 7.39 3.33 -1.44
C ASN B 44 8.53 4.22 -1.00
N ALA B 45 9.09 3.95 0.18
CA ALA B 45 10.18 4.77 0.72
C ALA B 45 11.45 4.62 -0.11
N TRP B 46 11.48 3.59 -0.95
CA TRP B 46 12.61 3.37 -1.85
C TRP B 46 12.81 4.55 -2.79
N PHE B 47 11.70 5.13 -3.26
CA PHE B 47 11.74 6.20 -4.25
C PHE B 47 12.32 7.48 -3.68
N GLY B 48 12.43 7.56 -2.36
CA GLY B 48 13.03 8.72 -1.74
C GLY B 48 14.47 8.92 -2.16
N SER B 49 15.17 7.81 -2.40
CA SER B 49 16.58 7.83 -2.74
C SER B 49 16.81 8.48 -4.11
N THR B 50 15.79 8.47 -4.96
CA THR B 50 15.90 9.02 -6.29
C THR B 50 15.11 10.32 -6.41
N SER B 51 14.86 10.96 -5.27
CA SER B 51 14.12 12.21 -5.25
C SER B 51 15.05 13.40 -5.46
N PHE B 52 16.07 13.51 -4.61
CA PHE B 52 16.99 14.65 -4.69
C PHE B 52 18.44 14.20 -4.71
N GLU B 53 19.34 15.18 -4.77
CA GLU B 53 20.76 14.94 -4.93
C GLU B 53 21.46 14.78 -3.58
N THR B 54 21.09 15.64 -2.63
CA THR B 54 21.70 15.60 -1.30
C THR B 54 20.65 15.28 -0.27
N LYS B 55 21.06 14.67 0.84
CA LYS B 55 20.13 14.30 1.89
C LYS B 55 19.53 15.54 2.53
N GLU B 56 20.28 16.64 2.46
CA GLU B 56 19.83 17.92 2.97
C GLU B 56 18.51 18.32 2.32
N GLN B 57 18.51 18.33 1.00
CA GLN B 57 17.32 18.71 0.24
C GLN B 57 16.34 17.55 0.19
N MET B 58 16.88 16.34 0.10
CA MET B 58 16.09 15.12 0.01
C MET B 58 15.21 14.94 1.25
N GLN B 59 15.79 15.13 2.42
CA GLN B 59 15.08 14.95 3.68
C GLN B 59 13.95 15.96 3.83
N ALA B 60 14.15 17.13 3.25
CA ALA B 60 13.16 18.19 3.33
C ALA B 60 12.00 17.93 2.37
N LYS B 61 12.17 16.95 1.50
CA LYS B 61 11.15 16.61 0.53
C LYS B 61 10.40 15.35 0.93
N LYS B 62 10.81 14.78 2.06
CA LYS B 62 10.25 13.50 2.49
C LYS B 62 8.75 13.59 2.63
N GLN B 63 8.26 14.65 3.27
CA GLN B 63 6.84 14.79 3.53
C GLN B 63 6.08 15.12 2.25
N GLU B 64 6.80 15.62 1.25
CA GLU B 64 6.19 15.96 -0.04
C GLU B 64 6.08 14.72 -0.92
N MET B 65 7.05 13.81 -0.82
CA MET B 65 6.97 12.57 -1.57
C MET B 65 6.04 11.63 -0.82
N MET B 66 5.98 11.85 0.49
CA MET B 66 5.06 11.13 1.37
C MET B 66 3.74 11.88 1.46
N ASP B 67 3.45 12.68 0.45
CA ASP B 67 2.12 13.24 0.29
C ASP B 67 1.41 12.48 -0.83
N TYR B 68 2.23 12.00 -1.75
CA TYR B 68 1.73 11.30 -2.91
C TYR B 68 1.80 9.80 -2.74
N TYR B 69 2.12 9.37 -1.55
CA TYR B 69 1.94 7.98 -1.20
C TYR B 69 0.59 7.85 -0.54
N MET B 70 0.48 8.42 0.65
CA MET B 70 -0.74 8.39 1.43
C MET B 70 -1.93 8.86 0.61
N ASP B 71 -1.84 10.09 0.14
CA ASP B 71 -3.00 10.79 -0.43
C ASP B 71 -3.19 10.47 -1.90
N ARG B 72 -2.62 9.39 -2.40
CA ARG B 72 -2.71 9.12 -3.84
C ARG B 72 -3.35 7.78 -4.15
N TYR B 73 -3.19 6.80 -3.26
CA TYR B 73 -3.93 5.56 -3.42
C TYR B 73 -5.31 5.76 -2.81
N LYS B 74 -5.48 6.99 -2.33
CA LYS B 74 -6.71 7.48 -1.72
C LYS B 74 -7.89 7.35 -2.68
N GLU B 75 -7.77 8.00 -3.84
CA GLU B 75 -8.86 8.04 -4.81
C GLU B 75 -9.19 6.65 -5.34
N MET B 76 -8.16 5.80 -5.44
CA MET B 76 -8.35 4.44 -5.93
C MET B 76 -8.95 3.57 -4.84
N LEU B 77 -8.76 3.99 -3.60
CA LEU B 77 -9.28 3.27 -2.45
C LEU B 77 -10.78 3.52 -2.32
N ASP B 78 -11.19 4.79 -2.41
CA ASP B 78 -12.60 5.14 -2.32
C ASP B 78 -13.35 4.60 -3.53
N ALA B 79 -12.64 4.42 -4.62
CA ALA B 79 -13.20 3.83 -5.83
C ALA B 79 -13.67 2.40 -5.55
N ASN B 80 -13.08 1.77 -4.55
CA ASN B 80 -13.48 0.42 -4.15
C ASN B 80 -14.58 0.49 -3.11
N MET B 81 -14.55 1.55 -2.31
CA MET B 81 -15.60 1.78 -1.31
C MET B 81 -16.96 1.80 -1.97
N GLU B 82 -17.13 2.72 -2.91
CA GLU B 82 -18.40 2.90 -3.62
C GLU B 82 -18.92 1.59 -4.20
N ASP B 83 -18.01 0.75 -4.69
CA ASP B 83 -18.40 -0.53 -5.28
C ASP B 83 -19.19 -1.38 -4.28
N TYR B 84 -18.63 -1.55 -3.08
CA TYR B 84 -19.30 -2.32 -2.04
C TYR B 84 -20.51 -1.56 -1.50
N ILE B 85 -20.37 -0.24 -1.38
CA ILE B 85 -21.42 0.60 -0.83
C ILE B 85 -22.70 0.49 -1.66
N GLU B 86 -22.61 0.85 -2.94
CA GLU B 86 -23.80 0.85 -3.81
C GLU B 86 -24.41 -0.55 -3.89
N ASN B 87 -23.58 -1.57 -3.76
CA ASN B 87 -24.04 -2.93 -3.88
C ASN B 87 -24.46 -3.51 -2.54
N PHE B 88 -24.54 -2.66 -1.51
CA PHE B 88 -25.05 -3.08 -0.22
C PHE B 88 -26.49 -3.56 -0.37
N ASP B 89 -27.28 -2.78 -1.10
CA ASP B 89 -28.66 -3.14 -1.39
C ASP B 89 -28.73 -4.49 -2.11
N HIS B 90 -27.61 -4.87 -2.72
CA HIS B 90 -27.51 -6.12 -3.45
C HIS B 90 -27.06 -7.25 -2.50
N TYR B 91 -25.93 -7.03 -1.84
CA TYR B 91 -25.37 -8.02 -0.91
C TYR B 91 -26.32 -8.30 0.24
N ARG B 92 -26.99 -7.28 0.74
CA ARG B 92 -27.93 -7.43 1.84
C ARG B 92 -29.12 -8.28 1.41
N ALA B 93 -29.33 -8.34 0.10
CA ALA B 93 -30.48 -9.04 -0.45
C ALA B 93 -30.13 -10.48 -0.77
N THR B 94 -28.88 -10.72 -1.09
CA THR B 94 -28.43 -12.07 -1.40
C THR B 94 -28.09 -12.84 -0.12
N GLN B 95 -27.98 -12.13 0.99
CA GLN B 95 -27.62 -12.76 2.25
C GLN B 95 -28.71 -12.58 3.29
N LYS B 96 -28.64 -13.40 4.32
CA LYS B 96 -29.61 -13.38 5.40
C LYS B 96 -28.93 -13.78 6.69
N SER A 1 10.97 -11.85 19.07
CA SER A 1 12.39 -12.22 18.91
C SER A 1 12.88 -11.92 17.50
N ASN A 2 12.29 -12.61 16.51
CA ASN A 2 12.71 -12.44 15.12
C ASN A 2 12.11 -11.17 14.54
N ASN A 3 10.87 -10.90 14.92
CA ASN A 3 10.23 -9.64 14.56
C ASN A 3 10.18 -8.74 15.78
N GLU A 4 10.81 -7.58 15.69
CA GLU A 4 10.89 -6.64 16.81
C GLU A 4 9.50 -6.27 17.32
N ASN A 5 8.78 -5.46 16.55
CA ASN A 5 7.41 -5.09 16.91
C ASN A 5 6.49 -5.22 15.71
N ALA A 6 7.07 -5.30 14.53
CA ALA A 6 6.30 -5.35 13.30
C ALA A 6 6.32 -6.74 12.67
N PHE A 7 5.39 -6.96 11.76
CA PHE A 7 5.31 -8.19 11.00
C PHE A 7 6.27 -8.14 9.81
N TYR A 8 7.52 -7.74 10.08
CA TYR A 8 8.54 -7.55 9.03
C TYR A 8 8.55 -8.70 8.04
N ALA A 9 8.65 -9.92 8.58
CA ALA A 9 8.77 -11.12 7.76
C ALA A 9 7.56 -11.31 6.84
N ARG A 10 6.38 -10.91 7.32
CA ARG A 10 5.17 -11.04 6.54
C ARG A 10 5.22 -10.14 5.31
N ALA A 11 5.48 -8.86 5.53
CA ALA A 11 5.39 -7.85 4.49
C ALA A 11 6.57 -7.96 3.55
N THR A 12 7.53 -8.75 3.97
CA THR A 12 8.71 -9.01 3.19
C THR A 12 8.36 -9.86 1.97
N GLU A 13 7.32 -10.67 2.09
CA GLU A 13 6.88 -11.53 1.00
C GLU A 13 6.01 -10.75 0.04
N LEU A 14 5.36 -9.72 0.59
CA LEU A 14 4.55 -8.81 -0.21
C LEU A 14 5.44 -8.04 -1.18
N ILE A 15 6.52 -7.47 -0.65
CA ILE A 15 7.51 -6.78 -1.47
C ILE A 15 8.21 -7.76 -2.39
N LYS A 16 8.31 -9.01 -1.94
CA LYS A 16 8.97 -10.06 -2.68
C LYS A 16 8.30 -10.24 -4.04
N LEU A 17 6.96 -10.28 -4.05
CA LEU A 17 6.18 -10.45 -5.27
C LEU A 17 6.55 -9.35 -6.27
N ALA A 18 6.64 -8.12 -5.78
CA ALA A 18 6.96 -6.97 -6.60
C ALA A 18 8.32 -7.15 -7.28
N ASN A 19 9.20 -7.91 -6.64
CA ASN A 19 10.54 -8.14 -7.17
C ASN A 19 10.49 -9.01 -8.41
N GLN A 20 9.47 -9.85 -8.51
CA GLN A 20 9.31 -10.72 -9.68
C GLN A 20 8.78 -9.92 -10.86
N GLN A 21 8.01 -8.88 -10.56
CA GLN A 21 7.47 -8.04 -11.60
C GLN A 21 8.46 -6.94 -11.97
N ASN A 22 9.43 -6.73 -11.09
CA ASN A 22 10.51 -5.80 -11.36
C ASN A 22 11.60 -6.52 -12.15
N GLN A 23 11.39 -7.81 -12.39
CA GLN A 23 12.28 -8.59 -13.24
C GLN A 23 11.95 -8.32 -14.70
N ASN A 24 10.94 -7.49 -14.92
CA ASN A 24 10.62 -7.03 -16.26
C ASN A 24 11.64 -5.99 -16.65
N THR A 25 12.53 -6.38 -17.55
CA THR A 25 13.74 -5.61 -17.84
C THR A 25 13.46 -4.15 -18.22
N GLU A 26 12.42 -3.88 -19.01
CA GLU A 26 12.15 -2.52 -19.46
C GLU A 26 11.48 -1.67 -18.39
N ILE A 27 10.86 -2.30 -17.40
CA ILE A 27 10.13 -1.56 -16.38
C ILE A 27 11.07 -1.12 -15.28
N GLN A 28 10.81 0.05 -14.75
CA GLN A 28 11.64 0.59 -13.69
C GLN A 28 11.14 0.07 -12.36
N THR A 29 12.01 0.06 -11.35
CA THR A 29 11.63 -0.36 -10.02
C THR A 29 10.53 0.56 -9.49
N GLY A 30 10.57 1.81 -9.93
CA GLY A 30 9.59 2.79 -9.52
C GLY A 30 8.28 2.72 -10.28
N GLU A 31 8.16 1.77 -11.20
CA GLU A 31 6.89 1.58 -11.90
C GLU A 31 6.10 0.46 -11.25
N VAL A 32 6.80 -0.37 -10.47
CA VAL A 32 6.18 -1.50 -9.81
C VAL A 32 5.50 -1.05 -8.52
N SER A 33 6.01 0.05 -7.96
CA SER A 33 5.45 0.63 -6.75
C SER A 33 3.99 1.03 -6.94
N ALA A 34 3.65 1.44 -8.16
CA ALA A 34 2.29 1.85 -8.47
C ALA A 34 1.35 0.66 -8.43
N SER A 35 1.84 -0.51 -8.83
CA SER A 35 1.04 -1.72 -8.84
C SER A 35 0.75 -2.15 -7.41
N PHE A 36 1.73 -1.98 -6.54
CA PHE A 36 1.57 -2.30 -5.13
C PHE A 36 0.59 -1.32 -4.48
N MET A 37 0.64 -0.08 -4.94
CA MET A 37 -0.25 0.95 -4.42
C MET A 37 -1.69 0.73 -4.87
N TRP A 38 -1.89 0.45 -6.16
CA TRP A 38 -3.21 0.14 -6.68
C TRP A 38 -3.79 -1.09 -5.98
N ALA A 39 -2.94 -2.07 -5.73
CA ALA A 39 -3.34 -3.29 -5.07
C ALA A 39 -3.79 -3.02 -3.64
N LEU A 40 -3.06 -2.13 -2.96
CA LEU A 40 -3.39 -1.75 -1.58
C LEU A 40 -4.73 -1.04 -1.53
N ALA A 41 -5.03 -0.27 -2.56
CA ALA A 41 -6.30 0.43 -2.66
C ALA A 41 -7.46 -0.56 -2.67
N ARG A 42 -7.34 -1.58 -3.52
CA ARG A 42 -8.39 -2.58 -3.64
C ARG A 42 -8.47 -3.44 -2.38
N TYR A 43 -7.37 -3.50 -1.64
CA TYR A 43 -7.31 -4.32 -0.45
C TYR A 43 -7.91 -3.57 0.75
N ASN A 44 -7.77 -2.25 0.75
CA ASN A 44 -8.31 -1.43 1.83
C ASN A 44 -9.82 -1.21 1.65
N ALA A 45 -10.28 -1.28 0.41
CA ALA A 45 -11.71 -1.15 0.14
C ALA A 45 -12.41 -2.49 0.23
N TRP A 46 -11.71 -3.47 0.79
CA TRP A 46 -12.23 -4.81 0.96
C TRP A 46 -13.23 -4.85 2.13
N PHE A 47 -13.23 -3.81 2.94
CA PHE A 47 -14.09 -3.73 4.10
C PHE A 47 -15.32 -2.92 3.76
N GLY A 48 -15.23 -1.60 3.93
CA GLY A 48 -16.34 -0.72 3.64
C GLY A 48 -17.48 -0.86 4.63
N SER A 49 -18.05 -2.05 4.70
CA SER A 49 -19.19 -2.34 5.55
C SER A 49 -18.78 -2.43 7.01
N THR A 50 -17.48 -2.29 7.25
CA THR A 50 -16.97 -2.28 8.61
C THR A 50 -17.46 -1.06 9.38
N SER A 51 -17.65 0.05 8.65
CA SER A 51 -18.07 1.28 9.26
C SER A 51 -19.55 1.24 9.66
N PHE A 52 -20.40 0.74 8.76
CA PHE A 52 -21.83 0.77 8.98
C PHE A 52 -22.54 -0.35 8.24
N GLU A 53 -23.80 -0.54 8.60
CA GLU A 53 -24.63 -1.61 8.09
C GLU A 53 -25.39 -1.18 6.85
N THR A 54 -26.09 -0.05 6.94
CA THR A 54 -26.88 0.43 5.82
C THR A 54 -26.06 1.35 4.94
N LYS A 55 -26.35 1.35 3.66
CA LYS A 55 -25.59 2.13 2.70
C LYS A 55 -25.77 3.63 2.97
N GLU A 56 -26.91 3.97 3.56
CA GLU A 56 -27.20 5.34 3.96
C GLU A 56 -26.15 5.88 4.91
N GLN A 57 -25.74 5.04 5.86
CA GLN A 57 -24.78 5.44 6.87
C GLN A 57 -23.37 5.06 6.43
N MET A 58 -23.28 3.92 5.75
CA MET A 58 -22.01 3.38 5.27
C MET A 58 -21.35 4.33 4.26
N GLN A 59 -22.13 4.79 3.30
CA GLN A 59 -21.63 5.64 2.22
C GLN A 59 -21.11 6.96 2.77
N ALA A 60 -21.72 7.42 3.86
CA ALA A 60 -21.35 8.69 4.47
C ALA A 60 -20.02 8.60 5.21
N LYS A 61 -19.47 7.40 5.29
CA LYS A 61 -18.22 7.18 6.00
C LYS A 61 -17.15 6.71 5.02
N LYS A 62 -17.49 6.69 3.75
CA LYS A 62 -16.56 6.26 2.72
C LYS A 62 -15.31 7.11 2.76
N GLN A 63 -15.48 8.41 2.68
CA GLN A 63 -14.35 9.32 2.74
C GLN A 63 -13.73 9.32 4.13
N GLU A 64 -14.56 9.03 5.12
CA GLU A 64 -14.13 8.99 6.49
C GLU A 64 -13.12 7.85 6.72
N MET A 65 -13.43 6.67 6.17
CA MET A 65 -12.56 5.52 6.36
C MET A 65 -11.35 5.64 5.44
N MET A 66 -11.54 6.35 4.35
CA MET A 66 -10.49 6.50 3.35
C MET A 66 -9.46 7.57 3.73
N ASP A 67 -9.89 8.58 4.47
CA ASP A 67 -9.05 9.75 4.70
C ASP A 67 -7.80 9.38 5.47
N TYR A 68 -7.97 8.51 6.45
CA TYR A 68 -6.84 8.10 7.27
C TYR A 68 -6.14 6.90 6.64
N TYR A 69 -6.77 6.28 5.63
CA TYR A 69 -6.18 5.14 4.95
C TYR A 69 -4.85 5.53 4.31
N MET A 70 -4.83 6.68 3.64
CA MET A 70 -3.58 7.23 3.10
C MET A 70 -2.54 7.33 4.21
N ASP A 71 -2.93 7.94 5.32
CA ASP A 71 -2.04 8.16 6.46
C ASP A 71 -2.01 6.93 7.37
N ARG A 72 -1.83 5.75 6.78
CA ARG A 72 -1.71 4.54 7.56
C ARG A 72 -0.32 3.94 7.45
N TYR A 73 0.38 4.28 6.37
CA TYR A 73 1.74 3.80 6.19
C TYR A 73 2.72 4.96 6.13
N LYS A 74 2.23 6.17 6.42
CA LYS A 74 3.07 7.36 6.34
C LYS A 74 4.20 7.28 7.37
N GLU A 75 3.83 7.17 8.64
CA GLU A 75 4.82 6.99 9.71
C GLU A 75 5.72 5.77 9.44
N MET A 76 5.12 4.71 8.91
CA MET A 76 5.85 3.50 8.56
C MET A 76 6.91 3.81 7.51
N LEU A 77 6.51 4.61 6.53
CA LEU A 77 7.38 5.02 5.44
C LEU A 77 8.46 5.94 5.98
N ASP A 78 8.06 6.76 6.94
CA ASP A 78 8.94 7.76 7.55
C ASP A 78 10.13 7.09 8.23
N ALA A 79 9.84 6.01 8.95
CA ALA A 79 10.86 5.28 9.70
C ALA A 79 11.84 4.57 8.77
N ASN A 80 11.48 4.45 7.50
CA ASN A 80 12.34 3.75 6.54
C ASN A 80 13.16 4.74 5.72
N MET A 81 12.89 6.02 5.92
CA MET A 81 13.64 7.07 5.23
C MET A 81 14.99 7.34 5.89
N GLU A 82 15.71 8.30 5.33
CA GLU A 82 16.96 8.79 5.85
C GLU A 82 18.11 7.78 5.79
N ASP A 83 17.83 6.56 5.32
CA ASP A 83 18.89 5.55 5.19
C ASP A 83 20.04 6.11 4.36
N TYR A 84 19.71 6.60 3.18
CA TYR A 84 20.72 7.19 2.29
C TYR A 84 20.97 8.65 2.63
N ILE A 85 20.13 9.23 3.49
CA ILE A 85 20.25 10.65 3.82
C ILE A 85 21.36 10.88 4.84
N GLU A 86 21.21 10.28 6.02
CA GLU A 86 22.17 10.49 7.09
C GLU A 86 23.52 9.87 6.74
N ASN A 87 23.49 8.88 5.85
CA ASN A 87 24.70 8.18 5.43
C ASN A 87 25.12 8.59 4.02
N PHE A 88 24.57 9.69 3.52
CA PHE A 88 24.85 10.14 2.15
C PHE A 88 26.35 10.25 1.89
N ASP A 89 27.04 10.93 2.80
CA ASP A 89 28.49 11.12 2.66
C ASP A 89 29.22 9.79 2.51
N HIS A 90 28.63 8.74 3.06
CA HIS A 90 29.21 7.42 2.97
C HIS A 90 28.85 6.78 1.63
N TYR A 91 27.56 6.69 1.33
CA TYR A 91 27.10 6.06 0.09
C TYR A 91 27.64 6.78 -1.14
N ARG A 92 27.69 8.10 -1.08
CA ARG A 92 28.19 8.92 -2.17
C ARG A 92 29.67 8.63 -2.37
N ALA A 93 30.31 8.18 -1.31
CA ALA A 93 31.76 7.97 -1.32
C ALA A 93 32.10 6.52 -1.67
N THR A 94 31.25 5.59 -1.26
CA THR A 94 31.49 4.17 -1.48
C THR A 94 30.71 3.63 -2.67
N GLN A 95 30.12 4.53 -3.45
CA GLN A 95 29.35 4.14 -4.61
C GLN A 95 30.24 3.47 -5.64
N LYS A 96 29.62 2.70 -6.52
CA LYS A 96 30.37 1.87 -7.46
C LYS A 96 29.59 1.72 -8.77
N SER B 1 -2.71 -6.81 -22.76
CA SER B 1 -3.69 -7.40 -23.67
C SER B 1 -5.09 -7.30 -23.07
N ASN B 2 -5.21 -7.65 -21.81
CA ASN B 2 -6.47 -7.55 -21.10
C ASN B 2 -6.44 -6.37 -20.15
N ASN B 3 -5.37 -5.59 -20.23
CA ASN B 3 -5.18 -4.45 -19.36
C ASN B 3 -5.40 -3.16 -20.14
N GLU B 4 -6.51 -2.50 -19.87
CA GLU B 4 -6.84 -1.26 -20.56
C GLU B 4 -6.41 -0.05 -19.75
N ASN B 5 -5.26 0.52 -20.13
CA ASN B 5 -4.79 1.79 -19.58
C ASN B 5 -4.34 1.57 -18.14
N ALA B 6 -3.97 0.35 -17.85
CA ALA B 6 -3.72 -0.06 -16.49
C ALA B 6 -2.72 -1.21 -16.41
N PHE B 7 -2.50 -1.69 -15.19
CA PHE B 7 -1.61 -2.80 -14.93
C PHE B 7 -2.30 -3.85 -14.06
N TYR B 8 -3.57 -4.10 -14.36
CA TYR B 8 -4.41 -5.03 -13.60
C TYR B 8 -3.72 -6.40 -13.43
N ALA B 9 -3.09 -6.88 -14.49
CA ALA B 9 -2.47 -8.20 -14.48
C ALA B 9 -1.26 -8.25 -13.57
N ARG B 10 -0.70 -7.08 -13.28
CA ARG B 10 0.44 -6.99 -12.39
C ARG B 10 -0.04 -6.92 -10.94
N ALA B 11 -0.74 -5.84 -10.60
CA ALA B 11 -1.22 -5.58 -9.25
C ALA B 11 -2.01 -6.74 -8.65
N THR B 12 -2.63 -7.56 -9.49
CA THR B 12 -3.46 -8.66 -9.00
C THR B 12 -2.62 -9.71 -8.27
N GLU B 13 -1.34 -9.82 -8.63
CA GLU B 13 -0.49 -10.84 -8.04
C GLU B 13 0.07 -10.36 -6.71
N LEU B 14 0.00 -9.05 -6.51
CA LEU B 14 0.46 -8.43 -5.27
C LEU B 14 -0.52 -8.76 -4.15
N ILE B 15 -1.81 -8.61 -4.45
CA ILE B 15 -2.86 -8.97 -3.51
C ILE B 15 -2.89 -10.48 -3.30
N LYS B 16 -2.51 -11.20 -4.35
CA LYS B 16 -2.52 -12.64 -4.36
C LYS B 16 -1.64 -13.20 -3.22
N LEU B 17 -0.51 -12.56 -2.98
CA LEU B 17 0.40 -12.98 -1.92
C LEU B 17 -0.28 -12.82 -0.56
N ALA B 18 -0.98 -11.70 -0.38
CA ALA B 18 -1.64 -11.39 0.88
C ALA B 18 -2.67 -12.45 1.25
N ASN B 19 -3.31 -13.02 0.24
CA ASN B 19 -4.32 -14.05 0.46
C ASN B 19 -3.73 -15.27 1.14
N GLN B 20 -2.46 -15.55 0.85
CA GLN B 20 -1.75 -16.69 1.41
C GLN B 20 -1.40 -16.44 2.87
N GLN B 21 -1.21 -15.18 3.23
CA GLN B 21 -0.86 -14.84 4.60
C GLN B 21 -2.10 -14.72 5.47
N ASN B 22 -3.23 -14.50 4.82
CA ASN B 22 -4.52 -14.46 5.52
C ASN B 22 -4.99 -15.88 5.82
N GLN B 23 -4.20 -16.86 5.38
CA GLN B 23 -4.49 -18.25 5.67
C GLN B 23 -4.02 -18.59 7.08
N ASN B 24 -3.38 -17.62 7.73
CA ASN B 24 -2.98 -17.75 9.11
C ASN B 24 -4.20 -17.74 10.00
N THR B 25 -4.59 -18.92 10.47
CA THR B 25 -5.83 -19.11 11.19
C THR B 25 -5.95 -18.27 12.47
N GLU B 26 -4.81 -17.92 13.06
CA GLU B 26 -4.80 -17.13 14.30
C GLU B 26 -4.86 -15.63 14.02
N ILE B 27 -4.80 -15.23 12.75
CA ILE B 27 -4.80 -13.82 12.40
C ILE B 27 -6.04 -13.45 11.60
N GLN B 28 -6.47 -12.21 11.74
CA GLN B 28 -7.60 -11.70 10.97
C GLN B 28 -7.09 -11.13 9.65
N THR B 29 -8.00 -10.88 8.72
CA THR B 29 -7.65 -10.34 7.43
C THR B 29 -7.13 -8.90 7.55
N GLY B 30 -7.58 -8.22 8.60
CA GLY B 30 -7.20 -6.83 8.80
C GLY B 30 -5.72 -6.65 9.11
N GLU B 31 -5.10 -7.66 9.69
CA GLU B 31 -3.67 -7.58 9.99
C GLU B 31 -2.87 -7.71 8.71
N VAL B 32 -3.41 -8.43 7.76
CA VAL B 32 -2.77 -8.64 6.47
C VAL B 32 -2.92 -7.38 5.62
N SER B 33 -3.97 -6.62 5.89
CA SER B 33 -4.17 -5.33 5.25
C SER B 33 -3.07 -4.37 5.68
N ALA B 34 -2.50 -4.63 6.85
CA ALA B 34 -1.45 -3.79 7.39
C ALA B 34 -0.07 -4.19 6.86
N SER B 35 0.13 -5.47 6.59
CA SER B 35 1.40 -5.93 6.06
C SER B 35 1.60 -5.42 4.64
N PHE B 36 0.51 -5.34 3.89
CA PHE B 36 0.56 -4.76 2.55
C PHE B 36 0.87 -3.26 2.67
N MET B 37 0.32 -2.65 3.71
CA MET B 37 0.54 -1.24 4.00
C MET B 37 2.02 -0.96 4.27
N TRP B 38 2.55 -1.67 5.28
CA TRP B 38 3.95 -1.53 5.68
C TRP B 38 4.91 -1.89 4.54
N ALA B 39 4.53 -2.88 3.74
CA ALA B 39 5.35 -3.29 2.61
C ALA B 39 5.50 -2.14 1.60
N LEU B 40 4.39 -1.50 1.26
CA LEU B 40 4.41 -0.39 0.34
C LEU B 40 5.23 0.78 0.89
N ALA B 41 5.29 0.87 2.22
CA ALA B 41 6.06 1.91 2.88
C ALA B 41 7.56 1.72 2.62
N ARG B 42 8.03 0.51 2.83
CA ARG B 42 9.44 0.20 2.63
C ARG B 42 9.81 0.26 1.15
N TYR B 43 8.81 0.06 0.30
CA TYR B 43 9.02 0.08 -1.14
C TYR B 43 9.13 1.51 -1.66
N ASN B 44 8.51 2.45 -0.95
CA ASN B 44 8.52 3.85 -1.38
C ASN B 44 9.70 4.62 -0.80
N ALA B 45 10.23 4.15 0.33
CA ALA B 45 11.40 4.78 0.94
C ALA B 45 12.67 4.24 0.29
N TRP B 46 12.47 3.37 -0.70
CA TRP B 46 13.56 2.75 -1.44
C TRP B 46 14.14 3.76 -2.45
N PHE B 47 13.46 4.89 -2.60
CA PHE B 47 13.90 5.91 -3.51
C PHE B 47 14.70 6.94 -2.73
N GLY B 48 14.01 7.95 -2.20
CA GLY B 48 14.66 9.00 -1.42
C GLY B 48 15.62 9.85 -2.25
N SER B 49 16.70 9.22 -2.68
CA SER B 49 17.76 9.91 -3.38
C SER B 49 17.35 10.23 -4.82
N THR B 50 16.16 9.78 -5.19
CA THR B 50 15.61 10.07 -6.50
C THR B 50 15.10 11.51 -6.57
N SER B 51 15.00 12.15 -5.41
CA SER B 51 14.48 13.50 -5.33
C SER B 51 15.57 14.54 -5.57
N PHE B 52 16.77 14.30 -5.03
CA PHE B 52 17.82 15.29 -5.07
C PHE B 52 19.22 14.68 -5.16
N GLU B 53 20.22 15.55 -5.21
CA GLU B 53 21.61 15.14 -5.36
C GLU B 53 22.27 14.93 -4.00
N THR B 54 22.14 15.92 -3.13
CA THR B 54 22.82 15.91 -1.84
C THR B 54 21.85 15.64 -0.71
N LYS B 55 22.38 15.21 0.42
CA LYS B 55 21.53 14.88 1.57
C LYS B 55 20.89 16.13 2.13
N GLU B 56 21.59 17.25 2.04
CA GLU B 56 21.09 18.52 2.55
C GLU B 56 19.76 18.87 1.92
N GLN B 57 19.68 18.65 0.61
CA GLN B 57 18.48 18.98 -0.15
C GLN B 57 17.52 17.80 -0.16
N MET B 58 18.07 16.59 -0.19
CA MET B 58 17.29 15.37 -0.18
C MET B 58 16.52 15.22 1.14
N GLN B 59 17.18 15.56 2.24
CA GLN B 59 16.59 15.48 3.57
C GLN B 59 15.41 16.44 3.69
N ALA B 60 15.53 17.61 3.06
CA ALA B 60 14.48 18.62 3.10
C ALA B 60 13.26 18.17 2.32
N LYS B 61 13.40 17.08 1.59
CA LYS B 61 12.31 16.54 0.80
C LYS B 61 11.77 15.25 1.38
N LYS B 62 12.32 14.81 2.51
CA LYS B 62 11.93 13.53 3.10
C LYS B 62 10.43 13.50 3.39
N GLN B 63 9.90 14.61 3.87
CA GLN B 63 8.50 14.71 4.18
C GLN B 63 7.73 15.20 2.95
N GLU B 64 8.42 15.91 2.07
CA GLU B 64 7.80 16.44 0.86
C GLU B 64 7.56 15.36 -0.18
N MET B 65 8.44 14.36 -0.24
CA MET B 65 8.22 13.24 -1.15
C MET B 65 7.18 12.33 -0.51
N MET B 66 7.19 12.31 0.81
CA MET B 66 6.22 11.53 1.59
C MET B 66 4.96 12.33 1.83
N ASP B 67 4.78 13.40 1.07
CA ASP B 67 3.61 14.25 1.24
C ASP B 67 2.49 13.78 0.33
N TYR B 68 2.85 13.35 -0.87
CA TYR B 68 1.87 12.90 -1.83
C TYR B 68 1.94 11.39 -2.02
N TYR B 69 2.93 10.75 -1.40
CA TYR B 69 3.08 9.29 -1.51
C TYR B 69 1.81 8.59 -1.03
N MET B 70 1.34 9.00 0.13
CA MET B 70 0.08 8.48 0.68
C MET B 70 -1.06 8.73 -0.30
N ASP B 71 -1.22 9.98 -0.70
CA ASP B 71 -2.36 10.37 -1.53
C ASP B 71 -2.09 10.17 -3.00
N ARG B 72 -1.93 8.92 -3.39
CA ARG B 72 -1.85 8.56 -4.80
C ARG B 72 -2.89 7.48 -5.10
N TYR B 73 -3.22 6.68 -4.09
CA TYR B 73 -4.20 5.62 -4.26
C TYR B 73 -5.52 6.01 -3.64
N LYS B 74 -5.67 7.29 -3.34
CA LYS B 74 -6.90 7.80 -2.75
C LYS B 74 -8.05 7.62 -3.74
N GLU B 75 -7.91 8.23 -4.93
CA GLU B 75 -8.90 8.09 -5.98
C GLU B 75 -9.04 6.62 -6.41
N MET B 76 -7.92 5.90 -6.42
CA MET B 76 -7.94 4.48 -6.73
C MET B 76 -8.85 3.75 -5.75
N LEU B 77 -8.67 4.07 -4.48
CA LEU B 77 -9.42 3.46 -3.39
C LEU B 77 -10.89 3.86 -3.49
N ASP B 78 -11.13 5.10 -3.87
CA ASP B 78 -12.48 5.64 -4.03
C ASP B 78 -13.20 4.89 -5.15
N ALA B 79 -12.46 4.57 -6.20
CA ALA B 79 -13.02 3.84 -7.33
C ALA B 79 -13.28 2.37 -6.97
N ASN B 80 -12.65 1.91 -5.90
CA ASN B 80 -12.84 0.54 -5.45
C ASN B 80 -14.00 0.47 -4.47
N MET B 81 -14.33 1.63 -3.91
CA MET B 81 -15.50 1.77 -3.04
C MET B 81 -16.78 1.75 -3.89
N GLU B 82 -17.89 2.16 -3.27
CA GLU B 82 -19.20 2.20 -3.90
C GLU B 82 -19.75 0.81 -4.24
N ASP B 83 -18.86 -0.10 -4.62
CA ASP B 83 -19.23 -1.45 -5.03
C ASP B 83 -20.19 -2.11 -4.04
N TYR B 84 -19.75 -2.24 -2.79
CA TYR B 84 -20.55 -2.90 -1.77
C TYR B 84 -21.60 -1.95 -1.21
N ILE B 85 -21.45 -0.67 -1.50
CA ILE B 85 -22.37 0.34 -1.03
C ILE B 85 -23.64 0.34 -1.87
N GLU B 86 -23.49 0.45 -3.18
CA GLU B 86 -24.62 0.44 -4.10
C GLU B 86 -25.34 -0.91 -4.03
N ASN B 87 -24.57 -1.95 -3.77
CA ASN B 87 -25.11 -3.30 -3.74
C ASN B 87 -25.58 -3.70 -2.36
N PHE B 88 -25.68 -2.73 -1.45
CA PHE B 88 -26.27 -3.01 -0.16
C PHE B 88 -27.69 -3.52 -0.36
N ASP B 89 -28.41 -2.87 -1.27
CA ASP B 89 -29.74 -3.31 -1.67
C ASP B 89 -29.69 -4.76 -2.15
N HIS B 90 -28.72 -5.07 -3.02
CA HIS B 90 -28.51 -6.42 -3.54
C HIS B 90 -28.30 -7.41 -2.39
N TYR B 91 -27.28 -7.16 -1.57
CA TYR B 91 -26.88 -8.11 -0.55
C TYR B 91 -27.88 -8.20 0.59
N ARG B 92 -28.48 -7.09 0.94
CA ARG B 92 -29.47 -7.09 2.02
C ARG B 92 -30.75 -7.77 1.57
N ALA B 93 -30.94 -7.84 0.26
CA ALA B 93 -32.13 -8.49 -0.30
C ALA B 93 -31.87 -9.99 -0.45
N THR B 94 -30.67 -10.33 -0.90
CA THR B 94 -30.27 -11.71 -1.07
C THR B 94 -29.46 -12.17 0.13
N GLN B 95 -29.75 -11.56 1.27
CA GLN B 95 -29.00 -11.80 2.51
C GLN B 95 -29.06 -13.24 2.95
N LYS B 96 -28.13 -13.58 3.82
CA LYS B 96 -27.98 -14.93 4.34
C LYS B 96 -27.36 -14.86 5.72
N SER A 1 9.90 -16.70 12.37
CA SER A 1 10.96 -16.10 11.54
C SER A 1 11.52 -14.85 12.21
N ASN A 2 12.49 -14.19 11.58
CA ASN A 2 13.08 -13.00 12.16
C ASN A 2 12.17 -11.80 11.92
N ASN A 3 11.14 -11.69 12.74
CA ASN A 3 10.26 -10.55 12.73
C ASN A 3 9.67 -10.35 14.12
N GLU A 4 10.17 -9.33 14.80
CA GLU A 4 9.88 -9.14 16.22
C GLU A 4 8.56 -8.40 16.44
N ASN A 5 8.56 -7.11 16.15
CA ASN A 5 7.43 -6.25 16.49
C ASN A 5 6.41 -6.23 15.37
N ALA A 6 6.81 -6.70 14.21
CA ALA A 6 5.98 -6.63 13.03
C ALA A 6 6.05 -7.89 12.20
N PHE A 7 5.13 -8.01 11.27
CA PHE A 7 5.01 -9.17 10.38
C PHE A 7 5.98 -9.05 9.19
N TYR A 8 7.23 -8.71 9.48
CA TYR A 8 8.24 -8.48 8.44
C TYR A 8 8.27 -9.63 7.42
N ALA A 9 8.20 -10.86 7.92
CA ALA A 9 8.32 -12.05 7.07
C ALA A 9 7.11 -12.20 6.12
N ARG A 10 6.02 -11.54 6.44
CA ARG A 10 4.81 -11.62 5.63
C ARG A 10 4.87 -10.66 4.45
N ALA A 11 5.12 -9.39 4.75
CA ALA A 11 5.14 -8.33 3.73
C ALA A 11 6.30 -8.55 2.79
N THR A 12 7.23 -9.37 3.24
CA THR A 12 8.36 -9.79 2.47
C THR A 12 7.93 -10.43 1.14
N GLU A 13 6.82 -11.16 1.16
CA GLU A 13 6.35 -11.85 -0.04
C GLU A 13 5.56 -10.89 -0.92
N LEU A 14 5.00 -9.88 -0.29
CA LEU A 14 4.19 -8.87 -0.99
C LEU A 14 5.09 -8.07 -1.93
N ILE A 15 6.25 -7.67 -1.42
CA ILE A 15 7.22 -6.93 -2.22
C ILE A 15 7.91 -7.87 -3.22
N LYS A 16 7.89 -9.15 -2.91
CA LYS A 16 8.50 -10.16 -3.76
C LYS A 16 7.81 -10.20 -5.12
N LEU A 17 6.50 -9.96 -5.13
CA LEU A 17 5.74 -9.90 -6.36
C LEU A 17 6.07 -8.61 -7.11
N ALA A 18 6.22 -7.52 -6.37
CA ALA A 18 6.58 -6.23 -6.96
C ALA A 18 7.93 -6.34 -7.67
N ASN A 19 8.87 -7.02 -7.02
CA ASN A 19 10.18 -7.24 -7.60
C ASN A 19 10.09 -8.13 -8.83
N GLN A 20 9.02 -8.91 -8.92
CA GLN A 20 8.80 -9.80 -10.04
C GLN A 20 8.37 -8.99 -11.26
N GLN A 21 7.59 -7.95 -11.04
CA GLN A 21 7.14 -7.09 -12.11
C GLN A 21 8.23 -6.09 -12.47
N ASN A 22 9.12 -5.82 -11.52
CA ASN A 22 10.24 -4.91 -11.72
C ASN A 22 11.38 -5.62 -12.45
N GLN A 23 11.09 -6.83 -12.93
CA GLN A 23 12.05 -7.58 -13.73
C GLN A 23 11.97 -7.14 -15.20
N ASN A 24 11.00 -6.29 -15.50
CA ASN A 24 10.86 -5.73 -16.83
C ASN A 24 11.87 -4.61 -17.01
N THR A 25 12.86 -4.86 -17.84
CA THR A 25 14.02 -3.99 -17.96
C THR A 25 13.66 -2.61 -18.54
N GLU A 26 12.64 -2.54 -19.37
CA GLU A 26 12.26 -1.28 -20.01
C GLU A 26 11.32 -0.44 -19.16
N ILE A 27 10.78 -1.01 -18.09
CA ILE A 27 9.85 -0.27 -17.24
C ILE A 27 10.57 0.34 -16.05
N GLN A 28 10.13 1.50 -15.67
CA GLN A 28 10.69 2.20 -14.54
C GLN A 28 10.14 1.61 -13.24
N THR A 29 10.91 1.74 -12.17
CA THR A 29 10.55 1.17 -10.88
C THR A 29 9.25 1.81 -10.35
N GLY A 30 8.93 2.99 -10.86
CA GLY A 30 7.76 3.72 -10.40
C GLY A 30 6.45 3.09 -10.83
N GLU A 31 6.44 2.37 -11.95
CA GLU A 31 5.21 1.79 -12.44
C GLU A 31 4.81 0.58 -11.61
N VAL A 32 5.79 0.05 -10.88
CA VAL A 32 5.55 -1.10 -10.01
C VAL A 32 5.06 -0.63 -8.65
N SER A 33 5.70 0.42 -8.13
CA SER A 33 5.34 0.96 -6.84
C SER A 33 3.90 1.48 -6.85
N ALA A 34 3.52 2.09 -7.96
CA ALA A 34 2.16 2.59 -8.13
C ALA A 34 1.15 1.44 -8.15
N SER A 35 1.57 0.29 -8.68
CA SER A 35 0.69 -0.86 -8.76
C SER A 35 0.43 -1.42 -7.37
N PHE A 36 1.45 -1.36 -6.52
CA PHE A 36 1.30 -1.80 -5.14
C PHE A 36 0.37 -0.85 -4.39
N MET A 37 0.44 0.42 -4.76
CA MET A 37 -0.41 1.44 -4.16
C MET A 37 -1.87 1.25 -4.51
N TRP A 38 -2.17 1.09 -5.81
CA TRP A 38 -3.54 0.86 -6.27
C TRP A 38 -4.10 -0.43 -5.67
N ALA A 39 -3.24 -1.43 -5.54
CA ALA A 39 -3.65 -2.72 -4.98
C ALA A 39 -4.04 -2.58 -3.51
N LEU A 40 -3.32 -1.74 -2.77
CA LEU A 40 -3.61 -1.52 -1.36
C LEU A 40 -4.92 -0.77 -1.19
N ALA A 41 -5.21 0.09 -2.15
CA ALA A 41 -6.45 0.85 -2.14
C ALA A 41 -7.65 -0.08 -2.21
N ARG A 42 -7.56 -1.10 -3.05
CA ARG A 42 -8.65 -2.05 -3.19
C ARG A 42 -8.78 -2.92 -1.94
N TYR A 43 -7.64 -3.26 -1.35
CA TYR A 43 -7.60 -4.19 -0.23
C TYR A 43 -8.10 -3.52 1.06
N ASN A 44 -7.81 -2.23 1.21
CA ASN A 44 -8.23 -1.50 2.40
C ASN A 44 -9.73 -1.20 2.38
N ALA A 45 -10.28 -1.07 1.17
CA ALA A 45 -11.71 -0.77 1.00
C ALA A 45 -12.56 -1.96 1.40
N TRP A 46 -11.94 -3.12 1.45
CA TRP A 46 -12.59 -4.37 1.82
C TRP A 46 -13.13 -4.29 3.26
N PHE A 47 -12.47 -3.49 4.08
CA PHE A 47 -12.82 -3.39 5.49
C PHE A 47 -13.86 -2.30 5.74
N GLY A 48 -14.43 -1.78 4.67
CA GLY A 48 -15.49 -0.80 4.80
C GLY A 48 -16.74 -1.42 5.40
N SER A 49 -16.90 -2.72 5.18
CA SER A 49 -18.07 -3.45 5.64
C SER A 49 -18.11 -3.53 7.17
N THR A 50 -16.94 -3.50 7.80
CA THR A 50 -16.86 -3.65 9.24
C THR A 50 -16.92 -2.27 9.92
N SER A 51 -17.29 -1.25 9.16
CA SER A 51 -17.43 0.09 9.71
C SER A 51 -18.75 0.26 10.46
N PHE A 52 -19.87 0.18 9.74
CA PHE A 52 -21.17 0.49 10.34
C PHE A 52 -22.23 -0.56 10.02
N GLU A 53 -23.45 -0.28 10.46
CA GLU A 53 -24.54 -1.25 10.40
C GLU A 53 -25.36 -1.07 9.12
N THR A 54 -25.74 0.17 8.83
CA THR A 54 -26.55 0.47 7.66
C THR A 54 -25.69 1.12 6.61
N LYS A 55 -26.12 1.03 5.35
CA LYS A 55 -25.33 1.53 4.25
C LYS A 55 -25.30 3.05 4.26
N GLU A 56 -26.31 3.67 4.84
CA GLU A 56 -26.39 5.11 4.87
C GLU A 56 -25.36 5.70 5.83
N GLN A 57 -25.21 5.07 6.99
CA GLN A 57 -24.21 5.51 7.95
C GLN A 57 -22.83 5.10 7.46
N MET A 58 -22.73 3.85 7.01
CA MET A 58 -21.48 3.28 6.51
C MET A 58 -20.90 4.09 5.34
N GLN A 59 -21.78 4.54 4.46
CA GLN A 59 -21.36 5.32 3.30
C GLN A 59 -20.74 6.64 3.72
N ALA A 60 -21.28 7.23 4.78
CA ALA A 60 -20.79 8.51 5.28
C ALA A 60 -19.52 8.34 6.10
N LYS A 61 -19.01 7.11 6.13
CA LYS A 61 -17.83 6.81 6.92
C LYS A 61 -16.68 6.43 6.02
N LYS A 62 -16.95 6.42 4.73
CA LYS A 62 -15.96 6.05 3.74
C LYS A 62 -14.70 6.90 3.91
N GLN A 63 -14.87 8.22 3.85
CA GLN A 63 -13.75 9.13 4.00
C GLN A 63 -13.25 9.13 5.43
N GLU A 64 -14.11 8.75 6.37
CA GLU A 64 -13.75 8.71 7.77
C GLU A 64 -12.78 7.56 8.04
N MET A 65 -13.03 6.41 7.43
CA MET A 65 -12.18 5.25 7.62
C MET A 65 -10.95 5.36 6.72
N MET A 66 -11.12 6.10 5.63
CA MET A 66 -10.05 6.29 4.66
C MET A 66 -9.09 7.37 5.09
N ASP A 67 -9.56 8.30 5.91
CA ASP A 67 -8.79 9.50 6.20
C ASP A 67 -7.50 9.15 6.92
N TYR A 68 -7.56 8.11 7.74
CA TYR A 68 -6.39 7.64 8.44
C TYR A 68 -5.76 6.45 7.69
N TYR A 69 -6.52 5.87 6.76
CA TYR A 69 -5.98 4.80 5.90
C TYR A 69 -4.77 5.29 5.16
N MET A 70 -4.92 6.42 4.47
CA MET A 70 -3.82 7.08 3.78
C MET A 70 -2.61 7.19 4.69
N ASP A 71 -2.79 7.85 5.83
CA ASP A 71 -1.69 8.22 6.70
C ASP A 71 -1.41 7.16 7.76
N ARG A 72 -1.73 5.90 7.45
CA ARG A 72 -1.53 4.80 8.39
C ARG A 72 -0.10 4.30 8.33
N TYR A 73 0.41 4.17 7.12
CA TYR A 73 1.76 3.66 6.92
C TYR A 73 2.75 4.80 6.98
N LYS A 74 2.31 5.90 7.58
CA LYS A 74 3.12 7.10 7.71
C LYS A 74 4.43 6.80 8.43
N GLU A 75 4.32 6.43 9.70
CA GLU A 75 5.48 6.15 10.53
C GLU A 75 6.24 4.93 10.00
N MET A 76 5.51 4.04 9.34
CA MET A 76 6.12 2.87 8.71
C MET A 76 7.03 3.29 7.56
N LEU A 77 6.59 4.31 6.84
CA LEU A 77 7.31 4.83 5.69
C LEU A 77 8.50 5.67 6.16
N ASP A 78 8.28 6.42 7.24
CA ASP A 78 9.34 7.26 7.83
C ASP A 78 10.53 6.41 8.24
N ALA A 79 10.23 5.25 8.82
CA ALA A 79 11.26 4.34 9.31
C ALA A 79 12.01 3.67 8.17
N ASN A 80 11.58 3.90 6.94
CA ASN A 80 12.26 3.34 5.78
C ASN A 80 13.06 4.39 5.04
N MET A 81 12.95 5.64 5.48
CA MET A 81 13.76 6.71 4.92
C MET A 81 15.01 6.95 5.77
N GLU A 82 15.73 8.01 5.42
CA GLU A 82 16.93 8.43 6.12
C GLU A 82 18.09 7.46 5.98
N ASP A 83 17.85 6.31 5.38
CA ASP A 83 18.90 5.30 5.17
C ASP A 83 20.08 5.89 4.42
N TYR A 84 19.82 6.48 3.27
CA TYR A 84 20.87 7.09 2.49
C TYR A 84 21.02 8.56 2.86
N ILE A 85 20.09 9.07 3.67
CA ILE A 85 20.17 10.44 4.17
C ILE A 85 21.30 10.57 5.18
N GLU A 86 21.24 9.76 6.23
CA GLU A 86 22.26 9.79 7.27
C GLU A 86 23.59 9.27 6.74
N ASN A 87 23.54 8.56 5.63
CA ASN A 87 24.73 8.01 5.03
C ASN A 87 25.10 8.73 3.73
N PHE A 88 24.50 9.89 3.49
CA PHE A 88 24.78 10.64 2.28
C PHE A 88 26.26 10.98 2.19
N ASP A 89 26.79 11.55 3.26
CA ASP A 89 28.21 11.88 3.32
C ASP A 89 29.06 10.61 3.21
N HIS A 90 28.56 9.53 3.80
CA HIS A 90 29.21 8.22 3.74
C HIS A 90 29.33 7.75 2.29
N TYR A 91 28.20 7.68 1.60
CA TYR A 91 28.17 7.25 0.21
C TYR A 91 28.96 8.21 -0.67
N ARG A 92 28.70 9.50 -0.51
CA ARG A 92 29.34 10.54 -1.30
C ARG A 92 30.86 10.51 -1.12
N ALA A 93 31.30 9.91 -0.03
CA ALA A 93 32.72 9.82 0.25
C ALA A 93 33.32 8.56 -0.38
N THR A 94 32.50 7.52 -0.49
CA THR A 94 32.95 6.27 -1.06
C THR A 94 32.89 6.29 -2.59
N GLN A 95 32.00 7.13 -3.12
CA GLN A 95 31.84 7.24 -4.57
C GLN A 95 32.80 8.28 -5.12
N LYS A 96 33.11 8.17 -6.40
CA LYS A 96 34.10 9.03 -7.02
C LYS A 96 33.46 9.86 -8.13
N SER B 1 -1.93 -7.12 -19.33
CA SER B 1 -2.45 -8.06 -20.31
C SER B 1 -3.89 -7.70 -20.68
N ASN B 2 -4.57 -7.04 -19.77
CA ASN B 2 -5.94 -6.59 -19.99
C ASN B 2 -6.25 -5.40 -19.11
N ASN B 3 -6.25 -4.21 -19.71
CA ASN B 3 -6.49 -2.98 -18.96
C ASN B 3 -6.69 -1.83 -19.94
N GLU B 4 -7.51 -0.86 -19.56
CA GLU B 4 -7.70 0.33 -20.36
C GLU B 4 -6.53 1.29 -20.19
N ASN B 5 -6.54 2.07 -19.11
CA ASN B 5 -5.49 3.05 -18.88
C ASN B 5 -4.64 2.67 -17.69
N ALA B 6 -5.30 2.30 -16.59
CA ALA B 6 -4.60 1.93 -15.37
C ALA B 6 -4.09 0.49 -15.45
N PHE B 7 -3.05 0.22 -14.67
CA PHE B 7 -2.37 -1.07 -14.65
C PHE B 7 -3.16 -2.14 -13.90
N TYR B 8 -4.43 -2.32 -14.25
CA TYR B 8 -5.31 -3.27 -13.58
C TYR B 8 -4.75 -4.69 -13.60
N ALA B 9 -4.04 -5.03 -14.67
CA ALA B 9 -3.51 -6.38 -14.84
C ALA B 9 -2.20 -6.58 -14.06
N ARG B 10 -1.68 -5.50 -13.49
CA ARG B 10 -0.46 -5.58 -12.69
C ARG B 10 -0.82 -5.75 -11.21
N ALA B 11 -1.49 -4.74 -10.66
CA ALA B 11 -1.87 -4.70 -9.25
C ALA B 11 -2.63 -5.96 -8.81
N THR B 12 -3.30 -6.61 -9.75
CA THR B 12 -4.08 -7.81 -9.43
C THR B 12 -3.19 -8.96 -8.99
N GLU B 13 -1.89 -8.90 -9.33
CA GLU B 13 -0.96 -9.95 -8.94
C GLU B 13 -0.39 -9.64 -7.57
N LEU B 14 -0.38 -8.36 -7.22
CA LEU B 14 0.07 -7.91 -5.91
C LEU B 14 -0.91 -8.39 -4.85
N ILE B 15 -2.20 -8.18 -5.13
CA ILE B 15 -3.27 -8.62 -4.22
C ILE B 15 -3.33 -10.14 -4.16
N LYS B 16 -2.94 -10.79 -5.25
CA LYS B 16 -2.95 -12.22 -5.34
C LYS B 16 -2.06 -12.84 -4.27
N LEU B 17 -0.94 -12.18 -3.96
CA LEU B 17 -0.04 -12.68 -2.94
C LEU B 17 -0.71 -12.54 -1.58
N ALA B 18 -1.34 -11.40 -1.34
CA ALA B 18 -2.03 -11.14 -0.08
C ALA B 18 -3.13 -12.17 0.15
N ASN B 19 -3.85 -12.51 -0.91
CA ASN B 19 -4.91 -13.51 -0.83
C ASN B 19 -4.37 -14.86 -0.39
N GLN B 20 -3.12 -15.13 -0.75
CA GLN B 20 -2.48 -16.40 -0.41
C GLN B 20 -2.12 -16.45 1.08
N GLN B 21 -1.84 -15.29 1.66
CA GLN B 21 -1.54 -15.21 3.09
C GLN B 21 -2.83 -15.12 3.88
N ASN B 22 -3.87 -14.65 3.21
CA ASN B 22 -5.20 -14.54 3.79
C ASN B 22 -5.83 -15.92 3.92
N GLN B 23 -5.18 -16.91 3.33
CA GLN B 23 -5.67 -18.27 3.37
C GLN B 23 -5.40 -18.92 4.72
N ASN B 24 -4.65 -18.23 5.58
CA ASN B 24 -4.33 -18.74 6.90
C ASN B 24 -5.57 -18.67 7.77
N THR B 25 -6.10 -19.82 8.12
CA THR B 25 -7.38 -19.93 8.80
C THR B 25 -7.40 -19.25 10.18
N GLU B 26 -6.29 -19.29 10.90
CA GLU B 26 -6.25 -18.72 12.25
C GLU B 26 -5.89 -17.23 12.24
N ILE B 27 -5.64 -16.66 11.08
CA ILE B 27 -5.33 -15.24 11.00
C ILE B 27 -6.50 -14.48 10.38
N GLN B 28 -6.61 -13.21 10.73
CA GLN B 28 -7.66 -12.37 10.18
C GLN B 28 -7.14 -11.66 8.94
N THR B 29 -8.07 -11.22 8.10
CA THR B 29 -7.73 -10.49 6.89
C THR B 29 -6.93 -9.21 7.21
N GLY B 30 -7.16 -8.69 8.41
CA GLY B 30 -6.55 -7.43 8.82
C GLY B 30 -5.04 -7.50 8.95
N GLU B 31 -4.51 -8.70 9.23
CA GLU B 31 -3.07 -8.84 9.40
C GLU B 31 -2.39 -8.86 8.04
N VAL B 32 -3.15 -9.26 7.03
CA VAL B 32 -2.64 -9.33 5.67
C VAL B 32 -2.70 -7.95 5.02
N SER B 33 -3.81 -7.24 5.25
CA SER B 33 -3.96 -5.90 4.72
C SER B 33 -2.90 -4.98 5.31
N ALA B 34 -2.57 -5.19 6.57
CA ALA B 34 -1.54 -4.41 7.24
C ALA B 34 -0.17 -4.71 6.65
N SER B 35 0.06 -5.96 6.23
CA SER B 35 1.34 -6.33 5.63
C SER B 35 1.50 -5.64 4.28
N PHE B 36 0.41 -5.50 3.55
CA PHE B 36 0.42 -4.78 2.29
C PHE B 36 0.70 -3.31 2.54
N MET B 37 0.13 -2.80 3.62
CA MET B 37 0.34 -1.42 4.06
C MET B 37 1.80 -1.17 4.39
N TRP B 38 2.36 -2.02 5.26
CA TRP B 38 3.75 -1.91 5.66
C TRP B 38 4.69 -2.09 4.46
N ALA B 39 4.33 -3.00 3.57
CA ALA B 39 5.15 -3.27 2.39
C ALA B 39 5.21 -2.06 1.46
N LEU B 40 4.08 -1.38 1.29
CA LEU B 40 4.03 -0.20 0.44
C LEU B 40 4.88 0.91 1.03
N ALA B 41 4.92 0.97 2.36
CA ALA B 41 5.70 2.00 3.06
C ALA B 41 7.18 1.85 2.76
N ARG B 42 7.66 0.61 2.69
CA ARG B 42 9.06 0.35 2.41
C ARG B 42 9.38 0.63 0.94
N TYR B 43 8.41 0.34 0.09
CA TYR B 43 8.60 0.46 -1.35
C TYR B 43 8.43 1.92 -1.80
N ASN B 44 7.60 2.67 -1.08
CA ASN B 44 7.32 4.06 -1.42
C ASN B 44 8.47 4.97 -0.97
N ALA B 45 9.01 4.70 0.22
CA ALA B 45 10.12 5.48 0.77
C ALA B 45 11.36 5.39 -0.11
N TRP B 46 11.36 4.39 -0.97
CA TRP B 46 12.46 4.14 -1.91
C TRP B 46 12.68 5.35 -2.84
N PHE B 47 11.61 6.11 -3.07
CA PHE B 47 11.66 7.25 -3.98
C PHE B 47 12.06 8.52 -3.23
N GLY B 48 12.31 8.41 -1.94
CA GLY B 48 12.78 9.54 -1.19
C GLY B 48 14.13 10.00 -1.68
N SER B 49 14.91 9.06 -2.21
CA SER B 49 16.26 9.33 -2.68
C SER B 49 16.26 10.15 -3.97
N THR B 50 15.08 10.38 -4.55
CA THR B 50 14.99 11.21 -5.75
C THR B 50 14.18 12.47 -5.46
N SER B 51 14.00 12.79 -4.18
CA SER B 51 13.26 13.98 -3.78
C SER B 51 14.17 15.22 -3.80
N PHE B 52 15.24 15.19 -3.01
CA PHE B 52 16.16 16.32 -2.95
C PHE B 52 17.59 15.86 -3.20
N GLU B 53 18.51 16.82 -3.31
CA GLU B 53 19.88 16.55 -3.69
C GLU B 53 20.77 16.36 -2.46
N THR B 54 20.60 17.22 -1.47
CA THR B 54 21.41 17.15 -0.27
C THR B 54 20.64 16.46 0.85
N LYS B 55 21.37 15.85 1.78
CA LYS B 55 20.74 15.12 2.86
C LYS B 55 19.92 16.06 3.75
N GLU B 56 20.38 17.30 3.85
CA GLU B 56 19.71 18.28 4.70
C GLU B 56 18.33 18.63 4.15
N GLN B 57 18.25 18.85 2.85
CA GLN B 57 17.00 19.23 2.22
C GLN B 57 16.13 18.00 1.98
N MET B 58 16.76 16.85 1.87
CA MET B 58 16.02 15.60 1.70
C MET B 58 15.41 15.16 3.04
N GLN B 59 16.18 15.34 4.11
CA GLN B 59 15.77 14.93 5.44
C GLN B 59 14.60 15.76 5.95
N ALA B 60 14.72 17.08 5.84
CA ALA B 60 13.71 17.98 6.35
C ALA B 60 12.41 17.83 5.58
N LYS B 61 12.53 17.34 4.35
CA LYS B 61 11.42 17.22 3.45
C LYS B 61 10.82 15.85 3.48
N LYS B 62 11.26 15.04 4.43
CA LYS B 62 10.68 13.72 4.62
C LYS B 62 9.18 13.85 4.76
N GLN B 63 8.75 14.82 5.57
CA GLN B 63 7.34 14.98 5.86
C GLN B 63 6.62 15.62 4.68
N GLU B 64 7.36 16.34 3.85
CA GLU B 64 6.78 16.96 2.67
C GLU B 64 6.33 15.92 1.65
N MET B 65 7.19 14.93 1.40
CA MET B 65 6.81 13.88 0.47
C MET B 65 5.90 12.88 1.18
N MET B 66 6.13 12.70 2.47
CA MET B 66 5.31 11.81 3.29
C MET B 66 4.05 12.53 3.75
N ASP B 67 3.67 13.58 3.05
CA ASP B 67 2.42 14.26 3.33
C ASP B 67 1.43 14.00 2.21
N TYR B 68 1.96 13.69 1.02
CA TYR B 68 1.09 13.44 -0.11
C TYR B 68 1.19 11.98 -0.57
N TYR B 69 2.28 11.29 -0.22
CA TYR B 69 2.44 9.86 -0.57
C TYR B 69 1.24 9.07 -0.08
N MET B 70 0.89 9.29 1.18
CA MET B 70 -0.29 8.69 1.79
C MET B 70 -1.52 8.97 0.96
N ASP B 71 -1.66 10.23 0.60
CA ASP B 71 -2.87 10.74 -0.03
C ASP B 71 -2.95 10.39 -1.52
N ARG B 72 -2.01 9.57 -1.99
CA ARG B 72 -1.90 9.33 -3.42
C ARG B 72 -2.85 8.25 -3.89
N TYR B 73 -3.22 7.35 -2.99
CA TYR B 73 -4.15 6.28 -3.35
C TYR B 73 -5.51 6.55 -2.73
N LYS B 74 -5.71 7.77 -2.26
CA LYS B 74 -6.96 8.14 -1.63
C LYS B 74 -8.13 7.98 -2.59
N GLU B 75 -8.03 8.59 -3.77
CA GLU B 75 -9.09 8.49 -4.77
C GLU B 75 -9.24 7.06 -5.26
N MET B 76 -8.11 6.36 -5.36
CA MET B 76 -8.10 4.96 -5.77
C MET B 76 -8.93 4.14 -4.79
N LEU B 77 -8.73 4.41 -3.51
CA LEU B 77 -9.42 3.68 -2.45
C LEU B 77 -10.89 4.09 -2.41
N ASP B 78 -11.14 5.37 -2.63
CA ASP B 78 -12.49 5.92 -2.63
C ASP B 78 -13.34 5.31 -3.74
N ALA B 79 -12.69 5.01 -4.86
CA ALA B 79 -13.35 4.44 -6.02
C ALA B 79 -13.50 2.93 -5.91
N ASN B 80 -12.90 2.33 -4.89
CA ASN B 80 -12.98 0.89 -4.72
C ASN B 80 -13.95 0.51 -3.61
N MET B 81 -14.49 1.52 -2.95
CA MET B 81 -15.49 1.30 -1.92
C MET B 81 -16.89 1.31 -2.51
N GLU B 82 -17.89 1.38 -1.61
CA GLU B 82 -19.29 1.48 -1.96
C GLU B 82 -19.85 0.18 -2.56
N ASP B 83 -18.98 -0.76 -2.92
CA ASP B 83 -19.44 -2.06 -3.40
C ASP B 83 -20.31 -2.74 -2.36
N TYR B 84 -19.76 -2.94 -1.17
CA TYR B 84 -20.50 -3.53 -0.07
C TYR B 84 -21.53 -2.57 0.50
N ILE B 85 -21.39 -1.29 0.17
CA ILE B 85 -22.32 -0.27 0.66
C ILE B 85 -23.62 -0.34 -0.11
N GLU B 86 -23.54 -0.21 -1.44
CA GLU B 86 -24.73 -0.25 -2.27
C GLU B 86 -25.43 -1.60 -2.17
N ASN B 87 -24.63 -2.65 -2.00
CA ASN B 87 -25.18 -4.00 -1.95
C ASN B 87 -25.58 -4.39 -0.53
N PHE B 88 -25.53 -3.45 0.40
CA PHE B 88 -26.01 -3.72 1.75
C PHE B 88 -27.45 -4.18 1.68
N ASP B 89 -28.26 -3.43 0.94
CA ASP B 89 -29.65 -3.79 0.71
C ASP B 89 -29.76 -5.15 0.04
N HIS B 90 -28.87 -5.40 -0.92
CA HIS B 90 -28.82 -6.67 -1.63
C HIS B 90 -28.57 -7.82 -0.66
N TYR B 91 -27.49 -7.70 0.12
CA TYR B 91 -27.14 -8.72 1.10
C TYR B 91 -28.23 -8.85 2.16
N ARG B 92 -28.65 -7.71 2.70
CA ARG B 92 -29.65 -7.67 3.76
C ARG B 92 -30.97 -8.28 3.29
N ALA B 93 -31.14 -8.37 1.99
CA ALA B 93 -32.36 -8.90 1.41
C ALA B 93 -32.23 -10.40 1.20
N THR B 94 -31.04 -10.84 0.79
CA THR B 94 -30.78 -12.26 0.60
C THR B 94 -30.61 -12.97 1.94
N GLN B 95 -30.27 -12.21 2.96
CA GLN B 95 -30.03 -12.76 4.28
C GLN B 95 -31.21 -12.48 5.19
N LYS B 96 -31.66 -13.51 5.86
CA LYS B 96 -32.81 -13.40 6.74
C LYS B 96 -32.32 -13.36 8.18
N SER A 1 9.53 -13.85 18.42
CA SER A 1 9.48 -14.19 16.98
C SER A 1 10.71 -13.64 16.27
N ASN A 2 10.85 -13.95 14.99
CA ASN A 2 12.01 -13.51 14.21
C ASN A 2 11.89 -12.05 13.82
N ASN A 3 10.71 -11.49 14.04
CA ASN A 3 10.47 -10.08 13.78
C ASN A 3 10.54 -9.30 15.10
N GLU A 4 10.97 -8.04 15.00
CA GLU A 4 11.09 -7.19 16.18
C GLU A 4 9.72 -6.90 16.80
N ASN A 5 9.00 -5.95 16.23
CA ASN A 5 7.65 -5.61 16.71
C ASN A 5 6.65 -5.72 15.57
N ALA A 6 7.13 -5.52 14.35
CA ALA A 6 6.27 -5.50 13.19
C ALA A 6 6.43 -6.76 12.36
N PHE A 7 5.52 -6.95 11.42
CA PHE A 7 5.50 -8.11 10.54
C PHE A 7 6.51 -7.98 9.40
N TYR A 8 7.74 -7.59 9.75
CA TYR A 8 8.80 -7.35 8.76
C TYR A 8 8.93 -8.51 7.79
N ALA A 9 8.98 -9.72 8.34
CA ALA A 9 9.19 -10.93 7.53
C ALA A 9 8.03 -11.20 6.58
N ARG A 10 6.84 -10.72 6.93
CA ARG A 10 5.67 -10.95 6.10
C ARG A 10 5.60 -9.96 4.94
N ALA A 11 5.72 -8.67 5.25
CA ALA A 11 5.64 -7.61 4.25
C ALA A 11 6.79 -7.76 3.26
N THR A 12 7.82 -8.41 3.74
CA THR A 12 8.98 -8.74 2.95
C THR A 12 8.59 -9.61 1.75
N GLU A 13 7.58 -10.46 1.93
CA GLU A 13 7.15 -11.37 0.88
C GLU A 13 6.30 -10.62 -0.13
N LEU A 14 5.59 -9.64 0.37
CA LEU A 14 4.76 -8.77 -0.47
C LEU A 14 5.65 -8.01 -1.43
N ILE A 15 6.76 -7.50 -0.92
CA ILE A 15 7.74 -6.77 -1.72
C ILE A 15 8.46 -7.73 -2.67
N LYS A 16 8.64 -8.97 -2.22
CA LYS A 16 9.33 -9.98 -2.99
C LYS A 16 8.57 -10.27 -4.30
N LEU A 17 7.26 -10.13 -4.28
CA LEU A 17 6.46 -10.31 -5.48
C LEU A 17 6.74 -9.15 -6.45
N ALA A 18 6.75 -7.94 -5.92
CA ALA A 18 7.02 -6.75 -6.71
C ALA A 18 8.41 -6.83 -7.34
N ASN A 19 9.37 -7.35 -6.58
CA ASN A 19 10.75 -7.51 -7.08
C ASN A 19 10.80 -8.47 -8.26
N GLN A 20 9.79 -9.33 -8.38
CA GLN A 20 9.71 -10.27 -9.48
C GLN A 20 9.16 -9.56 -10.73
N GLN A 21 8.26 -8.61 -10.51
CA GLN A 21 7.69 -7.83 -11.60
C GLN A 21 8.69 -6.76 -12.03
N ASN A 22 9.56 -6.38 -11.11
CA ASN A 22 10.59 -5.37 -11.37
C ASN A 22 11.63 -5.95 -12.32
N GLN A 23 11.55 -7.25 -12.54
CA GLN A 23 12.46 -7.94 -13.43
C GLN A 23 12.06 -7.72 -14.89
N ASN A 24 10.89 -7.13 -15.10
CA ASN A 24 10.38 -6.87 -16.44
C ASN A 24 11.17 -5.76 -17.10
N THR A 25 11.09 -5.72 -18.41
CA THR A 25 11.83 -4.75 -19.21
C THR A 25 10.87 -3.90 -20.04
N GLU A 26 9.64 -4.39 -20.17
CA GLU A 26 8.60 -3.67 -20.88
C GLU A 26 7.83 -2.74 -19.95
N ILE A 27 8.29 -2.67 -18.70
CA ILE A 27 7.66 -1.80 -17.71
C ILE A 27 8.71 -0.94 -17.04
N GLN A 28 8.31 -0.17 -16.04
CA GLN A 28 9.23 0.64 -15.27
C GLN A 28 9.17 0.22 -13.81
N THR A 29 10.19 0.57 -13.05
CA THR A 29 10.26 0.21 -11.64
C THR A 29 9.13 0.89 -10.85
N GLY A 30 8.83 2.13 -11.21
CA GLY A 30 7.77 2.88 -10.55
C GLY A 30 6.39 2.29 -10.82
N GLU A 31 6.23 1.67 -11.97
CA GLU A 31 4.94 1.08 -12.34
C GLU A 31 4.67 -0.12 -11.45
N VAL A 32 5.73 -0.85 -11.13
CA VAL A 32 5.66 -1.98 -10.23
C VAL A 32 5.23 -1.52 -8.84
N SER A 33 5.83 -0.41 -8.39
CA SER A 33 5.48 0.19 -7.12
C SER A 33 4.01 0.62 -7.11
N ALA A 34 3.58 1.21 -8.22
CA ALA A 34 2.21 1.66 -8.35
C ALA A 34 1.23 0.49 -8.29
N SER A 35 1.65 -0.67 -8.76
CA SER A 35 0.80 -1.85 -8.73
C SER A 35 0.56 -2.28 -7.28
N PHE A 36 1.56 -2.07 -6.44
CA PHE A 36 1.44 -2.36 -5.03
C PHE A 36 0.42 -1.42 -4.39
N MET A 37 0.48 -0.16 -4.79
CA MET A 37 -0.44 0.86 -4.30
C MET A 37 -1.88 0.56 -4.73
N TRP A 38 -2.08 0.26 -6.01
CA TRP A 38 -3.41 -0.06 -6.52
C TRP A 38 -3.94 -1.35 -5.89
N ALA A 39 -3.05 -2.31 -5.68
CA ALA A 39 -3.43 -3.57 -5.05
C ALA A 39 -3.88 -3.35 -3.61
N LEU A 40 -3.23 -2.40 -2.94
CA LEU A 40 -3.57 -2.07 -1.57
C LEU A 40 -4.93 -1.39 -1.54
N ALA A 41 -5.19 -0.58 -2.56
CA ALA A 41 -6.47 0.11 -2.70
C ALA A 41 -7.62 -0.90 -2.80
N ARG A 42 -7.34 -2.05 -3.42
CA ARG A 42 -8.33 -3.09 -3.55
C ARG A 42 -8.48 -3.88 -2.25
N TYR A 43 -7.35 -4.35 -1.74
CA TYR A 43 -7.32 -5.23 -0.57
C TYR A 43 -7.83 -4.51 0.68
N ASN A 44 -7.40 -3.28 0.86
CA ASN A 44 -7.69 -2.53 2.08
C ASN A 44 -9.11 -1.95 2.08
N ALA A 45 -9.67 -1.73 0.89
CA ALA A 45 -11.04 -1.24 0.76
C ALA A 45 -12.03 -2.37 0.90
N TRP A 46 -11.55 -3.59 0.67
CA TRP A 46 -12.34 -4.80 0.85
C TRP A 46 -12.89 -4.88 2.27
N PHE A 47 -12.13 -4.37 3.23
CA PHE A 47 -12.54 -4.37 4.62
C PHE A 47 -13.65 -3.36 4.87
N GLY A 48 -13.93 -2.54 3.88
CA GLY A 48 -15.06 -1.63 3.97
C GLY A 48 -16.37 -2.38 3.96
N SER A 49 -16.38 -3.52 3.27
CA SER A 49 -17.59 -4.32 3.11
C SER A 49 -17.95 -5.02 4.43
N THR A 50 -17.13 -4.85 5.44
CA THR A 50 -17.42 -5.36 6.77
C THR A 50 -17.30 -4.24 7.81
N SER A 51 -17.31 -3.01 7.33
CA SER A 51 -17.09 -1.84 8.18
C SER A 51 -18.35 -1.55 9.03
N PHE A 52 -19.51 -1.54 8.40
CA PHE A 52 -20.73 -1.20 9.11
C PHE A 52 -21.87 -2.16 8.80
N GLU A 53 -23.03 -1.86 9.36
CA GLU A 53 -24.19 -2.76 9.31
C GLU A 53 -25.16 -2.39 8.20
N THR A 54 -25.14 -1.12 7.82
CA THR A 54 -25.99 -0.63 6.74
C THR A 54 -25.20 0.27 5.82
N LYS A 55 -25.65 0.42 4.58
CA LYS A 55 -24.91 1.24 3.62
C LYS A 55 -25.03 2.70 3.97
N GLU A 56 -26.15 3.08 4.58
CA GLU A 56 -26.40 4.46 4.96
C GLU A 56 -25.37 4.93 5.97
N GLN A 57 -25.00 4.05 6.88
CA GLN A 57 -24.02 4.37 7.89
C GLN A 57 -22.61 4.08 7.39
N MET A 58 -22.47 3.00 6.63
CA MET A 58 -21.18 2.61 6.03
C MET A 58 -20.65 3.70 5.09
N GLN A 59 -21.57 4.28 4.32
CA GLN A 59 -21.25 5.32 3.35
C GLN A 59 -20.70 6.57 4.05
N ALA A 60 -21.17 6.80 5.27
CA ALA A 60 -20.73 7.95 6.05
C ALA A 60 -19.45 7.64 6.82
N LYS A 61 -18.94 6.44 6.63
CA LYS A 61 -17.71 6.01 7.29
C LYS A 61 -16.61 5.85 6.26
N LYS A 62 -16.97 6.09 5.00
CA LYS A 62 -16.05 5.98 3.89
C LYS A 62 -14.80 6.78 4.17
N GLN A 63 -14.96 8.08 4.31
CA GLN A 63 -13.84 8.99 4.49
C GLN A 63 -13.30 8.89 5.91
N GLU A 64 -14.05 8.22 6.77
CA GLU A 64 -13.64 8.00 8.15
C GLU A 64 -12.57 6.93 8.23
N MET A 65 -12.80 5.78 7.60
CA MET A 65 -11.83 4.69 7.64
C MET A 65 -10.71 4.96 6.65
N MET A 66 -11.04 5.72 5.61
CA MET A 66 -10.06 6.08 4.60
C MET A 66 -9.19 7.23 5.09
N ASP A 67 -9.47 7.73 6.29
CA ASP A 67 -8.68 8.81 6.86
C ASP A 67 -7.35 8.25 7.31
N TYR A 68 -7.39 6.97 7.65
CA TYR A 68 -6.23 6.25 8.12
C TYR A 68 -5.64 5.37 7.04
N TYR A 69 -6.48 4.88 6.14
CA TYR A 69 -5.99 4.09 5.03
C TYR A 69 -4.96 4.91 4.27
N MET A 70 -5.37 6.07 3.78
CA MET A 70 -4.45 7.01 3.16
C MET A 70 -3.31 7.37 4.12
N ASP A 71 -3.67 7.94 5.27
CA ASP A 71 -2.66 8.52 6.16
C ASP A 71 -2.43 7.68 7.41
N ARG A 72 -1.73 6.58 7.25
CA ARG A 72 -1.18 5.83 8.39
C ARG A 72 0.20 5.32 8.06
N TYR A 73 0.47 5.06 6.79
CA TYR A 73 1.79 4.61 6.39
C TYR A 73 2.67 5.83 6.16
N LYS A 74 2.12 6.98 6.50
CA LYS A 74 2.81 8.25 6.35
C LYS A 74 4.10 8.25 7.16
N GLU A 75 3.96 8.08 8.47
CA GLU A 75 5.11 8.06 9.37
C GLU A 75 6.04 6.90 9.05
N MET A 76 5.48 5.79 8.60
CA MET A 76 6.28 4.67 8.12
C MET A 76 7.14 5.13 6.96
N LEU A 77 6.49 5.80 6.03
CA LEU A 77 7.12 6.26 4.80
C LEU A 77 8.21 7.28 5.11
N ASP A 78 7.96 8.13 6.09
CA ASP A 78 8.91 9.16 6.52
C ASP A 78 10.18 8.51 7.05
N ALA A 79 9.99 7.62 8.01
CA ALA A 79 11.10 6.94 8.66
C ALA A 79 11.78 5.95 7.72
N ASN A 80 11.13 5.65 6.60
CA ASN A 80 11.67 4.72 5.62
C ASN A 80 12.48 5.46 4.57
N MET A 81 12.40 6.78 4.58
CA MET A 81 13.17 7.60 3.64
C MET A 81 14.41 8.19 4.30
N GLU A 82 14.18 8.90 5.40
CA GLU A 82 15.25 9.69 6.01
C GLU A 82 16.35 8.84 6.61
N ASP A 83 16.11 7.55 6.81
CA ASP A 83 17.14 6.67 7.33
C ASP A 83 18.20 6.45 6.26
N TYR A 84 17.77 6.43 5.01
CA TYR A 84 18.69 6.44 3.87
C TYR A 84 19.25 7.84 3.65
N ILE A 85 18.39 8.83 3.84
CA ILE A 85 18.78 10.23 3.65
C ILE A 85 19.93 10.60 4.59
N GLU A 86 19.74 10.38 5.88
CA GLU A 86 20.74 10.73 6.89
C GLU A 86 22.07 10.01 6.62
N ASN A 87 22.00 8.80 6.11
CA ASN A 87 23.20 7.99 5.87
C ASN A 87 23.71 8.15 4.45
N PHE A 88 23.27 9.20 3.76
CA PHE A 88 23.72 9.49 2.40
C PHE A 88 25.24 9.54 2.32
N ASP A 89 25.85 10.32 3.21
CA ASP A 89 27.29 10.46 3.24
C ASP A 89 27.98 9.12 3.50
N HIS A 90 27.29 8.23 4.20
CA HIS A 90 27.79 6.89 4.48
C HIS A 90 27.78 6.06 3.19
N TYR A 91 26.62 5.99 2.56
CA TYR A 91 26.47 5.23 1.32
C TYR A 91 27.33 5.84 0.21
N ARG A 92 27.45 7.16 0.21
CA ARG A 92 28.27 7.85 -0.77
C ARG A 92 29.75 7.60 -0.50
N ALA A 93 30.04 6.96 0.61
CA ALA A 93 31.41 6.59 0.95
C ALA A 93 31.66 5.13 0.60
N THR A 94 30.61 4.33 0.60
CA THR A 94 30.72 2.93 0.25
C THR A 94 30.63 2.73 -1.26
N GLN A 95 29.90 3.62 -1.93
CA GLN A 95 29.78 3.56 -3.38
C GLN A 95 30.33 4.84 -4.01
N LYS A 96 30.74 4.73 -5.26
CA LYS A 96 31.39 5.84 -5.95
C LYS A 96 30.76 6.05 -7.32
N SER B 1 -7.96 -8.75 -23.01
CA SER B 1 -7.16 -7.76 -22.32
C SER B 1 -7.08 -8.07 -20.83
N ASN B 2 -5.94 -8.60 -20.40
CA ASN B 2 -5.72 -8.91 -18.99
C ASN B 2 -5.60 -7.64 -18.17
N ASN B 3 -5.24 -6.55 -18.83
CA ASN B 3 -5.22 -5.24 -18.21
C ASN B 3 -5.40 -4.17 -19.28
N GLU B 4 -6.24 -3.18 -19.00
CA GLU B 4 -6.55 -2.15 -19.98
C GLU B 4 -5.56 -0.98 -19.87
N ASN B 5 -5.92 0.01 -19.08
CA ASN B 5 -5.08 1.18 -18.90
C ASN B 5 -4.23 1.01 -17.65
N ALA B 6 -4.77 0.25 -16.70
CA ALA B 6 -4.09 -0.01 -15.46
C ALA B 6 -3.51 -1.41 -15.45
N PHE B 7 -2.55 -1.61 -14.57
CA PHE B 7 -1.83 -2.87 -14.43
C PHE B 7 -2.62 -3.88 -13.57
N TYR B 8 -3.89 -4.05 -13.89
CA TYR B 8 -4.80 -4.91 -13.11
C TYR B 8 -4.17 -6.26 -12.81
N ALA B 9 -3.71 -6.94 -13.85
CA ALA B 9 -3.14 -8.27 -13.73
C ALA B 9 -1.94 -8.31 -12.78
N ARG B 10 -1.14 -7.25 -12.80
CA ARG B 10 0.06 -7.20 -12.00
C ARG B 10 -0.25 -7.04 -10.52
N ALA B 11 -1.12 -6.08 -10.20
CA ALA B 11 -1.46 -5.78 -8.81
C ALA B 11 -2.16 -6.97 -8.19
N THR B 12 -2.78 -7.74 -9.05
CA THR B 12 -3.41 -8.97 -8.69
C THR B 12 -2.39 -10.00 -8.15
N GLU B 13 -1.16 -9.96 -8.66
CA GLU B 13 -0.14 -10.90 -8.24
C GLU B 13 0.37 -10.51 -6.86
N LEU B 14 0.31 -9.21 -6.59
CA LEU B 14 0.68 -8.66 -5.30
C LEU B 14 -0.27 -9.16 -4.23
N ILE B 15 -1.57 -9.14 -4.55
CA ILE B 15 -2.60 -9.64 -3.66
C ILE B 15 -2.51 -11.15 -3.52
N LYS B 16 -1.99 -11.81 -4.57
CA LYS B 16 -1.83 -13.24 -4.58
C LYS B 16 -0.90 -13.68 -3.45
N LEU B 17 0.10 -12.87 -3.14
CA LEU B 17 1.01 -13.19 -2.04
C LEU B 17 0.27 -13.04 -0.72
N ALA B 18 -0.54 -11.99 -0.62
CA ALA B 18 -1.33 -11.73 0.57
C ALA B 18 -2.28 -12.89 0.86
N ASN B 19 -2.86 -13.43 -0.21
CA ASN B 19 -3.78 -14.57 -0.11
C ASN B 19 -3.08 -15.78 0.51
N GLN B 20 -1.76 -15.85 0.34
CA GLN B 20 -1.00 -16.98 0.87
C GLN B 20 -0.74 -16.82 2.36
N GLN B 21 -0.62 -15.58 2.82
CA GLN B 21 -0.37 -15.30 4.23
C GLN B 21 -1.66 -15.37 5.03
N ASN B 22 -2.76 -15.09 4.34
CA ASN B 22 -4.08 -15.09 4.98
C ASN B 22 -4.56 -16.52 5.21
N GLN B 23 -3.76 -17.49 4.79
CA GLN B 23 -4.10 -18.89 4.93
C GLN B 23 -3.83 -19.39 6.36
N ASN B 24 -3.34 -18.51 7.22
CA ASN B 24 -3.04 -18.90 8.58
C ASN B 24 -4.30 -18.92 9.42
N THR B 25 -4.21 -19.55 10.58
CA THR B 25 -5.36 -19.77 11.42
C THR B 25 -5.51 -18.70 12.51
N GLU B 26 -4.40 -18.28 13.12
CA GLU B 26 -4.47 -17.34 14.24
C GLU B 26 -4.17 -15.90 13.82
N ILE B 27 -3.95 -15.66 12.54
CA ILE B 27 -3.74 -14.30 12.06
C ILE B 27 -5.05 -13.73 11.56
N GLN B 28 -5.22 -12.44 11.75
CA GLN B 28 -6.40 -11.74 11.29
C GLN B 28 -6.25 -11.39 9.82
N THR B 29 -7.36 -11.38 9.10
CA THR B 29 -7.35 -11.00 7.69
C THR B 29 -6.77 -9.60 7.53
N GLY B 30 -6.92 -8.78 8.58
CA GLY B 30 -6.45 -7.41 8.55
C GLY B 30 -4.96 -7.29 8.72
N GLU B 31 -4.31 -8.30 9.29
CA GLU B 31 -2.87 -8.23 9.55
C GLU B 31 -2.10 -8.33 8.25
N VAL B 32 -2.68 -9.07 7.31
CA VAL B 32 -2.09 -9.20 5.99
C VAL B 32 -2.21 -7.87 5.24
N SER B 33 -3.36 -7.22 5.42
CA SER B 33 -3.60 -5.90 4.82
C SER B 33 -2.60 -4.89 5.37
N ALA B 34 -2.30 -5.01 6.66
CA ALA B 34 -1.35 -4.13 7.31
C ALA B 34 0.05 -4.36 6.77
N SER B 35 0.38 -5.61 6.46
CA SER B 35 1.69 -5.94 5.91
C SER B 35 1.83 -5.32 4.52
N PHE B 36 0.72 -5.29 3.79
CA PHE B 36 0.69 -4.66 2.49
C PHE B 36 0.88 -3.15 2.63
N MET B 37 0.30 -2.59 3.69
CA MET B 37 0.41 -1.17 3.97
C MET B 37 1.86 -0.78 4.25
N TRP B 38 2.48 -1.49 5.18
CA TRP B 38 3.87 -1.25 5.55
C TRP B 38 4.82 -1.50 4.37
N ALA B 39 4.53 -2.54 3.60
CA ALA B 39 5.37 -2.89 2.46
C ALA B 39 5.35 -1.81 1.40
N LEU B 40 4.22 -1.11 1.26
CA LEU B 40 4.12 -0.01 0.31
C LEU B 40 5.07 1.11 0.72
N ALA B 41 5.16 1.34 2.02
CA ALA B 41 6.07 2.36 2.54
C ALA B 41 7.51 1.98 2.24
N ARG B 42 7.84 0.72 2.46
CA ARG B 42 9.17 0.19 2.18
C ARG B 42 9.55 0.37 0.71
N TYR B 43 8.64 -0.02 -0.17
CA TYR B 43 8.92 -0.02 -1.61
C TYR B 43 8.89 1.38 -2.18
N ASN B 44 7.98 2.21 -1.69
CA ASN B 44 7.80 3.56 -2.22
C ASN B 44 8.92 4.49 -1.78
N ALA B 45 9.33 4.37 -0.53
CA ALA B 45 10.38 5.22 0.03
C ALA B 45 11.72 4.94 -0.63
N TRP B 46 11.85 3.76 -1.21
CA TRP B 46 13.03 3.36 -1.97
C TRP B 46 13.27 4.34 -3.13
N PHE B 47 12.19 4.89 -3.67
CA PHE B 47 12.28 5.84 -4.77
C PHE B 47 12.76 7.21 -4.29
N GLY B 48 12.80 7.39 -2.98
CA GLY B 48 13.34 8.61 -2.43
C GLY B 48 14.84 8.68 -2.61
N SER B 49 15.49 7.52 -2.61
CA SER B 49 16.94 7.44 -2.73
C SER B 49 17.39 7.74 -4.16
N THR B 50 16.45 7.86 -5.07
CA THR B 50 16.75 8.21 -6.45
C THR B 50 16.02 9.49 -6.82
N SER B 51 15.65 10.27 -5.80
CA SER B 51 14.87 11.48 -6.01
C SER B 51 15.78 12.70 -6.21
N PHE B 52 16.87 12.77 -5.46
CA PHE B 52 17.76 13.93 -5.53
C PHE B 52 19.23 13.52 -5.54
N GLU B 53 20.10 14.51 -5.39
CA GLU B 53 21.54 14.32 -5.44
C GLU B 53 22.15 14.27 -4.04
N THR B 54 21.81 15.26 -3.21
CA THR B 54 22.36 15.36 -1.87
C THR B 54 21.28 15.10 -0.84
N LYS B 55 21.68 14.67 0.35
CA LYS B 55 20.71 14.42 1.41
C LYS B 55 20.09 15.71 1.88
N GLU B 56 20.81 16.81 1.74
CA GLU B 56 20.33 18.12 2.14
C GLU B 56 19.02 18.44 1.41
N GLN B 57 19.06 18.34 0.09
CA GLN B 57 17.91 18.66 -0.73
C GLN B 57 16.91 17.50 -0.73
N MET B 58 17.44 16.28 -0.69
CA MET B 58 16.62 15.07 -0.67
C MET B 58 15.75 15.02 0.59
N GLN B 59 16.32 15.43 1.71
CA GLN B 59 15.63 15.44 3.00
C GLN B 59 14.40 16.34 2.94
N ALA B 60 14.54 17.48 2.30
CA ALA B 60 13.46 18.46 2.18
C ALA B 60 12.37 17.95 1.24
N LYS B 61 12.71 16.96 0.43
CA LYS B 61 11.79 16.44 -0.56
C LYS B 61 10.99 15.29 0.00
N LYS B 62 11.48 14.71 1.10
CA LYS B 62 10.83 13.59 1.74
C LYS B 62 9.35 13.85 1.92
N GLN B 63 9.04 14.88 2.69
CA GLN B 63 7.66 15.22 2.99
C GLN B 63 6.93 15.71 1.73
N GLU B 64 7.66 16.27 0.79
CA GLU B 64 7.06 16.79 -0.43
C GLU B 64 6.61 15.67 -1.37
N MET B 65 7.39 14.59 -1.43
CA MET B 65 7.04 13.48 -2.30
C MET B 65 6.03 12.58 -1.60
N MET B 66 6.06 12.62 -0.28
CA MET B 66 5.15 11.85 0.55
C MET B 66 3.79 12.51 0.66
N ASP B 67 3.75 13.83 0.49
CA ASP B 67 2.56 14.62 0.81
C ASP B 67 1.34 14.15 0.04
N TYR B 68 1.55 13.72 -1.20
CA TYR B 68 0.46 13.29 -2.03
C TYR B 68 0.42 11.76 -2.12
N TYR B 69 1.40 11.09 -1.51
CA TYR B 69 1.48 9.63 -1.56
C TYR B 69 0.30 9.00 -0.83
N MET B 70 -0.05 9.54 0.33
CA MET B 70 -1.24 9.08 1.05
C MET B 70 -2.47 9.22 0.16
N ASP B 71 -2.56 10.37 -0.50
CA ASP B 71 -3.73 10.76 -1.28
C ASP B 71 -3.66 10.19 -2.71
N ARG B 72 -2.82 9.20 -2.94
CA ARG B 72 -2.63 8.70 -4.29
C ARG B 72 -3.60 7.59 -4.61
N TYR B 73 -3.73 6.63 -3.71
CA TYR B 73 -4.59 5.49 -3.94
C TYR B 73 -5.92 5.72 -3.27
N LYS B 74 -6.15 6.96 -2.84
CA LYS B 74 -7.40 7.33 -2.19
C LYS B 74 -8.58 7.05 -3.10
N GLU B 75 -8.56 7.66 -4.27
CA GLU B 75 -9.62 7.47 -5.26
C GLU B 75 -9.72 6.01 -5.70
N MET B 76 -8.57 5.36 -5.81
CA MET B 76 -8.52 3.93 -6.15
C MET B 76 -9.26 3.13 -5.10
N LEU B 77 -9.00 3.45 -3.84
CA LEU B 77 -9.55 2.74 -2.71
C LEU B 77 -11.04 3.04 -2.56
N ASP B 78 -11.40 4.31 -2.74
CA ASP B 78 -12.79 4.75 -2.68
C ASP B 78 -13.63 3.98 -3.68
N ALA B 79 -13.06 3.80 -4.87
CA ALA B 79 -13.73 3.13 -5.97
C ALA B 79 -13.91 1.63 -5.72
N ASN B 80 -13.22 1.10 -4.73
CA ASN B 80 -13.35 -0.32 -4.41
C ASN B 80 -14.29 -0.53 -3.25
N MET B 81 -14.71 0.57 -2.63
CA MET B 81 -15.68 0.51 -1.55
C MET B 81 -17.09 0.73 -2.08
N GLU B 82 -17.25 1.82 -2.84
CA GLU B 82 -18.55 2.25 -3.32
C GLU B 82 -19.26 1.16 -4.12
N ASP B 83 -18.48 0.27 -4.71
CA ASP B 83 -19.01 -0.86 -5.47
C ASP B 83 -19.91 -1.73 -4.59
N TYR B 84 -19.45 -1.98 -3.37
CA TYR B 84 -20.22 -2.75 -2.40
C TYR B 84 -21.26 -1.86 -1.71
N ILE B 85 -20.91 -0.60 -1.49
CA ILE B 85 -21.76 0.35 -0.79
C ILE B 85 -23.11 0.51 -1.49
N GLU B 86 -23.09 0.90 -2.75
CA GLU B 86 -24.32 1.17 -3.49
C GLU B 86 -25.15 -0.09 -3.66
N ASN B 87 -24.48 -1.24 -3.71
CA ASN B 87 -25.18 -2.50 -3.92
C ASN B 87 -25.38 -3.25 -2.61
N PHE B 88 -25.16 -2.57 -1.49
CA PHE B 88 -25.27 -3.20 -0.17
C PHE B 88 -26.64 -3.83 0.01
N ASP B 89 -27.69 -3.04 -0.13
CA ASP B 89 -29.05 -3.53 0.09
C ASP B 89 -29.42 -4.57 -0.95
N HIS B 90 -28.72 -4.55 -2.09
CA HIS B 90 -28.91 -5.55 -3.13
C HIS B 90 -28.43 -6.90 -2.61
N TYR B 91 -27.20 -6.94 -2.11
CA TYR B 91 -26.64 -8.17 -1.54
C TYR B 91 -27.37 -8.54 -0.27
N ARG B 92 -27.74 -7.53 0.50
CA ARG B 92 -28.43 -7.71 1.76
C ARG B 92 -29.85 -8.24 1.51
N ALA B 93 -30.32 -8.11 0.27
CA ALA B 93 -31.65 -8.58 -0.09
C ALA B 93 -31.61 -10.01 -0.60
N THR B 94 -30.45 -10.41 -1.14
CA THR B 94 -30.30 -11.75 -1.67
C THR B 94 -29.76 -12.71 -0.61
N GLN B 95 -29.17 -12.14 0.45
CA GLN B 95 -28.64 -12.95 1.53
C GLN B 95 -29.75 -13.38 2.48
N LYS B 96 -29.63 -14.60 2.98
CA LYS B 96 -30.58 -15.14 3.91
C LYS B 96 -29.83 -15.61 5.15
N SER A 1 12.52 -16.08 11.83
CA SER A 1 11.38 -16.72 11.13
C SER A 1 10.07 -16.05 11.53
N ASN A 2 9.83 -15.93 12.83
CA ASN A 2 8.62 -15.27 13.31
C ASN A 2 8.80 -13.76 13.30
N ASN A 3 7.73 -13.05 13.08
CA ASN A 3 7.77 -11.59 13.13
C ASN A 3 7.76 -11.14 14.59
N GLU A 4 8.61 -10.17 14.92
CA GLU A 4 8.76 -9.71 16.29
C GLU A 4 7.50 -8.99 16.76
N ASN A 5 7.39 -7.72 16.42
CA ASN A 5 6.22 -6.93 16.76
C ASN A 5 5.46 -6.59 15.49
N ALA A 6 6.20 -6.22 14.45
CA ALA A 6 5.61 -5.98 13.15
C ALA A 6 5.67 -7.24 12.31
N PHE A 7 4.75 -7.34 11.37
CA PHE A 7 4.62 -8.51 10.51
C PHE A 7 5.65 -8.51 9.37
N TYR A 8 6.92 -8.36 9.73
CA TYR A 8 8.02 -8.31 8.76
C TYR A 8 7.97 -9.52 7.81
N ALA A 9 7.79 -10.71 8.39
CA ALA A 9 7.86 -11.96 7.64
C ALA A 9 6.66 -12.15 6.72
N ARG A 10 5.68 -11.25 6.81
CA ARG A 10 4.50 -11.32 5.97
C ARG A 10 4.62 -10.35 4.81
N ALA A 11 4.75 -9.06 5.14
CA ALA A 11 4.89 -8.01 4.13
C ALA A 11 6.04 -8.26 3.16
N THR A 12 7.04 -9.02 3.60
CA THR A 12 8.21 -9.30 2.78
C THR A 12 7.81 -10.08 1.51
N GLU A 13 6.71 -10.83 1.57
CA GLU A 13 6.29 -11.62 0.43
C GLU A 13 5.49 -10.76 -0.52
N LEU A 14 4.89 -9.72 0.02
CA LEU A 14 4.13 -8.76 -0.77
C LEU A 14 5.08 -7.98 -1.67
N ILE A 15 6.14 -7.46 -1.06
CA ILE A 15 7.19 -6.77 -1.80
C ILE A 15 7.90 -7.76 -2.72
N LYS A 16 7.92 -9.02 -2.31
CA LYS A 16 8.55 -10.08 -3.08
C LYS A 16 7.86 -10.25 -4.44
N LEU A 17 6.54 -10.12 -4.47
CA LEU A 17 5.79 -10.22 -5.72
C LEU A 17 6.17 -9.06 -6.62
N ALA A 18 6.17 -7.87 -6.04
CA ALA A 18 6.55 -6.65 -6.75
C ALA A 18 7.96 -6.76 -7.32
N ASN A 19 8.83 -7.43 -6.57
CA ASN A 19 10.23 -7.62 -6.98
C ASN A 19 10.30 -8.37 -8.31
N GLN A 20 9.38 -9.27 -8.53
CA GLN A 20 9.35 -10.07 -9.75
C GLN A 20 8.93 -9.23 -10.94
N GLN A 21 7.93 -8.38 -10.75
CA GLN A 21 7.45 -7.52 -11.83
C GLN A 21 8.45 -6.40 -12.09
N ASN A 22 9.28 -6.14 -11.09
CA ASN A 22 10.30 -5.12 -11.18
C ASN A 22 11.56 -5.66 -11.87
N GLN A 23 11.55 -6.96 -12.17
CA GLN A 23 12.68 -7.60 -12.85
C GLN A 23 12.62 -7.37 -14.36
N ASN A 24 11.85 -6.40 -14.79
CA ASN A 24 11.68 -6.14 -16.21
C ASN A 24 12.46 -4.90 -16.62
N THR A 25 12.78 -4.81 -17.90
CA THR A 25 13.67 -3.78 -18.40
C THR A 25 12.92 -2.63 -19.06
N GLU A 26 11.84 -2.91 -19.78
CA GLU A 26 11.10 -1.86 -20.49
C GLU A 26 10.09 -1.20 -19.56
N ILE A 27 10.01 -1.68 -18.33
CA ILE A 27 9.12 -1.10 -17.34
C ILE A 27 9.87 -0.14 -16.46
N GLN A 28 9.18 0.90 -16.06
CA GLN A 28 9.71 1.86 -15.12
C GLN A 28 9.57 1.28 -13.72
N THR A 29 10.56 1.49 -12.89
CA THR A 29 10.56 0.92 -11.55
C THR A 29 9.34 1.36 -10.75
N GLY A 30 8.79 2.51 -11.13
CA GLY A 30 7.62 3.04 -10.45
C GLY A 30 6.31 2.44 -10.92
N GLU A 31 6.33 1.69 -12.03
CA GLU A 31 5.09 1.10 -12.54
C GLU A 31 4.61 0.00 -11.62
N VAL A 32 5.55 -0.67 -10.98
CA VAL A 32 5.24 -1.75 -10.06
C VAL A 32 4.81 -1.17 -8.71
N SER A 33 5.40 -0.03 -8.37
CA SER A 33 5.06 0.68 -7.15
C SER A 33 3.61 1.13 -7.19
N ALA A 34 3.21 1.65 -8.34
CA ALA A 34 1.86 2.14 -8.53
C ALA A 34 0.84 1.01 -8.46
N SER A 35 1.20 -0.16 -9.00
CA SER A 35 0.29 -1.30 -8.98
C SER A 35 0.16 -1.85 -7.58
N PHE A 36 1.19 -1.67 -6.77
CA PHE A 36 1.15 -2.08 -5.37
C PHE A 36 0.19 -1.18 -4.61
N MET A 37 0.18 0.09 -4.96
CA MET A 37 -0.67 1.06 -4.31
C MET A 37 -2.13 0.87 -4.73
N TRP A 38 -2.34 0.79 -6.03
CA TRP A 38 -3.67 0.49 -6.60
C TRP A 38 -4.24 -0.78 -5.98
N ALA A 39 -3.39 -1.78 -5.80
CA ALA A 39 -3.81 -3.05 -5.21
C ALA A 39 -4.20 -2.88 -3.74
N LEU A 40 -3.53 -1.98 -3.04
CA LEU A 40 -3.82 -1.71 -1.65
C LEU A 40 -5.21 -1.10 -1.52
N ALA A 41 -5.58 -0.28 -2.48
CA ALA A 41 -6.90 0.34 -2.51
C ALA A 41 -7.98 -0.72 -2.63
N ARG A 42 -7.77 -1.69 -3.52
CA ARG A 42 -8.75 -2.74 -3.74
C ARG A 42 -8.86 -3.64 -2.50
N TYR A 43 -7.82 -3.68 -1.70
CA TYR A 43 -7.78 -4.55 -0.53
C TYR A 43 -8.35 -3.84 0.70
N ASN A 44 -7.90 -2.60 0.93
CA ASN A 44 -8.32 -1.83 2.11
C ASN A 44 -9.80 -1.50 2.06
N ALA A 45 -10.37 -1.43 0.86
CA ALA A 45 -11.78 -1.10 0.70
C ALA A 45 -12.68 -2.21 1.27
N TRP A 46 -12.08 -3.36 1.53
CA TRP A 46 -12.79 -4.48 2.14
C TRP A 46 -13.28 -4.08 3.53
N PHE A 47 -12.54 -3.22 4.20
CA PHE A 47 -12.89 -2.78 5.55
C PHE A 47 -14.11 -1.87 5.53
N GLY A 48 -14.49 -1.43 4.35
CA GLY A 48 -15.71 -0.68 4.22
C GLY A 48 -16.91 -1.56 4.52
N SER A 49 -16.77 -2.84 4.18
CA SER A 49 -17.82 -3.81 4.40
C SER A 49 -17.88 -4.25 5.87
N THR A 50 -16.87 -3.84 6.63
CA THR A 50 -16.81 -4.14 8.05
C THR A 50 -17.11 -2.89 8.87
N SER A 51 -17.30 -1.77 8.17
CA SER A 51 -17.49 -0.49 8.81
C SER A 51 -18.88 -0.40 9.44
N PHE A 52 -19.88 -0.88 8.71
CA PHE A 52 -21.25 -0.82 9.16
C PHE A 52 -22.05 -1.99 8.59
N GLU A 53 -23.32 -2.07 8.97
CA GLU A 53 -24.17 -3.16 8.53
C GLU A 53 -25.04 -2.76 7.35
N THR A 54 -25.75 -1.65 7.49
CA THR A 54 -26.64 -1.19 6.45
C THR A 54 -25.90 -0.30 5.47
N LYS A 55 -26.31 -0.32 4.22
CA LYS A 55 -25.65 0.47 3.20
C LYS A 55 -25.84 1.96 3.47
N GLU A 56 -26.91 2.29 4.16
CA GLU A 56 -27.22 3.68 4.46
C GLU A 56 -26.15 4.28 5.37
N GLN A 57 -25.72 3.50 6.35
CA GLN A 57 -24.68 3.95 7.27
C GLN A 57 -23.31 3.67 6.67
N MET A 58 -23.20 2.53 6.01
CA MET A 58 -21.94 2.07 5.42
C MET A 58 -21.46 3.02 4.31
N GLN A 59 -22.39 3.45 3.46
CA GLN A 59 -22.05 4.30 2.32
C GLN A 59 -21.62 5.69 2.78
N ALA A 60 -22.23 6.16 3.85
CA ALA A 60 -21.95 7.50 4.36
C ALA A 60 -20.62 7.57 5.08
N LYS A 61 -19.90 6.45 5.09
CA LYS A 61 -18.62 6.37 5.78
C LYS A 61 -17.50 6.18 4.79
N LYS A 62 -17.87 6.07 3.51
CA LYS A 62 -16.91 5.79 2.46
C LYS A 62 -15.70 6.72 2.55
N GLN A 63 -15.95 8.01 2.49
CA GLN A 63 -14.88 8.97 2.51
C GLN A 63 -14.39 9.19 3.94
N GLU A 64 -15.24 8.87 4.91
CA GLU A 64 -14.89 9.06 6.31
C GLU A 64 -13.86 8.04 6.79
N MET A 65 -13.98 6.79 6.37
CA MET A 65 -13.02 5.79 6.81
C MET A 65 -11.80 5.83 5.94
N MET A 66 -11.95 6.43 4.77
CA MET A 66 -10.86 6.57 3.82
C MET A 66 -10.03 7.80 4.12
N ASP A 67 -10.61 8.76 4.83
CA ASP A 67 -9.99 10.08 5.01
C ASP A 67 -8.62 9.94 5.66
N TYR A 68 -8.52 9.06 6.63
CA TYR A 68 -7.28 8.85 7.35
C TYR A 68 -6.50 7.67 6.78
N TYR A 69 -7.14 6.91 5.87
CA TYR A 69 -6.49 5.75 5.26
C TYR A 69 -5.25 6.14 4.50
N MET A 70 -5.31 7.27 3.80
CA MET A 70 -4.15 7.80 3.11
C MET A 70 -3.01 8.00 4.10
N ASP A 71 -3.33 8.68 5.20
CA ASP A 71 -2.33 9.14 6.15
C ASP A 71 -2.03 8.08 7.22
N ARG A 72 -2.21 6.81 6.86
CA ARG A 72 -2.00 5.71 7.82
C ARG A 72 -0.57 5.18 7.74
N TYR A 73 -0.14 4.80 6.55
CA TYR A 73 1.19 4.23 6.37
C TYR A 73 2.24 5.32 6.33
N LYS A 74 1.81 6.54 6.59
CA LYS A 74 2.68 7.70 6.58
C LYS A 74 3.79 7.55 7.62
N GLU A 75 3.40 7.14 8.82
CA GLU A 75 4.33 6.99 9.93
C GLU A 75 5.32 5.86 9.65
N MET A 76 4.86 4.83 8.95
CA MET A 76 5.71 3.71 8.57
C MET A 76 6.72 4.17 7.53
N LEU A 77 6.25 4.99 6.60
CA LEU A 77 7.03 5.43 5.46
C LEU A 77 8.22 6.31 5.90
N ASP A 78 7.99 7.15 6.91
CA ASP A 78 9.03 8.05 7.39
C ASP A 78 10.17 7.26 8.02
N ALA A 79 9.84 6.15 8.65
CA ALA A 79 10.82 5.29 9.27
C ALA A 79 11.62 4.52 8.23
N ASN A 80 11.10 4.50 7.00
CA ASN A 80 11.76 3.81 5.91
C ASN A 80 12.67 4.76 5.15
N MET A 81 12.42 6.06 5.30
CA MET A 81 13.26 7.08 4.69
C MET A 81 14.56 7.26 5.44
N GLU A 82 15.26 8.33 5.10
CA GLU A 82 16.55 8.69 5.68
C GLU A 82 17.63 7.68 5.31
N ASP A 83 17.25 6.59 4.68
CA ASP A 83 18.20 5.65 4.14
C ASP A 83 18.75 6.19 2.82
N TYR A 84 19.98 5.83 2.52
CA TYR A 84 20.75 6.35 1.39
C TYR A 84 21.21 7.77 1.68
N ILE A 85 20.31 8.55 2.27
CA ILE A 85 20.57 9.91 2.67
C ILE A 85 21.77 9.99 3.59
N GLU A 86 21.67 9.27 4.70
CA GLU A 86 22.72 9.23 5.71
C GLU A 86 24.04 8.77 5.12
N ASN A 87 23.97 7.98 4.05
CA ASN A 87 25.16 7.39 3.47
C ASN A 87 25.61 8.15 2.24
N PHE A 88 24.93 9.25 1.92
CA PHE A 88 25.30 10.04 0.74
C PHE A 88 26.73 10.53 0.86
N ASP A 89 27.08 11.09 2.01
CA ASP A 89 28.43 11.57 2.26
C ASP A 89 29.41 10.40 2.23
N HIS A 90 28.94 9.23 2.65
CA HIS A 90 29.75 8.01 2.63
C HIS A 90 30.11 7.66 1.19
N TYR A 91 29.09 7.52 0.34
CA TYR A 91 29.31 7.17 -1.06
C TYR A 91 30.09 8.26 -1.77
N ARG A 92 29.71 9.50 -1.51
CA ARG A 92 30.32 10.66 -2.13
C ARG A 92 31.80 10.77 -1.73
N ALA A 93 32.16 10.13 -0.64
CA ALA A 93 33.53 10.18 -0.13
C ALA A 93 34.38 9.08 -0.75
N THR A 94 33.76 7.93 -0.98
CA THR A 94 34.46 6.79 -1.55
C THR A 94 34.59 6.91 -3.06
N GLN A 95 33.59 7.50 -3.70
CA GLN A 95 33.59 7.63 -5.15
C GLN A 95 34.54 8.74 -5.58
N LYS A 96 35.07 8.63 -6.78
CA LYS A 96 36.08 9.56 -7.26
C LYS A 96 35.66 10.17 -8.59
N SER B 1 -4.23 -10.36 -18.60
CA SER B 1 -2.87 -9.99 -18.95
C SER B 1 -2.88 -8.82 -19.95
N ASN B 2 -4.02 -8.62 -20.60
CA ASN B 2 -4.16 -7.55 -21.57
C ASN B 2 -4.78 -6.32 -20.89
N ASN B 3 -3.95 -5.32 -20.64
CA ASN B 3 -4.40 -4.11 -19.96
C ASN B 3 -4.86 -3.05 -20.98
N GLU B 4 -5.73 -2.17 -20.53
CA GLU B 4 -6.14 -1.04 -21.35
C GLU B 4 -5.18 0.13 -21.15
N ASN B 5 -5.43 0.94 -20.14
CA ASN B 5 -4.56 2.07 -19.84
C ASN B 5 -3.82 1.85 -18.53
N ALA B 6 -4.40 1.03 -17.66
CA ALA B 6 -3.84 0.77 -16.35
C ALA B 6 -2.96 -0.47 -16.33
N PHE B 7 -2.75 -1.00 -15.14
CA PHE B 7 -1.88 -2.15 -14.95
C PHE B 7 -2.58 -3.27 -14.18
N TYR B 8 -3.83 -3.52 -14.57
CA TYR B 8 -4.68 -4.51 -13.88
C TYR B 8 -3.99 -5.86 -13.74
N ALA B 9 -3.45 -6.35 -14.86
CA ALA B 9 -2.79 -7.65 -14.90
C ALA B 9 -1.60 -7.72 -13.93
N ARG B 10 -1.04 -6.57 -13.61
CA ARG B 10 0.10 -6.52 -12.70
C ARG B 10 -0.39 -6.54 -11.26
N ALA B 11 -1.18 -5.54 -10.88
CA ALA B 11 -1.67 -5.38 -9.51
C ALA B 11 -2.43 -6.60 -9.00
N THR B 12 -3.04 -7.35 -9.92
CA THR B 12 -3.84 -8.51 -9.53
C THR B 12 -2.94 -9.63 -8.96
N GLU B 13 -1.64 -9.57 -9.28
CA GLU B 13 -0.69 -10.54 -8.78
C GLU B 13 -0.28 -10.17 -7.36
N LEU B 14 -0.28 -8.87 -7.11
CA LEU B 14 0.09 -8.32 -5.81
C LEU B 14 -0.93 -8.72 -4.76
N ILE B 15 -2.20 -8.50 -5.06
CA ILE B 15 -3.29 -8.89 -4.17
C ILE B 15 -3.34 -10.40 -4.02
N LYS B 16 -2.95 -11.10 -5.08
CA LYS B 16 -2.97 -12.54 -5.12
C LYS B 16 -2.08 -13.14 -4.03
N LEU B 17 -0.98 -12.47 -3.71
CA LEU B 17 -0.10 -12.95 -2.65
C LEU B 17 -0.79 -12.77 -1.30
N ALA B 18 -1.48 -11.65 -1.14
CA ALA B 18 -2.19 -11.35 0.10
C ALA B 18 -3.30 -12.38 0.34
N ASN B 19 -3.87 -12.88 -0.75
CA ASN B 19 -4.90 -13.91 -0.65
C ASN B 19 -4.35 -15.18 -0.03
N GLN B 20 -3.07 -15.45 -0.28
CA GLN B 20 -2.42 -16.64 0.25
C GLN B 20 -2.03 -16.44 1.71
N GLN B 21 -1.99 -15.20 2.16
CA GLN B 21 -1.72 -14.91 3.55
C GLN B 21 -3.02 -14.80 4.33
N ASN B 22 -4.09 -14.47 3.62
CA ASN B 22 -5.42 -14.38 4.22
C ASN B 22 -6.02 -15.77 4.37
N GLN B 23 -5.22 -16.78 4.04
CA GLN B 23 -5.60 -18.17 4.29
C GLN B 23 -5.48 -18.45 5.79
N ASN B 24 -4.87 -17.51 6.49
CA ASN B 24 -4.77 -17.57 7.93
C ASN B 24 -6.08 -17.17 8.59
N THR B 25 -6.48 -17.94 9.57
CA THR B 25 -7.66 -17.66 10.36
C THR B 25 -7.22 -17.39 11.80
N GLU B 26 -5.99 -17.78 12.10
CA GLU B 26 -5.37 -17.50 13.39
C GLU B 26 -4.92 -16.04 13.46
N ILE B 27 -4.71 -15.44 12.30
CA ILE B 27 -4.34 -14.03 12.22
C ILE B 27 -5.57 -13.19 11.93
N GLN B 28 -5.50 -11.92 12.30
CA GLN B 28 -6.55 -10.97 11.97
C GLN B 28 -6.45 -10.58 10.51
N THR B 29 -7.59 -10.48 9.84
CA THR B 29 -7.62 -10.14 8.42
C THR B 29 -6.98 -8.77 8.18
N GLY B 30 -7.08 -7.91 9.19
CA GLY B 30 -6.49 -6.59 9.11
C GLY B 30 -4.97 -6.63 9.01
N GLU B 31 -4.36 -7.68 9.54
CA GLU B 31 -2.90 -7.77 9.54
C GLU B 31 -2.38 -8.05 8.13
N VAL B 32 -3.18 -8.78 7.36
CA VAL B 32 -2.82 -9.11 5.98
C VAL B 32 -2.95 -7.86 5.08
N SER B 33 -3.95 -7.05 5.36
CA SER B 33 -4.14 -5.81 4.63
C SER B 33 -3.08 -4.80 5.04
N ALA B 34 -2.74 -4.80 6.33
CA ALA B 34 -1.76 -3.87 6.86
C ALA B 34 -0.36 -4.19 6.34
N SER B 35 -0.06 -5.47 6.11
CA SER B 35 1.23 -5.86 5.59
C SER B 35 1.40 -5.40 4.16
N PHE B 36 0.29 -5.30 3.44
CA PHE B 36 0.32 -4.78 2.08
C PHE B 36 0.61 -3.28 2.13
N MET B 37 0.06 -2.62 3.14
CA MET B 37 0.25 -1.20 3.32
C MET B 37 1.67 -0.87 3.77
N TRP B 38 2.10 -1.54 4.83
CA TRP B 38 3.48 -1.42 5.33
C TRP B 38 4.49 -1.68 4.21
N ALA B 39 4.19 -2.66 3.37
CA ALA B 39 5.07 -3.00 2.26
C ALA B 39 5.16 -1.86 1.25
N LEU B 40 4.03 -1.17 1.04
CA LEU B 40 3.99 -0.04 0.13
C LEU B 40 4.86 1.09 0.63
N ALA B 41 4.89 1.25 1.95
CA ALA B 41 5.69 2.29 2.58
C ALA B 41 7.18 2.06 2.30
N ARG B 42 7.64 0.83 2.54
CA ARG B 42 9.02 0.47 2.30
C ARG B 42 9.37 0.57 0.82
N TYR B 43 8.39 0.26 -0.02
CA TYR B 43 8.59 0.26 -1.46
C TYR B 43 8.67 1.68 -2.01
N ASN B 44 7.83 2.57 -1.49
CA ASN B 44 7.79 3.95 -1.97
C ASN B 44 8.95 4.77 -1.43
N ALA B 45 9.51 4.35 -0.30
CA ALA B 45 10.64 5.06 0.30
C ALA B 45 11.90 4.88 -0.54
N TRP B 46 11.88 3.88 -1.41
CA TRP B 46 12.98 3.64 -2.34
C TRP B 46 13.19 4.86 -3.24
N PHE B 47 12.08 5.48 -3.62
CA PHE B 47 12.12 6.64 -4.52
C PHE B 47 12.58 7.90 -3.81
N GLY B 48 12.94 7.77 -2.55
CA GLY B 48 13.56 8.87 -1.86
C GLY B 48 14.91 9.18 -2.47
N SER B 49 15.59 8.12 -2.91
CA SER B 49 16.92 8.24 -3.48
C SER B 49 16.88 8.76 -4.92
N THR B 50 15.67 8.89 -5.45
CA THR B 50 15.51 9.37 -6.82
C THR B 50 14.90 10.76 -6.81
N SER B 51 14.60 11.27 -5.62
CA SER B 51 13.93 12.54 -5.47
C SER B 51 14.93 13.70 -5.58
N PHE B 52 16.12 13.51 -5.00
CA PHE B 52 17.11 14.58 -5.00
C PHE B 52 18.52 14.03 -5.11
N GLU B 53 19.48 14.94 -5.13
CA GLU B 53 20.87 14.61 -5.40
C GLU B 53 21.71 14.64 -4.13
N THR B 54 21.51 15.66 -3.31
CA THR B 54 22.29 15.84 -2.10
C THR B 54 21.44 15.47 -0.89
N LYS B 55 22.09 14.97 0.15
CA LYS B 55 21.36 14.58 1.35
C LYS B 55 20.83 15.80 2.06
N GLU B 56 21.51 16.92 1.87
CA GLU B 56 21.06 18.21 2.38
C GLU B 56 19.62 18.49 1.95
N GLN B 57 19.38 18.36 0.66
CA GLN B 57 18.07 18.63 0.10
C GLN B 57 17.18 17.40 0.25
N MET B 58 17.72 16.25 -0.11
CA MET B 58 16.98 14.99 -0.12
C MET B 58 16.37 14.67 1.24
N GLN B 59 17.12 14.91 2.32
CA GLN B 59 16.64 14.60 3.66
C GLN B 59 15.51 15.52 4.07
N ALA B 60 15.59 16.77 3.66
CA ALA B 60 14.56 17.76 3.97
C ALA B 60 13.34 17.55 3.09
N LYS B 61 13.47 16.64 2.14
CA LYS B 61 12.41 16.36 1.19
C LYS B 61 11.64 15.13 1.60
N LYS B 62 12.07 14.52 2.68
CA LYS B 62 11.42 13.32 3.19
C LYS B 62 9.91 13.54 3.30
N GLN B 63 9.53 14.62 3.95
CA GLN B 63 8.13 14.91 4.19
C GLN B 63 7.49 15.50 2.94
N GLU B 64 8.31 16.06 2.07
CA GLU B 64 7.81 16.70 0.85
C GLU B 64 7.52 15.68 -0.23
N MET B 65 8.26 14.57 -0.25
CA MET B 65 7.99 13.51 -1.21
C MET B 65 6.89 12.63 -0.67
N MET B 66 6.85 12.51 0.65
CA MET B 66 5.82 11.75 1.33
C MET B 66 4.56 12.59 1.49
N ASP B 67 4.64 13.85 1.08
CA ASP B 67 3.54 14.79 1.25
C ASP B 67 2.31 14.34 0.47
N TYR B 68 2.54 13.88 -0.74
CA TYR B 68 1.44 13.48 -1.61
C TYR B 68 1.33 11.98 -1.71
N TYR B 69 2.34 11.26 -1.18
CA TYR B 69 2.34 9.79 -1.23
C TYR B 69 1.07 9.23 -0.63
N MET B 70 0.75 9.68 0.58
CA MET B 70 -0.48 9.28 1.26
C MET B 70 -1.68 9.47 0.34
N ASP B 71 -1.88 10.70 -0.11
CA ASP B 71 -3.05 11.06 -0.90
C ASP B 71 -2.83 10.80 -2.38
N ARG B 72 -2.64 9.53 -2.73
CA ARG B 72 -2.51 9.14 -4.13
C ARG B 72 -3.56 8.11 -4.51
N TYR B 73 -3.75 7.09 -3.67
CA TYR B 73 -4.66 5.99 -4.00
C TYR B 73 -6.06 6.29 -3.47
N LYS B 74 -6.30 7.52 -3.06
CA LYS B 74 -7.57 7.92 -2.50
C LYS B 74 -8.70 7.67 -3.50
N GLU B 75 -8.57 8.23 -4.70
CA GLU B 75 -9.56 8.05 -5.75
C GLU B 75 -9.75 6.58 -6.11
N MET B 76 -8.63 5.86 -6.19
CA MET B 76 -8.66 4.43 -6.45
C MET B 76 -9.46 3.71 -5.38
N LEU B 77 -9.16 4.04 -4.14
CA LEU B 77 -9.78 3.44 -2.97
C LEU B 77 -11.28 3.76 -2.94
N ASP B 78 -11.62 4.96 -3.38
CA ASP B 78 -13.01 5.40 -3.46
C ASP B 78 -13.78 4.55 -4.47
N ALA B 79 -13.14 4.27 -5.60
CA ALA B 79 -13.75 3.51 -6.67
C ALA B 79 -13.79 2.03 -6.34
N ASN B 80 -13.03 1.62 -5.34
CA ASN B 80 -12.96 0.21 -4.95
C ASN B 80 -13.92 -0.06 -3.81
N MET B 81 -14.60 0.98 -3.34
CA MET B 81 -15.62 0.85 -2.32
C MET B 81 -16.99 0.61 -2.97
N GLU B 82 -17.99 0.48 -2.10
CA GLU B 82 -19.39 0.53 -2.49
C GLU B 82 -19.86 -0.66 -3.32
N ASP B 83 -19.02 -1.67 -3.49
CA ASP B 83 -19.43 -2.89 -4.19
C ASP B 83 -20.53 -3.61 -3.40
N TYR B 84 -20.27 -3.84 -2.12
CA TYR B 84 -21.26 -4.46 -1.25
C TYR B 84 -22.33 -3.46 -0.86
N ILE B 85 -21.98 -2.18 -0.91
CA ILE B 85 -22.91 -1.11 -0.56
C ILE B 85 -24.08 -1.07 -1.55
N GLU B 86 -23.75 -0.99 -2.83
CA GLU B 86 -24.77 -0.91 -3.88
C GLU B 86 -25.59 -2.21 -3.98
N ASN B 87 -25.02 -3.31 -3.48
CA ASN B 87 -25.68 -4.61 -3.58
C ASN B 87 -26.25 -5.06 -2.23
N PHE B 88 -26.17 -4.20 -1.23
CA PHE B 88 -26.63 -4.55 0.11
C PHE B 88 -28.09 -5.00 0.10
N ASP B 89 -28.93 -4.21 -0.56
CA ASP B 89 -30.35 -4.49 -0.63
C ASP B 89 -30.61 -5.84 -1.30
N HIS B 90 -29.67 -6.27 -2.14
CA HIS B 90 -29.77 -7.58 -2.78
C HIS B 90 -29.41 -8.68 -1.78
N TYR B 91 -28.22 -8.56 -1.19
CA TYR B 91 -27.75 -9.55 -0.23
C TYR B 91 -28.69 -9.67 0.95
N ARG B 92 -29.02 -8.53 1.54
CA ARG B 92 -29.88 -8.46 2.71
C ARG B 92 -31.24 -9.09 2.42
N ALA B 93 -31.65 -9.03 1.15
CA ALA B 93 -32.95 -9.54 0.77
C ALA B 93 -32.90 -11.06 0.57
N THR B 94 -31.83 -11.53 -0.04
CA THR B 94 -31.68 -12.95 -0.34
C THR B 94 -31.41 -13.77 0.92
N GLN B 95 -30.98 -13.11 1.99
CA GLN B 95 -30.65 -13.80 3.23
C GLN B 95 -31.81 -13.71 4.21
N LYS B 96 -32.02 -14.80 4.92
CA LYS B 96 -33.04 -14.87 5.95
C LYS B 96 -32.47 -15.52 7.20
N SER A 1 11.66 -13.40 17.35
CA SER A 1 12.65 -14.10 16.51
C SER A 1 12.35 -13.88 15.03
N ASN A 2 11.24 -14.45 14.55
CA ASN A 2 10.85 -14.31 13.15
C ASN A 2 10.19 -12.97 12.92
N ASN A 3 9.47 -12.49 13.92
CA ASN A 3 8.92 -11.14 13.89
C ASN A 3 8.80 -10.61 15.31
N GLU A 4 9.47 -9.51 15.58
CA GLU A 4 9.60 -9.02 16.94
C GLU A 4 8.33 -8.29 17.40
N ASN A 5 8.18 -7.03 17.00
CA ASN A 5 7.03 -6.24 17.42
C ASN A 5 5.95 -6.23 16.34
N ALA A 6 6.38 -6.50 15.12
CA ALA A 6 5.50 -6.38 13.98
C ALA A 6 5.59 -7.60 13.08
N PHE A 7 4.81 -7.58 12.01
CA PHE A 7 4.71 -8.69 11.07
C PHE A 7 5.83 -8.65 10.02
N TYR A 8 7.06 -8.45 10.48
CA TYR A 8 8.21 -8.32 9.58
C TYR A 8 8.34 -9.54 8.66
N ALA A 9 8.11 -10.72 9.23
CA ALA A 9 8.22 -11.97 8.47
C ALA A 9 7.10 -12.12 7.44
N ARG A 10 6.08 -11.30 7.56
CA ARG A 10 4.95 -11.35 6.64
C ARG A 10 5.16 -10.37 5.49
N ALA A 11 5.26 -9.09 5.83
CA ALA A 11 5.42 -8.02 4.84
C ALA A 11 6.60 -8.25 3.90
N THR A 12 7.57 -9.06 4.31
CA THR A 12 8.73 -9.32 3.48
C THR A 12 8.34 -10.15 2.25
N GLU A 13 7.22 -10.86 2.33
CA GLU A 13 6.76 -11.66 1.21
C GLU A 13 6.04 -10.78 0.21
N LEU A 14 5.47 -9.69 0.72
CA LEU A 14 4.72 -8.75 -0.09
C LEU A 14 5.67 -7.97 -0.99
N ILE A 15 6.75 -7.46 -0.41
CA ILE A 15 7.79 -6.77 -1.17
C ILE A 15 8.50 -7.76 -2.08
N LYS A 16 8.52 -9.02 -1.66
CA LYS A 16 9.20 -10.08 -2.38
C LYS A 16 8.53 -10.33 -3.73
N LEU A 17 7.22 -10.09 -3.80
CA LEU A 17 6.48 -10.26 -5.05
C LEU A 17 6.80 -9.11 -5.99
N ALA A 18 6.96 -7.93 -5.42
CA ALA A 18 7.28 -6.74 -6.19
C ALA A 18 8.63 -6.89 -6.86
N ASN A 19 9.51 -7.68 -6.24
CA ASN A 19 10.84 -7.92 -6.78
C ASN A 19 10.76 -8.90 -7.94
N GLN A 20 9.67 -9.65 -7.99
CA GLN A 20 9.43 -10.59 -9.07
C GLN A 20 9.07 -9.83 -10.34
N GLN A 21 8.25 -8.80 -10.16
CA GLN A 21 7.81 -7.97 -11.28
C GLN A 21 8.91 -6.98 -11.65
N ASN A 22 9.82 -6.75 -10.71
CA ASN A 22 10.95 -5.86 -10.92
C ASN A 22 12.02 -6.55 -11.76
N GLN A 23 11.82 -7.84 -12.03
CA GLN A 23 12.73 -8.59 -12.88
C GLN A 23 12.52 -8.23 -14.35
N ASN A 24 11.46 -7.48 -14.61
CA ASN A 24 11.16 -7.04 -15.97
C ASN A 24 12.04 -5.87 -16.34
N THR A 25 12.95 -6.09 -17.25
CA THR A 25 13.93 -5.09 -17.62
C THR A 25 13.32 -3.96 -18.45
N GLU A 26 12.24 -4.25 -19.18
CA GLU A 26 11.62 -3.24 -20.04
C GLU A 26 10.59 -2.39 -19.30
N ILE A 27 10.35 -2.70 -18.04
CA ILE A 27 9.41 -1.91 -17.24
C ILE A 27 10.18 -1.08 -16.24
N GLN A 28 9.62 0.08 -15.91
CA GLN A 28 10.23 0.94 -14.91
C GLN A 28 9.87 0.43 -13.53
N THR A 29 10.79 0.56 -12.59
CA THR A 29 10.55 0.16 -11.22
C THR A 29 9.37 0.92 -10.63
N GLY A 30 9.12 2.12 -11.18
CA GLY A 30 8.02 2.96 -10.73
C GLY A 30 6.66 2.38 -11.09
N GLU A 31 6.64 1.43 -12.01
CA GLU A 31 5.40 0.77 -12.38
C GLU A 31 5.06 -0.31 -11.35
N VAL A 32 6.12 -0.90 -10.80
CA VAL A 32 5.97 -1.96 -9.81
C VAL A 32 5.49 -1.38 -8.48
N SER A 33 6.10 -0.27 -8.07
CA SER A 33 5.71 0.40 -6.84
C SER A 33 4.26 0.85 -6.92
N ALA A 34 3.87 1.33 -8.09
CA ALA A 34 2.50 1.77 -8.31
C ALA A 34 1.54 0.60 -8.25
N SER A 35 2.00 -0.59 -8.65
CA SER A 35 1.17 -1.78 -8.60
C SER A 35 0.89 -2.18 -7.16
N PHE A 36 1.89 -1.99 -6.30
CA PHE A 36 1.74 -2.24 -4.87
C PHE A 36 0.80 -1.18 -4.29
N MET A 37 0.92 0.03 -4.82
CA MET A 37 0.09 1.15 -4.43
C MET A 37 -1.39 0.87 -4.68
N TRP A 38 -1.71 0.62 -5.95
CA TRP A 38 -3.08 0.33 -6.37
C TRP A 38 -3.62 -0.91 -5.67
N ALA A 39 -2.75 -1.88 -5.41
CA ALA A 39 -3.15 -3.12 -4.77
C ALA A 39 -3.61 -2.88 -3.34
N LEU A 40 -2.91 -2.02 -2.61
CA LEU A 40 -3.25 -1.75 -1.21
C LEU A 40 -4.58 -1.03 -1.11
N ALA A 41 -4.88 -0.21 -2.11
CA ALA A 41 -6.13 0.53 -2.16
C ALA A 41 -7.32 -0.41 -2.23
N ARG A 42 -7.17 -1.47 -3.01
CA ARG A 42 -8.23 -2.45 -3.19
C ARG A 42 -8.35 -3.34 -1.95
N TYR A 43 -7.23 -3.62 -1.32
CA TYR A 43 -7.20 -4.52 -0.17
C TYR A 43 -7.73 -3.81 1.08
N ASN A 44 -7.44 -2.52 1.20
CA ASN A 44 -7.89 -1.75 2.37
C ASN A 44 -9.37 -1.42 2.28
N ALA A 45 -9.86 -1.18 1.07
CA ALA A 45 -11.27 -0.84 0.87
C ALA A 45 -12.18 -2.03 1.18
N TRP A 46 -11.59 -3.21 1.26
CA TRP A 46 -12.29 -4.43 1.64
C TRP A 46 -12.94 -4.26 3.01
N PHE A 47 -12.29 -3.49 3.87
CA PHE A 47 -12.76 -3.28 5.24
C PHE A 47 -13.87 -2.24 5.30
N GLY A 48 -14.13 -1.57 4.18
CA GLY A 48 -15.18 -0.58 4.16
C GLY A 48 -16.53 -1.18 4.53
N SER A 49 -16.73 -2.43 4.12
CA SER A 49 -17.98 -3.13 4.37
C SER A 49 -18.13 -3.51 5.84
N THR A 50 -17.01 -3.54 6.56
CA THR A 50 -17.02 -3.95 7.96
C THR A 50 -17.23 -2.74 8.87
N SER A 51 -17.09 -1.54 8.32
CA SER A 51 -17.14 -0.33 9.09
C SER A 51 -18.56 -0.02 9.57
N PHE A 52 -19.56 -0.40 8.79
CA PHE A 52 -20.95 -0.16 9.16
C PHE A 52 -21.87 -1.20 8.57
N GLU A 53 -23.16 -1.04 8.84
CA GLU A 53 -24.16 -2.00 8.45
C GLU A 53 -24.90 -1.54 7.19
N THR A 54 -25.33 -0.29 7.18
CA THR A 54 -26.06 0.25 6.04
C THR A 54 -25.14 1.08 5.16
N LYS A 55 -25.54 1.27 3.90
CA LYS A 55 -24.70 1.97 2.95
C LYS A 55 -24.56 3.45 3.30
N GLU A 56 -25.62 4.02 3.84
CA GLU A 56 -25.63 5.42 4.21
C GLU A 56 -24.60 5.71 5.29
N GLN A 57 -24.60 4.87 6.33
CA GLN A 57 -23.69 5.04 7.44
C GLN A 57 -22.28 4.60 7.04
N MET A 58 -22.21 3.60 6.18
CA MET A 58 -20.93 3.09 5.68
C MET A 58 -20.22 4.14 4.83
N GLN A 59 -20.98 4.76 3.94
CA GLN A 59 -20.45 5.79 3.04
C GLN A 59 -20.03 7.02 3.83
N ALA A 60 -20.70 7.28 4.94
CA ALA A 60 -20.41 8.44 5.78
C ALA A 60 -19.08 8.28 6.51
N LYS A 61 -18.46 7.11 6.38
CA LYS A 61 -17.23 6.81 7.11
C LYS A 61 -16.10 6.59 6.16
N LYS A 62 -16.36 6.80 4.88
CA LYS A 62 -15.37 6.51 3.86
C LYS A 62 -14.10 7.30 4.11
N GLN A 63 -14.23 8.61 4.30
CA GLN A 63 -13.08 9.45 4.55
C GLN A 63 -12.48 9.15 5.92
N GLU A 64 -13.32 8.65 6.82
CA GLU A 64 -12.90 8.39 8.19
C GLU A 64 -11.95 7.20 8.27
N MET A 65 -12.24 6.13 7.54
CA MET A 65 -11.37 4.96 7.56
C MET A 65 -10.21 5.16 6.60
N MET A 66 -10.46 5.96 5.56
CA MET A 66 -9.46 6.21 4.54
C MET A 66 -8.43 7.22 5.01
N ASP A 67 -8.74 7.98 6.06
CA ASP A 67 -7.81 8.99 6.55
C ASP A 67 -6.59 8.29 7.11
N TYR A 68 -6.82 7.05 7.52
CA TYR A 68 -5.77 6.21 8.04
C TYR A 68 -5.14 5.36 6.96
N TYR A 69 -5.94 4.95 5.99
CA TYR A 69 -5.40 4.22 4.86
C TYR A 69 -4.37 5.09 4.14
N MET A 70 -4.72 6.34 3.93
CA MET A 70 -3.75 7.31 3.45
C MET A 70 -2.70 7.57 4.52
N ASP A 71 -3.12 8.05 5.70
CA ASP A 71 -2.18 8.44 6.74
C ASP A 71 -2.12 7.45 7.90
N ARG A 72 -1.36 6.39 7.71
CA ARG A 72 -0.93 5.53 8.80
C ARG A 72 0.44 4.97 8.50
N TYR A 73 0.72 4.78 7.22
CA TYR A 73 2.02 4.29 6.82
C TYR A 73 2.93 5.46 6.50
N LYS A 74 2.46 6.65 6.87
CA LYS A 74 3.24 7.87 6.70
C LYS A 74 4.45 7.85 7.61
N GLU A 75 4.22 7.67 8.91
CA GLU A 75 5.32 7.56 9.87
C GLU A 75 6.22 6.38 9.54
N MET A 76 5.61 5.29 9.06
CA MET A 76 6.37 4.12 8.62
C MET A 76 7.26 4.49 7.44
N LEU A 77 6.70 5.29 6.54
CA LEU A 77 7.39 5.68 5.31
C LEU A 77 8.51 6.67 5.63
N ASP A 78 8.22 7.61 6.52
CA ASP A 78 9.22 8.56 7.00
C ASP A 78 10.39 7.81 7.64
N ALA A 79 10.04 6.76 8.38
CA ALA A 79 11.03 5.93 9.04
C ALA A 79 11.91 5.19 8.03
N ASN A 80 11.42 5.04 6.81
CA ASN A 80 12.19 4.39 5.75
C ASN A 80 12.95 5.42 4.94
N MET A 81 12.45 6.66 4.96
CA MET A 81 13.21 7.78 4.42
C MET A 81 14.46 7.94 5.24
N GLU A 82 14.30 7.89 6.55
CA GLU A 82 15.42 7.97 7.50
C GLU A 82 16.31 6.73 7.42
N ASP A 83 16.14 5.92 6.40
CA ASP A 83 17.06 4.81 6.15
C ASP A 83 18.14 5.27 5.18
N TYR A 84 17.71 5.79 4.03
CA TYR A 84 18.64 6.21 3.00
C TYR A 84 19.12 7.64 3.24
N ILE A 85 18.26 8.49 3.80
CA ILE A 85 18.61 9.90 4.02
C ILE A 85 19.80 10.04 4.97
N GLU A 86 19.66 9.49 6.17
CA GLU A 86 20.70 9.64 7.19
C GLU A 86 21.97 8.87 6.83
N ASN A 87 21.87 7.95 5.89
CA ASN A 87 23.04 7.16 5.48
C ASN A 87 23.50 7.58 4.09
N PHE A 88 22.96 8.67 3.57
CA PHE A 88 23.28 9.13 2.23
C PHE A 88 24.77 9.38 2.08
N ASP A 89 25.34 10.10 3.04
CA ASP A 89 26.76 10.45 2.97
C ASP A 89 27.61 9.20 3.01
N HIS A 90 27.11 8.15 3.65
CA HIS A 90 27.81 6.87 3.70
C HIS A 90 27.81 6.23 2.32
N TYR A 91 26.64 6.12 1.71
CA TYR A 91 26.51 5.59 0.36
C TYR A 91 27.28 6.46 -0.63
N ARG A 92 27.10 7.76 -0.49
CA ARG A 92 27.77 8.75 -1.34
C ARG A 92 29.28 8.65 -1.18
N ALA A 93 29.72 8.10 -0.06
CA ALA A 93 31.14 7.97 0.24
C ALA A 93 31.73 6.74 -0.43
N THR A 94 30.88 5.75 -0.69
CA THR A 94 31.33 4.51 -1.31
C THR A 94 31.20 4.60 -2.84
N GLN A 95 30.56 5.65 -3.32
CA GLN A 95 30.36 5.83 -4.75
C GLN A 95 31.56 6.51 -5.39
N LYS A 96 31.71 6.27 -6.68
CA LYS A 96 32.81 6.85 -7.45
C LYS A 96 32.30 7.35 -8.80
N SER B 1 -5.72 -6.36 -22.91
CA SER B 1 -6.83 -7.08 -22.30
C SER B 1 -6.49 -7.46 -20.86
N ASN B 2 -5.22 -7.27 -20.50
CA ASN B 2 -4.75 -7.59 -19.16
C ASN B 2 -4.81 -6.35 -18.28
N ASN B 3 -5.05 -5.21 -18.90
CA ASN B 3 -5.18 -3.96 -18.18
C ASN B 3 -5.96 -2.96 -19.03
N GLU B 4 -6.75 -2.12 -18.38
CA GLU B 4 -7.50 -1.09 -19.08
C GLU B 4 -6.67 0.18 -19.16
N ASN B 5 -6.60 0.88 -18.04
CA ASN B 5 -5.68 1.99 -17.88
C ASN B 5 -4.67 1.64 -16.81
N ALA B 6 -5.14 0.95 -15.79
CA ALA B 6 -4.29 0.50 -14.70
C ALA B 6 -3.78 -0.91 -14.92
N PHE B 7 -2.61 -1.17 -14.38
CA PHE B 7 -1.89 -2.45 -14.45
C PHE B 7 -2.55 -3.55 -13.61
N TYR B 8 -3.81 -3.85 -13.87
CA TYR B 8 -4.56 -4.84 -13.11
C TYR B 8 -3.83 -6.18 -13.02
N ALA B 9 -3.25 -6.62 -14.13
CA ALA B 9 -2.60 -7.93 -14.21
C ALA B 9 -1.42 -8.07 -13.25
N ARG B 10 -0.76 -6.97 -12.92
CA ARG B 10 0.37 -7.01 -12.02
C ARG B 10 -0.08 -6.90 -10.56
N ALA B 11 -0.79 -5.83 -10.23
CA ALA B 11 -1.27 -5.59 -8.87
C ALA B 11 -2.01 -6.78 -8.28
N THR B 12 -2.59 -7.61 -9.14
CA THR B 12 -3.34 -8.78 -8.68
C THR B 12 -2.40 -9.83 -8.07
N GLU B 13 -1.13 -9.82 -8.46
CA GLU B 13 -0.16 -10.79 -7.96
C GLU B 13 0.33 -10.35 -6.59
N LEU B 14 0.30 -9.04 -6.38
CA LEU B 14 0.67 -8.45 -5.11
C LEU B 14 -0.35 -8.83 -4.04
N ILE B 15 -1.62 -8.61 -4.36
CA ILE B 15 -2.72 -9.00 -3.49
C ILE B 15 -2.76 -10.51 -3.33
N LYS B 16 -2.32 -11.22 -4.38
CA LYS B 16 -2.34 -12.67 -4.40
C LYS B 16 -1.50 -13.23 -3.26
N LEU B 17 -0.38 -12.58 -2.94
CA LEU B 17 0.48 -13.02 -1.85
C LEU B 17 -0.25 -12.82 -0.53
N ALA B 18 -0.96 -11.69 -0.43
CA ALA B 18 -1.70 -11.37 0.78
C ALA B 18 -2.82 -12.37 1.01
N ASN B 19 -3.22 -13.05 -0.05
CA ASN B 19 -4.23 -14.09 0.04
C ASN B 19 -3.72 -15.26 0.85
N GLN B 20 -2.45 -15.63 0.62
CA GLN B 20 -1.83 -16.74 1.34
C GLN B 20 -1.75 -16.45 2.83
N GLN B 21 -1.36 -15.22 3.17
CA GLN B 21 -1.25 -14.83 4.57
C GLN B 21 -2.63 -14.73 5.21
N ASN B 22 -3.63 -14.55 4.38
CA ASN B 22 -5.01 -14.49 4.84
C ASN B 22 -5.53 -15.91 5.10
N GLN B 23 -4.79 -16.91 4.62
CA GLN B 23 -5.16 -18.29 4.84
C GLN B 23 -4.64 -18.77 6.19
N ASN B 24 -3.94 -17.87 6.89
CA ASN B 24 -3.40 -18.19 8.20
C ASN B 24 -4.51 -18.01 9.24
N THR B 25 -5.04 -19.12 9.68
CA THR B 25 -6.22 -19.14 10.53
C THR B 25 -6.05 -18.37 11.85
N GLU B 26 -4.82 -18.31 12.36
CA GLU B 26 -4.56 -17.62 13.62
C GLU B 26 -4.30 -16.12 13.41
N ILE B 27 -4.34 -15.67 12.17
CA ILE B 27 -4.16 -14.26 11.88
C ILE B 27 -5.45 -13.66 11.36
N GLN B 28 -5.66 -12.39 11.64
CA GLN B 28 -6.84 -11.70 11.17
C GLN B 28 -6.57 -11.11 9.80
N THR B 29 -7.62 -10.98 9.00
CA THR B 29 -7.52 -10.38 7.69
C THR B 29 -6.94 -8.95 7.79
N GLY B 30 -7.24 -8.31 8.91
CA GLY B 30 -6.77 -6.95 9.14
C GLY B 30 -5.28 -6.85 9.40
N GLU B 31 -4.64 -7.97 9.70
CA GLU B 31 -3.21 -7.95 9.97
C GLU B 31 -2.44 -8.12 8.66
N VAL B 32 -3.09 -8.75 7.69
CA VAL B 32 -2.50 -8.97 6.39
C VAL B 32 -2.50 -7.67 5.59
N SER B 33 -3.59 -6.91 5.69
CA SER B 33 -3.68 -5.62 5.02
C SER B 33 -2.63 -4.66 5.56
N ALA B 34 -2.40 -4.73 6.86
CA ALA B 34 -1.40 -3.89 7.51
C ALA B 34 0.00 -4.26 7.02
N SER B 35 0.20 -5.54 6.72
CA SER B 35 1.49 -6.01 6.22
C SER B 35 1.76 -5.42 4.84
N PHE B 36 0.70 -5.31 4.04
CA PHE B 36 0.79 -4.71 2.71
C PHE B 36 1.09 -3.22 2.85
N MET B 37 0.52 -2.61 3.88
CA MET B 37 0.72 -1.18 4.15
C MET B 37 2.17 -0.90 4.56
N TRP B 38 2.68 -1.66 5.52
CA TRP B 38 4.06 -1.50 5.98
C TRP B 38 5.04 -1.73 4.82
N ALA B 39 4.72 -2.70 3.98
CA ALA B 39 5.56 -3.02 2.84
C ALA B 39 5.60 -1.88 1.83
N LEU B 40 4.45 -1.27 1.58
CA LEU B 40 4.36 -0.16 0.63
C LEU B 40 5.16 1.03 1.13
N ALA B 41 5.17 1.22 2.45
CA ALA B 41 5.92 2.31 3.06
C ALA B 41 7.41 2.17 2.79
N ARG B 42 7.90 0.95 2.87
CA ARG B 42 9.31 0.68 2.62
C ARG B 42 9.64 0.86 1.14
N TYR B 43 8.74 0.36 0.30
CA TYR B 43 8.98 0.34 -1.14
C TYR B 43 8.91 1.75 -1.73
N ASN B 44 7.99 2.57 -1.22
CA ASN B 44 7.82 3.93 -1.73
C ASN B 44 8.97 4.84 -1.31
N ALA B 45 9.51 4.63 -0.12
CA ALA B 45 10.61 5.46 0.37
C ALA B 45 11.87 5.26 -0.47
N TRP B 46 11.96 4.09 -1.10
CA TRP B 46 13.05 3.78 -2.02
C TRP B 46 13.04 4.79 -3.18
N PHE B 47 11.85 5.23 -3.57
CA PHE B 47 11.73 6.17 -4.68
C PHE B 47 11.94 7.60 -4.22
N GLY B 48 12.02 7.79 -2.92
CA GLY B 48 12.40 9.08 -2.39
C GLY B 48 13.88 9.32 -2.59
N SER B 49 14.64 8.23 -2.57
CA SER B 49 16.09 8.28 -2.73
C SER B 49 16.48 8.67 -4.15
N THR B 50 15.51 8.63 -5.06
CA THR B 50 15.76 8.99 -6.44
C THR B 50 15.01 10.27 -6.80
N SER B 51 14.52 10.98 -5.78
CA SER B 51 13.78 12.21 -6.00
C SER B 51 14.73 13.41 -6.04
N PHE B 52 15.79 13.37 -5.23
CA PHE B 52 16.76 14.45 -5.21
C PHE B 52 18.18 13.92 -5.15
N GLU B 53 19.15 14.84 -5.26
CA GLU B 53 20.55 14.47 -5.41
C GLU B 53 21.29 14.38 -4.08
N THR B 54 20.86 15.19 -3.12
CA THR B 54 21.48 15.20 -1.81
C THR B 54 20.47 14.87 -0.73
N LYS B 55 20.97 14.36 0.40
CA LYS B 55 20.10 14.02 1.52
C LYS B 55 19.43 15.27 2.07
N GLU B 56 20.11 16.39 1.93
CA GLU B 56 19.59 17.67 2.41
C GLU B 56 18.32 18.04 1.68
N GLN B 57 18.40 18.13 0.36
CA GLN B 57 17.26 18.52 -0.45
C GLN B 57 16.19 17.43 -0.43
N MET B 58 16.64 16.17 -0.48
CA MET B 58 15.73 15.03 -0.46
C MET B 58 14.90 15.02 0.82
N GLN B 59 15.55 15.27 1.95
CA GLN B 59 14.87 15.29 3.24
C GLN B 59 13.82 16.39 3.28
N ALA B 60 14.12 17.51 2.64
CA ALA B 60 13.21 18.63 2.60
C ALA B 60 12.03 18.35 1.66
N LYS B 61 12.09 17.22 0.96
CA LYS B 61 11.04 16.85 0.04
C LYS B 61 10.33 15.59 0.53
N LYS B 62 10.67 15.15 1.73
CA LYS B 62 10.11 13.92 2.24
C LYS B 62 8.58 14.02 2.27
N GLN B 63 8.07 15.06 2.89
CA GLN B 63 6.64 15.23 3.01
C GLN B 63 6.04 15.60 1.66
N GLU B 64 6.88 16.14 0.80
CA GLU B 64 6.46 16.57 -0.54
C GLU B 64 6.14 15.36 -1.42
N MET B 65 6.97 14.32 -1.35
CA MET B 65 6.73 13.14 -2.17
C MET B 65 5.82 12.17 -1.42
N MET B 66 5.88 12.24 -0.10
CA MET B 66 5.05 11.40 0.74
C MET B 66 3.61 11.90 0.74
N ASP B 67 3.41 13.16 0.32
CA ASP B 67 2.06 13.71 0.23
C ASP B 67 1.26 12.92 -0.77
N TYR B 68 1.97 12.39 -1.74
CA TYR B 68 1.38 11.56 -2.78
C TYR B 68 1.31 10.11 -2.34
N TYR B 69 2.31 9.67 -1.59
CA TYR B 69 2.32 8.31 -1.08
C TYR B 69 1.11 8.10 -0.19
N MET B 70 0.84 9.06 0.68
CA MET B 70 -0.39 9.03 1.43
C MET B 70 -1.58 9.30 0.50
N ASP B 71 -1.56 10.44 -0.20
CA ASP B 71 -2.71 10.87 -0.99
C ASP B 71 -2.46 10.76 -2.50
N ARG B 72 -2.62 9.54 -3.02
CA ARG B 72 -2.69 9.31 -4.46
C ARG B 72 -3.42 8.01 -4.74
N TYR B 73 -3.36 7.09 -3.79
CA TYR B 73 -4.12 5.86 -3.90
C TYR B 73 -5.43 6.03 -3.14
N LYS B 74 -5.67 7.27 -2.74
CA LYS B 74 -6.88 7.66 -2.06
C LYS B 74 -8.09 7.48 -2.96
N GLU B 75 -8.07 8.17 -4.10
CA GLU B 75 -9.13 8.04 -5.10
C GLU B 75 -9.31 6.59 -5.52
N MET B 76 -8.20 5.88 -5.64
CA MET B 76 -8.21 4.46 -5.99
C MET B 76 -8.96 3.65 -4.92
N LEU B 77 -8.73 4.03 -3.69
CA LEU B 77 -9.33 3.35 -2.54
C LEU B 77 -10.80 3.73 -2.41
N ASP B 78 -11.08 5.02 -2.62
CA ASP B 78 -12.44 5.55 -2.56
C ASP B 78 -13.34 4.83 -3.57
N ALA B 79 -12.79 4.65 -4.77
CA ALA B 79 -13.52 4.00 -5.85
C ALA B 79 -13.87 2.55 -5.51
N ASN B 80 -13.06 1.92 -4.67
CA ASN B 80 -13.29 0.53 -4.30
C ASN B 80 -14.30 0.44 -3.16
N MET B 81 -14.46 1.54 -2.44
CA MET B 81 -15.46 1.62 -1.38
C MET B 81 -16.86 1.62 -1.99
N GLU B 82 -17.06 2.53 -2.93
CA GLU B 82 -18.36 2.72 -3.58
C GLU B 82 -18.94 1.41 -4.12
N ASP B 83 -18.08 0.54 -4.64
CA ASP B 83 -18.51 -0.74 -5.21
C ASP B 83 -19.42 -1.51 -4.26
N TYR B 84 -19.07 -1.52 -2.98
CA TYR B 84 -19.86 -2.24 -1.99
C TYR B 84 -20.98 -1.35 -1.46
N ILE B 85 -20.72 -0.06 -1.39
CA ILE B 85 -21.67 0.90 -0.85
C ILE B 85 -22.92 1.01 -1.74
N GLU B 86 -22.71 1.31 -3.02
CA GLU B 86 -23.81 1.53 -3.94
C GLU B 86 -24.50 0.22 -4.33
N ASN B 87 -23.93 -0.88 -3.91
CA ASN B 87 -24.51 -2.19 -4.20
C ASN B 87 -24.91 -2.89 -2.91
N PHE B 88 -24.93 -2.14 -1.81
CA PHE B 88 -25.30 -2.70 -0.50
C PHE B 88 -26.64 -3.41 -0.57
N ASP B 89 -27.63 -2.72 -1.14
CA ASP B 89 -28.97 -3.28 -1.29
C ASP B 89 -28.93 -4.59 -2.07
N HIS B 90 -28.04 -4.67 -3.04
CA HIS B 90 -27.90 -5.86 -3.86
C HIS B 90 -27.29 -6.99 -3.04
N TYR B 91 -26.18 -6.70 -2.38
CA TYR B 91 -25.52 -7.66 -1.51
C TYR B 91 -26.45 -8.15 -0.42
N ARG B 92 -27.08 -7.19 0.27
CA ARG B 92 -27.99 -7.49 1.38
C ARG B 92 -29.15 -8.36 0.89
N ALA B 93 -29.42 -8.29 -0.40
CA ALA B 93 -30.50 -9.06 -0.99
C ALA B 93 -30.06 -10.48 -1.28
N THR B 94 -28.81 -10.65 -1.67
CA THR B 94 -28.26 -11.95 -1.99
C THR B 94 -27.74 -12.66 -0.73
N GLN B 95 -27.52 -11.90 0.33
CA GLN B 95 -27.00 -12.45 1.58
C GLN B 95 -28.12 -13.00 2.43
N LYS B 96 -27.76 -13.82 3.40
CA LYS B 96 -28.71 -14.42 4.31
C LYS B 96 -28.30 -14.10 5.74
N SER A 1 10.46 -16.57 17.21
CA SER A 1 9.92 -15.39 16.51
C SER A 1 10.80 -15.02 15.33
N ASN A 2 10.22 -14.94 14.14
CA ASN A 2 10.96 -14.57 12.94
C ASN A 2 10.84 -13.07 12.71
N ASN A 3 10.40 -12.38 13.75
CA ASN A 3 10.19 -10.94 13.70
C ASN A 3 10.20 -10.37 15.11
N GLU A 4 10.57 -9.11 15.24
CA GLU A 4 10.62 -8.46 16.55
C GLU A 4 9.23 -7.97 16.98
N ASN A 5 8.82 -6.82 16.47
CA ASN A 5 7.54 -6.24 16.87
C ASN A 5 6.56 -6.26 15.72
N ALA A 6 7.07 -6.11 14.50
CA ALA A 6 6.22 -6.05 13.33
C ALA A 6 6.28 -7.35 12.53
N PHE A 7 5.27 -7.56 11.72
CA PHE A 7 5.11 -8.77 10.92
C PHE A 7 6.02 -8.79 9.69
N TYR A 8 7.32 -8.59 9.90
CA TYR A 8 8.30 -8.55 8.81
C TYR A 8 8.21 -9.79 7.94
N ALA A 9 8.00 -10.94 8.58
CA ALA A 9 7.96 -12.23 7.89
C ALA A 9 6.78 -12.33 6.93
N ARG A 10 5.82 -11.43 7.05
CA ARG A 10 4.68 -11.42 6.15
C ARG A 10 4.94 -10.48 4.98
N ALA A 11 5.16 -9.21 5.31
CA ALA A 11 5.37 -8.15 4.31
C ALA A 11 6.49 -8.50 3.32
N THR A 12 7.44 -9.32 3.75
CA THR A 12 8.57 -9.70 2.91
C THR A 12 8.10 -10.47 1.67
N GLU A 13 6.93 -11.09 1.75
CA GLU A 13 6.41 -11.87 0.65
C GLU A 13 5.56 -11.00 -0.25
N LEU A 14 4.89 -10.03 0.36
CA LEU A 14 4.09 -9.07 -0.39
C LEU A 14 5.00 -8.28 -1.32
N ILE A 15 6.12 -7.83 -0.78
CA ILE A 15 7.15 -7.16 -1.58
C ILE A 15 7.78 -8.12 -2.58
N LYS A 16 7.79 -9.40 -2.23
CA LYS A 16 8.40 -10.42 -3.05
C LYS A 16 7.62 -10.62 -4.34
N LEU A 17 6.31 -10.39 -4.30
CA LEU A 17 5.48 -10.48 -5.50
C LEU A 17 5.83 -9.32 -6.42
N ALA A 18 5.94 -8.14 -5.83
CA ALA A 18 6.31 -6.95 -6.57
C ALA A 18 7.71 -7.09 -7.14
N ASN A 19 8.55 -7.80 -6.40
CA ASN A 19 9.92 -8.07 -6.80
C ASN A 19 9.94 -8.79 -8.14
N GLN A 20 8.98 -9.70 -8.33
CA GLN A 20 8.85 -10.45 -9.57
C GLN A 20 8.45 -9.55 -10.74
N GLN A 21 7.54 -8.64 -10.49
CA GLN A 21 7.05 -7.75 -11.53
C GLN A 21 8.09 -6.68 -11.86
N ASN A 22 9.01 -6.46 -10.93
CA ASN A 22 10.07 -5.48 -11.11
C ASN A 22 11.27 -6.11 -11.80
N GLN A 23 11.17 -7.39 -12.13
CA GLN A 23 12.23 -8.09 -12.86
C GLN A 23 12.13 -7.80 -14.35
N ASN A 24 12.14 -6.52 -14.70
CA ASN A 24 12.01 -6.10 -16.08
C ASN A 24 12.86 -4.86 -16.33
N THR A 25 13.48 -4.78 -17.50
CA THR A 25 14.38 -3.68 -17.81
C THR A 25 13.66 -2.52 -18.51
N GLU A 26 12.80 -2.82 -19.48
CA GLU A 26 12.13 -1.77 -20.24
C GLU A 26 11.02 -1.10 -19.44
N ILE A 27 10.47 -1.79 -18.44
CA ILE A 27 9.46 -1.20 -17.58
C ILE A 27 10.14 -0.39 -16.49
N GLN A 28 9.54 0.71 -16.12
CA GLN A 28 10.08 1.57 -15.10
C GLN A 28 9.69 1.05 -13.72
N THR A 29 10.54 1.31 -12.74
CA THR A 29 10.37 0.82 -11.39
C THR A 29 9.00 1.25 -10.81
N GLY A 30 8.55 2.43 -11.21
CA GLY A 30 7.31 2.98 -10.71
C GLY A 30 6.08 2.16 -11.06
N GLU A 31 6.14 1.41 -12.15
CA GLU A 31 4.97 0.65 -12.62
C GLU A 31 4.57 -0.41 -11.60
N VAL A 32 5.54 -0.88 -10.83
CA VAL A 32 5.30 -1.94 -9.88
C VAL A 32 4.89 -1.37 -8.52
N SER A 33 5.63 -0.37 -8.07
CA SER A 33 5.37 0.28 -6.78
C SER A 33 3.92 0.81 -6.73
N ALA A 34 3.46 1.36 -7.85
CA ALA A 34 2.12 1.92 -7.92
C ALA A 34 1.06 0.83 -7.88
N SER A 35 1.41 -0.34 -8.40
CA SER A 35 0.48 -1.47 -8.42
C SER A 35 0.20 -1.94 -6.99
N PHE A 36 1.20 -1.81 -6.13
CA PHE A 36 1.06 -2.19 -4.74
C PHE A 36 0.11 -1.23 -4.03
N MET A 37 0.11 0.02 -4.47
CA MET A 37 -0.76 1.05 -3.92
C MET A 37 -2.22 0.78 -4.26
N TRP A 38 -2.50 0.53 -5.54
CA TRP A 38 -3.86 0.22 -5.98
C TRP A 38 -4.35 -1.06 -5.33
N ALA A 39 -3.47 -2.03 -5.16
CA ALA A 39 -3.81 -3.29 -4.55
C ALA A 39 -4.15 -3.11 -3.07
N LEU A 40 -3.47 -2.17 -2.40
CA LEU A 40 -3.75 -1.88 -1.00
C LEU A 40 -5.14 -1.30 -0.85
N ALA A 41 -5.55 -0.51 -1.83
CA ALA A 41 -6.86 0.12 -1.83
C ALA A 41 -7.96 -0.94 -1.85
N ARG A 42 -7.90 -1.84 -2.83
CA ARG A 42 -8.92 -2.88 -2.96
C ARG A 42 -8.93 -3.79 -1.73
N TYR A 43 -7.77 -4.01 -1.13
CA TYR A 43 -7.67 -4.91 0.00
C TYR A 43 -8.19 -4.26 1.28
N ASN A 44 -7.90 -2.98 1.46
CA ASN A 44 -8.38 -2.24 2.63
C ASN A 44 -9.89 -2.02 2.55
N ALA A 45 -10.37 -1.81 1.33
CA ALA A 45 -11.79 -1.58 1.10
C ALA A 45 -12.60 -2.86 1.34
N TRP A 46 -11.88 -3.98 1.47
CA TRP A 46 -12.50 -5.26 1.78
C TRP A 46 -12.92 -5.30 3.26
N PHE A 47 -12.40 -4.35 4.04
CA PHE A 47 -12.78 -4.25 5.44
C PHE A 47 -13.84 -3.18 5.64
N GLY A 48 -14.24 -2.53 4.55
CA GLY A 48 -15.30 -1.57 4.62
C GLY A 48 -16.64 -2.26 4.74
N SER A 49 -16.74 -3.45 4.18
CA SER A 49 -17.99 -4.21 4.16
C SER A 49 -18.32 -4.79 5.53
N THR A 50 -17.42 -4.63 6.49
CA THR A 50 -17.64 -5.10 7.83
C THR A 50 -17.60 -3.94 8.83
N SER A 51 -17.66 -2.72 8.30
CA SER A 51 -17.60 -1.53 9.13
C SER A 51 -18.93 -1.26 9.84
N PHE A 52 -20.01 -1.18 9.09
CA PHE A 52 -21.30 -0.85 9.67
C PHE A 52 -22.38 -1.85 9.26
N GLU A 53 -23.56 -1.70 9.86
CA GLU A 53 -24.65 -2.65 9.70
C GLU A 53 -25.52 -2.29 8.50
N THR A 54 -25.70 -0.99 8.28
CA THR A 54 -26.54 -0.52 7.19
C THR A 54 -25.73 0.33 6.25
N LYS A 55 -26.13 0.36 4.98
CA LYS A 55 -25.46 1.19 4.00
C LYS A 55 -25.73 2.66 4.32
N GLU A 56 -26.85 2.90 4.99
CA GLU A 56 -27.23 4.24 5.42
C GLU A 56 -26.11 4.86 6.25
N GLN A 57 -25.50 4.05 7.11
CA GLN A 57 -24.40 4.49 7.94
C GLN A 57 -23.07 4.19 7.25
N MET A 58 -22.97 2.99 6.69
CA MET A 58 -21.75 2.49 6.07
C MET A 58 -21.27 3.40 4.94
N GLN A 59 -22.21 3.91 4.14
CA GLN A 59 -21.87 4.77 3.02
C GLN A 59 -21.25 6.07 3.51
N ALA A 60 -21.82 6.63 4.57
CA ALA A 60 -21.35 7.88 5.13
C ALA A 60 -19.98 7.73 5.77
N LYS A 61 -19.60 6.49 6.06
CA LYS A 61 -18.36 6.20 6.74
C LYS A 61 -17.24 5.98 5.74
N LYS A 62 -17.56 6.09 4.46
CA LYS A 62 -16.57 5.85 3.42
C LYS A 62 -15.36 6.75 3.63
N GLN A 63 -15.61 8.01 3.97
CA GLN A 63 -14.55 8.96 4.16
C GLN A 63 -13.98 8.84 5.57
N GLU A 64 -14.75 8.23 6.46
CA GLU A 64 -14.36 8.12 7.86
C GLU A 64 -13.50 6.89 8.11
N MET A 65 -13.72 5.83 7.34
CA MET A 65 -12.90 4.64 7.48
C MET A 65 -11.61 4.86 6.71
N MET A 66 -11.70 5.69 5.68
CA MET A 66 -10.56 6.05 4.86
C MET A 66 -9.79 7.21 5.49
N ASP A 67 -10.40 7.82 6.51
CA ASP A 67 -9.88 9.03 7.14
C ASP A 67 -8.42 8.86 7.56
N TYR A 68 -8.12 7.73 8.16
CA TYR A 68 -6.79 7.51 8.69
C TYR A 68 -6.04 6.48 7.88
N TYR A 69 -6.67 5.93 6.84
CA TYR A 69 -6.05 4.91 6.00
C TYR A 69 -4.83 5.47 5.30
N MET A 70 -4.98 6.66 4.71
CA MET A 70 -3.87 7.35 4.08
C MET A 70 -2.71 7.51 5.07
N ASP A 71 -3.07 7.93 6.28
CA ASP A 71 -2.10 8.36 7.27
C ASP A 71 -1.62 7.21 8.16
N ARG A 72 -1.89 5.97 7.76
CA ARG A 72 -1.61 4.85 8.64
C ARG A 72 -0.18 4.37 8.50
N TYR A 73 0.30 4.29 7.27
CA TYR A 73 1.65 3.82 7.04
C TYR A 73 2.60 4.99 6.86
N LYS A 74 2.13 6.17 7.23
CA LYS A 74 2.95 7.35 7.15
C LYS A 74 4.15 7.20 8.09
N GLU A 75 3.86 6.88 9.34
CA GLU A 75 4.87 6.62 10.36
C GLU A 75 5.82 5.50 9.92
N MET A 76 5.25 4.46 9.34
CA MET A 76 6.02 3.33 8.83
C MET A 76 6.98 3.79 7.74
N LEU A 77 6.44 4.57 6.81
CA LEU A 77 7.19 5.01 5.63
C LEU A 77 8.28 6.00 6.03
N ASP A 78 7.99 6.83 7.01
CA ASP A 78 8.96 7.80 7.53
C ASP A 78 10.18 7.09 8.11
N ALA A 79 9.94 5.89 8.63
CA ALA A 79 10.99 5.09 9.23
C ALA A 79 11.78 4.32 8.18
N ASN A 80 11.33 4.37 6.94
CA ASN A 80 11.99 3.64 5.86
C ASN A 80 12.76 4.61 4.97
N MET A 81 12.44 5.89 5.08
CA MET A 81 13.13 6.93 4.34
C MET A 81 14.49 7.24 4.93
N GLU A 82 15.18 8.19 4.31
CA GLU A 82 16.42 8.75 4.81
C GLU A 82 17.58 7.77 4.79
N ASP A 83 17.40 6.61 4.17
CA ASP A 83 18.47 5.62 4.06
C ASP A 83 19.70 6.24 3.39
N TYR A 84 19.50 6.80 2.20
CA TYR A 84 20.57 7.47 1.48
C TYR A 84 20.71 8.92 1.94
N ILE A 85 19.75 9.40 2.72
CA ILE A 85 19.74 10.79 3.18
C ILE A 85 20.77 10.98 4.30
N GLU A 86 20.61 10.22 5.37
CA GLU A 86 21.50 10.36 6.52
C GLU A 86 22.93 9.93 6.17
N ASN A 87 23.05 9.06 5.19
CA ASN A 87 24.36 8.58 4.77
C ASN A 87 24.86 9.33 3.54
N PHE A 88 24.15 10.37 3.13
CA PHE A 88 24.53 11.15 1.96
C PHE A 88 25.92 11.74 2.14
N ASP A 89 26.20 12.20 3.35
CA ASP A 89 27.51 12.74 3.71
C ASP A 89 28.60 11.72 3.39
N HIS A 90 28.30 10.46 3.67
CA HIS A 90 29.22 9.36 3.42
C HIS A 90 29.40 9.15 1.92
N TYR A 91 28.30 9.10 1.19
CA TYR A 91 28.34 8.93 -0.26
C TYR A 91 29.00 10.13 -0.94
N ARG A 92 28.82 11.30 -0.36
CA ARG A 92 29.43 12.52 -0.85
C ARG A 92 30.93 12.50 -0.58
N ALA A 93 31.35 11.58 0.26
CA ALA A 93 32.75 11.41 0.59
C ALA A 93 33.37 10.30 -0.25
N THR A 94 32.63 9.22 -0.41
CA THR A 94 33.11 8.05 -1.15
C THR A 94 32.72 8.12 -2.62
N GLN A 95 32.38 9.32 -3.07
CA GLN A 95 31.99 9.52 -4.46
C GLN A 95 33.13 9.17 -5.40
N LYS A 96 32.77 8.78 -6.62
CA LYS A 96 33.74 8.29 -7.59
C LYS A 96 33.98 9.30 -8.69
N SER B 1 -3.11 -5.53 -23.92
CA SER B 1 -3.51 -4.98 -22.63
C SER B 1 -4.48 -5.92 -21.92
N ASN B 2 -3.99 -6.56 -20.86
CA ASN B 2 -4.83 -7.49 -20.09
C ASN B 2 -5.63 -6.71 -19.04
N ASN B 3 -5.61 -5.39 -19.19
CA ASN B 3 -6.36 -4.50 -18.34
C ASN B 3 -6.75 -3.26 -19.14
N GLU B 4 -7.83 -2.60 -18.75
CA GLU B 4 -8.31 -1.45 -19.51
C GLU B 4 -7.28 -0.32 -19.55
N ASN B 5 -7.22 0.44 -18.46
CA ASN B 5 -6.27 1.55 -18.38
C ASN B 5 -5.30 1.31 -17.25
N ALA B 6 -5.83 1.12 -16.06
CA ALA B 6 -5.01 0.86 -14.88
C ALA B 6 -4.41 -0.53 -14.95
N PHE B 7 -3.36 -0.72 -14.19
CA PHE B 7 -2.60 -1.97 -14.18
C PHE B 7 -3.32 -3.09 -13.40
N TYR B 8 -4.58 -3.33 -13.74
CA TYR B 8 -5.40 -4.34 -13.06
C TYR B 8 -4.71 -5.70 -13.10
N ALA B 9 -4.06 -6.00 -14.22
CA ALA B 9 -3.45 -7.30 -14.43
C ALA B 9 -2.21 -7.49 -13.55
N ARG B 10 -1.66 -6.38 -13.07
CA ARG B 10 -0.45 -6.44 -12.26
C ARG B 10 -0.82 -6.50 -10.79
N ALA B 11 -1.51 -5.48 -10.31
CA ALA B 11 -1.91 -5.35 -8.91
C ALA B 11 -2.71 -6.56 -8.42
N THR B 12 -3.34 -7.27 -9.34
CA THR B 12 -4.17 -8.42 -8.97
C THR B 12 -3.31 -9.53 -8.38
N GLU B 13 -2.03 -9.56 -8.72
CA GLU B 13 -1.13 -10.61 -8.23
C GLU B 13 -0.62 -10.24 -6.85
N LEU B 14 -0.59 -8.94 -6.59
CA LEU B 14 -0.16 -8.42 -5.30
C LEU B 14 -1.14 -8.85 -4.22
N ILE B 15 -2.43 -8.76 -4.54
CA ILE B 15 -3.49 -9.21 -3.64
C ILE B 15 -3.45 -10.74 -3.51
N LYS B 16 -2.94 -11.39 -4.54
CA LYS B 16 -2.85 -12.85 -4.55
C LYS B 16 -1.98 -13.37 -3.41
N LEU B 17 -0.86 -12.71 -3.18
CA LEU B 17 0.04 -13.11 -2.11
C LEU B 17 -0.67 -12.95 -0.77
N ALA B 18 -1.54 -11.96 -0.70
CA ALA B 18 -2.26 -11.67 0.53
C ALA B 18 -3.29 -12.75 0.79
N ASN B 19 -3.93 -13.22 -0.28
CA ASN B 19 -4.89 -14.31 -0.19
C ASN B 19 -4.23 -15.57 0.35
N GLN B 20 -2.97 -15.77 0.00
CA GLN B 20 -2.23 -16.94 0.44
C GLN B 20 -1.94 -16.90 1.94
N GLN B 21 -1.64 -15.72 2.46
CA GLN B 21 -1.37 -15.57 3.88
C GLN B 21 -2.67 -15.60 4.67
N ASN B 22 -3.75 -15.28 3.98
CA ASN B 22 -5.09 -15.27 4.58
C ASN B 22 -5.64 -16.69 4.70
N GLN B 23 -4.99 -17.64 4.01
CA GLN B 23 -5.46 -19.02 3.97
C GLN B 23 -5.23 -19.75 5.29
N ASN B 24 -4.52 -19.11 6.22
CA ASN B 24 -4.25 -19.72 7.51
C ASN B 24 -5.52 -19.79 8.34
N THR B 25 -5.49 -20.56 9.42
CA THR B 25 -6.68 -20.80 10.21
C THR B 25 -6.54 -20.24 11.63
N GLU B 26 -5.41 -19.58 11.90
CA GLU B 26 -5.21 -18.95 13.20
C GLU B 26 -4.78 -17.49 13.06
N ILE B 27 -4.79 -16.97 11.85
CA ILE B 27 -4.44 -15.57 11.66
C ILE B 27 -5.66 -14.77 11.27
N GLN B 28 -5.71 -13.55 11.75
CA GLN B 28 -6.79 -12.65 11.45
C GLN B 28 -6.57 -12.05 10.06
N THR B 29 -7.66 -11.88 9.32
CA THR B 29 -7.58 -11.30 7.99
C THR B 29 -6.98 -9.89 8.03
N GLY B 30 -7.16 -9.22 9.16
CA GLY B 30 -6.61 -7.89 9.35
C GLY B 30 -5.11 -7.88 9.52
N GLU B 31 -4.52 -9.05 9.79
CA GLU B 31 -3.08 -9.14 9.95
C GLU B 31 -2.39 -9.15 8.59
N VAL B 32 -3.17 -9.45 7.56
CA VAL B 32 -2.65 -9.53 6.21
C VAL B 32 -2.75 -8.17 5.52
N SER B 33 -3.84 -7.45 5.78
CA SER B 33 -4.04 -6.13 5.21
C SER B 33 -2.99 -5.16 5.74
N ALA B 34 -2.66 -5.31 7.02
CA ALA B 34 -1.67 -4.46 7.65
C ALA B 34 -0.28 -4.70 7.05
N SER B 35 0.03 -5.96 6.74
CA SER B 35 1.33 -6.29 6.19
C SER B 35 1.45 -5.78 4.76
N PHE B 36 0.32 -5.65 4.08
CA PHE B 36 0.31 -5.08 2.74
C PHE B 36 0.61 -3.59 2.82
N MET B 37 0.05 -2.95 3.82
CA MET B 37 0.27 -1.54 4.07
C MET B 37 1.73 -1.25 4.45
N TRP B 38 2.24 -2.04 5.39
CA TRP B 38 3.64 -1.90 5.81
C TRP B 38 4.59 -2.16 4.65
N ALA B 39 4.24 -3.13 3.81
CA ALA B 39 5.08 -3.49 2.68
C ALA B 39 5.16 -2.37 1.66
N LEU B 40 4.07 -1.60 1.52
CA LEU B 40 4.06 -0.50 0.57
C LEU B 40 4.96 0.62 1.06
N ALA B 41 5.01 0.79 2.38
CA ALA B 41 5.83 1.81 2.99
C ALA B 41 7.31 1.56 2.69
N ARG B 42 7.75 0.32 2.91
CA ARG B 42 9.16 -0.03 2.77
C ARG B 42 9.53 -0.19 1.29
N TYR B 43 8.52 -0.31 0.43
CA TYR B 43 8.75 -0.44 -1.01
C TYR B 43 8.81 0.93 -1.66
N ASN B 44 7.82 1.76 -1.35
CA ASN B 44 7.64 3.02 -2.05
C ASN B 44 8.61 4.10 -1.56
N ALA B 45 9.22 3.87 -0.40
CA ALA B 45 10.22 4.79 0.14
C ALA B 45 11.47 4.82 -0.73
N TRP B 46 11.58 3.81 -1.59
CA TRP B 46 12.71 3.69 -2.52
C TRP B 46 12.86 4.92 -3.40
N PHE B 47 11.74 5.56 -3.72
CA PHE B 47 11.73 6.70 -4.63
C PHE B 47 12.30 7.95 -3.99
N GLY B 48 12.50 7.91 -2.68
CA GLY B 48 13.11 9.03 -2.00
C GLY B 48 14.52 9.28 -2.51
N SER B 49 15.23 8.19 -2.79
CA SER B 49 16.63 8.27 -3.19
C SER B 49 16.79 8.92 -4.57
N THR B 50 15.70 9.08 -5.29
CA THR B 50 15.74 9.68 -6.61
C THR B 50 14.94 10.99 -6.64
N SER B 51 14.67 11.53 -5.45
CA SER B 51 13.86 12.73 -5.34
C SER B 51 14.71 13.99 -5.55
N PHE B 52 15.85 14.09 -4.87
CA PHE B 52 16.66 15.30 -4.95
C PHE B 52 18.15 14.99 -5.01
N GLU B 53 18.95 16.06 -5.08
CA GLU B 53 20.37 15.97 -5.32
C GLU B 53 21.17 15.90 -4.02
N THR B 54 20.72 16.62 -3.01
CA THR B 54 21.41 16.70 -1.73
C THR B 54 20.50 16.27 -0.61
N LYS B 55 21.08 15.80 0.49
CA LYS B 55 20.29 15.32 1.61
C LYS B 55 19.49 16.47 2.23
N GLU B 56 20.03 17.68 2.14
CA GLU B 56 19.37 18.87 2.67
C GLU B 56 18.01 19.06 2.01
N GLN B 57 18.01 19.07 0.68
CA GLN B 57 16.79 19.30 -0.07
C GLN B 57 15.96 18.03 -0.12
N MET B 58 16.64 16.89 -0.19
CA MET B 58 15.99 15.58 -0.25
C MET B 58 15.19 15.29 1.02
N GLN B 59 15.79 15.62 2.17
CA GLN B 59 15.14 15.39 3.45
C GLN B 59 13.92 16.29 3.62
N ALA B 60 14.02 17.51 3.10
CA ALA B 60 12.94 18.48 3.22
C ALA B 60 11.77 18.13 2.31
N LYS B 61 11.86 17.00 1.63
CA LYS B 61 10.83 16.56 0.72
C LYS B 61 10.21 15.28 1.24
N LYS B 62 10.72 14.81 2.37
CA LYS B 62 10.33 13.52 2.89
C LYS B 62 8.81 13.44 3.06
N GLN B 63 8.24 14.41 3.74
CA GLN B 63 6.81 14.40 4.00
C GLN B 63 6.04 14.82 2.75
N GLU B 64 6.71 15.57 1.89
CA GLU B 64 6.09 16.05 0.66
C GLU B 64 5.99 14.93 -0.38
N MET B 65 6.97 14.04 -0.41
CA MET B 65 6.93 12.93 -1.36
C MET B 65 6.03 11.85 -0.79
N MET B 66 5.99 11.79 0.53
CA MET B 66 5.18 10.81 1.24
C MET B 66 3.74 11.24 1.30
N ASP B 67 3.46 12.52 1.11
CA ASP B 67 2.10 13.04 1.26
C ASP B 67 1.26 12.48 0.15
N TYR B 68 1.93 12.19 -0.96
CA TYR B 68 1.30 11.61 -2.11
C TYR B 68 1.52 10.11 -2.17
N TYR B 69 2.08 9.59 -1.11
CA TYR B 69 2.06 8.16 -0.89
C TYR B 69 0.90 7.87 0.04
N MET B 70 0.80 8.66 1.09
CA MET B 70 -0.36 8.63 1.95
C MET B 70 -1.63 8.95 1.15
N ASP B 71 -1.73 10.19 0.65
CA ASP B 71 -2.97 10.66 0.04
C ASP B 71 -2.89 10.64 -1.49
N ARG B 72 -3.01 9.46 -2.07
CA ARG B 72 -3.15 9.33 -3.53
C ARG B 72 -3.92 8.08 -3.90
N TYR B 73 -3.82 7.04 -3.08
CA TYR B 73 -4.63 5.86 -3.31
C TYR B 73 -6.01 6.07 -2.72
N LYS B 74 -6.19 7.26 -2.18
CA LYS B 74 -7.43 7.68 -1.56
C LYS B 74 -8.57 7.61 -2.58
N GLU B 75 -8.35 8.18 -3.76
CA GLU B 75 -9.35 8.18 -4.81
C GLU B 75 -9.68 6.76 -5.25
N MET B 76 -8.63 5.95 -5.39
CA MET B 76 -8.78 4.54 -5.74
C MET B 76 -9.59 3.83 -4.67
N LEU B 77 -9.20 4.06 -3.43
CA LEU B 77 -9.78 3.41 -2.28
C LEU B 77 -11.28 3.70 -2.18
N ASP B 78 -11.66 4.95 -2.42
CA ASP B 78 -13.07 5.35 -2.39
C ASP B 78 -13.85 4.60 -3.45
N ALA B 79 -13.25 4.51 -4.63
CA ALA B 79 -13.88 3.83 -5.76
C ALA B 79 -13.87 2.31 -5.60
N ASN B 80 -12.96 1.82 -4.74
CA ASN B 80 -12.85 0.39 -4.51
C ASN B 80 -13.78 -0.05 -3.40
N MET B 81 -14.38 0.92 -2.72
CA MET B 81 -15.34 0.62 -1.67
C MET B 81 -16.76 0.62 -2.22
N GLU B 82 -17.72 0.58 -1.30
CA GLU B 82 -19.14 0.63 -1.60
C GLU B 82 -19.63 -0.64 -2.28
N ASP B 83 -18.80 -1.67 -2.24
CA ASP B 83 -19.16 -2.95 -2.84
C ASP B 83 -20.35 -3.57 -2.10
N TYR B 84 -20.28 -3.57 -0.78
CA TYR B 84 -21.40 -4.02 0.04
C TYR B 84 -22.34 -2.86 0.36
N ILE B 85 -21.95 -1.65 -0.03
CA ILE B 85 -22.79 -0.48 0.19
C ILE B 85 -23.89 -0.42 -0.85
N GLU B 86 -23.50 -0.33 -2.12
CA GLU B 86 -24.47 -0.26 -3.21
C GLU B 86 -25.28 -1.55 -3.30
N ASN B 87 -24.67 -2.65 -2.88
CA ASN B 87 -25.34 -3.93 -2.96
C ASN B 87 -25.94 -4.31 -1.62
N PHE B 88 -25.92 -3.40 -0.65
CA PHE B 88 -26.59 -3.64 0.62
C PHE B 88 -28.08 -3.76 0.37
N ASP B 89 -28.57 -2.94 -0.55
CA ASP B 89 -29.96 -3.02 -1.01
C ASP B 89 -30.28 -4.43 -1.46
N HIS B 90 -29.26 -5.11 -2.00
CA HIS B 90 -29.38 -6.47 -2.48
C HIS B 90 -29.36 -7.44 -1.31
N TYR B 91 -28.29 -7.37 -0.51
CA TYR B 91 -28.10 -8.29 0.61
C TYR B 91 -29.21 -8.17 1.65
N ARG B 92 -29.64 -6.94 1.91
CA ARG B 92 -30.74 -6.69 2.84
C ARG B 92 -32.05 -7.26 2.30
N ALA B 93 -32.08 -7.51 1.00
CA ALA B 93 -33.28 -8.00 0.34
C ALA B 93 -33.25 -9.52 0.18
N THR B 94 -32.05 -10.08 0.18
CA THR B 94 -31.88 -11.52 0.01
C THR B 94 -31.38 -12.18 1.31
N GLN B 95 -31.55 -11.46 2.40
CA GLN B 95 -31.11 -11.94 3.70
C GLN B 95 -31.95 -13.12 4.17
N LYS B 96 -31.40 -13.88 5.10
CA LYS B 96 -32.09 -15.00 5.69
C LYS B 96 -32.15 -14.81 7.19
N SER A 1 7.14 -17.42 14.13
CA SER A 1 6.62 -16.05 13.95
C SER A 1 7.67 -15.16 13.28
N ASN A 2 8.88 -15.17 13.85
CA ASN A 2 10.02 -14.43 13.31
C ASN A 2 9.69 -12.94 13.18
N ASN A 3 9.23 -12.35 14.28
CA ASN A 3 8.92 -10.94 14.30
C ASN A 3 8.96 -10.40 15.72
N GLU A 4 9.63 -9.27 15.89
CA GLU A 4 9.71 -8.60 17.19
C GLU A 4 8.35 -8.06 17.62
N ASN A 5 7.89 -7.00 16.97
CA ASN A 5 6.62 -6.39 17.29
C ASN A 5 5.70 -6.42 16.08
N ALA A 6 6.18 -5.83 14.99
CA ALA A 6 5.43 -5.85 13.74
C ALA A 6 5.54 -7.19 13.06
N PHE A 7 4.63 -7.45 12.14
CA PHE A 7 4.57 -8.69 11.38
C PHE A 7 5.59 -8.73 10.24
N TYR A 8 6.86 -8.51 10.57
CA TYR A 8 7.93 -8.43 9.56
C TYR A 8 7.93 -9.64 8.63
N ALA A 9 7.80 -10.83 9.20
CA ALA A 9 7.90 -12.08 8.44
C ALA A 9 6.70 -12.28 7.50
N ARG A 10 5.68 -11.45 7.65
CA ARG A 10 4.52 -11.53 6.77
C ARG A 10 4.71 -10.60 5.58
N ALA A 11 4.83 -9.32 5.86
CA ALA A 11 4.99 -8.29 4.83
C ALA A 11 6.18 -8.57 3.91
N THR A 12 7.17 -9.30 4.40
CA THR A 12 8.35 -9.61 3.60
C THR A 12 7.99 -10.47 2.38
N GLU A 13 6.85 -11.16 2.44
CA GLU A 13 6.42 -12.00 1.32
C GLU A 13 5.66 -11.15 0.32
N LEU A 14 4.99 -10.13 0.84
CA LEU A 14 4.29 -9.16 0.01
C LEU A 14 5.31 -8.41 -0.84
N ILE A 15 6.38 -7.97 -0.20
CA ILE A 15 7.49 -7.32 -0.88
C ILE A 15 8.21 -8.31 -1.79
N LYS A 16 8.19 -9.58 -1.40
CA LYS A 16 8.85 -10.63 -2.15
C LYS A 16 8.19 -10.80 -3.52
N LEU A 17 6.89 -10.54 -3.59
CA LEU A 17 6.18 -10.63 -4.85
C LEU A 17 6.63 -9.48 -5.75
N ALA A 18 6.73 -8.29 -5.15
CA ALA A 18 7.18 -7.11 -5.89
C ALA A 18 8.59 -7.31 -6.42
N ASN A 19 9.42 -7.97 -5.61
CA ASN A 19 10.80 -8.29 -6.00
C ASN A 19 10.83 -9.14 -7.26
N GLN A 20 9.81 -9.98 -7.42
CA GLN A 20 9.71 -10.85 -8.59
C GLN A 20 9.30 -10.09 -9.83
N GLN A 21 8.51 -9.04 -9.65
CA GLN A 21 8.03 -8.25 -10.77
C GLN A 21 9.05 -7.20 -11.19
N ASN A 22 9.93 -6.83 -10.26
CA ASN A 22 10.98 -5.86 -10.55
C ASN A 22 12.17 -6.55 -11.21
N GLN A 23 12.05 -7.87 -11.39
CA GLN A 23 13.04 -8.63 -12.14
C GLN A 23 12.86 -8.38 -13.64
N ASN A 24 11.72 -7.80 -13.98
CA ASN A 24 11.39 -7.49 -15.36
C ASN A 24 12.31 -6.38 -15.86
N THR A 25 13.13 -6.72 -16.83
CA THR A 25 14.19 -5.84 -17.30
C THR A 25 13.68 -4.53 -17.89
N GLU A 26 12.54 -4.55 -18.58
CA GLU A 26 12.04 -3.34 -19.23
C GLU A 26 11.13 -2.52 -18.33
N ILE A 27 10.93 -2.97 -17.09
CA ILE A 27 10.12 -2.21 -16.16
C ILE A 27 11.01 -1.50 -15.14
N GLN A 28 10.53 -0.38 -14.70
CA GLN A 28 11.22 0.39 -13.67
C GLN A 28 10.73 -0.05 -12.30
N THR A 29 11.55 0.15 -11.29
CA THR A 29 11.18 -0.21 -9.93
C THR A 29 9.93 0.56 -9.49
N GLY A 30 9.70 1.68 -10.17
CA GLY A 30 8.55 2.51 -9.87
C GLY A 30 7.22 1.85 -10.20
N GLU A 31 7.16 1.13 -11.32
CA GLU A 31 5.90 0.55 -11.77
C GLU A 31 5.45 -0.55 -10.81
N VAL A 32 6.42 -1.22 -10.23
CA VAL A 32 6.15 -2.29 -9.28
C VAL A 32 5.65 -1.71 -7.96
N SER A 33 6.27 -0.62 -7.53
CA SER A 33 5.89 0.04 -6.28
C SER A 33 4.45 0.54 -6.38
N ALA A 34 4.13 1.16 -7.52
CA ALA A 34 2.80 1.68 -7.75
C ALA A 34 1.76 0.56 -7.76
N SER A 35 2.17 -0.62 -8.23
CA SER A 35 1.28 -1.77 -8.29
C SER A 35 0.91 -2.21 -6.88
N PHE A 36 1.87 -2.13 -5.98
CA PHE A 36 1.66 -2.48 -4.58
C PHE A 36 0.65 -1.51 -3.97
N MET A 37 0.77 -0.24 -4.34
CA MET A 37 -0.12 0.80 -3.85
C MET A 37 -1.55 0.61 -4.38
N TRP A 38 -1.70 0.33 -5.67
CA TRP A 38 -3.01 0.10 -6.27
C TRP A 38 -3.66 -1.14 -5.67
N ALA A 39 -2.86 -2.15 -5.38
CA ALA A 39 -3.36 -3.39 -4.82
C ALA A 39 -3.91 -3.19 -3.41
N LEU A 40 -3.25 -2.34 -2.63
CA LEU A 40 -3.68 -2.08 -1.26
C LEU A 40 -4.99 -1.29 -1.24
N ALA A 41 -5.21 -0.51 -2.28
CA ALA A 41 -6.41 0.29 -2.40
C ALA A 41 -7.65 -0.61 -2.49
N ARG A 42 -7.55 -1.68 -3.26
CA ARG A 42 -8.68 -2.58 -3.44
C ARG A 42 -8.86 -3.48 -2.22
N TYR A 43 -7.75 -3.76 -1.54
CA TYR A 43 -7.77 -4.66 -0.40
C TYR A 43 -8.35 -3.96 0.83
N ASN A 44 -8.07 -2.66 0.95
CA ASN A 44 -8.54 -1.89 2.11
C ASN A 44 -10.01 -1.52 1.99
N ALA A 45 -10.48 -1.31 0.76
CA ALA A 45 -11.89 -0.96 0.53
C ALA A 45 -12.80 -2.11 0.92
N TRP A 46 -12.23 -3.30 0.97
CA TRP A 46 -12.93 -4.52 1.38
C TRP A 46 -13.47 -4.39 2.81
N PHE A 47 -12.73 -3.67 3.65
CA PHE A 47 -13.04 -3.56 5.07
C PHE A 47 -14.17 -2.58 5.32
N GLY A 48 -14.65 -1.92 4.28
CA GLY A 48 -15.81 -1.08 4.40
C GLY A 48 -17.03 -1.89 4.80
N SER A 49 -17.01 -3.16 4.41
CA SER A 49 -18.10 -4.08 4.65
C SER A 49 -18.31 -4.35 6.14
N THR A 50 -17.30 -4.05 6.95
CA THR A 50 -17.40 -4.27 8.38
C THR A 50 -17.36 -2.93 9.14
N SER A 51 -17.66 -1.85 8.44
CA SER A 51 -17.61 -0.52 9.04
C SER A 51 -18.91 -0.20 9.81
N PHE A 52 -20.04 -0.22 9.11
CA PHE A 52 -21.31 0.17 9.71
C PHE A 52 -22.43 -0.80 9.37
N GLU A 53 -23.60 -0.57 9.97
CA GLU A 53 -24.71 -1.52 9.89
C GLU A 53 -25.50 -1.36 8.61
N THR A 54 -25.73 -0.12 8.18
CA THR A 54 -26.50 0.16 6.99
C THR A 54 -25.65 0.90 5.99
N LYS A 55 -25.99 0.79 4.72
CA LYS A 55 -25.18 1.41 3.68
C LYS A 55 -25.26 2.93 3.77
N GLU A 56 -26.36 3.42 4.34
CA GLU A 56 -26.59 4.86 4.44
C GLU A 56 -25.62 5.49 5.45
N GLN A 57 -25.17 4.70 6.41
CA GLN A 57 -24.16 5.16 7.36
C GLN A 57 -22.77 4.71 6.90
N MET A 58 -22.71 3.45 6.48
CA MET A 58 -21.47 2.81 6.01
C MET A 58 -20.83 3.62 4.87
N GLN A 59 -21.66 4.06 3.93
CA GLN A 59 -21.19 4.81 2.76
C GLN A 59 -20.58 6.13 3.19
N ALA A 60 -21.23 6.80 4.12
CA ALA A 60 -20.80 8.12 4.57
C ALA A 60 -19.53 8.05 5.41
N LYS A 61 -19.04 6.84 5.64
CA LYS A 61 -17.85 6.63 6.45
C LYS A 61 -16.66 6.30 5.57
N LYS A 62 -16.86 6.28 4.26
CA LYS A 62 -15.81 5.86 3.35
C LYS A 62 -14.53 6.65 3.59
N GLN A 63 -14.64 7.96 3.74
CA GLN A 63 -13.47 8.80 3.87
C GLN A 63 -12.91 8.71 5.28
N GLU A 64 -13.79 8.42 6.23
CA GLU A 64 -13.39 8.30 7.63
C GLU A 64 -12.64 7.00 7.87
N MET A 65 -12.94 5.96 7.09
CA MET A 65 -12.23 4.70 7.23
C MET A 65 -10.96 4.73 6.38
N MET A 66 -11.02 5.52 5.31
CA MET A 66 -9.88 5.68 4.41
C MET A 66 -8.80 6.55 5.02
N ASP A 67 -9.16 7.33 6.04
CA ASP A 67 -8.21 8.21 6.68
C ASP A 67 -7.10 7.39 7.32
N TYR A 68 -7.48 6.20 7.76
CA TYR A 68 -6.56 5.30 8.41
C TYR A 68 -5.96 4.33 7.41
N TYR A 69 -6.41 4.41 6.18
CA TYR A 69 -5.77 3.68 5.11
C TYR A 69 -4.65 4.55 4.57
N MET A 70 -4.98 5.77 4.20
CA MET A 70 -3.98 6.73 3.77
C MET A 70 -2.93 6.99 4.84
N ASP A 71 -3.35 7.57 5.95
CA ASP A 71 -2.41 8.25 6.85
C ASP A 71 -1.98 7.43 8.07
N ARG A 72 -2.03 6.10 8.00
CA ARG A 72 -1.62 5.31 9.16
C ARG A 72 -0.35 4.50 8.91
N TYR A 73 0.01 4.27 7.65
CA TYR A 73 1.29 3.63 7.36
C TYR A 73 2.35 4.70 7.22
N LYS A 74 1.92 5.93 7.51
CA LYS A 74 2.77 7.09 7.40
C LYS A 74 3.96 6.99 8.35
N GLU A 75 3.66 6.83 9.63
CA GLU A 75 4.70 6.75 10.66
C GLU A 75 5.59 5.52 10.46
N MET A 76 5.00 4.43 9.98
CA MET A 76 5.75 3.20 9.76
C MET A 76 6.64 3.34 8.53
N LEU A 77 6.26 4.25 7.65
CA LEU A 77 7.03 4.55 6.45
C LEU A 77 8.24 5.42 6.84
N ASP A 78 8.01 6.29 7.82
CA ASP A 78 9.03 7.21 8.32
C ASP A 78 10.24 6.46 8.84
N ALA A 79 9.99 5.33 9.49
CA ALA A 79 11.04 4.52 10.08
C ALA A 79 12.02 3.99 9.04
N ASN A 80 11.61 3.98 7.78
CA ASN A 80 12.44 3.44 6.71
C ASN A 80 13.15 4.54 5.92
N MET A 81 12.86 5.79 6.26
CA MET A 81 13.55 6.92 5.64
C MET A 81 14.85 7.22 6.37
N GLU A 82 15.52 8.29 5.93
CA GLU A 82 16.79 8.73 6.48
C GLU A 82 17.93 7.73 6.32
N ASP A 83 17.62 6.51 5.91
CA ASP A 83 18.63 5.44 5.78
C ASP A 83 19.78 5.86 4.87
N TYR A 84 19.47 6.06 3.60
CA TYR A 84 20.47 6.49 2.63
C TYR A 84 20.84 7.96 2.83
N ILE A 85 20.04 8.66 3.63
CA ILE A 85 20.23 10.08 3.87
C ILE A 85 21.37 10.32 4.84
N GLU A 86 21.31 9.70 6.01
CA GLU A 86 22.33 9.88 7.03
C GLU A 86 23.66 9.25 6.60
N ASN A 87 23.58 8.30 5.68
CA ASN A 87 24.78 7.64 5.19
C ASN A 87 25.23 8.24 3.86
N PHE A 88 24.54 9.29 3.41
CA PHE A 88 24.84 9.90 2.13
C PHE A 88 26.23 10.53 2.15
N ASP A 89 26.58 11.11 3.29
CA ASP A 89 27.92 11.65 3.50
C ASP A 89 28.96 10.58 3.17
N HIS A 90 28.67 9.36 3.61
CA HIS A 90 29.55 8.23 3.41
C HIS A 90 29.58 7.81 1.95
N TYR A 91 28.40 7.74 1.35
CA TYR A 91 28.29 7.37 -0.06
C TYR A 91 29.00 8.38 -0.94
N ARG A 92 28.86 9.64 -0.58
CA ARG A 92 29.54 10.72 -1.26
C ARG A 92 31.06 10.58 -1.17
N ALA A 93 31.51 9.85 -0.16
CA ALA A 93 32.94 9.73 0.11
C ALA A 93 33.57 8.63 -0.73
N THR A 94 32.77 7.64 -1.09
CA THR A 94 33.26 6.49 -1.86
C THR A 94 32.99 6.67 -3.35
N GLN A 95 32.41 7.80 -3.70
CA GLN A 95 32.14 8.12 -5.09
C GLN A 95 33.25 8.97 -5.68
N LYS A 96 33.06 9.38 -6.92
CA LYS A 96 34.07 10.11 -7.66
C LYS A 96 33.56 11.49 -8.06
N SER B 1 0.35 -8.58 -20.68
CA SER B 1 0.21 -7.18 -21.07
C SER B 1 -1.27 -6.77 -21.07
N ASN B 2 -2.09 -7.52 -20.34
CA ASN B 2 -3.51 -7.24 -20.25
C ASN B 2 -3.78 -6.16 -19.20
N ASN B 3 -3.91 -4.93 -19.66
CA ASN B 3 -4.23 -3.83 -18.76
C ASN B 3 -4.66 -2.61 -19.57
N GLU B 4 -5.78 -2.03 -19.19
CA GLU B 4 -6.34 -0.90 -19.90
C GLU B 4 -5.57 0.39 -19.58
N ASN B 5 -5.82 0.94 -18.39
CA ASN B 5 -5.19 2.18 -18.00
C ASN B 5 -4.14 1.89 -16.93
N ALA B 6 -4.51 1.08 -15.97
CA ALA B 6 -3.61 0.73 -14.88
C ALA B 6 -3.02 -0.66 -15.09
N PHE B 7 -2.04 -0.98 -14.28
CA PHE B 7 -1.30 -2.25 -14.35
C PHE B 7 -2.02 -3.38 -13.60
N TYR B 8 -3.28 -3.60 -13.96
CA TYR B 8 -4.12 -4.59 -13.29
C TYR B 8 -3.46 -5.98 -13.24
N ALA B 9 -2.87 -6.39 -14.36
CA ALA B 9 -2.29 -7.73 -14.48
C ALA B 9 -1.02 -7.89 -13.66
N ARG B 10 -0.55 -6.81 -13.07
CA ARG B 10 0.65 -6.87 -12.23
C ARG B 10 0.25 -6.93 -10.76
N ALA B 11 -0.46 -5.91 -10.31
CA ALA B 11 -0.90 -5.81 -8.91
C ALA B 11 -1.77 -6.98 -8.48
N THR B 12 -2.34 -7.71 -9.44
CA THR B 12 -3.20 -8.84 -9.12
C THR B 12 -2.41 -9.97 -8.46
N GLU B 13 -1.09 -9.97 -8.62
CA GLU B 13 -0.25 -10.99 -8.01
C GLU B 13 0.12 -10.55 -6.59
N LEU B 14 0.14 -9.24 -6.38
CA LEU B 14 0.46 -8.67 -5.09
C LEU B 14 -0.63 -9.05 -4.08
N ILE B 15 -1.88 -8.87 -4.49
CA ILE B 15 -3.02 -9.27 -3.67
C ILE B 15 -3.06 -10.79 -3.53
N LYS B 16 -2.57 -11.47 -4.55
CA LYS B 16 -2.56 -12.92 -4.58
C LYS B 16 -1.67 -13.49 -3.48
N LEU B 17 -0.61 -12.77 -3.12
CA LEU B 17 0.25 -13.19 -2.01
C LEU B 17 -0.54 -13.07 -0.71
N ALA B 18 -1.29 -11.99 -0.59
CA ALA B 18 -2.13 -11.76 0.58
C ALA B 18 -3.16 -12.86 0.73
N ASN B 19 -3.66 -13.35 -0.40
CA ASN B 19 -4.65 -14.44 -0.41
C ASN B 19 -4.08 -15.72 0.19
N GLN B 20 -2.75 -15.86 0.13
CA GLN B 20 -2.08 -17.03 0.68
C GLN B 20 -1.89 -16.90 2.19
N GLN B 21 -1.62 -15.68 2.65
CA GLN B 21 -1.42 -15.44 4.07
C GLN B 21 -2.76 -15.47 4.80
N ASN B 22 -3.81 -15.22 4.04
CA ASN B 22 -5.16 -15.26 4.57
C ASN B 22 -5.59 -16.70 4.82
N GLN B 23 -4.86 -17.64 4.23
CA GLN B 23 -5.15 -19.03 4.42
C GLN B 23 -4.65 -19.52 5.78
N ASN B 24 -5.38 -19.14 6.82
CA ASN B 24 -5.11 -19.62 8.17
C ASN B 24 -6.42 -19.63 8.94
N THR B 25 -6.40 -20.08 10.18
CA THR B 25 -7.63 -20.18 10.94
C THR B 25 -7.66 -19.20 12.11
N GLU B 26 -6.52 -18.98 12.77
CA GLU B 26 -6.48 -18.07 13.91
C GLU B 26 -6.33 -16.61 13.47
N ILE B 27 -5.71 -16.39 12.32
CA ILE B 27 -5.48 -15.03 11.84
C ILE B 27 -6.77 -14.45 11.27
N GLN B 28 -6.90 -13.14 11.36
CA GLN B 28 -8.01 -12.44 10.74
C GLN B 28 -7.54 -11.79 9.46
N THR B 29 -8.48 -11.53 8.55
CA THR B 29 -8.18 -10.91 7.26
C THR B 29 -7.49 -9.55 7.45
N GLY B 30 -7.73 -8.95 8.62
CA GLY B 30 -7.13 -7.66 8.94
C GLY B 30 -5.62 -7.72 9.06
N GLU B 31 -5.09 -8.83 9.57
CA GLU B 31 -3.66 -8.93 9.82
C GLU B 31 -2.90 -9.00 8.50
N VAL B 32 -3.58 -9.47 7.47
CA VAL B 32 -2.98 -9.58 6.15
C VAL B 32 -2.97 -8.22 5.45
N SER B 33 -4.07 -7.48 5.60
CA SER B 33 -4.18 -6.17 4.98
C SER B 33 -3.12 -5.22 5.53
N ALA B 34 -2.93 -5.26 6.85
CA ALA B 34 -1.94 -4.42 7.49
C ALA B 34 -0.54 -4.77 7.03
N SER B 35 -0.30 -6.05 6.73
CA SER B 35 1.00 -6.50 6.26
C SER B 35 1.31 -5.88 4.90
N PHE B 36 0.28 -5.78 4.06
CA PHE B 36 0.40 -5.15 2.76
C PHE B 36 0.71 -3.66 2.94
N MET B 37 0.11 -3.08 3.97
CA MET B 37 0.30 -1.68 4.29
C MET B 37 1.74 -1.39 4.75
N TRP B 38 2.23 -2.19 5.68
CA TRP B 38 3.60 -2.03 6.18
C TRP B 38 4.62 -2.27 5.07
N ALA B 39 4.33 -3.23 4.21
CA ALA B 39 5.22 -3.55 3.09
C ALA B 39 5.31 -2.39 2.12
N LEU B 40 4.20 -1.68 1.90
CA LEU B 40 4.18 -0.56 0.98
C LEU B 40 5.02 0.58 1.53
N ALA B 41 5.02 0.71 2.85
CA ALA B 41 5.80 1.74 3.53
C ALA B 41 7.28 1.58 3.24
N ARG B 42 7.78 0.37 3.40
CA ARG B 42 9.20 0.09 3.19
C ARG B 42 9.59 0.25 1.72
N TYR B 43 8.67 -0.10 0.84
CA TYR B 43 8.94 -0.07 -0.59
C TYR B 43 8.96 1.36 -1.11
N ASN B 44 8.07 2.20 -0.59
CA ASN B 44 7.99 3.60 -1.02
C ASN B 44 9.13 4.42 -0.43
N ALA B 45 9.62 4.02 0.74
CA ALA B 45 10.74 4.71 1.38
C ALA B 45 12.04 4.48 0.61
N TRP B 46 12.01 3.49 -0.27
CA TRP B 46 13.15 3.15 -1.11
C TRP B 46 13.41 4.28 -2.12
N PHE B 47 12.33 4.92 -2.57
CA PHE B 47 12.43 5.95 -3.59
C PHE B 47 12.90 7.28 -3.03
N GLY B 48 13.14 7.31 -1.73
CA GLY B 48 13.68 8.51 -1.12
C GLY B 48 14.99 8.92 -1.77
N SER B 49 15.78 7.91 -2.14
CA SER B 49 17.09 8.13 -2.73
C SER B 49 16.97 8.73 -4.14
N THR B 50 15.76 8.75 -4.68
CA THR B 50 15.55 9.26 -6.02
C THR B 50 14.87 10.63 -5.98
N SER B 51 14.64 11.12 -4.77
CA SER B 51 13.92 12.37 -4.58
C SER B 51 14.82 13.57 -4.85
N PHE B 52 16.04 13.52 -4.37
CA PHE B 52 16.93 14.67 -4.48
C PHE B 52 18.38 14.29 -4.71
N GLU B 53 19.21 15.31 -4.81
CA GLU B 53 20.61 15.16 -5.19
C GLU B 53 21.52 15.06 -3.97
N THR B 54 21.33 15.96 -3.01
CA THR B 54 22.16 16.00 -1.81
C THR B 54 21.33 15.61 -0.62
N LYS B 55 21.97 15.13 0.43
CA LYS B 55 21.24 14.68 1.61
C LYS B 55 20.58 15.86 2.31
N GLU B 56 21.21 17.02 2.24
CA GLU B 56 20.68 18.22 2.88
C GLU B 56 19.37 18.65 2.23
N GLN B 57 19.29 18.50 0.92
CA GLN B 57 18.09 18.87 0.20
C GLN B 57 17.13 17.69 0.09
N MET B 58 17.65 16.50 0.37
CA MET B 58 16.86 15.27 0.31
C MET B 58 16.19 15.00 1.65
N GLN B 59 16.92 15.26 2.72
CA GLN B 59 16.42 15.07 4.08
C GLN B 59 15.23 15.98 4.35
N ALA B 60 15.27 17.17 3.77
CA ALA B 60 14.17 18.13 3.93
C ALA B 60 12.94 17.65 3.17
N LYS B 61 13.08 16.54 2.45
CA LYS B 61 12.00 16.04 1.63
C LYS B 61 11.49 14.69 2.11
N LYS B 62 12.19 14.07 3.05
CA LYS B 62 11.84 12.70 3.44
C LYS B 62 10.45 12.67 4.08
N GLN B 63 10.03 13.78 4.66
CA GLN B 63 8.68 13.90 5.17
C GLN B 63 7.74 14.30 4.04
N GLU B 64 8.19 15.23 3.19
CA GLU B 64 7.38 15.75 2.10
C GLU B 64 7.01 14.65 1.11
N MET B 65 7.96 13.79 0.77
CA MET B 65 7.72 12.76 -0.22
C MET B 65 6.74 11.75 0.34
N MET B 66 6.77 11.60 1.65
CA MET B 66 5.87 10.71 2.35
C MET B 66 4.48 11.31 2.45
N ASP B 67 4.43 12.62 2.62
CA ASP B 67 3.22 13.29 3.04
C ASP B 67 2.11 13.12 2.00
N TYR B 68 2.51 13.03 0.74
CA TYR B 68 1.55 12.83 -0.33
C TYR B 68 1.47 11.34 -0.71
N TYR B 69 2.42 10.53 -0.22
CA TYR B 69 2.40 9.09 -0.47
C TYR B 69 1.13 8.47 0.09
N MET B 70 0.82 8.83 1.34
CA MET B 70 -0.43 8.42 1.97
C MET B 70 -1.61 8.73 1.05
N ASP B 71 -1.58 9.93 0.51
CA ASP B 71 -2.72 10.49 -0.21
C ASP B 71 -2.65 10.18 -1.71
N ARG B 72 -1.98 9.09 -2.09
CA ARG B 72 -1.83 8.78 -3.51
C ARG B 72 -2.86 7.76 -3.95
N TYR B 73 -3.02 6.69 -3.18
CA TYR B 73 -3.97 5.65 -3.57
C TYR B 73 -5.34 5.95 -3.00
N LYS B 74 -5.50 7.16 -2.48
CA LYS B 74 -6.77 7.59 -1.92
C LYS B 74 -7.86 7.55 -3.00
N GLU B 75 -7.60 8.22 -4.11
CA GLU B 75 -8.58 8.34 -5.19
C GLU B 75 -8.94 6.97 -5.76
N MET B 76 -7.94 6.10 -5.91
CA MET B 76 -8.17 4.78 -6.48
C MET B 76 -8.87 3.88 -5.46
N LEU B 77 -8.61 4.12 -4.18
CA LEU B 77 -9.27 3.37 -3.12
C LEU B 77 -10.73 3.79 -3.01
N ASP B 78 -10.97 5.10 -3.09
CA ASP B 78 -12.33 5.65 -3.04
C ASP B 78 -13.16 5.18 -4.22
N ALA B 79 -12.49 4.87 -5.32
CA ALA B 79 -13.15 4.39 -6.52
C ALA B 79 -13.46 2.89 -6.43
N ASN B 80 -12.84 2.21 -5.46
CA ASN B 80 -13.10 0.79 -5.25
C ASN B 80 -14.15 0.59 -4.18
N MET B 81 -14.51 1.69 -3.52
CA MET B 81 -15.57 1.68 -2.53
C MET B 81 -16.94 1.56 -3.18
N GLU B 82 -17.97 1.49 -2.34
CA GLU B 82 -19.36 1.56 -2.74
C GLU B 82 -19.85 0.32 -3.50
N ASP B 83 -18.95 -0.62 -3.79
CA ASP B 83 -19.36 -1.85 -4.47
C ASP B 83 -20.34 -2.65 -3.61
N TYR B 84 -19.85 -3.19 -2.50
CA TYR B 84 -20.70 -3.88 -1.53
C TYR B 84 -21.75 -2.93 -0.97
N ILE B 85 -21.41 -1.64 -0.93
CA ILE B 85 -22.29 -0.63 -0.36
C ILE B 85 -23.58 -0.48 -1.15
N GLU B 86 -23.46 -0.23 -2.46
CA GLU B 86 -24.64 -0.04 -3.31
C GLU B 86 -25.50 -1.30 -3.36
N ASN B 87 -24.87 -2.45 -3.14
CA ASN B 87 -25.58 -3.73 -3.19
C ASN B 87 -25.98 -4.19 -1.81
N PHE B 88 -25.76 -3.34 -0.81
CA PHE B 88 -26.04 -3.72 0.58
C PHE B 88 -27.48 -4.17 0.76
N ASP B 89 -28.43 -3.35 0.32
CA ASP B 89 -29.84 -3.66 0.50
C ASP B 89 -30.23 -4.94 -0.25
N HIS B 90 -29.48 -5.25 -1.30
CA HIS B 90 -29.67 -6.50 -2.03
C HIS B 90 -29.29 -7.67 -1.13
N TYR B 91 -28.07 -7.66 -0.63
CA TYR B 91 -27.58 -8.72 0.24
C TYR B 91 -28.34 -8.75 1.55
N ARG B 92 -28.70 -7.58 2.04
CA ARG B 92 -29.46 -7.44 3.28
C ARG B 92 -30.86 -8.05 3.11
N ALA B 93 -31.31 -8.13 1.86
CA ALA B 93 -32.62 -8.69 1.56
C ALA B 93 -32.53 -10.20 1.38
N THR B 94 -31.39 -10.66 0.88
CA THR B 94 -31.18 -12.09 0.63
C THR B 94 -30.70 -12.79 1.90
N GLN B 95 -30.43 -12.02 2.94
CA GLN B 95 -30.04 -12.58 4.23
C GLN B 95 -31.24 -13.19 4.94
N LYS B 96 -30.94 -14.04 5.89
CA LYS B 96 -31.97 -14.75 6.64
C LYS B 96 -31.74 -14.54 8.13
N SER A 1 13.51 -14.11 18.19
CA SER A 1 12.66 -13.05 17.60
C SER A 1 13.15 -12.70 16.20
N ASN A 2 12.45 -13.20 15.19
CA ASN A 2 12.83 -12.95 13.81
C ASN A 2 12.43 -11.53 13.40
N ASN A 3 11.26 -11.12 13.86
CA ASN A 3 10.78 -9.78 13.57
C ASN A 3 10.37 -9.09 14.87
N GLU A 4 10.91 -7.90 15.09
CA GLU A 4 10.66 -7.17 16.31
C GLU A 4 9.33 -6.42 16.23
N ASN A 5 8.30 -7.01 16.83
CA ASN A 5 6.96 -6.43 16.93
C ASN A 5 6.23 -6.46 15.59
N ALA A 6 6.81 -5.80 14.61
CA ALA A 6 6.20 -5.68 13.30
C ALA A 6 6.39 -6.94 12.48
N PHE A 7 5.47 -7.14 11.55
CA PHE A 7 5.41 -8.33 10.71
C PHE A 7 6.42 -8.27 9.55
N TYR A 8 7.68 -8.00 9.87
CA TYR A 8 8.73 -7.92 8.85
C TYR A 8 8.78 -9.20 8.01
N ALA A 9 8.63 -10.33 8.67
CA ALA A 9 8.71 -11.64 8.01
C ALA A 9 7.48 -11.94 7.15
N ARG A 10 6.49 -11.05 7.19
CA ARG A 10 5.30 -11.21 6.38
C ARG A 10 5.39 -10.34 5.14
N ALA A 11 5.47 -9.03 5.35
CA ALA A 11 5.55 -8.04 4.26
C ALA A 11 6.70 -8.33 3.29
N THR A 12 7.70 -9.08 3.75
CA THR A 12 8.85 -9.41 2.91
C THR A 12 8.42 -10.28 1.71
N GLU A 13 7.28 -10.95 1.84
CA GLU A 13 6.80 -11.82 0.77
C GLU A 13 5.91 -11.04 -0.18
N LEU A 14 5.26 -10.01 0.36
CA LEU A 14 4.38 -9.16 -0.43
C LEU A 14 5.18 -8.45 -1.52
N ILE A 15 6.36 -7.98 -1.15
CA ILE A 15 7.25 -7.27 -2.08
C ILE A 15 7.86 -8.24 -3.10
N LYS A 16 7.92 -9.51 -2.73
CA LYS A 16 8.51 -10.53 -3.56
C LYS A 16 7.71 -10.71 -4.86
N LEU A 17 6.42 -10.43 -4.80
CA LEU A 17 5.58 -10.50 -5.99
C LEU A 17 5.87 -9.29 -6.89
N ALA A 18 5.98 -8.13 -6.26
CA ALA A 18 6.23 -6.88 -7.00
C ALA A 18 7.49 -6.98 -7.85
N ASN A 19 8.52 -7.60 -7.30
CA ASN A 19 9.81 -7.72 -8.01
C ASN A 19 9.68 -8.62 -9.24
N GLN A 20 8.62 -9.43 -9.28
CA GLN A 20 8.36 -10.29 -10.43
C GLN A 20 7.79 -9.47 -11.57
N GLN A 21 7.18 -8.35 -11.23
CA GLN A 21 6.60 -7.46 -12.21
C GLN A 21 7.56 -6.31 -12.50
N ASN A 22 8.57 -6.19 -11.66
CA ASN A 22 9.55 -5.10 -11.78
C ASN A 22 10.67 -5.51 -12.73
N GLN A 23 10.83 -6.80 -12.94
CA GLN A 23 11.88 -7.31 -13.80
C GLN A 23 11.51 -7.23 -15.28
N ASN A 24 10.52 -6.40 -15.61
CA ASN A 24 10.18 -6.16 -17.00
C ASN A 24 11.12 -5.11 -17.54
N THR A 25 12.05 -5.54 -18.38
CA THR A 25 13.14 -4.69 -18.84
C THR A 25 12.65 -3.43 -19.57
N GLU A 26 11.52 -3.52 -20.28
CA GLU A 26 11.02 -2.38 -21.04
C GLU A 26 10.07 -1.51 -20.24
N ILE A 27 9.98 -1.72 -18.93
CA ILE A 27 9.14 -0.88 -18.08
C ILE A 27 9.98 -0.19 -17.01
N GLN A 28 9.52 0.98 -16.58
CA GLN A 28 10.18 1.73 -15.53
C GLN A 28 9.95 1.06 -14.19
N THR A 29 10.87 1.26 -13.26
CA THR A 29 10.78 0.68 -11.94
C THR A 29 9.59 1.25 -11.17
N GLY A 30 9.30 2.52 -11.41
CA GLY A 30 8.23 3.20 -10.70
C GLY A 30 6.84 2.85 -11.19
N GLU A 31 6.75 2.02 -12.22
CA GLU A 31 5.45 1.61 -12.75
C GLU A 31 4.92 0.42 -11.97
N VAL A 32 5.78 -0.20 -11.19
CA VAL A 32 5.42 -1.39 -10.45
C VAL A 32 4.90 -1.06 -9.06
N SER A 33 5.48 -0.04 -8.45
CA SER A 33 5.08 0.42 -7.13
C SER A 33 3.60 0.81 -7.10
N ALA A 34 3.13 1.31 -8.24
CA ALA A 34 1.74 1.72 -8.38
C ALA A 34 0.79 0.53 -8.27
N SER A 35 1.21 -0.63 -8.78
CA SER A 35 0.37 -1.82 -8.76
C SER A 35 0.17 -2.28 -7.32
N PHE A 36 1.21 -2.14 -6.52
CA PHE A 36 1.15 -2.50 -5.11
C PHE A 36 0.22 -1.55 -4.38
N MET A 37 0.23 -0.29 -4.82
CA MET A 37 -0.57 0.74 -4.20
C MET A 37 -2.06 0.51 -4.42
N TRP A 38 -2.46 0.37 -5.68
CA TRP A 38 -3.85 0.06 -6.03
C TRP A 38 -4.33 -1.20 -5.33
N ALA A 39 -3.47 -2.20 -5.28
CA ALA A 39 -3.80 -3.46 -4.61
C ALA A 39 -4.10 -3.23 -3.14
N LEU A 40 -3.36 -2.31 -2.52
CA LEU A 40 -3.57 -1.99 -1.11
C LEU A 40 -4.90 -1.28 -0.93
N ALA A 41 -5.26 -0.45 -1.89
CA ALA A 41 -6.50 0.31 -1.84
C ALA A 41 -7.70 -0.61 -1.78
N ARG A 42 -7.76 -1.58 -2.67
CA ARG A 42 -8.93 -2.46 -2.74
C ARG A 42 -8.86 -3.55 -1.67
N TYR A 43 -7.72 -3.67 -1.00
CA TYR A 43 -7.60 -4.60 0.11
C TYR A 43 -8.07 -3.92 1.39
N ASN A 44 -7.73 -2.65 1.56
CA ASN A 44 -8.16 -1.87 2.71
C ASN A 44 -9.65 -1.54 2.61
N ALA A 45 -10.14 -1.40 1.40
CA ALA A 45 -11.56 -1.09 1.17
C ALA A 45 -12.44 -2.30 1.47
N TRP A 46 -11.81 -3.47 1.52
CA TRP A 46 -12.50 -4.71 1.86
C TRP A 46 -13.20 -4.57 3.21
N PHE A 47 -12.54 -3.90 4.14
CA PHE A 47 -13.06 -3.74 5.49
C PHE A 47 -14.18 -2.72 5.56
N GLY A 48 -14.38 -1.97 4.49
CA GLY A 48 -15.46 -1.00 4.45
C GLY A 48 -16.80 -1.68 4.60
N SER A 49 -16.90 -2.89 4.06
CA SER A 49 -18.16 -3.63 4.09
C SER A 49 -18.62 -3.91 5.52
N THR A 50 -17.67 -4.19 6.40
CA THR A 50 -17.98 -4.56 7.77
C THR A 50 -17.93 -3.32 8.68
N SER A 51 -17.90 -2.14 8.08
CA SER A 51 -17.76 -0.90 8.84
C SER A 51 -19.07 -0.50 9.52
N PHE A 52 -20.21 -0.70 8.85
CA PHE A 52 -21.48 -0.27 9.42
C PHE A 52 -22.59 -1.28 9.16
N GLU A 53 -23.83 -0.85 9.41
CA GLU A 53 -25.00 -1.72 9.34
C GLU A 53 -25.82 -1.45 8.08
N THR A 54 -25.97 -0.19 7.72
CA THR A 54 -26.73 0.19 6.54
C THR A 54 -25.83 0.90 5.54
N LYS A 55 -26.25 0.99 4.30
CA LYS A 55 -25.43 1.61 3.27
C LYS A 55 -25.35 3.11 3.47
N GLU A 56 -26.44 3.70 3.93
CA GLU A 56 -26.51 5.14 4.14
C GLU A 56 -25.54 5.59 5.22
N GLN A 57 -25.49 4.83 6.32
CA GLN A 57 -24.58 5.14 7.40
C GLN A 57 -23.16 4.73 7.05
N MET A 58 -23.04 3.62 6.34
CA MET A 58 -21.75 3.13 5.87
C MET A 58 -21.10 4.13 4.91
N GLN A 59 -21.92 4.70 4.04
CA GLN A 59 -21.46 5.68 3.06
C GLN A 59 -20.89 6.91 3.75
N ALA A 60 -21.45 7.27 4.89
CA ALA A 60 -21.01 8.45 5.63
C ALA A 60 -19.74 8.16 6.43
N LYS A 61 -19.26 6.91 6.35
CA LYS A 61 -18.07 6.51 7.08
C LYS A 61 -16.90 6.28 6.15
N LYS A 62 -17.14 6.47 4.86
CA LYS A 62 -16.12 6.21 3.85
C LYS A 62 -14.87 7.04 4.15
N GLN A 63 -15.06 8.33 4.34
CA GLN A 63 -13.94 9.23 4.54
C GLN A 63 -13.38 9.08 5.95
N GLU A 64 -14.13 8.42 6.81
CA GLU A 64 -13.71 8.23 8.19
C GLU A 64 -12.76 7.05 8.33
N MET A 65 -13.08 5.92 7.69
CA MET A 65 -12.19 4.77 7.77
C MET A 65 -11.03 4.96 6.82
N MET A 66 -11.24 5.80 5.81
CA MET A 66 -10.20 6.10 4.84
C MET A 66 -9.38 7.29 5.30
N ASP A 67 -9.82 7.93 6.37
CA ASP A 67 -9.16 9.15 6.86
C ASP A 67 -7.71 8.89 7.17
N TYR A 68 -7.46 7.78 7.84
CA TYR A 68 -6.12 7.46 8.28
C TYR A 68 -5.59 6.27 7.50
N TYR A 69 -6.34 5.82 6.51
CA TYR A 69 -5.85 4.76 5.63
C TYR A 69 -4.63 5.27 4.88
N MET A 70 -4.79 6.41 4.22
CA MET A 70 -3.66 7.07 3.56
C MET A 70 -2.55 7.32 4.59
N ASP A 71 -2.98 7.81 5.75
CA ASP A 71 -2.06 8.24 6.80
C ASP A 71 -1.87 7.14 7.84
N ARG A 72 -1.42 5.96 7.40
CA ARG A 72 -1.04 4.89 8.32
C ARG A 72 0.40 4.48 8.08
N TYR A 73 0.76 4.29 6.82
CA TYR A 73 2.11 3.85 6.51
C TYR A 73 2.98 5.07 6.24
N LYS A 74 2.43 6.23 6.61
CA LYS A 74 3.11 7.50 6.47
C LYS A 74 4.39 7.52 7.28
N GLU A 75 4.25 7.41 8.60
CA GLU A 75 5.40 7.43 9.50
C GLU A 75 6.35 6.27 9.20
N MET A 76 5.78 5.12 8.87
CA MET A 76 6.58 3.94 8.58
C MET A 76 7.36 4.13 7.27
N LEU A 77 6.76 4.88 6.35
CA LEU A 77 7.40 5.18 5.08
C LEU A 77 8.52 6.20 5.31
N ASP A 78 8.24 7.19 6.13
CA ASP A 78 9.22 8.22 6.49
C ASP A 78 10.42 7.59 7.18
N ALA A 79 10.14 6.55 7.97
CA ALA A 79 11.18 5.81 8.66
C ALA A 79 12.06 5.04 7.67
N ASN A 80 11.61 4.92 6.43
CA ASN A 80 12.40 4.28 5.39
C ASN A 80 13.06 5.34 4.52
N MET A 81 12.50 6.54 4.54
CA MET A 81 13.09 7.67 3.85
C MET A 81 14.40 8.07 4.51
N GLU A 82 14.32 8.35 5.82
CA GLU A 82 15.47 8.78 6.60
C GLU A 82 16.60 7.76 6.51
N ASP A 83 16.25 6.49 6.27
CA ASP A 83 17.24 5.42 6.13
C ASP A 83 18.29 5.80 5.09
N TYR A 84 17.82 6.25 3.94
CA TYR A 84 18.73 6.63 2.86
C TYR A 84 19.23 8.06 3.06
N ILE A 85 18.45 8.87 3.76
CA ILE A 85 18.82 10.25 4.01
C ILE A 85 20.01 10.34 4.96
N GLU A 86 19.88 9.76 6.14
CA GLU A 86 20.93 9.85 7.15
C GLU A 86 22.17 9.06 6.73
N ASN A 87 21.99 8.13 5.80
CA ASN A 87 23.09 7.32 5.33
C ASN A 87 23.55 7.78 3.95
N PHE A 88 23.21 9.01 3.58
CA PHE A 88 23.65 9.56 2.31
C PHE A 88 25.16 9.54 2.23
N ASP A 89 25.81 10.14 3.23
CA ASP A 89 27.27 10.19 3.27
C ASP A 89 27.87 8.84 3.60
N HIS A 90 27.02 7.84 3.76
CA HIS A 90 27.46 6.47 3.94
C HIS A 90 27.58 5.80 2.57
N TYR A 91 26.49 5.88 1.80
CA TYR A 91 26.48 5.35 0.45
C TYR A 91 27.35 6.20 -0.46
N ARG A 92 27.46 7.47 -0.13
CA ARG A 92 28.29 8.40 -0.89
C ARG A 92 29.76 8.19 -0.52
N ALA A 93 29.98 7.45 0.56
CA ALA A 93 31.34 7.13 1.00
C ALA A 93 31.82 5.84 0.35
N THR A 94 30.86 4.99 -0.02
CA THR A 94 31.19 3.72 -0.65
C THR A 94 31.28 3.89 -2.16
N GLN A 95 30.98 5.09 -2.64
CA GLN A 95 31.07 5.40 -4.06
C GLN A 95 32.23 6.35 -4.32
N LYS A 96 32.45 6.64 -5.59
CA LYS A 96 33.56 7.49 -6.00
C LYS A 96 33.09 8.48 -7.07
N SER B 1 -5.80 -4.67 -22.96
CA SER B 1 -6.79 -5.54 -23.59
C SER B 1 -7.39 -6.48 -22.55
N ASN B 2 -6.57 -6.90 -21.61
CA ASN B 2 -7.01 -7.81 -20.56
C ASN B 2 -7.29 -7.03 -19.29
N ASN B 3 -7.18 -5.71 -19.40
CA ASN B 3 -7.34 -4.83 -18.27
C ASN B 3 -7.91 -3.48 -18.72
N GLU B 4 -8.89 -2.99 -17.99
CA GLU B 4 -9.55 -1.73 -18.33
C GLU B 4 -8.70 -0.53 -17.88
N ASN B 5 -7.71 -0.19 -18.72
CA ASN B 5 -6.81 0.92 -18.49
C ASN B 5 -5.83 0.62 -17.37
N ALA B 6 -6.37 0.38 -16.18
CA ALA B 6 -5.57 0.14 -15.00
C ALA B 6 -4.92 -1.23 -15.03
N PHE B 7 -3.88 -1.38 -14.23
CA PHE B 7 -3.10 -2.61 -14.17
C PHE B 7 -3.76 -3.66 -13.27
N TYR B 8 -5.04 -3.90 -13.49
CA TYR B 8 -5.79 -4.88 -12.70
C TYR B 8 -5.09 -6.23 -12.70
N ALA B 9 -4.66 -6.64 -13.89
CA ALA B 9 -4.02 -7.94 -14.08
C ALA B 9 -2.71 -8.07 -13.34
N ARG B 10 -2.15 -6.93 -12.94
CA ARG B 10 -0.91 -6.92 -12.18
C ARG B 10 -1.21 -6.95 -10.69
N ALA B 11 -1.89 -5.92 -10.21
CA ALA B 11 -2.21 -5.78 -8.79
C ALA B 11 -2.94 -6.98 -8.21
N THR B 12 -3.66 -7.72 -9.06
CA THR B 12 -4.42 -8.87 -8.60
C THR B 12 -3.50 -9.97 -8.08
N GLU B 13 -2.22 -9.92 -8.45
CA GLU B 13 -1.26 -10.92 -8.02
C GLU B 13 -0.50 -10.43 -6.79
N LEU B 14 -0.56 -9.14 -6.56
CA LEU B 14 0.01 -8.56 -5.35
C LEU B 14 -0.83 -9.00 -4.15
N ILE B 15 -2.15 -8.91 -4.32
CA ILE B 15 -3.10 -9.38 -3.30
C ILE B 15 -3.06 -10.91 -3.21
N LYS B 16 -2.64 -11.55 -4.30
CA LYS B 16 -2.54 -12.99 -4.36
C LYS B 16 -1.56 -13.51 -3.31
N LEU B 17 -0.50 -12.76 -3.03
CA LEU B 17 0.43 -13.15 -1.99
C LEU B 17 -0.23 -12.96 -0.62
N ALA B 18 -0.93 -11.84 -0.46
CA ALA B 18 -1.60 -11.53 0.79
C ALA B 18 -2.63 -12.60 1.15
N ASN B 19 -3.34 -13.10 0.14
CA ASN B 19 -4.33 -14.15 0.34
C ASN B 19 -3.68 -15.41 0.89
N GLN B 20 -2.45 -15.67 0.47
CA GLN B 20 -1.70 -16.84 0.94
C GLN B 20 -1.32 -16.68 2.41
N GLN B 21 -1.04 -15.45 2.82
CA GLN B 21 -0.73 -15.16 4.22
C GLN B 21 -2.01 -15.01 5.03
N ASN B 22 -3.10 -14.79 4.32
CA ASN B 22 -4.41 -14.67 4.93
C ASN B 22 -4.94 -16.04 5.33
N GLN B 23 -4.18 -17.07 4.96
CA GLN B 23 -4.54 -18.44 5.27
C GLN B 23 -4.22 -18.78 6.74
N ASN B 24 -3.74 -17.78 7.49
CA ASN B 24 -3.48 -17.95 8.91
C ASN B 24 -4.77 -18.34 9.63
N THR B 25 -4.67 -19.36 10.46
CA THR B 25 -5.82 -19.83 11.21
C THR B 25 -5.84 -19.19 12.60
N GLU B 26 -4.66 -18.75 13.05
CA GLU B 26 -4.52 -18.07 14.33
C GLU B 26 -4.73 -16.57 14.20
N ILE B 27 -4.56 -16.05 12.99
CA ILE B 27 -4.69 -14.62 12.77
C ILE B 27 -5.94 -14.31 11.96
N GLN B 28 -6.49 -13.12 12.18
CA GLN B 28 -7.66 -12.69 11.47
C GLN B 28 -7.27 -11.88 10.23
N THR B 29 -8.25 -11.49 9.44
CA THR B 29 -8.03 -10.78 8.19
C THR B 29 -7.39 -9.42 8.42
N GLY B 30 -7.72 -8.80 9.56
CA GLY B 30 -7.30 -7.44 9.85
C GLY B 30 -5.79 -7.23 9.92
N GLU B 31 -5.05 -8.28 10.24
CA GLU B 31 -3.60 -8.15 10.40
C GLU B 31 -2.87 -8.34 9.08
N VAL B 32 -3.55 -8.90 8.10
CA VAL B 32 -2.92 -9.20 6.82
C VAL B 32 -2.85 -7.96 5.94
N SER B 33 -3.89 -7.14 5.99
CA SER B 33 -3.94 -5.90 5.23
C SER B 33 -2.79 -4.98 5.63
N ALA B 34 -2.43 -5.03 6.91
CA ALA B 34 -1.38 -4.20 7.45
C ALA B 34 -0.01 -4.60 6.89
N SER B 35 0.18 -5.87 6.58
CA SER B 35 1.45 -6.34 6.05
C SER B 35 1.66 -5.78 4.65
N PHE B 36 0.56 -5.60 3.92
CA PHE B 36 0.60 -5.01 2.59
C PHE B 36 0.89 -3.52 2.72
N MET B 37 0.37 -2.93 3.78
CA MET B 37 0.56 -1.52 4.07
C MET B 37 2.04 -1.19 4.25
N TRP B 38 2.69 -1.89 5.18
CA TRP B 38 4.10 -1.68 5.48
C TRP B 38 4.99 -2.01 4.29
N ALA B 39 4.59 -2.99 3.50
CA ALA B 39 5.38 -3.40 2.33
C ALA B 39 5.44 -2.29 1.29
N LEU B 40 4.31 -1.59 1.10
CA LEU B 40 4.26 -0.49 0.14
C LEU B 40 5.12 0.68 0.63
N ALA B 41 5.22 0.81 1.95
CA ALA B 41 5.99 1.90 2.55
C ALA B 41 7.46 1.82 2.17
N ARG B 42 8.04 0.64 2.30
CA ARG B 42 9.46 0.48 2.04
C ARG B 42 9.71 0.27 0.54
N TYR B 43 8.63 0.15 -0.22
CA TYR B 43 8.74 0.05 -1.68
C TYR B 43 8.71 1.45 -2.29
N ASN B 44 7.85 2.30 -1.74
CA ASN B 44 7.72 3.68 -2.21
C ASN B 44 8.88 4.54 -1.73
N ALA B 45 9.34 4.30 -0.50
CA ALA B 45 10.45 5.08 0.05
C ALA B 45 11.75 4.78 -0.70
N TRP B 46 11.75 3.67 -1.43
CA TRP B 46 12.89 3.29 -2.25
C TRP B 46 13.05 4.26 -3.41
N PHE B 47 12.01 5.02 -3.70
CA PHE B 47 12.04 6.02 -4.75
C PHE B 47 12.33 7.40 -4.18
N GLY B 48 12.49 7.47 -2.86
CA GLY B 48 12.83 8.72 -2.22
C GLY B 48 14.28 9.08 -2.43
N SER B 49 15.12 8.06 -2.57
CA SER B 49 16.56 8.27 -2.73
C SER B 49 16.88 8.83 -4.12
N THR B 50 15.95 8.69 -5.05
CA THR B 50 16.14 9.20 -6.40
C THR B 50 15.34 10.50 -6.59
N SER B 51 14.92 11.09 -5.48
CA SER B 51 14.17 12.34 -5.49
C SER B 51 15.11 13.53 -5.66
N PHE B 52 16.20 13.51 -4.91
CA PHE B 52 17.17 14.60 -4.96
C PHE B 52 18.60 14.06 -4.93
N GLU B 53 19.56 14.98 -4.82
CA GLU B 53 20.98 14.61 -4.90
C GLU B 53 21.63 14.57 -3.53
N THR B 54 21.36 15.58 -2.71
CA THR B 54 21.94 15.65 -1.38
C THR B 54 20.90 15.33 -0.32
N LYS B 55 21.35 14.80 0.81
CA LYS B 55 20.46 14.42 1.89
C LYS B 55 19.74 15.64 2.44
N GLU B 56 20.42 16.79 2.41
CA GLU B 56 19.87 18.03 2.92
C GLU B 56 18.61 18.40 2.15
N GLN B 57 18.73 18.46 0.83
CA GLN B 57 17.62 18.84 -0.03
C GLN B 57 16.58 17.73 -0.06
N MET B 58 17.04 16.48 -0.17
CA MET B 58 16.16 15.32 -0.22
C MET B 58 15.27 15.25 1.02
N GLN B 59 15.85 15.54 2.17
CA GLN B 59 15.12 15.49 3.44
C GLN B 59 14.00 16.52 3.47
N ALA B 60 14.21 17.64 2.82
CA ALA B 60 13.21 18.71 2.79
C ALA B 60 12.10 18.39 1.80
N LYS B 61 12.25 17.29 1.08
CA LYS B 61 11.28 16.91 0.06
C LYS B 61 10.56 15.65 0.47
N LYS B 62 10.84 15.18 1.67
CA LYS B 62 10.26 13.94 2.15
C LYS B 62 8.74 14.01 2.11
N GLN B 63 8.18 15.05 2.70
CA GLN B 63 6.74 15.19 2.79
C GLN B 63 6.13 15.39 1.40
N GLU B 64 6.89 16.02 0.51
CA GLU B 64 6.41 16.29 -0.83
C GLU B 64 6.12 15.00 -1.59
N MET B 65 7.08 14.07 -1.60
CA MET B 65 6.89 12.84 -2.36
C MET B 65 6.00 11.87 -1.59
N MET B 66 6.04 11.99 -0.27
CA MET B 66 5.28 11.10 0.59
C MET B 66 3.82 11.49 0.63
N ASP B 67 3.50 12.75 0.34
CA ASP B 67 2.13 13.22 0.46
C ASP B 67 1.27 12.52 -0.56
N TYR B 68 1.90 12.10 -1.63
CA TYR B 68 1.23 11.40 -2.70
C TYR B 68 1.34 9.89 -2.52
N TYR B 69 2.27 9.46 -1.69
CA TYR B 69 2.32 8.06 -1.31
C TYR B 69 1.17 7.78 -0.37
N MET B 70 0.91 8.71 0.53
CA MET B 70 -0.30 8.65 1.32
C MET B 70 -1.52 8.98 0.47
N ASP B 71 -1.57 10.20 -0.05
CA ASP B 71 -2.78 10.71 -0.70
C ASP B 71 -2.72 10.61 -2.22
N ARG B 72 -2.93 9.40 -2.73
CA ARG B 72 -3.18 9.18 -4.15
C ARG B 72 -4.00 7.92 -4.38
N TYR B 73 -3.80 6.91 -3.56
CA TYR B 73 -4.57 5.67 -3.70
C TYR B 73 -5.90 5.84 -2.99
N LYS B 74 -6.10 7.01 -2.41
CA LYS B 74 -7.31 7.37 -1.70
C LYS B 74 -8.51 7.32 -2.63
N GLU B 75 -8.41 8.01 -3.75
CA GLU B 75 -9.50 8.08 -4.72
C GLU B 75 -9.88 6.69 -5.22
N MET B 76 -8.86 5.85 -5.42
CA MET B 76 -9.06 4.52 -5.95
C MET B 76 -9.52 3.57 -4.85
N LEU B 77 -9.18 3.91 -3.61
CA LEU B 77 -9.65 3.17 -2.45
C LEU B 77 -11.13 3.46 -2.24
N ASP B 78 -11.47 4.73 -2.37
CA ASP B 78 -12.86 5.19 -2.27
C ASP B 78 -13.74 4.45 -3.27
N ALA B 79 -13.19 4.26 -4.47
CA ALA B 79 -13.89 3.62 -5.56
C ALA B 79 -14.28 2.18 -5.23
N ASN B 80 -13.56 1.56 -4.30
CA ASN B 80 -13.84 0.17 -3.94
C ASN B 80 -14.69 0.11 -2.68
N MET B 81 -14.78 1.24 -1.99
CA MET B 81 -15.58 1.33 -0.77
C MET B 81 -17.06 1.26 -1.11
N GLU B 82 -17.50 2.15 -1.99
CA GLU B 82 -18.91 2.26 -2.30
C GLU B 82 -19.38 1.17 -3.25
N ASP B 83 -18.49 0.28 -3.66
CA ASP B 83 -18.87 -0.88 -4.45
C ASP B 83 -19.87 -1.73 -3.67
N TYR B 84 -19.54 -1.96 -2.41
CA TYR B 84 -20.42 -2.73 -1.53
C TYR B 84 -21.52 -1.82 -0.96
N ILE B 85 -21.29 -0.51 -0.99
CA ILE B 85 -22.28 0.45 -0.50
C ILE B 85 -23.46 0.53 -1.45
N GLU B 86 -23.18 0.81 -2.72
CA GLU B 86 -24.23 0.96 -3.73
C GLU B 86 -24.93 -0.38 -3.97
N ASN B 87 -24.29 -1.47 -3.56
CA ASN B 87 -24.88 -2.79 -3.71
C ASN B 87 -25.22 -3.41 -2.37
N PHE B 88 -25.32 -2.58 -1.32
CA PHE B 88 -25.65 -3.07 0.01
C PHE B 88 -26.92 -3.91 -0.02
N ASP B 89 -27.99 -3.33 -0.54
CA ASP B 89 -29.28 -4.01 -0.59
C ASP B 89 -29.32 -5.04 -1.71
N HIS B 90 -28.20 -5.19 -2.41
CA HIS B 90 -28.05 -6.23 -3.40
C HIS B 90 -27.54 -7.50 -2.72
N TYR B 91 -26.47 -7.34 -1.94
CA TYR B 91 -25.90 -8.44 -1.17
C TYR B 91 -26.82 -8.80 -0.02
N ARG B 92 -27.35 -7.77 0.65
CA ARG B 92 -28.20 -7.95 1.81
C ARG B 92 -29.55 -8.56 1.40
N ALA B 93 -29.82 -8.55 0.11
CA ALA B 93 -31.05 -9.14 -0.42
C ALA B 93 -30.82 -10.59 -0.85
N THR B 94 -29.60 -10.88 -1.28
CA THR B 94 -29.27 -12.23 -1.73
C THR B 94 -29.00 -13.15 -0.55
N GLN B 95 -28.67 -12.57 0.60
CA GLN B 95 -28.53 -13.34 1.83
C GLN B 95 -29.90 -13.59 2.44
N LYS B 96 -29.97 -14.57 3.32
CA LYS B 96 -31.23 -15.00 3.91
C LYS B 96 -31.04 -15.29 5.39
N SER A 1 10.15 -14.47 19.30
CA SER A 1 9.49 -14.76 18.02
C SER A 1 10.19 -14.02 16.89
N ASN A 2 9.77 -14.28 15.66
CA ASN A 2 10.38 -13.66 14.48
C ASN A 2 9.93 -12.21 14.33
N ASN A 3 8.88 -11.84 15.07
CA ASN A 3 8.35 -10.50 15.04
C ASN A 3 9.20 -9.58 15.91
N GLU A 4 9.83 -8.59 15.28
CA GLU A 4 10.50 -7.53 16.03
C GLU A 4 9.43 -6.74 16.78
N ASN A 5 8.36 -6.45 16.06
CA ASN A 5 7.21 -5.76 16.62
C ASN A 5 5.93 -6.25 15.94
N ALA A 6 6.05 -6.62 14.67
CA ALA A 6 4.88 -6.97 13.88
C ALA A 6 5.20 -8.01 12.80
N PHE A 7 4.28 -8.09 11.83
CA PHE A 7 4.26 -9.12 10.78
C PHE A 7 5.36 -8.95 9.72
N TYR A 8 6.58 -8.63 10.12
CA TYR A 8 7.67 -8.37 9.18
C TYR A 8 7.90 -9.57 8.25
N ALA A 9 7.86 -10.77 8.83
CA ALA A 9 8.10 -12.00 8.07
C ALA A 9 6.99 -12.26 7.06
N ARG A 10 5.84 -11.62 7.23
CA ARG A 10 4.74 -11.76 6.29
C ARG A 10 4.78 -10.66 5.22
N ALA A 11 4.85 -9.41 5.65
CA ALA A 11 4.89 -8.27 4.75
C ALA A 11 6.01 -8.36 3.72
N THR A 12 7.07 -9.10 4.06
CA THR A 12 8.19 -9.28 3.15
C THR A 12 7.78 -10.12 1.93
N GLU A 13 6.73 -10.92 2.07
CA GLU A 13 6.27 -11.78 0.98
C GLU A 13 5.46 -10.94 -0.01
N LEU A 14 4.86 -9.88 0.52
CA LEU A 14 4.08 -8.94 -0.28
C LEU A 14 4.99 -8.22 -1.27
N ILE A 15 6.10 -7.70 -0.75
CA ILE A 15 7.11 -7.04 -1.58
C ILE A 15 7.79 -8.06 -2.49
N LYS A 16 7.87 -9.30 -2.01
CA LYS A 16 8.52 -10.37 -2.75
C LYS A 16 7.84 -10.60 -4.11
N LEU A 17 6.55 -10.33 -4.18
CA LEU A 17 5.82 -10.47 -5.45
C LEU A 17 6.28 -9.37 -6.40
N ALA A 18 6.37 -8.16 -5.88
CA ALA A 18 6.79 -7.00 -6.68
C ALA A 18 8.20 -7.18 -7.22
N ASN A 19 9.03 -7.88 -6.45
CA ASN A 19 10.40 -8.17 -6.86
C ASN A 19 10.41 -8.89 -8.20
N GLN A 20 9.42 -9.75 -8.40
CA GLN A 20 9.30 -10.51 -9.63
C GLN A 20 8.85 -9.63 -10.79
N GLN A 21 7.96 -8.70 -10.51
CA GLN A 21 7.44 -7.82 -11.56
C GLN A 21 8.48 -6.78 -11.97
N ASN A 22 9.43 -6.52 -11.08
CA ASN A 22 10.52 -5.60 -11.38
C ASN A 22 11.57 -6.29 -12.24
N GLN A 23 11.48 -7.62 -12.32
CA GLN A 23 12.34 -8.40 -13.18
C GLN A 23 11.84 -8.38 -14.61
N ASN A 24 10.68 -7.77 -14.81
CA ASN A 24 10.04 -7.73 -16.11
C ASN A 24 10.69 -6.66 -16.98
N THR A 25 10.95 -7.03 -18.22
CA THR A 25 11.57 -6.13 -19.18
C THR A 25 10.59 -5.08 -19.69
N GLU A 26 9.32 -5.47 -19.87
CA GLU A 26 8.33 -4.58 -20.48
C GLU A 26 7.87 -3.51 -19.51
N ILE A 27 8.00 -3.78 -18.22
CA ILE A 27 7.50 -2.87 -17.20
C ILE A 27 8.61 -1.97 -16.70
N GLN A 28 8.23 -0.88 -16.04
CA GLN A 28 9.17 0.04 -15.46
C GLN A 28 8.94 0.12 -13.96
N THR A 29 9.92 0.65 -13.23
CA THR A 29 9.87 0.72 -11.77
C THR A 29 8.59 1.42 -11.29
N GLY A 30 8.12 2.38 -12.09
CA GLY A 30 6.93 3.13 -11.72
C GLY A 30 5.68 2.27 -11.59
N GLU A 31 5.50 1.33 -12.51
CA GLU A 31 4.27 0.54 -12.55
C GLU A 31 4.22 -0.47 -11.40
N VAL A 32 5.37 -1.05 -11.09
CA VAL A 32 5.46 -2.07 -10.06
C VAL A 32 5.23 -1.46 -8.68
N SER A 33 5.72 -0.24 -8.48
CA SER A 33 5.56 0.45 -7.22
C SER A 33 4.12 0.96 -7.06
N ALA A 34 3.57 1.48 -8.15
CA ALA A 34 2.24 2.08 -8.13
C ALA A 34 1.15 1.01 -8.01
N SER A 35 1.40 -0.18 -8.54
CA SER A 35 0.40 -1.24 -8.50
C SER A 35 0.18 -1.71 -7.07
N PHE A 36 1.22 -1.62 -6.25
CA PHE A 36 1.10 -1.97 -4.84
C PHE A 36 0.17 -0.99 -4.13
N MET A 37 0.21 0.26 -4.59
CA MET A 37 -0.65 1.30 -4.02
C MET A 37 -2.12 1.06 -4.41
N TRP A 38 -2.36 0.80 -5.69
CA TRP A 38 -3.70 0.52 -6.17
C TRP A 38 -4.25 -0.76 -5.53
N ALA A 39 -3.38 -1.74 -5.36
CA ALA A 39 -3.78 -3.00 -4.74
C ALA A 39 -4.17 -2.80 -3.28
N LEU A 40 -3.47 -1.90 -2.59
CA LEU A 40 -3.76 -1.60 -1.19
C LEU A 40 -5.13 -0.94 -1.08
N ALA A 41 -5.48 -0.16 -2.10
CA ALA A 41 -6.77 0.51 -2.15
C ALA A 41 -7.89 -0.51 -2.29
N ARG A 42 -7.72 -1.47 -3.19
CA ARG A 42 -8.75 -2.46 -3.42
C ARG A 42 -8.89 -3.40 -2.22
N TYR A 43 -7.80 -3.52 -1.47
CA TYR A 43 -7.78 -4.43 -0.33
C TYR A 43 -8.38 -3.77 0.91
N ASN A 44 -7.99 -2.52 1.17
CA ASN A 44 -8.45 -1.82 2.37
C ASN A 44 -9.94 -1.50 2.30
N ALA A 45 -10.46 -1.33 1.09
CA ALA A 45 -11.88 -1.01 0.91
C ALA A 45 -12.75 -2.23 1.15
N TRP A 46 -12.13 -3.41 1.12
CA TRP A 46 -12.82 -4.66 1.41
C TRP A 46 -13.24 -4.70 2.88
N PHE A 47 -12.62 -3.84 3.68
CA PHE A 47 -12.97 -3.72 5.09
C PHE A 47 -14.01 -2.64 5.32
N GLY A 48 -14.44 -2.00 4.25
CA GLY A 48 -15.47 -1.00 4.35
C GLY A 48 -16.82 -1.64 4.59
N SER A 49 -17.04 -2.78 3.95
CA SER A 49 -18.31 -3.50 4.04
C SER A 49 -18.48 -4.17 5.40
N THR A 50 -17.48 -4.00 6.26
CA THR A 50 -17.57 -4.50 7.63
C THR A 50 -17.34 -3.34 8.60
N SER A 51 -17.47 -2.12 8.09
CA SER A 51 -17.24 -0.92 8.90
C SER A 51 -18.56 -0.42 9.50
N PHE A 52 -19.67 -0.62 8.79
CA PHE A 52 -20.96 -0.17 9.28
C PHE A 52 -22.06 -1.15 8.91
N GLU A 53 -23.29 -0.77 9.22
CA GLU A 53 -24.45 -1.65 9.08
C GLU A 53 -25.19 -1.37 7.77
N THR A 54 -25.35 -0.10 7.43
CA THR A 54 -26.06 0.29 6.23
C THR A 54 -25.16 1.09 5.32
N LYS A 55 -25.52 1.20 4.05
CA LYS A 55 -24.68 1.91 3.10
C LYS A 55 -24.76 3.41 3.34
N GLU A 56 -25.93 3.88 3.76
CA GLU A 56 -26.15 5.30 3.99
C GLU A 56 -25.29 5.79 5.14
N GLN A 57 -25.04 4.91 6.10
CA GLN A 57 -24.21 5.26 7.24
C GLN A 57 -22.75 4.92 6.95
N MET A 58 -22.52 3.81 6.25
CA MET A 58 -21.17 3.39 5.86
C MET A 58 -20.52 4.42 4.95
N GLN A 59 -21.29 4.95 4.00
CA GLN A 59 -20.80 5.93 3.04
C GLN A 59 -20.36 7.21 3.74
N ALA A 60 -21.02 7.53 4.85
CA ALA A 60 -20.70 8.73 5.61
C ALA A 60 -19.48 8.51 6.50
N LYS A 61 -19.01 7.27 6.56
CA LYS A 61 -17.86 6.92 7.39
C LYS A 61 -16.65 6.64 6.54
N LYS A 62 -16.78 6.83 5.24
CA LYS A 62 -15.71 6.52 4.32
C LYS A 62 -14.41 7.20 4.72
N GLN A 63 -14.50 8.47 5.07
CA GLN A 63 -13.31 9.23 5.41
C GLN A 63 -12.87 8.93 6.83
N GLU A 64 -13.74 8.30 7.60
CA GLU A 64 -13.41 7.94 8.98
C GLU A 64 -12.86 6.52 9.05
N MET A 65 -12.89 5.80 7.92
CA MET A 65 -12.20 4.54 7.84
C MET A 65 -10.94 4.70 6.98
N MET A 66 -10.99 5.70 6.10
CA MET A 66 -9.90 5.94 5.14
C MET A 66 -8.89 6.96 5.64
N ASP A 67 -9.09 7.49 6.84
CA ASP A 67 -8.21 8.55 7.34
C ASP A 67 -6.91 7.94 7.80
N TYR A 68 -7.01 6.73 8.30
CA TYR A 68 -5.85 5.95 8.70
C TYR A 68 -5.26 5.22 7.51
N TYR A 69 -6.03 5.13 6.44
CA TYR A 69 -5.55 4.48 5.24
C TYR A 69 -4.54 5.38 4.52
N MET A 70 -4.83 6.67 4.46
CA MET A 70 -3.84 7.62 3.99
C MET A 70 -2.78 7.84 5.07
N ASP A 71 -3.23 8.26 6.25
CA ASP A 71 -2.33 8.70 7.31
C ASP A 71 -2.15 7.65 8.38
N ARG A 72 -1.24 6.70 8.14
CA ARG A 72 -0.79 5.75 9.17
C ARG A 72 0.48 5.06 8.75
N TYR A 73 0.62 4.76 7.46
CA TYR A 73 1.82 4.11 6.99
C TYR A 73 2.86 5.17 6.67
N LYS A 74 2.53 6.40 7.04
CA LYS A 74 3.42 7.53 6.89
C LYS A 74 4.66 7.33 7.76
N GLU A 75 4.44 7.09 9.05
CA GLU A 75 5.54 6.89 9.99
C GLU A 75 6.43 5.72 9.56
N MET A 76 5.80 4.70 9.00
CA MET A 76 6.50 3.54 8.47
C MET A 76 7.33 3.95 7.26
N LEU A 77 6.77 4.85 6.48
CA LEU A 77 7.41 5.33 5.26
C LEU A 77 8.55 6.28 5.59
N ASP A 78 8.32 7.16 6.58
CA ASP A 78 9.35 8.06 7.10
C ASP A 78 10.58 7.28 7.50
N ALA A 79 10.34 6.11 8.10
CA ALA A 79 11.39 5.24 8.58
C ALA A 79 12.31 4.78 7.45
N ASN A 80 11.74 4.63 6.25
CA ASN A 80 12.53 4.17 5.12
C ASN A 80 13.21 5.36 4.46
N MET A 81 12.56 6.51 4.52
CA MET A 81 13.15 7.74 3.99
C MET A 81 14.41 8.10 4.75
N GLU A 82 14.27 8.33 6.05
CA GLU A 82 15.39 8.71 6.91
C GLU A 82 16.53 7.70 6.81
N ASP A 83 16.17 6.44 6.58
CA ASP A 83 17.16 5.36 6.47
C ASP A 83 18.20 5.65 5.39
N TYR A 84 17.72 6.09 4.22
CA TYR A 84 18.62 6.40 3.12
C TYR A 84 19.18 7.81 3.27
N ILE A 85 18.42 8.68 3.93
CA ILE A 85 18.82 10.08 4.11
C ILE A 85 20.01 10.18 5.05
N GLU A 86 19.90 9.59 6.24
CA GLU A 86 20.96 9.68 7.24
C GLU A 86 22.22 8.96 6.76
N ASN A 87 22.05 7.98 5.88
CA ASN A 87 23.18 7.21 5.38
C ASN A 87 23.57 7.66 3.98
N PHE A 88 23.08 8.83 3.57
CA PHE A 88 23.40 9.34 2.24
C PHE A 88 24.89 9.39 2.00
N ASP A 89 25.62 10.04 2.90
CA ASP A 89 27.06 10.19 2.74
C ASP A 89 27.76 8.84 2.84
N HIS A 90 27.17 7.95 3.62
CA HIS A 90 27.67 6.58 3.74
C HIS A 90 27.70 5.90 2.36
N TYR A 91 26.57 5.94 1.68
CA TYR A 91 26.48 5.39 0.32
C TYR A 91 27.27 6.24 -0.65
N ARG A 92 27.23 7.54 -0.43
CA ARG A 92 27.92 8.52 -1.26
C ARG A 92 29.43 8.30 -1.16
N ALA A 93 29.86 7.63 -0.10
CA ALA A 93 31.27 7.37 0.10
C ALA A 93 31.70 6.08 -0.60
N THR A 94 30.75 5.17 -0.79
CA THR A 94 31.04 3.90 -1.45
C THR A 94 31.06 4.06 -2.96
N GLN A 95 30.41 5.12 -3.45
CA GLN A 95 30.42 5.41 -4.89
C GLN A 95 31.66 6.23 -5.22
N LYS A 96 32.04 6.21 -6.48
CA LYS A 96 33.27 6.86 -6.91
C LYS A 96 32.99 7.77 -8.11
N SER B 1 -6.69 -9.41 -22.50
CA SER B 1 -6.80 -8.01 -22.11
C SER B 1 -7.34 -7.88 -20.69
N ASN B 2 -6.44 -7.75 -19.72
CA ASN B 2 -6.84 -7.52 -18.34
C ASN B 2 -6.44 -6.11 -17.93
N ASN B 3 -6.04 -5.31 -18.91
CA ASN B 3 -5.53 -3.98 -18.66
C ASN B 3 -6.07 -2.98 -19.67
N GLU B 4 -6.97 -2.11 -19.23
CA GLU B 4 -7.41 -1.00 -20.06
C GLU B 4 -6.23 -0.09 -20.37
N ASN B 5 -5.74 0.60 -19.35
CA ASN B 5 -4.55 1.43 -19.46
C ASN B 5 -3.75 1.33 -18.16
N ALA B 6 -4.16 0.41 -17.30
CA ALA B 6 -3.60 0.32 -15.96
C ALA B 6 -3.04 -1.06 -15.67
N PHE B 7 -2.34 -1.16 -14.55
CA PHE B 7 -1.65 -2.38 -14.16
C PHE B 7 -2.57 -3.34 -13.39
N TYR B 8 -3.83 -3.42 -13.79
CA TYR B 8 -4.82 -4.26 -13.10
C TYR B 8 -4.32 -5.69 -12.94
N ALA B 9 -3.96 -6.31 -14.06
CA ALA B 9 -3.49 -7.70 -14.06
C ALA B 9 -2.21 -7.88 -13.24
N ARG B 10 -1.51 -6.79 -12.98
CA ARG B 10 -0.30 -6.86 -12.17
C ARG B 10 -0.63 -6.75 -10.69
N ALA B 11 -1.35 -5.69 -10.32
CA ALA B 11 -1.74 -5.45 -8.94
C ALA B 11 -2.49 -6.64 -8.32
N THR B 12 -3.19 -7.41 -9.15
CA THR B 12 -3.93 -8.55 -8.65
C THR B 12 -2.98 -9.68 -8.21
N GLU B 13 -1.72 -9.61 -8.62
CA GLU B 13 -0.73 -10.59 -8.19
C GLU B 13 -0.19 -10.19 -6.83
N LEU B 14 -0.19 -8.88 -6.59
CA LEU B 14 0.21 -8.32 -5.32
C LEU B 14 -0.80 -8.73 -4.24
N ILE B 15 -2.09 -8.62 -4.60
CA ILE B 15 -3.16 -9.03 -3.72
C ILE B 15 -3.20 -10.56 -3.57
N LYS B 16 -2.71 -11.25 -4.60
CA LYS B 16 -2.69 -12.69 -4.62
C LYS B 16 -1.90 -13.24 -3.42
N LEU B 17 -0.81 -12.57 -3.07
CA LEU B 17 0.00 -12.99 -1.94
C LEU B 17 -0.78 -12.74 -0.64
N ALA B 18 -1.42 -11.58 -0.57
CA ALA B 18 -2.23 -11.22 0.59
C ALA B 18 -3.36 -12.23 0.79
N ASN B 19 -4.00 -12.63 -0.31
CA ASN B 19 -5.07 -13.62 -0.26
C ASN B 19 -4.57 -14.91 0.38
N GLN B 20 -3.30 -15.22 0.16
CA GLN B 20 -2.71 -16.43 0.69
C GLN B 20 -2.44 -16.31 2.19
N GLN B 21 -2.09 -15.11 2.63
CA GLN B 21 -1.82 -14.87 4.05
C GLN B 21 -3.10 -14.83 4.85
N ASN B 22 -4.19 -14.47 4.17
CA ASN B 22 -5.50 -14.45 4.78
C ASN B 22 -5.93 -15.87 5.09
N GLN B 23 -5.32 -16.82 4.39
CA GLN B 23 -5.62 -18.22 4.58
C GLN B 23 -4.80 -18.81 5.73
N ASN B 24 -3.98 -17.98 6.38
CA ASN B 24 -3.15 -18.46 7.46
C ASN B 24 -3.98 -18.61 8.71
N THR B 25 -3.98 -19.81 9.24
CA THR B 25 -4.82 -20.20 10.37
C THR B 25 -4.66 -19.30 11.60
N GLU B 26 -3.51 -18.66 11.74
CA GLU B 26 -3.23 -17.89 12.95
C GLU B 26 -3.33 -16.38 12.71
N ILE B 27 -3.82 -15.97 11.56
CA ILE B 27 -3.91 -14.55 11.25
C ILE B 27 -5.34 -14.05 11.29
N GLN B 28 -5.49 -12.79 11.61
CA GLN B 28 -6.77 -12.12 11.49
C GLN B 28 -6.87 -11.48 10.12
N THR B 29 -8.08 -11.32 9.62
CA THR B 29 -8.29 -10.73 8.31
C THR B 29 -7.66 -9.34 8.23
N GLY B 30 -7.76 -8.59 9.32
CA GLY B 30 -7.26 -7.22 9.35
C GLY B 30 -5.76 -7.12 9.51
N GLU B 31 -5.07 -8.25 9.61
CA GLU B 31 -3.61 -8.22 9.72
C GLU B 31 -2.98 -8.27 8.34
N VAL B 32 -3.69 -8.87 7.40
CA VAL B 32 -3.17 -9.06 6.05
C VAL B 32 -3.25 -7.75 5.26
N SER B 33 -4.16 -6.88 5.66
CA SER B 33 -4.25 -5.56 5.06
C SER B 33 -3.14 -4.67 5.60
N ALA B 34 -2.78 -4.90 6.86
CA ALA B 34 -1.74 -4.13 7.51
C ALA B 34 -0.36 -4.51 6.98
N SER B 35 -0.18 -5.78 6.64
CA SER B 35 1.08 -6.22 6.07
C SER B 35 1.30 -5.60 4.69
N PHE B 36 0.21 -5.46 3.94
CA PHE B 36 0.26 -4.79 2.65
C PHE B 36 0.57 -3.31 2.85
N MET B 37 -0.01 -2.77 3.92
CA MET B 37 0.19 -1.39 4.31
C MET B 37 1.66 -1.10 4.55
N TRP B 38 2.24 -1.83 5.50
CA TRP B 38 3.65 -1.68 5.86
C TRP B 38 4.57 -1.94 4.68
N ALA B 39 4.20 -2.91 3.85
CA ALA B 39 5.00 -3.27 2.69
C ALA B 39 5.08 -2.12 1.69
N LEU B 40 3.98 -1.39 1.50
CA LEU B 40 3.95 -0.27 0.58
C LEU B 40 4.81 0.87 1.13
N ALA B 41 4.83 1.01 2.45
CA ALA B 41 5.60 2.06 3.10
C ALA B 41 7.09 1.90 2.79
N ARG B 42 7.54 0.67 2.68
CA ARG B 42 8.94 0.40 2.36
C ARG B 42 9.18 0.54 0.87
N TYR B 43 8.29 -0.04 0.07
CA TYR B 43 8.48 -0.08 -1.38
C TYR B 43 8.34 1.31 -2.00
N ASN B 44 7.39 2.09 -1.51
CA ASN B 44 7.10 3.40 -2.08
C ASN B 44 8.29 4.35 -1.90
N ALA B 45 8.97 4.21 -0.77
CA ALA B 45 10.11 5.07 -0.43
C ALA B 45 11.31 4.84 -1.35
N TRP B 46 11.18 3.89 -2.26
CA TRP B 46 12.24 3.59 -3.22
C TRP B 46 12.47 4.81 -4.13
N PHE B 47 11.44 5.62 -4.33
CA PHE B 47 11.57 6.81 -5.16
C PHE B 47 12.18 7.96 -4.36
N GLY B 48 12.39 7.74 -3.08
CA GLY B 48 13.00 8.75 -2.24
C GLY B 48 14.48 8.94 -2.56
N SER B 49 15.17 7.83 -2.79
CA SER B 49 16.61 7.87 -3.05
C SER B 49 16.93 8.49 -4.41
N THR B 50 15.91 8.64 -5.25
CA THR B 50 16.09 9.26 -6.56
C THR B 50 15.37 10.61 -6.60
N SER B 51 15.09 11.15 -5.43
CA SER B 51 14.35 12.40 -5.32
C SER B 51 15.28 13.61 -5.47
N PHE B 52 16.44 13.58 -4.80
CA PHE B 52 17.33 14.72 -4.82
C PHE B 52 18.80 14.32 -4.86
N GLU B 53 19.66 15.33 -4.82
CA GLU B 53 21.10 15.15 -5.02
C GLU B 53 21.84 14.94 -3.70
N THR B 54 21.40 15.64 -2.67
CA THR B 54 22.04 15.54 -1.36
C THR B 54 21.00 15.21 -0.29
N LYS B 55 21.47 14.71 0.85
CA LYS B 55 20.57 14.31 1.92
C LYS B 55 19.79 15.49 2.46
N GLU B 56 20.45 16.63 2.58
CA GLU B 56 19.85 17.82 3.14
C GLU B 56 18.64 18.26 2.33
N GLN B 57 18.81 18.29 1.01
CA GLN B 57 17.75 18.75 0.13
C GLN B 57 16.73 17.65 -0.10
N MET B 58 17.19 16.40 -0.06
CA MET B 58 16.32 15.25 -0.18
C MET B 58 15.39 15.15 1.02
N GLN B 59 15.95 15.33 2.21
CA GLN B 59 15.21 15.26 3.47
C GLN B 59 14.15 16.36 3.53
N ALA B 60 14.45 17.50 2.93
CA ALA B 60 13.51 18.61 2.89
C ALA B 60 12.36 18.32 1.94
N LYS B 61 12.49 17.26 1.14
CA LYS B 61 11.46 16.88 0.19
C LYS B 61 10.73 15.64 0.66
N LYS B 62 11.21 15.09 1.77
CA LYS B 62 10.67 13.88 2.33
C LYS B 62 9.16 13.99 2.50
N GLN B 63 8.73 15.01 3.23
CA GLN B 63 7.32 15.20 3.50
C GLN B 63 6.56 15.50 2.21
N GLU B 64 7.23 16.14 1.26
CA GLU B 64 6.59 16.56 0.02
C GLU B 64 6.26 15.36 -0.86
N MET B 65 7.19 14.42 -1.03
CA MET B 65 6.94 13.29 -1.91
C MET B 65 6.04 12.29 -1.19
N MET B 66 6.09 12.33 0.13
CA MET B 66 5.30 11.42 0.94
C MET B 66 3.85 11.88 1.05
N ASP B 67 3.58 13.13 0.66
CA ASP B 67 2.22 13.66 0.75
C ASP B 67 1.35 12.93 -0.23
N TYR B 68 1.98 12.50 -1.31
CA TYR B 68 1.31 11.77 -2.37
C TYR B 68 1.43 10.28 -2.17
N TYR B 69 2.26 9.88 -1.24
CA TYR B 69 2.31 8.48 -0.86
C TYR B 69 1.16 8.20 0.07
N MET B 70 0.90 9.13 0.98
CA MET B 70 -0.31 9.08 1.80
C MET B 70 -1.54 9.36 0.93
N ASP B 71 -1.57 10.53 0.30
CA ASP B 71 -2.76 10.97 -0.43
C ASP B 71 -2.60 10.85 -1.94
N ARG B 72 -2.84 9.66 -2.46
CA ARG B 72 -3.01 9.46 -3.89
C ARG B 72 -3.86 8.23 -4.16
N TYR B 73 -3.80 7.25 -3.27
CA TYR B 73 -4.62 6.07 -3.41
C TYR B 73 -5.92 6.30 -2.68
N LYS B 74 -6.08 7.53 -2.21
CA LYS B 74 -7.28 7.97 -1.51
C LYS B 74 -8.49 7.87 -2.43
N GLU B 75 -8.39 8.49 -3.59
CA GLU B 75 -9.46 8.46 -4.57
C GLU B 75 -9.63 7.07 -5.16
N MET B 76 -8.52 6.35 -5.31
CA MET B 76 -8.56 4.94 -5.72
C MET B 76 -9.33 4.12 -4.70
N LEU B 77 -9.11 4.46 -3.44
CA LEU B 77 -9.73 3.79 -2.32
C LEU B 77 -11.21 4.12 -2.23
N ASP B 78 -11.55 5.40 -2.37
CA ASP B 78 -12.94 5.84 -2.38
C ASP B 78 -13.71 5.16 -3.48
N ALA B 79 -13.06 5.01 -4.63
CA ALA B 79 -13.66 4.36 -5.79
C ALA B 79 -13.97 2.90 -5.49
N ASN B 80 -13.18 2.29 -4.63
CA ASN B 80 -13.39 0.89 -4.25
C ASN B 80 -14.38 0.80 -3.10
N MET B 81 -14.43 1.82 -2.27
CA MET B 81 -15.42 1.89 -1.20
C MET B 81 -16.82 1.91 -1.78
N GLU B 82 -17.06 2.87 -2.68
CA GLU B 82 -18.35 3.03 -3.33
C GLU B 82 -18.82 1.72 -3.98
N ASP B 83 -17.86 0.91 -4.43
CA ASP B 83 -18.17 -0.36 -5.08
C ASP B 83 -19.07 -1.24 -4.21
N TYR B 84 -18.67 -1.42 -2.95
CA TYR B 84 -19.45 -2.21 -2.02
C TYR B 84 -20.61 -1.41 -1.44
N ILE B 85 -20.43 -0.09 -1.35
CA ILE B 85 -21.48 0.79 -0.84
C ILE B 85 -22.72 0.76 -1.73
N GLU B 86 -22.52 1.01 -3.02
CA GLU B 86 -23.63 1.08 -3.97
C GLU B 86 -24.34 -0.27 -4.08
N ASN B 87 -23.61 -1.35 -3.86
CA ASN B 87 -24.16 -2.69 -3.99
C ASN B 87 -24.48 -3.29 -2.63
N PHE B 88 -24.52 -2.45 -1.59
CA PHE B 88 -24.82 -2.93 -0.24
C PHE B 88 -26.11 -3.74 -0.22
N ASP B 89 -27.20 -3.11 -0.66
CA ASP B 89 -28.51 -3.73 -0.60
C ASP B 89 -28.57 -4.91 -1.58
N HIS B 90 -27.71 -4.89 -2.57
CA HIS B 90 -27.61 -5.99 -3.52
C HIS B 90 -27.14 -7.25 -2.80
N TYR B 91 -25.97 -7.18 -2.19
CA TYR B 91 -25.40 -8.33 -1.49
C TYR B 91 -26.19 -8.65 -0.23
N ARG B 92 -26.67 -7.62 0.45
CA ARG B 92 -27.43 -7.80 1.68
C ARG B 92 -28.79 -8.44 1.40
N ALA B 93 -29.24 -8.36 0.14
CA ALA B 93 -30.52 -8.93 -0.22
C ALA B 93 -30.36 -10.38 -0.69
N THR B 94 -29.24 -10.66 -1.32
CA THR B 94 -28.97 -12.00 -1.82
C THR B 94 -28.69 -12.97 -0.66
N GLN B 95 -28.28 -12.42 0.47
CA GLN B 95 -28.06 -13.21 1.67
C GLN B 95 -29.35 -13.31 2.48
N LYS B 96 -29.51 -14.42 3.18
CA LYS B 96 -30.71 -14.66 3.96
C LYS B 96 -30.35 -14.84 5.43
N SER A 1 12.09 -15.47 15.56
CA SER A 1 13.04 -14.60 14.85
C SER A 1 12.41 -14.04 13.58
N ASN A 2 11.22 -14.54 13.25
CA ASN A 2 10.48 -14.06 12.08
C ASN A 2 10.24 -12.56 12.18
N ASN A 3 9.82 -12.11 13.35
CA ASN A 3 9.53 -10.70 13.55
C ASN A 3 9.67 -10.31 15.02
N GLU A 4 10.15 -9.11 15.26
CA GLU A 4 10.33 -8.61 16.61
C GLU A 4 9.02 -8.05 17.14
N ASN A 5 8.68 -6.82 16.77
CA ASN A 5 7.43 -6.21 17.18
C ASN A 5 6.45 -6.19 16.02
N ALA A 6 6.90 -5.64 14.90
CA ALA A 6 6.08 -5.59 13.70
C ALA A 6 6.19 -6.90 12.94
N PHE A 7 5.24 -7.13 12.05
CA PHE A 7 5.17 -8.35 11.25
C PHE A 7 6.12 -8.33 10.05
N TYR A 8 7.40 -8.09 10.32
CA TYR A 8 8.42 -7.96 9.27
C TYR A 8 8.41 -9.16 8.32
N ALA A 9 8.29 -10.35 8.90
CA ALA A 9 8.34 -11.59 8.12
C ALA A 9 7.19 -11.69 7.12
N ARG A 10 6.07 -11.06 7.44
CA ARG A 10 4.90 -11.10 6.57
C ARG A 10 5.03 -10.10 5.44
N ALA A 11 5.09 -8.83 5.79
CA ALA A 11 5.18 -7.74 4.82
C ALA A 11 6.34 -7.92 3.83
N THR A 12 7.34 -8.69 4.22
CA THR A 12 8.53 -8.87 3.38
C THR A 12 8.19 -9.69 2.13
N GLU A 13 7.16 -10.54 2.21
CA GLU A 13 6.76 -11.35 1.06
C GLU A 13 6.00 -10.49 0.07
N LEU A 14 5.25 -9.55 0.62
CA LEU A 14 4.45 -8.62 -0.17
C LEU A 14 5.37 -7.79 -1.05
N ILE A 15 6.40 -7.21 -0.44
CA ILE A 15 7.39 -6.41 -1.15
C ILE A 15 8.14 -7.27 -2.17
N LYS A 16 8.46 -8.50 -1.77
CA LYS A 16 9.24 -9.40 -2.58
C LYS A 16 8.53 -9.72 -3.90
N LEU A 17 7.20 -9.74 -3.89
CA LEU A 17 6.45 -9.98 -5.11
C LEU A 17 6.69 -8.84 -6.09
N ALA A 18 6.69 -7.63 -5.57
CA ALA A 18 6.89 -6.43 -6.38
C ALA A 18 8.28 -6.44 -7.02
N ASN A 19 9.24 -7.05 -6.35
CA ASN A 19 10.60 -7.14 -6.86
C ASN A 19 10.63 -7.92 -8.16
N GLN A 20 9.78 -8.94 -8.26
CA GLN A 20 9.71 -9.77 -9.45
C GLN A 20 9.10 -9.00 -10.62
N GLN A 21 8.32 -7.98 -10.31
CA GLN A 21 7.70 -7.15 -11.34
C GLN A 21 8.64 -6.02 -11.75
N ASN A 22 9.50 -5.62 -10.82
CA ASN A 22 10.48 -4.56 -11.07
C ASN A 22 11.66 -5.11 -11.88
N GLN A 23 11.59 -6.40 -12.21
CA GLN A 23 12.63 -7.03 -13.01
C GLN A 23 12.48 -6.69 -14.48
N ASN A 24 11.35 -6.09 -14.85
CA ASN A 24 11.13 -5.68 -16.23
C ASN A 24 12.11 -4.59 -16.60
N THR A 25 13.00 -4.92 -17.52
CA THR A 25 14.10 -4.05 -17.89
C THR A 25 13.66 -2.90 -18.81
N GLU A 26 12.72 -2.09 -18.33
CA GLU A 26 12.26 -0.91 -19.07
C GLU A 26 11.22 -0.13 -18.28
N ILE A 27 10.53 -0.79 -17.35
CA ILE A 27 9.48 -0.15 -16.59
C ILE A 27 10.07 0.60 -15.40
N GLN A 28 9.41 1.69 -15.02
CA GLN A 28 9.85 2.49 -13.90
C GLN A 28 9.57 1.77 -12.60
N THR A 29 10.45 1.95 -11.63
CA THR A 29 10.27 1.34 -10.32
C THR A 29 9.01 1.90 -9.66
N GLY A 30 8.63 3.11 -10.07
CA GLY A 30 7.44 3.74 -9.55
C GLY A 30 6.16 3.12 -10.08
N GLU A 31 6.27 2.37 -11.17
CA GLU A 31 5.10 1.71 -11.74
C GLU A 31 4.77 0.46 -10.95
N VAL A 32 5.77 -0.05 -10.25
CA VAL A 32 5.61 -1.23 -9.42
C VAL A 32 5.04 -0.84 -8.07
N SER A 33 5.57 0.25 -7.50
CA SER A 33 5.07 0.77 -6.23
C SER A 33 3.61 1.18 -6.37
N ALA A 34 3.26 1.72 -7.54
CA ALA A 34 1.89 2.10 -7.83
C ALA A 34 0.98 0.87 -7.86
N SER A 35 1.52 -0.26 -8.31
CA SER A 35 0.75 -1.49 -8.37
C SER A 35 0.46 -1.97 -6.95
N PHE A 36 1.43 -1.77 -6.07
CA PHE A 36 1.26 -2.10 -4.67
C PHE A 36 0.27 -1.14 -4.03
N MET A 37 0.31 0.10 -4.49
CA MET A 37 -0.58 1.15 -4.01
C MET A 37 -2.03 0.80 -4.31
N TRP A 38 -2.32 0.57 -5.59
CA TRP A 38 -3.67 0.18 -6.04
C TRP A 38 -4.11 -1.12 -5.37
N ALA A 39 -3.19 -2.05 -5.21
CA ALA A 39 -3.51 -3.34 -4.60
C ALA A 39 -3.97 -3.16 -3.16
N LEU A 40 -3.31 -2.28 -2.41
CA LEU A 40 -3.71 -1.99 -1.05
C LEU A 40 -5.10 -1.37 -1.04
N ALA A 41 -5.36 -0.52 -2.02
CA ALA A 41 -6.66 0.14 -2.13
C ALA A 41 -7.78 -0.88 -2.33
N ARG A 42 -7.56 -1.83 -3.22
CA ARG A 42 -8.58 -2.82 -3.53
C ARG A 42 -8.72 -3.85 -2.40
N TYR A 43 -7.69 -3.92 -1.55
CA TYR A 43 -7.71 -4.85 -0.42
C TYR A 43 -8.31 -4.16 0.81
N ASN A 44 -8.03 -2.87 0.95
CA ASN A 44 -8.44 -2.11 2.12
C ASN A 44 -9.93 -1.79 2.09
N ALA A 45 -10.44 -1.48 0.90
CA ALA A 45 -11.84 -1.12 0.73
C ALA A 45 -12.77 -2.30 1.04
N TRP A 46 -12.19 -3.50 1.02
CA TRP A 46 -12.90 -4.72 1.37
C TRP A 46 -13.35 -4.68 2.84
N PHE A 47 -12.68 -3.88 3.64
CA PHE A 47 -13.01 -3.73 5.04
C PHE A 47 -13.94 -2.53 5.26
N GLY A 48 -14.45 -1.97 4.17
CA GLY A 48 -15.39 -0.88 4.30
C GLY A 48 -16.75 -1.39 4.68
N SER A 49 -16.98 -2.66 4.36
CA SER A 49 -18.26 -3.31 4.61
C SER A 49 -18.47 -3.59 6.09
N THR A 50 -17.42 -3.47 6.89
CA THR A 50 -17.52 -3.75 8.31
C THR A 50 -17.54 -2.43 9.12
N SER A 51 -17.61 -1.31 8.40
CA SER A 51 -17.54 0.00 9.01
C SER A 51 -18.91 0.51 9.48
N PHE A 52 -20.00 0.04 8.87
CA PHE A 52 -21.33 0.47 9.27
C PHE A 52 -22.37 -0.61 9.02
N GLU A 53 -23.65 -0.27 9.19
CA GLU A 53 -24.72 -1.25 9.13
C GLU A 53 -25.60 -1.06 7.90
N THR A 54 -25.82 0.19 7.50
CA THR A 54 -26.65 0.47 6.34
C THR A 54 -25.82 1.10 5.24
N LYS A 55 -26.25 0.96 4.00
CA LYS A 55 -25.51 1.50 2.88
C LYS A 55 -25.50 3.02 2.92
N GLU A 56 -26.62 3.60 3.32
CA GLU A 56 -26.79 5.05 3.29
C GLU A 56 -25.91 5.73 4.33
N GLN A 57 -25.59 5.01 5.41
CA GLN A 57 -24.73 5.56 6.45
C GLN A 57 -23.28 5.15 6.21
N MET A 58 -23.09 3.96 5.64
CA MET A 58 -21.75 3.46 5.38
C MET A 58 -21.11 4.22 4.21
N GLN A 59 -21.94 4.57 3.24
CA GLN A 59 -21.49 5.35 2.08
C GLN A 59 -20.97 6.71 2.53
N ALA A 60 -21.63 7.28 3.52
CA ALA A 60 -21.25 8.60 4.05
C ALA A 60 -19.99 8.51 4.89
N LYS A 61 -19.47 7.30 5.05
CA LYS A 61 -18.29 7.07 5.86
C LYS A 61 -17.12 6.68 5.00
N LYS A 62 -17.33 6.60 3.69
CA LYS A 62 -16.28 6.17 2.79
C LYS A 62 -15.03 7.01 2.97
N GLN A 63 -15.17 8.32 2.81
CA GLN A 63 -14.05 9.22 2.87
C GLN A 63 -13.59 9.38 4.30
N GLU A 64 -14.48 9.07 5.23
CA GLU A 64 -14.16 9.17 6.65
C GLU A 64 -13.36 7.97 7.13
N MET A 65 -13.64 6.78 6.59
CA MET A 65 -12.87 5.60 6.97
C MET A 65 -11.56 5.62 6.21
N MET A 66 -11.60 6.27 5.06
CA MET A 66 -10.41 6.47 4.24
C MET A 66 -9.58 7.62 4.79
N ASP A 67 -10.20 8.45 5.62
CA ASP A 67 -9.58 9.69 6.10
C ASP A 67 -8.27 9.40 6.81
N TYR A 68 -8.24 8.28 7.50
CA TYR A 68 -7.05 7.89 8.23
C TYR A 68 -6.37 6.71 7.55
N TYR A 69 -7.02 6.14 6.53
CA TYR A 69 -6.45 5.01 5.80
C TYR A 69 -5.12 5.41 5.17
N MET A 70 -5.11 6.51 4.43
CA MET A 70 -3.87 7.08 3.90
C MET A 70 -2.89 7.31 5.05
N ASP A 71 -3.42 7.84 6.13
CA ASP A 71 -2.61 8.30 7.25
C ASP A 71 -2.37 7.20 8.29
N ARG A 72 -2.25 5.95 7.83
CA ARG A 72 -1.93 4.85 8.74
C ARG A 72 -0.49 4.41 8.56
N TYR A 73 -0.05 4.29 7.31
CA TYR A 73 1.28 3.78 7.04
C TYR A 73 2.31 4.90 6.98
N LYS A 74 1.89 6.11 7.31
CA LYS A 74 2.77 7.25 7.29
C LYS A 74 3.93 7.04 8.27
N GLU A 75 3.59 6.74 9.52
CA GLU A 75 4.59 6.47 10.56
C GLU A 75 5.52 5.34 10.15
N MET A 76 4.97 4.37 9.43
CA MET A 76 5.73 3.24 8.94
C MET A 76 6.72 3.70 7.88
N LEU A 77 6.27 4.66 7.06
CA LEU A 77 7.07 5.20 5.99
C LEU A 77 8.18 6.10 6.54
N ASP A 78 7.82 6.94 7.52
CA ASP A 78 8.78 7.84 8.18
C ASP A 78 9.96 7.05 8.74
N ALA A 79 9.65 5.88 9.28
CA ALA A 79 10.63 5.05 9.96
C ALA A 79 11.54 4.31 8.98
N ASN A 80 11.09 4.13 7.75
CA ASN A 80 11.86 3.33 6.79
C ASN A 80 12.77 4.19 5.93
N MET A 81 12.62 5.50 6.03
CA MET A 81 13.46 6.40 5.27
C MET A 81 14.72 6.75 6.04
N GLU A 82 15.50 7.65 5.46
CA GLU A 82 16.72 8.19 6.04
C GLU A 82 17.85 7.15 6.11
N ASP A 83 17.56 5.91 5.74
CA ASP A 83 18.58 4.86 5.72
C ASP A 83 19.74 5.25 4.82
N TYR A 84 19.44 5.53 3.56
CA TYR A 84 20.46 5.96 2.61
C TYR A 84 20.88 7.39 2.87
N ILE A 85 20.03 8.15 3.55
CA ILE A 85 20.32 9.55 3.87
C ILE A 85 21.47 9.64 4.85
N GLU A 86 21.31 9.00 6.01
CA GLU A 86 22.32 9.05 7.07
C GLU A 86 23.63 8.42 6.62
N ASN A 87 23.55 7.50 5.67
CA ASN A 87 24.74 6.79 5.21
C ASN A 87 25.30 7.38 3.93
N PHE A 88 24.68 8.44 3.42
CA PHE A 88 25.16 9.07 2.19
C PHE A 88 26.60 9.53 2.37
N ASP A 89 26.88 10.08 3.54
CA ASP A 89 28.25 10.48 3.91
C ASP A 89 29.20 9.31 3.68
N HIS A 90 28.79 8.15 4.15
CA HIS A 90 29.62 6.95 4.10
C HIS A 90 29.79 6.47 2.66
N TYR A 91 28.67 6.29 1.96
CA TYR A 91 28.70 5.83 0.57
C TYR A 91 29.51 6.77 -0.31
N ARG A 92 29.29 8.07 -0.13
CA ARG A 92 29.96 9.08 -0.93
C ARG A 92 31.42 9.23 -0.50
N ALA A 93 31.77 8.62 0.63
CA ALA A 93 33.15 8.71 1.13
C ALA A 93 33.96 7.49 0.70
N THR A 94 33.31 6.34 0.61
CA THR A 94 33.98 5.10 0.25
C THR A 94 34.34 5.07 -1.22
N GLN A 95 33.67 5.91 -2.01
CA GLN A 95 33.95 6.00 -3.43
C GLN A 95 35.01 7.05 -3.70
N LYS A 96 35.50 7.08 -4.93
CA LYS A 96 36.59 7.96 -5.30
C LYS A 96 36.33 8.59 -6.66
N SER B 1 -8.15 -9.62 -22.02
CA SER B 1 -7.11 -10.62 -21.81
C SER B 1 -5.86 -9.95 -21.23
N ASN B 2 -5.93 -8.63 -21.14
CA ASN B 2 -4.84 -7.85 -20.59
C ASN B 2 -5.40 -6.71 -19.75
N ASN B 3 -4.53 -5.98 -19.07
CA ASN B 3 -4.97 -4.85 -18.27
C ASN B 3 -5.28 -3.66 -19.18
N GLU B 4 -6.12 -2.75 -18.70
CA GLU B 4 -6.52 -1.60 -19.48
C GLU B 4 -5.50 -0.45 -19.33
N ASN B 5 -5.90 0.65 -18.71
CA ASN B 5 -5.00 1.76 -18.47
C ASN B 5 -4.35 1.60 -17.11
N ALA B 6 -4.90 0.70 -16.33
CA ALA B 6 -4.35 0.37 -15.03
C ALA B 6 -3.69 -0.99 -15.06
N PHE B 7 -2.70 -1.15 -14.23
CA PHE B 7 -1.89 -2.37 -14.13
C PHE B 7 -2.63 -3.48 -13.38
N TYR B 8 -3.86 -3.76 -13.78
CA TYR B 8 -4.68 -4.79 -13.11
C TYR B 8 -3.94 -6.13 -13.04
N ALA B 9 -3.31 -6.52 -14.15
CA ALA B 9 -2.65 -7.82 -14.25
C ALA B 9 -1.37 -7.87 -13.42
N ARG B 10 -0.95 -6.72 -12.91
CA ARG B 10 0.26 -6.66 -12.09
C ARG B 10 -0.12 -6.66 -10.61
N ALA B 11 -0.90 -5.66 -10.20
CA ALA B 11 -1.36 -5.52 -8.82
C ALA B 11 -2.07 -6.77 -8.31
N THR B 12 -2.62 -7.58 -9.21
CA THR B 12 -3.35 -8.78 -8.81
C THR B 12 -2.43 -9.79 -8.14
N GLU B 13 -1.13 -9.75 -8.46
CA GLU B 13 -0.18 -10.69 -7.88
C GLU B 13 0.20 -10.24 -6.48
N LEU B 14 0.11 -8.94 -6.26
CA LEU B 14 0.43 -8.35 -4.97
C LEU B 14 -0.61 -8.79 -3.94
N ILE B 15 -1.88 -8.69 -4.31
CA ILE B 15 -2.98 -9.15 -3.46
C ILE B 15 -2.93 -10.68 -3.33
N LYS B 16 -2.48 -11.33 -4.39
CA LYS B 16 -2.38 -12.78 -4.43
C LYS B 16 -1.49 -13.29 -3.30
N LEU B 17 -0.44 -12.54 -2.99
CA LEU B 17 0.47 -12.93 -1.91
C LEU B 17 -0.26 -12.86 -0.57
N ALA B 18 -1.05 -11.81 -0.39
CA ALA B 18 -1.81 -11.62 0.84
C ALA B 18 -2.74 -12.78 1.10
N ASN B 19 -3.23 -13.39 0.02
CA ASN B 19 -4.14 -14.54 0.12
C ASN B 19 -3.45 -15.70 0.85
N GLN B 20 -2.15 -15.82 0.67
CA GLN B 20 -1.38 -16.90 1.26
C GLN B 20 -1.10 -16.65 2.74
N GLN B 21 -1.10 -15.40 3.14
CA GLN B 21 -0.85 -15.05 4.54
C GLN B 21 -2.18 -14.99 5.30
N ASN B 22 -3.26 -14.89 4.55
CA ASN B 22 -4.60 -14.85 5.12
C ASN B 22 -5.13 -16.26 5.35
N GLN B 23 -4.26 -17.24 5.18
CA GLN B 23 -4.62 -18.63 5.43
C GLN B 23 -4.49 -18.98 6.91
N ASN B 24 -4.28 -17.98 7.76
CA ASN B 24 -4.19 -18.20 9.20
C ASN B 24 -5.56 -18.12 9.84
N THR B 25 -6.06 -19.28 10.25
CA THR B 25 -7.36 -19.37 10.89
C THR B 25 -7.30 -18.84 12.33
N GLU B 26 -6.11 -18.89 12.92
CA GLU B 26 -5.94 -18.47 14.32
C GLU B 26 -5.80 -16.96 14.44
N ILE B 27 -5.74 -16.26 13.32
CA ILE B 27 -5.57 -14.82 13.32
C ILE B 27 -6.70 -14.17 12.52
N GLN B 28 -6.70 -12.84 12.45
CA GLN B 28 -7.72 -12.11 11.74
C GLN B 28 -7.18 -11.63 10.40
N THR B 29 -8.08 -11.34 9.48
CA THR B 29 -7.70 -10.87 8.16
C THR B 29 -7.09 -9.47 8.25
N GLY B 30 -7.30 -8.81 9.39
CA GLY B 30 -6.82 -7.46 9.60
C GLY B 30 -5.31 -7.35 9.57
N GLU B 31 -4.60 -8.38 10.03
CA GLU B 31 -3.14 -8.33 10.06
C GLU B 31 -2.57 -8.45 8.64
N VAL B 32 -3.32 -9.10 7.77
CA VAL B 32 -2.90 -9.30 6.40
C VAL B 32 -2.97 -8.00 5.63
N SER B 33 -4.07 -7.28 5.78
CA SER B 33 -4.24 -5.98 5.16
C SER B 33 -3.20 -5.00 5.70
N ALA B 34 -2.88 -5.15 6.98
CA ALA B 34 -1.89 -4.30 7.63
C ALA B 34 -0.48 -4.59 7.11
N SER B 35 -0.21 -5.86 6.81
CA SER B 35 1.11 -6.25 6.33
C SER B 35 1.36 -5.65 4.95
N PHE B 36 0.30 -5.58 4.16
CA PHE B 36 0.36 -4.97 2.85
C PHE B 36 0.62 -3.48 2.98
N MET B 37 -0.01 -2.86 3.97
CA MET B 37 0.14 -1.45 4.24
C MET B 37 1.57 -1.11 4.68
N TRP B 38 2.09 -1.88 5.63
CA TRP B 38 3.46 -1.70 6.11
C TRP B 38 4.46 -1.90 4.98
N ALA B 39 4.18 -2.90 4.14
CA ALA B 39 5.05 -3.21 3.02
C ALA B 39 5.08 -2.06 2.02
N LEU B 40 3.92 -1.47 1.77
CA LEU B 40 3.81 -0.32 0.87
C LEU B 40 4.65 0.85 1.39
N ALA B 41 4.60 1.06 2.70
CA ALA B 41 5.39 2.11 3.34
C ALA B 41 6.87 1.87 3.16
N ARG B 42 7.28 0.63 3.37
CA ARG B 42 8.68 0.25 3.25
C ARG B 42 9.14 0.36 1.79
N TYR B 43 8.23 0.09 0.86
CA TYR B 43 8.56 0.11 -0.56
C TYR B 43 8.65 1.55 -1.08
N ASN B 44 7.74 2.41 -0.63
CA ASN B 44 7.71 3.80 -1.09
C ASN B 44 8.86 4.61 -0.49
N ALA B 45 9.38 4.18 0.66
CA ALA B 45 10.49 4.86 1.31
C ALA B 45 11.78 4.71 0.49
N TRP B 46 11.79 3.72 -0.37
CA TRP B 46 12.91 3.46 -1.28
C TRP B 46 13.17 4.66 -2.19
N PHE B 47 12.08 5.35 -2.56
CA PHE B 47 12.15 6.41 -3.55
C PHE B 47 12.83 7.67 -3.04
N GLY B 48 13.15 7.69 -1.75
CA GLY B 48 13.94 8.77 -1.23
C GLY B 48 15.29 8.85 -1.92
N SER B 49 15.78 7.69 -2.34
CA SER B 49 17.09 7.57 -2.98
C SER B 49 17.11 8.28 -4.35
N THR B 50 15.93 8.58 -4.89
CA THR B 50 15.85 9.25 -6.17
C THR B 50 15.20 10.63 -6.03
N SER B 51 15.16 11.13 -4.80
CA SER B 51 14.58 12.42 -4.51
C SER B 51 15.58 13.55 -4.82
N PHE B 52 16.75 13.49 -4.20
CA PHE B 52 17.75 14.54 -4.38
C PHE B 52 19.15 13.96 -4.54
N GLU B 53 20.10 14.86 -4.73
CA GLU B 53 21.48 14.49 -5.04
C GLU B 53 22.32 14.43 -3.76
N THR B 54 22.02 15.32 -2.82
CA THR B 54 22.72 15.35 -1.56
C THR B 54 21.78 14.98 -0.43
N LYS B 55 22.34 14.46 0.66
CA LYS B 55 21.53 14.03 1.78
C LYS B 55 20.93 15.24 2.49
N GLU B 56 21.64 16.35 2.43
CA GLU B 56 21.20 17.61 3.01
C GLU B 56 19.82 17.99 2.47
N GLN B 57 19.69 17.92 1.16
CA GLN B 57 18.43 18.26 0.51
C GLN B 57 17.48 17.08 0.60
N MET B 58 18.01 15.88 0.38
CA MET B 58 17.24 14.64 0.40
C MET B 58 16.48 14.48 1.72
N GLN B 59 17.17 14.75 2.82
CA GLN B 59 16.59 14.60 4.16
C GLN B 59 15.44 15.56 4.37
N ALA B 60 15.61 16.79 3.91
CA ALA B 60 14.64 17.85 4.14
C ALA B 60 13.35 17.62 3.34
N LYS B 61 13.36 16.60 2.49
CA LYS B 61 12.21 16.32 1.65
C LYS B 61 11.48 15.09 2.14
N LYS B 62 11.92 14.55 3.28
CA LYS B 62 11.33 13.35 3.84
C LYS B 62 9.81 13.49 3.95
N GLN B 63 9.35 14.63 4.45
CA GLN B 63 7.93 14.83 4.64
C GLN B 63 7.28 15.33 3.35
N GLU B 64 8.10 15.82 2.44
CA GLU B 64 7.62 16.37 1.19
C GLU B 64 7.42 15.28 0.14
N MET B 65 8.23 14.24 0.20
CA MET B 65 8.05 13.11 -0.70
C MET B 65 6.94 12.23 -0.15
N MET B 66 6.82 12.24 1.17
CA MET B 66 5.78 11.53 1.88
C MET B 66 4.52 12.39 1.99
N ASP B 67 4.50 13.50 1.27
CA ASP B 67 3.38 14.44 1.34
C ASP B 67 2.17 13.90 0.60
N TYR B 68 2.42 13.24 -0.52
CA TYR B 68 1.35 12.76 -1.39
C TYR B 68 1.33 11.24 -1.42
N TYR B 69 2.29 10.61 -0.76
CA TYR B 69 2.38 9.15 -0.75
C TYR B 69 1.08 8.55 -0.23
N MET B 70 0.66 9.01 0.94
CA MET B 70 -0.59 8.56 1.55
C MET B 70 -1.74 8.65 0.55
N ASP B 71 -1.88 9.82 -0.06
CA ASP B 71 -3.03 10.13 -0.90
C ASP B 71 -2.86 9.64 -2.35
N ARG B 72 -1.99 8.66 -2.56
CA ARG B 72 -1.77 8.14 -3.90
C ARG B 72 -2.83 7.14 -4.27
N TYR B 73 -3.28 6.38 -3.29
CA TYR B 73 -4.29 5.37 -3.54
C TYR B 73 -5.63 5.86 -3.02
N LYS B 74 -5.69 7.16 -2.70
CA LYS B 74 -6.90 7.76 -2.19
C LYS B 74 -8.05 7.58 -3.19
N GLU B 75 -7.81 8.04 -4.41
CA GLU B 75 -8.80 7.95 -5.47
C GLU B 75 -9.05 6.50 -5.88
N MET B 76 -8.02 5.67 -5.77
CA MET B 76 -8.12 4.25 -6.11
C MET B 76 -8.96 3.51 -5.07
N LEU B 77 -8.81 3.94 -3.83
CA LEU B 77 -9.51 3.33 -2.70
C LEU B 77 -10.99 3.65 -2.77
N ASP B 78 -11.30 4.89 -3.11
CA ASP B 78 -12.68 5.35 -3.24
C ASP B 78 -13.40 4.55 -4.32
N ALA B 79 -12.72 4.38 -5.45
CA ALA B 79 -13.29 3.70 -6.61
C ALA B 79 -13.56 2.22 -6.35
N ASN B 80 -12.95 1.67 -5.30
CA ASN B 80 -13.14 0.26 -4.98
C ASN B 80 -14.11 0.07 -3.83
N MET B 81 -14.60 1.17 -3.29
CA MET B 81 -15.62 1.11 -2.26
C MET B 81 -17.00 1.20 -2.89
N GLU B 82 -18.03 1.19 -2.04
CA GLU B 82 -19.41 1.24 -2.47
C GLU B 82 -19.86 -0.02 -3.19
N ASP B 83 -18.93 -0.95 -3.39
CA ASP B 83 -19.23 -2.24 -4.01
C ASP B 83 -20.39 -2.91 -3.29
N TYR B 84 -20.20 -3.15 -2.00
CA TYR B 84 -21.25 -3.74 -1.16
C TYR B 84 -22.21 -2.68 -0.64
N ILE B 85 -21.93 -1.41 -0.96
CA ILE B 85 -22.78 -0.33 -0.50
C ILE B 85 -23.96 -0.13 -1.45
N GLU B 86 -23.66 0.15 -2.71
CA GLU B 86 -24.70 0.38 -3.70
C GLU B 86 -25.49 -0.89 -3.97
N ASN B 87 -24.90 -2.02 -3.60
CA ASN B 87 -25.56 -3.30 -3.76
C ASN B 87 -26.03 -3.85 -2.42
N PHE B 88 -25.90 -3.06 -1.36
CA PHE B 88 -26.33 -3.49 -0.03
C PHE B 88 -27.82 -3.82 -0.06
N ASP B 89 -28.60 -2.90 -0.61
CA ASP B 89 -30.03 -3.09 -0.75
C ASP B 89 -30.33 -4.26 -1.66
N HIS B 90 -29.45 -4.48 -2.63
CA HIS B 90 -29.58 -5.60 -3.57
C HIS B 90 -29.38 -6.92 -2.83
N TYR B 91 -28.25 -7.07 -2.17
CA TYR B 91 -27.92 -8.32 -1.49
C TYR B 91 -28.89 -8.58 -0.34
N ARG B 92 -29.22 -7.54 0.39
CA ARG B 92 -30.11 -7.63 1.52
C ARG B 92 -31.52 -7.99 1.08
N ALA B 93 -31.81 -7.78 -0.19
CA ALA B 93 -33.13 -8.08 -0.73
C ALA B 93 -33.18 -9.46 -1.36
N THR B 94 -32.04 -9.91 -1.89
CA THR B 94 -31.96 -11.23 -2.50
C THR B 94 -31.92 -12.33 -1.45
N GLN B 95 -31.76 -11.93 -0.21
CA GLN B 95 -31.78 -12.86 0.91
C GLN B 95 -32.93 -12.55 1.83
N LYS B 96 -33.17 -13.43 2.78
CA LYS B 96 -34.27 -13.28 3.70
C LYS B 96 -33.86 -13.75 5.09
N SER A 1 15.02 -16.00 13.42
CA SER A 1 14.84 -14.57 13.12
C SER A 1 13.97 -14.37 11.89
N ASN A 2 12.71 -14.06 12.12
CA ASN A 2 11.75 -13.85 11.04
C ASN A 2 11.11 -12.48 11.17
N ASN A 3 10.34 -12.32 12.24
CA ASN A 3 9.71 -11.05 12.56
C ASN A 3 9.39 -11.03 14.05
N GLU A 4 9.65 -9.91 14.70
CA GLU A 4 9.50 -9.83 16.15
C GLU A 4 8.06 -9.53 16.54
N ASN A 5 7.58 -8.36 16.20
CA ASN A 5 6.19 -7.99 16.44
C ASN A 5 5.54 -7.57 15.13
N ALA A 6 6.28 -6.81 14.35
CA ALA A 6 5.81 -6.38 13.05
C ALA A 6 5.89 -7.51 12.04
N PHE A 7 5.09 -7.40 11.01
CA PHE A 7 4.94 -8.42 9.98
C PHE A 7 6.06 -8.36 8.94
N TYR A 8 7.30 -8.18 9.38
CA TYR A 8 8.45 -8.07 8.46
C TYR A 8 8.50 -9.24 7.49
N ALA A 9 8.43 -10.46 8.03
CA ALA A 9 8.53 -11.67 7.22
C ALA A 9 7.30 -11.86 6.34
N ARG A 10 6.31 -11.00 6.50
CA ARG A 10 5.11 -11.08 5.70
C ARG A 10 5.15 -10.03 4.58
N ALA A 11 5.27 -8.76 4.97
CA ALA A 11 5.35 -7.65 4.02
C ALA A 11 6.44 -7.86 2.96
N THR A 12 7.45 -8.66 3.29
CA THR A 12 8.54 -8.93 2.38
C THR A 12 8.04 -9.66 1.11
N GLU A 13 6.91 -10.36 1.24
CA GLU A 13 6.37 -11.11 0.11
C GLU A 13 5.50 -10.22 -0.74
N LEU A 14 4.90 -9.22 -0.11
CA LEU A 14 4.04 -8.27 -0.79
C LEU A 14 4.88 -7.46 -1.80
N ILE A 15 6.03 -6.98 -1.34
CA ILE A 15 6.96 -6.26 -2.21
C ILE A 15 7.60 -7.23 -3.21
N LYS A 16 7.70 -8.50 -2.82
CA LYS A 16 8.31 -9.51 -3.67
C LYS A 16 7.51 -9.74 -4.94
N LEU A 17 6.21 -9.50 -4.87
CA LEU A 17 5.34 -9.62 -6.03
C LEU A 17 5.51 -8.38 -6.91
N ALA A 18 5.79 -7.26 -6.26
CA ALA A 18 5.95 -6.00 -6.97
C ALA A 18 7.21 -6.04 -7.82
N ASN A 19 8.28 -6.55 -7.22
CA ASN A 19 9.54 -6.76 -7.92
C ASN A 19 9.35 -7.67 -9.12
N GLN A 20 8.34 -8.54 -9.03
CA GLN A 20 8.09 -9.52 -10.09
C GLN A 20 7.44 -8.86 -11.30
N GLN A 21 6.65 -7.83 -11.06
CA GLN A 21 6.00 -7.09 -12.13
C GLN A 21 6.93 -6.01 -12.64
N ASN A 22 7.90 -5.66 -11.80
CA ASN A 22 8.92 -4.68 -12.15
C ASN A 22 9.91 -5.30 -13.13
N GLN A 23 9.80 -6.62 -13.29
CA GLN A 23 10.65 -7.34 -14.23
C GLN A 23 10.16 -7.14 -15.66
N ASN A 24 9.00 -6.54 -15.82
CA ASN A 24 8.45 -6.28 -17.14
C ASN A 24 9.25 -5.16 -17.79
N THR A 25 10.10 -5.55 -18.72
CA THR A 25 11.06 -4.65 -19.35
C THR A 25 10.44 -3.32 -19.80
N GLU A 26 9.28 -3.37 -20.44
CA GLU A 26 8.67 -2.18 -21.03
C GLU A 26 7.93 -1.33 -20.01
N ILE A 27 7.86 -1.81 -18.77
CA ILE A 27 7.22 -1.03 -17.71
C ILE A 27 8.28 -0.43 -16.81
N GLN A 28 7.95 0.70 -16.21
CA GLN A 28 8.88 1.40 -15.35
C GLN A 28 8.59 1.09 -13.89
N THR A 29 9.57 1.31 -13.03
CA THR A 29 9.44 1.05 -11.60
C THR A 29 8.25 1.81 -11.02
N GLY A 30 8.00 3.00 -11.58
CA GLY A 30 6.92 3.84 -11.13
C GLY A 30 5.54 3.20 -11.26
N GLU A 31 5.34 2.37 -12.29
CA GLU A 31 4.02 1.83 -12.54
C GLU A 31 3.69 0.74 -11.53
N VAL A 32 4.73 0.11 -11.01
CA VAL A 32 4.57 -0.93 -10.01
C VAL A 32 4.25 -0.31 -8.65
N SER A 33 4.79 0.88 -8.40
CA SER A 33 4.51 1.59 -7.16
C SER A 33 3.08 2.13 -7.19
N ALA A 34 2.46 2.12 -8.36
CA ALA A 34 1.11 2.60 -8.52
C ALA A 34 0.11 1.46 -8.33
N SER A 35 0.44 0.28 -8.83
CA SER A 35 -0.46 -0.86 -8.73
C SER A 35 -0.58 -1.31 -7.28
N PHE A 36 0.49 -1.11 -6.54
CA PHE A 36 0.51 -1.45 -5.13
C PHE A 36 -0.41 -0.52 -4.34
N MET A 37 -0.58 0.71 -4.83
CA MET A 37 -1.44 1.68 -4.15
C MET A 37 -2.90 1.38 -4.42
N TRP A 38 -3.22 1.11 -5.68
CA TRP A 38 -4.59 0.75 -6.07
C TRP A 38 -5.00 -0.55 -5.36
N ALA A 39 -4.05 -1.47 -5.24
CA ALA A 39 -4.28 -2.72 -4.54
C ALA A 39 -4.55 -2.48 -3.06
N LEU A 40 -3.72 -1.66 -2.43
CA LEU A 40 -3.89 -1.34 -1.02
C LEU A 40 -5.20 -0.59 -0.81
N ALA A 41 -5.50 0.31 -1.72
CA ALA A 41 -6.71 1.11 -1.64
C ALA A 41 -7.95 0.25 -1.52
N ARG A 42 -8.06 -0.78 -2.34
CA ARG A 42 -9.26 -1.62 -2.32
C ARG A 42 -9.13 -2.70 -1.25
N TYR A 43 -7.93 -2.88 -0.72
CA TYR A 43 -7.72 -3.80 0.40
C TYR A 43 -8.11 -3.10 1.69
N ASN A 44 -7.84 -1.79 1.75
CA ASN A 44 -8.28 -0.96 2.85
C ASN A 44 -9.80 -0.84 2.83
N ALA A 45 -10.37 -0.80 1.62
CA ALA A 45 -11.81 -0.70 1.42
C ALA A 45 -12.51 -2.00 1.79
N TRP A 46 -11.76 -3.09 1.86
CA TRP A 46 -12.28 -4.39 2.24
C TRP A 46 -12.81 -4.34 3.68
N PHE A 47 -12.32 -3.39 4.46
CA PHE A 47 -12.78 -3.21 5.83
C PHE A 47 -13.96 -2.26 5.90
N GLY A 48 -14.33 -1.70 4.76
CA GLY A 48 -15.45 -0.76 4.73
C GLY A 48 -16.78 -1.46 4.91
N SER A 49 -16.90 -2.64 4.34
CA SER A 49 -18.16 -3.39 4.38
C SER A 49 -18.49 -3.86 5.79
N THR A 50 -17.46 -3.97 6.62
CA THR A 50 -17.63 -4.43 7.99
C THR A 50 -17.65 -3.24 8.95
N SER A 51 -17.74 -2.03 8.39
CA SER A 51 -17.73 -0.82 9.20
C SER A 51 -19.14 -0.50 9.70
N PHE A 52 -20.15 -0.87 8.93
CA PHE A 52 -21.52 -0.59 9.32
C PHE A 52 -22.48 -1.70 8.88
N GLU A 53 -23.77 -1.45 9.11
CA GLU A 53 -24.81 -2.47 8.91
C GLU A 53 -25.53 -2.28 7.58
N THR A 54 -25.66 -1.04 7.15
CA THR A 54 -26.37 -0.72 5.92
C THR A 54 -25.49 0.16 5.05
N LYS A 55 -25.76 0.16 3.74
CA LYS A 55 -24.96 0.94 2.82
C LYS A 55 -25.21 2.42 3.03
N GLU A 56 -26.41 2.75 3.52
CA GLU A 56 -26.80 4.13 3.73
C GLU A 56 -25.91 4.78 4.77
N GLN A 57 -25.74 4.10 5.90
CA GLN A 57 -24.92 4.61 6.98
C GLN A 57 -23.43 4.37 6.67
N MET A 58 -23.14 3.23 6.06
CA MET A 58 -21.78 2.86 5.69
C MET A 58 -21.18 3.88 4.72
N GLN A 59 -22.00 4.34 3.77
CA GLN A 59 -21.56 5.28 2.75
C GLN A 59 -21.13 6.61 3.37
N ALA A 60 -21.76 6.97 4.48
CA ALA A 60 -21.47 8.23 5.16
C ALA A 60 -20.18 8.12 5.97
N LYS A 61 -19.66 6.91 6.10
CA LYS A 61 -18.48 6.66 6.91
C LYS A 61 -17.28 6.43 6.02
N LYS A 62 -17.50 6.39 4.71
CA LYS A 62 -16.44 6.13 3.75
C LYS A 62 -15.27 7.07 3.97
N GLN A 63 -15.54 8.35 3.97
CA GLN A 63 -14.51 9.35 4.08
C GLN A 63 -13.99 9.44 5.51
N GLU A 64 -14.72 8.83 6.43
CA GLU A 64 -14.33 8.83 7.83
C GLU A 64 -13.39 7.67 8.14
N MET A 65 -13.59 6.55 7.46
CA MET A 65 -12.72 5.39 7.65
C MET A 65 -11.47 5.59 6.82
N MET A 66 -11.61 6.36 5.75
CA MET A 66 -10.49 6.74 4.91
C MET A 66 -9.77 7.94 5.50
N ASP A 67 -10.37 8.55 6.51
CA ASP A 67 -9.88 9.80 7.07
C ASP A 67 -8.52 9.60 7.74
N TYR A 68 -8.21 8.36 8.05
CA TYR A 68 -6.93 8.05 8.66
C TYR A 68 -6.18 7.01 7.84
N TYR A 69 -6.78 6.55 6.74
CA TYR A 69 -6.15 5.53 5.91
C TYR A 69 -4.90 6.06 5.23
N MET A 70 -5.04 7.15 4.49
CA MET A 70 -3.90 7.82 3.89
C MET A 70 -2.78 8.00 4.90
N ASP A 71 -3.12 8.60 6.04
CA ASP A 71 -2.13 8.95 7.06
C ASP A 71 -1.80 7.74 7.96
N ARG A 72 -2.12 6.54 7.51
CA ARG A 72 -1.90 5.34 8.32
C ARG A 72 -0.47 4.85 8.13
N TYR A 73 -0.06 4.71 6.88
CA TYR A 73 1.23 4.13 6.58
C TYR A 73 2.28 5.23 6.52
N LYS A 74 1.87 6.42 6.96
CA LYS A 74 2.73 7.58 6.95
C LYS A 74 3.95 7.35 7.84
N GLU A 75 3.71 6.89 9.05
CA GLU A 75 4.79 6.60 10.00
C GLU A 75 5.74 5.56 9.44
N MET A 76 5.18 4.54 8.80
CA MET A 76 5.97 3.47 8.20
C MET A 76 6.81 4.01 7.06
N LEU A 77 6.26 4.96 6.35
CA LEU A 77 6.92 5.55 5.19
C LEU A 77 8.04 6.48 5.62
N ASP A 78 7.77 7.32 6.62
CA ASP A 78 8.77 8.25 7.15
C ASP A 78 9.95 7.48 7.71
N ALA A 79 9.66 6.37 8.35
CA ALA A 79 10.67 5.52 8.95
C ALA A 79 11.64 4.98 7.90
N ASN A 80 11.21 4.89 6.66
CA ASN A 80 12.05 4.37 5.61
C ASN A 80 12.68 5.49 4.82
N MET A 81 12.08 6.67 4.89
CA MET A 81 12.64 7.86 4.26
C MET A 81 13.99 8.19 4.87
N GLU A 82 13.99 8.51 6.16
CA GLU A 82 15.21 8.89 6.84
C GLU A 82 16.13 7.68 7.05
N ASP A 83 15.63 6.50 6.72
CA ASP A 83 16.45 5.29 6.81
C ASP A 83 17.57 5.34 5.78
N TYR A 84 17.21 5.71 4.56
CA TYR A 84 18.20 5.91 3.50
C TYR A 84 18.97 7.20 3.74
N ILE A 85 18.27 8.21 4.27
CA ILE A 85 18.86 9.52 4.53
C ILE A 85 20.01 9.43 5.53
N GLU A 86 19.75 8.85 6.69
CA GLU A 86 20.75 8.75 7.74
C GLU A 86 21.93 7.88 7.31
N ASN A 87 21.71 7.06 6.29
CA ASN A 87 22.75 6.18 5.80
C ASN A 87 23.33 6.68 4.49
N PHE A 88 22.91 7.88 4.08
CA PHE A 88 23.41 8.46 2.84
C PHE A 88 24.91 8.64 2.95
N ASP A 89 25.36 9.04 4.13
CA ASP A 89 26.77 9.18 4.43
C ASP A 89 27.47 7.85 4.18
N HIS A 90 26.85 6.78 4.67
CA HIS A 90 27.36 5.43 4.52
C HIS A 90 27.42 5.02 3.04
N TYR A 91 26.30 5.15 2.35
CA TYR A 91 26.21 4.75 0.94
C TYR A 91 27.13 5.61 0.06
N ARG A 92 27.26 6.88 0.40
CA ARG A 92 28.15 7.78 -0.34
C ARG A 92 29.62 7.48 -0.02
N ALA A 93 29.84 6.71 1.03
CA ALA A 93 31.19 6.35 1.43
C ALA A 93 31.61 5.01 0.83
N THR A 94 30.63 4.13 0.62
CA THR A 94 30.88 2.83 0.01
C THR A 94 31.01 2.96 -1.50
N GLN A 95 30.78 4.17 -1.99
CA GLN A 95 30.95 4.47 -3.41
C GLN A 95 31.96 5.59 -3.58
N LYS A 96 32.26 5.90 -4.82
CA LYS A 96 33.20 6.96 -5.14
C LYS A 96 32.65 7.88 -6.23
N SER B 1 -7.10 -12.45 -21.07
CA SER B 1 -7.89 -11.46 -20.35
C SER B 1 -7.15 -10.13 -20.30
N ASN B 2 -7.88 -9.04 -20.55
CA ASN B 2 -7.30 -7.70 -20.50
C ASN B 2 -8.05 -6.83 -19.52
N ASN B 3 -7.39 -5.82 -19.00
CA ASN B 3 -8.02 -4.87 -18.10
C ASN B 3 -8.38 -3.60 -18.87
N GLU B 4 -9.46 -2.94 -18.47
CA GLU B 4 -9.98 -1.79 -19.20
C GLU B 4 -8.97 -0.64 -19.24
N ASN B 5 -8.97 0.23 -18.24
CA ASN B 5 -8.05 1.36 -18.24
C ASN B 5 -7.01 1.21 -17.14
N ALA B 6 -7.46 0.76 -15.98
CA ALA B 6 -6.57 0.55 -14.85
C ALA B 6 -5.84 -0.77 -14.97
N PHE B 7 -4.70 -0.84 -14.31
CA PHE B 7 -3.84 -2.02 -14.32
C PHE B 7 -4.38 -3.14 -13.41
N TYR B 8 -5.62 -3.52 -13.62
CA TYR B 8 -6.27 -4.55 -12.81
C TYR B 8 -5.45 -5.85 -12.83
N ALA B 9 -5.00 -6.23 -14.02
CA ALA B 9 -4.28 -7.49 -14.21
C ALA B 9 -2.98 -7.52 -13.42
N ARG B 10 -2.47 -6.36 -13.05
CA ARG B 10 -1.26 -6.28 -12.25
C ARG B 10 -1.59 -6.26 -10.76
N ALA B 11 -2.31 -5.21 -10.34
CA ALA B 11 -2.65 -5.01 -8.92
C ALA B 11 -3.34 -6.23 -8.30
N THR B 12 -3.97 -7.06 -9.13
CA THR B 12 -4.67 -8.24 -8.64
C THR B 12 -3.70 -9.24 -8.02
N GLU B 13 -2.45 -9.25 -8.48
CA GLU B 13 -1.47 -10.21 -8.00
C GLU B 13 -0.87 -9.72 -6.68
N LEU B 14 -0.90 -8.41 -6.50
CA LEU B 14 -0.41 -7.79 -5.28
C LEU B 14 -1.31 -8.20 -4.11
N ILE B 15 -2.62 -8.13 -4.36
CA ILE B 15 -3.60 -8.55 -3.37
C ILE B 15 -3.62 -10.07 -3.24
N LYS B 16 -3.31 -10.74 -4.34
CA LYS B 16 -3.26 -12.19 -4.39
C LYS B 16 -2.34 -12.74 -3.30
N LEU B 17 -1.16 -12.15 -3.15
CA LEU B 17 -0.22 -12.60 -2.14
C LEU B 17 -0.80 -12.41 -0.74
N ALA B 18 -1.47 -11.28 -0.55
CA ALA B 18 -2.10 -10.96 0.73
C ALA B 18 -3.17 -11.98 1.09
N ASN B 19 -3.76 -12.60 0.07
CA ASN B 19 -4.78 -13.63 0.28
C ASN B 19 -4.18 -14.86 0.94
N GLN B 20 -2.91 -15.13 0.66
CA GLN B 20 -2.23 -16.27 1.26
C GLN B 20 -1.88 -16.00 2.72
N GLN B 21 -1.61 -14.75 3.05
CA GLN B 21 -1.22 -14.39 4.40
C GLN B 21 -2.45 -14.23 5.28
N ASN B 22 -3.60 -14.12 4.64
CA ASN B 22 -4.87 -14.05 5.36
C ASN B 22 -5.30 -15.44 5.81
N GLN B 23 -4.67 -16.45 5.21
CA GLN B 23 -4.93 -17.84 5.55
C GLN B 23 -4.06 -18.24 6.75
N ASN B 24 -3.11 -17.37 7.07
CA ASN B 24 -2.14 -17.64 8.12
C ASN B 24 -2.81 -17.57 9.48
N THR B 25 -2.84 -18.72 10.14
CA THR B 25 -3.57 -18.88 11.40
C THR B 25 -3.07 -17.93 12.50
N GLU B 26 -1.79 -17.58 12.48
CA GLU B 26 -1.20 -16.75 13.54
C GLU B 26 -1.46 -15.27 13.28
N ILE B 27 -2.01 -14.96 12.12
CA ILE B 27 -2.20 -13.56 11.73
C ILE B 27 -3.67 -13.22 11.67
N GLN B 28 -3.99 -11.98 11.95
CA GLN B 28 -5.36 -11.50 11.88
C GLN B 28 -5.55 -10.69 10.60
N THR B 29 -6.81 -10.47 10.22
CA THR B 29 -7.14 -9.76 9.00
C THR B 29 -6.47 -8.39 8.95
N GLY B 30 -6.40 -7.72 10.10
CA GLY B 30 -5.88 -6.37 10.16
C GLY B 30 -4.35 -6.32 10.11
N GLU B 31 -3.69 -7.46 10.19
CA GLU B 31 -2.24 -7.48 10.16
C GLU B 31 -1.77 -7.59 8.71
N VAL B 32 -2.55 -8.30 7.91
CA VAL B 32 -2.23 -8.49 6.50
C VAL B 32 -2.45 -7.18 5.73
N SER B 33 -3.51 -6.47 6.09
CA SER B 33 -3.81 -5.19 5.47
C SER B 33 -2.71 -4.19 5.75
N ALA B 34 -2.23 -4.17 6.99
CA ALA B 34 -1.16 -3.27 7.40
C ALA B 34 0.16 -3.70 6.78
N SER B 35 0.29 -5.00 6.50
CA SER B 35 1.50 -5.54 5.91
C SER B 35 1.65 -4.98 4.50
N PHE B 36 0.51 -4.77 3.84
CA PHE B 36 0.48 -4.20 2.51
C PHE B 36 0.81 -2.71 2.58
N MET B 37 0.48 -2.08 3.72
CA MET B 37 0.74 -0.66 3.90
C MET B 37 2.21 -0.41 4.16
N TRP B 38 2.80 -1.19 5.05
CA TRP B 38 4.23 -1.10 5.33
C TRP B 38 5.04 -1.40 4.07
N ALA B 39 4.58 -2.38 3.31
CA ALA B 39 5.21 -2.74 2.06
C ALA B 39 5.15 -1.58 1.06
N LEU B 40 3.98 -0.95 0.95
CA LEU B 40 3.80 0.18 0.06
C LEU B 40 4.60 1.38 0.57
N ALA B 41 4.61 1.55 1.88
CA ALA B 41 5.31 2.66 2.50
C ALA B 41 6.78 2.69 2.12
N ARG B 42 7.46 1.56 2.24
CA ARG B 42 8.88 1.53 1.94
C ARG B 42 9.11 1.27 0.46
N TYR B 43 8.02 1.25 -0.31
CA TYR B 43 8.12 1.18 -1.77
C TYR B 43 7.93 2.58 -2.34
N ASN B 44 7.05 3.36 -1.70
CA ASN B 44 6.87 4.77 -2.04
C ASN B 44 8.12 5.54 -1.67
N ALA B 45 8.70 5.19 -0.52
CA ALA B 45 9.90 5.85 -0.02
C ALA B 45 11.11 5.59 -0.90
N TRP B 46 11.00 4.57 -1.76
CA TRP B 46 12.08 4.21 -2.67
C TRP B 46 12.44 5.38 -3.59
N PHE B 47 11.43 6.16 -3.96
CA PHE B 47 11.61 7.29 -4.86
C PHE B 47 12.25 8.48 -4.16
N GLY B 48 12.47 8.35 -2.85
CA GLY B 48 13.14 9.40 -2.11
C GLY B 48 14.59 9.53 -2.53
N SER B 49 15.17 8.42 -2.96
CA SER B 49 16.56 8.38 -3.39
C SER B 49 16.79 9.25 -4.62
N THR B 50 15.73 9.51 -5.37
CA THR B 50 15.82 10.34 -6.55
C THR B 50 15.08 11.67 -6.34
N SER B 51 14.82 12.02 -5.09
CA SER B 51 14.14 13.27 -4.79
C SER B 51 15.14 14.42 -4.82
N PHE B 52 16.33 14.16 -4.29
CA PHE B 52 17.39 15.17 -4.27
C PHE B 52 18.77 14.53 -4.35
N GLU B 53 19.80 15.35 -4.23
CA GLU B 53 21.18 14.90 -4.38
C GLU B 53 21.79 14.44 -3.05
N THR B 54 21.68 15.27 -2.02
CA THR B 54 22.28 14.99 -0.74
C THR B 54 21.22 14.62 0.28
N LYS B 55 21.64 14.03 1.39
CA LYS B 55 20.70 13.68 2.44
C LYS B 55 20.11 14.94 3.07
N GLU B 56 20.92 16.00 3.11
CA GLU B 56 20.52 17.25 3.73
C GLU B 56 19.37 17.90 2.97
N GLN B 57 19.50 17.93 1.65
CA GLN B 57 18.49 18.58 0.81
C GLN B 57 17.38 17.62 0.44
N MET B 58 17.54 16.35 0.79
CA MET B 58 16.51 15.35 0.59
C MET B 58 15.65 15.22 1.85
N GLN B 59 16.32 15.24 3.00
CA GLN B 59 15.69 15.13 4.30
C GLN B 59 14.63 16.20 4.49
N ALA B 60 14.97 17.40 4.08
CA ALA B 60 14.08 18.56 4.25
C ALA B 60 12.84 18.46 3.36
N LYS B 61 12.81 17.44 2.50
CA LYS B 61 11.72 17.28 1.54
C LYS B 61 10.86 16.10 1.91
N LYS B 62 11.14 15.50 3.06
CA LYS B 62 10.39 14.32 3.52
C LYS B 62 8.89 14.57 3.46
N GLN B 63 8.45 15.70 3.98
CA GLN B 63 7.02 15.96 4.12
C GLN B 63 6.42 16.40 2.79
N GLU B 64 7.27 16.70 1.82
CA GLU B 64 6.81 17.12 0.51
C GLU B 64 6.49 15.92 -0.37
N MET B 65 7.35 14.90 -0.35
CA MET B 65 7.05 13.70 -1.11
C MET B 65 6.01 12.87 -0.37
N MET B 66 6.03 12.98 0.96
CA MET B 66 5.06 12.29 1.80
C MET B 66 3.82 13.16 1.98
N ASP B 67 3.67 14.16 1.14
CA ASP B 67 2.48 15.00 1.16
C ASP B 67 1.43 14.41 0.24
N TYR B 68 1.88 13.86 -0.87
CA TYR B 68 0.96 13.38 -1.90
C TYR B 68 0.92 11.85 -1.93
N TYR B 69 1.89 11.19 -1.30
CA TYR B 69 1.91 9.72 -1.27
C TYR B 69 0.61 9.19 -0.67
N MET B 70 0.37 9.56 0.58
CA MET B 70 -0.87 9.20 1.27
C MET B 70 -2.08 9.55 0.40
N ASP B 71 -2.03 10.75 -0.16
CA ASP B 71 -3.18 11.31 -0.86
C ASP B 71 -3.26 10.83 -2.32
N ARG B 72 -2.44 9.86 -2.69
CA ARG B 72 -2.42 9.39 -4.08
C ARG B 72 -3.44 8.29 -4.29
N TYR B 73 -3.53 7.38 -3.33
CA TYR B 73 -4.41 6.24 -3.47
C TYR B 73 -5.74 6.55 -2.81
N LYS B 74 -5.88 7.80 -2.40
CA LYS B 74 -7.06 8.27 -1.71
C LYS B 74 -8.30 8.13 -2.58
N GLU B 75 -8.29 8.74 -3.77
CA GLU B 75 -9.44 8.67 -4.66
C GLU B 75 -9.65 7.24 -5.16
N MET B 76 -8.56 6.50 -5.32
CA MET B 76 -8.63 5.09 -5.69
C MET B 76 -9.39 4.33 -4.61
N LEU B 77 -9.10 4.67 -3.37
CA LEU B 77 -9.75 4.06 -2.21
C LEU B 77 -11.21 4.49 -2.16
N ASP B 78 -11.44 5.77 -2.42
CA ASP B 78 -12.78 6.35 -2.42
C ASP B 78 -13.68 5.64 -3.41
N ALA B 79 -13.11 5.35 -4.57
CA ALA B 79 -13.84 4.72 -5.66
C ALA B 79 -14.09 3.23 -5.41
N ASN B 80 -13.29 2.63 -4.52
CA ASN B 80 -13.42 1.21 -4.25
C ASN B 80 -14.36 0.97 -3.08
N MET B 81 -14.47 1.98 -2.22
CA MET B 81 -15.40 1.95 -1.10
C MET B 81 -16.83 1.78 -1.60
N GLU B 82 -17.26 2.73 -2.43
CA GLU B 82 -18.64 2.78 -2.89
C GLU B 82 -19.00 1.56 -3.74
N ASP B 83 -18.00 0.89 -4.29
CA ASP B 83 -18.25 -0.32 -5.07
C ASP B 83 -18.99 -1.35 -4.22
N TYR B 84 -18.50 -1.57 -3.01
CA TYR B 84 -19.13 -2.50 -2.10
C TYR B 84 -20.37 -1.88 -1.46
N ILE B 85 -20.38 -0.55 -1.40
CA ILE B 85 -21.50 0.17 -0.80
C ILE B 85 -22.74 0.10 -1.68
N GLU B 86 -22.61 0.53 -2.93
CA GLU B 86 -23.76 0.57 -3.84
C GLU B 86 -24.31 -0.83 -4.12
N ASN B 87 -23.45 -1.82 -4.06
CA ASN B 87 -23.87 -3.20 -4.33
C ASN B 87 -24.30 -3.89 -3.05
N PHE B 88 -24.30 -3.17 -1.94
CA PHE B 88 -24.69 -3.75 -0.66
C PHE B 88 -26.10 -4.29 -0.71
N ASP B 89 -26.99 -3.56 -1.38
CA ASP B 89 -28.38 -3.99 -1.52
C ASP B 89 -28.44 -5.34 -2.22
N HIS B 90 -27.47 -5.58 -3.10
CA HIS B 90 -27.34 -6.85 -3.81
C HIS B 90 -26.80 -7.90 -2.86
N TYR B 91 -25.71 -7.57 -2.17
CA TYR B 91 -25.08 -8.48 -1.21
C TYR B 91 -26.04 -8.86 -0.09
N ARG B 92 -26.83 -7.90 0.36
CA ARG B 92 -27.81 -8.11 1.42
C ARG B 92 -28.99 -8.93 0.90
N ALA B 93 -29.10 -9.03 -0.42
CA ALA B 93 -30.21 -9.75 -1.04
C ALA B 93 -29.85 -11.21 -1.29
N THR B 94 -28.57 -11.46 -1.51
CA THR B 94 -28.08 -12.82 -1.76
C THR B 94 -27.92 -13.60 -0.46
N GLN B 95 -27.93 -12.89 0.65
CA GLN B 95 -27.78 -13.52 1.95
C GLN B 95 -29.06 -13.43 2.75
N LYS B 96 -29.09 -14.14 3.86
CA LYS B 96 -30.23 -14.16 4.75
C LYS B 96 -29.77 -14.26 6.20
N SER A 1 16.87 -14.01 11.93
CA SER A 1 15.84 -13.16 11.30
C SER A 1 14.55 -13.20 12.11
N ASN A 2 14.38 -12.21 12.97
CA ASN A 2 13.21 -12.16 13.84
C ASN A 2 12.59 -10.78 13.78
N ASN A 3 11.35 -10.66 14.24
CA ASN A 3 10.65 -9.39 14.19
C ASN A 3 10.77 -8.68 15.53
N GLU A 4 10.84 -7.36 15.49
CA GLU A 4 10.90 -6.55 16.70
C GLU A 4 9.51 -6.42 17.30
N ASN A 5 8.78 -5.41 16.83
CA ASN A 5 7.37 -5.28 17.15
C ASN A 5 6.56 -5.49 15.88
N ALA A 6 7.04 -4.91 14.79
CA ALA A 6 6.37 -5.01 13.52
C ALA A 6 6.50 -6.40 12.91
N PHE A 7 5.52 -6.72 12.08
CA PHE A 7 5.44 -7.99 11.38
C PHE A 7 6.38 -8.05 10.17
N TYR A 8 7.67 -7.85 10.43
CA TYR A 8 8.68 -7.84 9.37
C TYR A 8 8.63 -9.12 8.54
N ALA A 9 8.46 -10.26 9.20
CA ALA A 9 8.51 -11.56 8.53
C ALA A 9 7.28 -11.80 7.66
N ARG A 10 6.23 -11.01 7.89
CA ARG A 10 5.04 -11.08 7.07
C ARG A 10 5.16 -10.19 5.85
N ALA A 11 5.32 -8.89 6.10
CA ALA A 11 5.38 -7.89 5.03
C ALA A 11 6.56 -8.10 4.07
N THR A 12 7.53 -8.89 4.48
CA THR A 12 8.69 -9.15 3.65
C THR A 12 8.29 -9.91 2.37
N GLU A 13 7.24 -10.73 2.46
CA GLU A 13 6.83 -11.55 1.32
C GLU A 13 5.99 -10.72 0.36
N LEU A 14 5.33 -9.70 0.90
CA LEU A 14 4.50 -8.81 0.11
C LEU A 14 5.35 -8.08 -0.92
N ILE A 15 6.52 -7.64 -0.49
CA ILE A 15 7.46 -6.95 -1.36
C ILE A 15 8.10 -7.93 -2.34
N LYS A 16 8.11 -9.21 -1.99
CA LYS A 16 8.70 -10.22 -2.84
C LYS A 16 7.93 -10.35 -4.15
N LEU A 17 6.62 -10.16 -4.10
CA LEU A 17 5.81 -10.20 -5.29
C LEU A 17 6.24 -9.07 -6.23
N ALA A 18 6.58 -7.94 -5.63
CA ALA A 18 6.99 -6.76 -6.39
C ALA A 18 8.33 -7.01 -7.06
N ASN A 19 9.16 -7.82 -6.41
CA ASN A 19 10.46 -8.21 -6.94
C ASN A 19 10.30 -8.91 -8.29
N GLN A 20 9.33 -9.82 -8.35
CA GLN A 20 9.06 -10.58 -9.56
C GLN A 20 8.58 -9.68 -10.69
N GLN A 21 7.81 -8.65 -10.35
CA GLN A 21 7.29 -7.73 -11.36
C GLN A 21 8.37 -6.73 -11.76
N ASN A 22 9.30 -6.46 -10.85
CA ASN A 22 10.39 -5.53 -11.13
C ASN A 22 11.49 -6.22 -11.94
N GLN A 23 11.27 -7.50 -12.24
CA GLN A 23 12.17 -8.24 -13.10
C GLN A 23 11.97 -7.82 -14.56
N ASN A 24 10.92 -7.04 -14.78
CA ASN A 24 10.63 -6.46 -16.07
C ASN A 24 11.52 -5.25 -16.33
N THR A 25 11.72 -4.93 -17.58
CA THR A 25 12.47 -3.74 -17.96
C THR A 25 11.67 -2.92 -18.96
N GLU A 26 10.64 -3.54 -19.52
CA GLU A 26 9.70 -2.86 -20.39
C GLU A 26 8.63 -2.15 -19.57
N ILE A 27 8.70 -2.33 -18.26
CA ILE A 27 7.84 -1.61 -17.34
C ILE A 27 8.70 -0.84 -16.35
N GLN A 28 8.20 0.28 -15.87
CA GLN A 28 8.95 1.10 -14.92
C GLN A 28 8.88 0.50 -13.53
N THR A 29 9.91 0.73 -12.73
CA THR A 29 9.92 0.30 -11.35
C THR A 29 8.79 0.99 -10.58
N GLY A 30 8.47 2.21 -11.01
CA GLY A 30 7.39 2.97 -10.40
C GLY A 30 6.03 2.37 -10.65
N GLU A 31 5.89 1.56 -11.70
CA GLU A 31 4.60 0.95 -12.01
C GLU A 31 4.32 -0.17 -11.01
N VAL A 32 5.38 -0.86 -10.60
CA VAL A 32 5.26 -1.95 -9.65
C VAL A 32 4.88 -1.42 -8.26
N SER A 33 5.53 -0.35 -7.85
CA SER A 33 5.25 0.27 -6.56
C SER A 33 3.83 0.83 -6.53
N ALA A 34 3.43 1.44 -7.64
CA ALA A 34 2.08 1.98 -7.76
C ALA A 34 1.06 0.86 -7.70
N SER A 35 1.40 -0.30 -8.25
CA SER A 35 0.51 -1.45 -8.20
C SER A 35 0.31 -1.90 -6.76
N PHE A 36 1.37 -1.86 -5.97
CA PHE A 36 1.30 -2.20 -4.57
C PHE A 36 0.37 -1.23 -3.84
N MET A 37 0.48 0.04 -4.21
CA MET A 37 -0.36 1.08 -3.63
C MET A 37 -1.83 0.92 -4.01
N TRP A 38 -2.09 0.65 -5.29
CA TRP A 38 -3.46 0.42 -5.76
C TRP A 38 -4.03 -0.85 -5.13
N ALA A 39 -3.18 -1.84 -4.94
CA ALA A 39 -3.59 -3.08 -4.31
C ALA A 39 -4.01 -2.84 -2.86
N LEU A 40 -3.27 -1.97 -2.17
CA LEU A 40 -3.59 -1.62 -0.80
C LEU A 40 -4.92 -0.88 -0.74
N ALA A 41 -5.18 -0.07 -1.76
CA ALA A 41 -6.42 0.67 -1.84
C ALA A 41 -7.62 -0.28 -1.87
N ARG A 42 -7.50 -1.34 -2.68
CA ARG A 42 -8.58 -2.30 -2.81
C ARG A 42 -8.67 -3.17 -1.55
N TYR A 43 -7.52 -3.47 -0.97
CA TYR A 43 -7.46 -4.34 0.20
C TYR A 43 -7.96 -3.61 1.45
N ASN A 44 -7.72 -2.30 1.50
CA ASN A 44 -8.09 -1.49 2.66
C ASN A 44 -9.59 -1.22 2.67
N ALA A 45 -10.16 -1.04 1.47
CA ALA A 45 -11.59 -0.77 1.32
C ALA A 45 -12.43 -1.98 1.74
N TRP A 46 -11.76 -3.13 1.85
CA TRP A 46 -12.40 -4.38 2.24
C TRP A 46 -13.06 -4.27 3.61
N PHE A 47 -12.44 -3.52 4.51
CA PHE A 47 -12.92 -3.40 5.88
C PHE A 47 -14.20 -2.57 5.95
N GLY A 48 -14.56 -1.94 4.84
CA GLY A 48 -15.81 -1.21 4.79
C GLY A 48 -16.99 -2.10 5.11
N SER A 49 -16.85 -3.38 4.77
CA SER A 49 -17.90 -4.37 4.98
C SER A 49 -18.25 -4.52 6.46
N THR A 50 -17.25 -4.35 7.33
CA THR A 50 -17.46 -4.53 8.76
C THR A 50 -17.56 -3.19 9.47
N SER A 51 -17.80 -2.13 8.70
CA SER A 51 -17.89 -0.79 9.25
C SER A 51 -19.24 -0.58 9.95
N PHE A 52 -20.32 -0.98 9.30
CA PHE A 52 -21.64 -0.76 9.87
C PHE A 52 -22.60 -1.91 9.58
N GLU A 53 -23.84 -1.73 9.98
CA GLU A 53 -24.86 -2.78 9.91
C GLU A 53 -25.76 -2.61 8.69
N THR A 54 -25.91 -1.37 8.24
CA THR A 54 -26.73 -1.07 7.07
C THR A 54 -25.95 -0.25 6.07
N LYS A 55 -26.40 -0.25 4.82
CA LYS A 55 -25.70 0.44 3.76
C LYS A 55 -25.77 1.95 3.94
N GLU A 56 -26.91 2.44 4.41
CA GLU A 56 -27.13 3.87 4.57
C GLU A 56 -26.20 4.46 5.63
N GLN A 57 -25.85 3.65 6.62
CA GLN A 57 -24.94 4.10 7.66
C GLN A 57 -23.49 3.76 7.29
N MET A 58 -23.33 2.69 6.54
CA MET A 58 -22.02 2.23 6.07
C MET A 58 -21.46 3.20 5.03
N GLN A 59 -22.32 3.63 4.11
CA GLN A 59 -21.93 4.53 3.02
C GLN A 59 -21.45 5.88 3.54
N ALA A 60 -22.04 6.31 4.64
CA ALA A 60 -21.69 7.61 5.23
C ALA A 60 -20.28 7.59 5.81
N LYS A 61 -19.81 6.40 6.15
CA LYS A 61 -18.54 6.23 6.82
C LYS A 61 -17.41 6.10 5.81
N LYS A 62 -17.77 6.13 4.53
CA LYS A 62 -16.81 5.92 3.45
C LYS A 62 -15.59 6.82 3.64
N GLN A 63 -15.86 8.09 3.90
CA GLN A 63 -14.79 9.08 4.00
C GLN A 63 -14.23 9.10 5.40
N GLU A 64 -15.02 8.63 6.35
CA GLU A 64 -14.62 8.61 7.74
C GLU A 64 -13.58 7.52 7.99
N MET A 65 -13.76 6.36 7.37
CA MET A 65 -12.84 5.25 7.56
C MET A 65 -11.60 5.47 6.72
N MET A 66 -11.76 6.18 5.61
CA MET A 66 -10.66 6.51 4.73
C MET A 66 -9.83 7.66 5.29
N ASP A 67 -10.41 8.40 6.23
CA ASP A 67 -9.81 9.63 6.73
C ASP A 67 -8.45 9.37 7.37
N TYR A 68 -8.28 8.19 7.94
CA TYR A 68 -7.04 7.83 8.56
C TYR A 68 -6.30 6.77 7.73
N TYR A 69 -6.99 6.20 6.74
CA TYR A 69 -6.38 5.17 5.89
C TYR A 69 -5.15 5.69 5.18
N MET A 70 -5.30 6.81 4.49
CA MET A 70 -4.18 7.48 3.84
C MET A 70 -3.03 7.67 4.81
N ASP A 71 -3.34 8.30 5.94
CA ASP A 71 -2.34 8.72 6.90
C ASP A 71 -2.08 7.61 7.93
N ARG A 72 -2.19 6.35 7.48
CA ARG A 72 -2.02 5.21 8.37
C ARG A 72 -0.60 4.69 8.34
N TYR A 73 0.02 4.73 7.16
CA TYR A 73 1.37 4.23 7.01
C TYR A 73 2.36 5.39 7.00
N LYS A 74 1.87 6.56 7.35
CA LYS A 74 2.67 7.78 7.31
C LYS A 74 3.89 7.65 8.21
N GLU A 75 3.63 7.43 9.49
CA GLU A 75 4.68 7.34 10.49
C GLU A 75 5.61 6.15 10.23
N MET A 76 5.06 5.11 9.63
CA MET A 76 5.85 3.92 9.33
C MET A 76 6.70 4.15 8.09
N LEU A 77 6.20 5.01 7.21
CA LEU A 77 6.91 5.41 6.01
C LEU A 77 8.12 6.27 6.39
N ASP A 78 7.90 7.20 7.30
CA ASP A 78 8.95 8.05 7.85
C ASP A 78 10.03 7.20 8.50
N ALA A 79 9.61 6.08 9.09
CA ALA A 79 10.51 5.19 9.81
C ALA A 79 11.36 4.34 8.87
N ASN A 80 11.01 4.32 7.59
CA ASN A 80 11.77 3.53 6.61
C ASN A 80 12.71 4.39 5.81
N MET A 81 12.44 5.69 5.78
CA MET A 81 13.37 6.63 5.19
C MET A 81 14.51 6.93 6.15
N GLU A 82 15.29 7.96 5.84
CA GLU A 82 16.42 8.41 6.64
C GLU A 82 17.59 7.44 6.67
N ASP A 83 17.29 6.15 6.59
CA ASP A 83 18.31 5.11 6.66
C ASP A 83 19.43 5.34 5.65
N TYR A 84 19.09 5.40 4.36
CA TYR A 84 20.12 5.64 3.35
C TYR A 84 20.33 7.13 3.12
N ILE A 85 19.54 7.97 3.79
CA ILE A 85 19.75 9.40 3.76
C ILE A 85 20.95 9.77 4.63
N GLU A 86 20.88 9.38 5.90
CA GLU A 86 21.95 9.68 6.83
C GLU A 86 23.26 9.02 6.38
N ASN A 87 23.15 7.81 5.84
CA ASN A 87 24.33 7.05 5.41
C ASN A 87 24.70 7.38 3.97
N PHE A 88 24.06 8.40 3.39
CA PHE A 88 24.38 8.81 2.02
C PHE A 88 25.85 9.16 1.91
N ASP A 89 26.37 9.89 2.91
CA ASP A 89 27.77 10.25 2.95
C ASP A 89 28.64 9.01 2.91
N HIS A 90 28.16 7.96 3.57
CA HIS A 90 28.86 6.70 3.66
C HIS A 90 28.88 6.01 2.29
N TYR A 91 27.71 5.85 1.69
CA TYR A 91 27.60 5.20 0.39
C TYR A 91 28.32 5.99 -0.69
N ARG A 92 28.19 7.30 -0.63
CA ARG A 92 28.83 8.19 -1.60
C ARG A 92 30.35 8.13 -1.45
N ALA A 93 30.80 7.63 -0.30
CA ALA A 93 32.22 7.50 -0.03
C ALA A 93 32.73 6.12 -0.40
N THR A 94 31.84 5.13 -0.41
CA THR A 94 32.24 3.76 -0.74
C THR A 94 32.54 3.63 -2.23
N GLN A 95 31.97 4.52 -3.03
CA GLN A 95 32.20 4.52 -4.46
C GLN A 95 33.39 5.40 -4.80
N LYS A 96 34.35 4.82 -5.49
CA LYS A 96 35.58 5.50 -5.81
C LYS A 96 35.54 6.13 -7.20
N SER B 1 -9.75 -9.04 -19.69
CA SER B 1 -8.71 -9.33 -18.72
C SER B 1 -7.52 -8.40 -18.92
N ASN B 2 -7.60 -7.53 -19.91
CA ASN B 2 -6.55 -6.56 -20.16
C ASN B 2 -6.71 -5.37 -19.22
N ASN B 3 -5.76 -4.46 -19.23
CA ASN B 3 -5.84 -3.29 -18.38
C ASN B 3 -6.36 -2.11 -19.19
N GLU B 4 -7.17 -1.27 -18.56
CA GLU B 4 -7.70 -0.08 -19.22
C GLU B 4 -6.60 0.98 -19.29
N ASN B 5 -6.44 1.72 -18.20
CA ASN B 5 -5.30 2.62 -18.06
C ASN B 5 -4.50 2.21 -16.84
N ALA B 6 -5.19 1.65 -15.85
CA ALA B 6 -4.55 1.18 -14.63
C ALA B 6 -4.10 -0.27 -14.75
N PHE B 7 -3.13 -0.62 -13.92
CA PHE B 7 -2.48 -1.92 -13.93
C PHE B 7 -3.24 -2.95 -13.09
N TYR B 8 -4.54 -3.04 -13.32
CA TYR B 8 -5.43 -3.93 -12.54
C TYR B 8 -4.82 -5.32 -12.32
N ALA B 9 -4.37 -5.93 -13.41
CA ALA B 9 -3.87 -7.30 -13.39
C ALA B 9 -2.69 -7.47 -12.45
N ARG B 10 -1.74 -6.54 -12.50
CA ARG B 10 -0.52 -6.65 -11.71
C ARG B 10 -0.79 -6.53 -10.22
N ALA B 11 -1.52 -5.50 -9.81
CA ALA B 11 -1.81 -5.26 -8.40
C ALA B 11 -2.62 -6.40 -7.80
N THR B 12 -3.23 -7.17 -8.68
CA THR B 12 -3.98 -8.34 -8.31
C THR B 12 -3.06 -9.44 -7.78
N GLU B 13 -1.81 -9.45 -8.26
CA GLU B 13 -0.86 -10.46 -7.85
C GLU B 13 -0.27 -10.10 -6.48
N LEU B 14 -0.22 -8.80 -6.23
CA LEU B 14 0.26 -8.27 -4.96
C LEU B 14 -0.66 -8.72 -3.83
N ILE B 15 -1.97 -8.60 -4.06
CA ILE B 15 -2.98 -9.05 -3.11
C ILE B 15 -2.94 -10.57 -3.00
N LYS B 16 -2.45 -11.23 -4.04
CA LYS B 16 -2.43 -12.67 -4.08
C LYS B 16 -1.46 -13.23 -3.03
N LEU B 17 -0.40 -12.48 -2.71
CA LEU B 17 0.53 -12.88 -1.66
C LEU B 17 -0.19 -12.75 -0.31
N ALA B 18 -0.94 -11.67 -0.17
CA ALA B 18 -1.68 -11.41 1.06
C ALA B 18 -2.74 -12.48 1.29
N ASN B 19 -3.23 -13.02 0.18
CA ASN B 19 -4.24 -14.07 0.22
C ASN B 19 -3.72 -15.29 0.98
N GLN B 20 -2.43 -15.59 0.77
CA GLN B 20 -1.79 -16.73 1.41
C GLN B 20 -1.63 -16.51 2.91
N GLN B 21 -1.29 -15.29 3.30
CA GLN B 21 -1.11 -14.98 4.70
C GLN B 21 -2.47 -14.89 5.40
N ASN B 22 -3.49 -14.59 4.63
CA ASN B 22 -4.86 -14.48 5.16
C ASN B 22 -5.51 -15.86 5.22
N GLN B 23 -4.81 -16.88 4.74
CA GLN B 23 -5.29 -18.26 4.87
C GLN B 23 -5.18 -18.71 6.32
N ASN B 24 -4.49 -17.90 7.12
CA ASN B 24 -4.34 -18.12 8.53
C ASN B 24 -5.56 -17.60 9.28
N THR B 25 -6.14 -18.43 10.11
CA THR B 25 -7.36 -18.08 10.81
C THR B 25 -7.06 -17.60 12.23
N GLU B 26 -5.90 -17.98 12.75
CA GLU B 26 -5.47 -17.53 14.06
C GLU B 26 -4.96 -16.10 13.99
N ILE B 27 -4.64 -15.64 12.78
CA ILE B 27 -4.22 -14.27 12.57
C ILE B 27 -5.41 -13.47 12.07
N GLN B 28 -5.41 -12.18 12.32
CA GLN B 28 -6.47 -11.33 11.82
C GLN B 28 -6.20 -10.99 10.36
N THR B 29 -7.26 -10.85 9.58
CA THR B 29 -7.14 -10.37 8.22
C THR B 29 -6.49 -9.00 8.22
N GLY B 30 -6.77 -8.23 9.27
CA GLY B 30 -6.19 -6.92 9.45
C GLY B 30 -4.68 -6.94 9.56
N GLU B 31 -4.12 -8.03 10.09
CA GLU B 31 -2.67 -8.13 10.23
C GLU B 31 -2.03 -8.19 8.85
N VAL B 32 -2.71 -8.86 7.92
CA VAL B 32 -2.24 -8.99 6.56
C VAL B 32 -2.49 -7.71 5.78
N SER B 33 -3.52 -6.97 6.20
CA SER B 33 -3.81 -5.68 5.60
C SER B 33 -2.75 -4.68 6.01
N ALA B 34 -2.37 -4.74 7.27
CA ALA B 34 -1.37 -3.85 7.83
C ALA B 34 0.02 -4.17 7.28
N SER B 35 0.30 -5.46 7.04
CA SER B 35 1.60 -5.85 6.52
C SER B 35 1.77 -5.35 5.10
N PHE B 36 0.67 -5.36 4.34
CA PHE B 36 0.66 -4.80 3.00
C PHE B 36 0.96 -3.31 3.07
N MET B 37 0.36 -2.66 4.05
CA MET B 37 0.55 -1.23 4.26
C MET B 37 1.99 -0.91 4.68
N TRP B 38 2.54 -1.68 5.62
CA TRP B 38 3.91 -1.50 6.05
C TRP B 38 4.88 -1.78 4.91
N ALA B 39 4.53 -2.75 4.07
CA ALA B 39 5.37 -3.10 2.93
C ALA B 39 5.43 -1.95 1.93
N LEU B 40 4.30 -1.23 1.77
CA LEU B 40 4.26 -0.07 0.90
C LEU B 40 5.13 1.03 1.49
N ALA B 41 5.11 1.12 2.83
CA ALA B 41 5.89 2.13 3.53
C ALA B 41 7.39 1.88 3.36
N ARG B 42 7.76 0.68 2.94
CA ARG B 42 9.16 0.37 2.67
C ARG B 42 9.47 0.56 1.19
N TYR B 43 8.60 0.01 0.35
CA TYR B 43 8.83 0.00 -1.09
C TYR B 43 8.67 1.39 -1.70
N ASN B 44 7.76 2.18 -1.14
CA ASN B 44 7.43 3.49 -1.69
C ASN B 44 8.45 4.54 -1.22
N ALA B 45 9.15 4.24 -0.13
CA ALA B 45 10.18 5.15 0.40
C ALA B 45 11.46 5.02 -0.41
N TRP B 46 11.49 4.06 -1.31
CA TRP B 46 12.62 3.82 -2.21
C TRP B 46 12.81 5.00 -3.17
N PHE B 47 11.70 5.69 -3.46
CA PHE B 47 11.72 6.77 -4.44
C PHE B 47 12.37 8.03 -3.88
N GLY B 48 12.81 7.97 -2.64
CA GLY B 48 13.58 9.06 -2.09
C GLY B 48 14.88 9.23 -2.85
N SER B 49 15.36 8.13 -3.41
CA SER B 49 16.62 8.11 -4.15
C SER B 49 16.50 8.87 -5.47
N THR B 50 15.28 9.26 -5.84
CA THR B 50 15.08 10.05 -7.05
C THR B 50 14.43 11.38 -6.72
N SER B 51 14.30 11.70 -5.44
CA SER B 51 13.72 12.94 -5.02
C SER B 51 14.72 14.08 -5.17
N PHE B 52 15.95 13.85 -4.75
CA PHE B 52 17.01 14.85 -4.88
C PHE B 52 18.37 14.19 -5.07
N GLU B 53 19.38 15.02 -5.25
CA GLU B 53 20.72 14.55 -5.60
C GLU B 53 21.58 14.30 -4.35
N THR B 54 21.39 15.12 -3.33
CA THR B 54 22.15 15.00 -2.10
C THR B 54 21.22 14.70 -0.93
N LYS B 55 21.80 14.19 0.16
CA LYS B 55 21.01 13.80 1.31
C LYS B 55 20.37 15.01 1.97
N GLU B 56 21.08 16.13 1.96
CA GLU B 56 20.59 17.36 2.56
C GLU B 56 19.31 17.83 1.87
N GLN B 57 19.35 17.89 0.55
CA GLN B 57 18.22 18.37 -0.22
C GLN B 57 17.13 17.31 -0.28
N MET B 58 17.52 16.05 -0.10
CA MET B 58 16.57 14.95 -0.08
C MET B 58 15.83 14.89 1.26
N GLN B 59 16.59 14.98 2.34
CA GLN B 59 16.06 14.87 3.69
C GLN B 59 15.10 16.00 4.01
N ALA B 60 15.37 17.18 3.47
CA ALA B 60 14.51 18.34 3.70
C ALA B 60 13.15 18.16 3.01
N LYS B 61 13.08 17.17 2.13
CA LYS B 61 11.87 16.87 1.40
C LYS B 61 11.23 15.61 1.91
N LYS B 62 11.71 15.09 3.04
CA LYS B 62 11.15 13.89 3.63
C LYS B 62 9.63 14.03 3.75
N GLN B 63 9.19 15.16 4.25
CA GLN B 63 7.78 15.39 4.46
C GLN B 63 7.11 15.78 3.14
N GLU B 64 7.88 16.42 2.27
CA GLU B 64 7.35 16.86 0.98
C GLU B 64 7.02 15.67 0.09
N MET B 65 7.84 14.63 0.11
CA MET B 65 7.63 13.48 -0.75
C MET B 65 6.63 12.54 -0.11
N MET B 66 6.54 12.62 1.21
CA MET B 66 5.61 11.79 1.96
C MET B 66 4.22 12.42 2.02
N ASP B 67 4.15 13.73 1.84
CA ASP B 67 2.91 14.46 2.06
C ASP B 67 1.81 13.99 1.13
N TYR B 68 2.17 13.77 -0.12
CA TYR B 68 1.20 13.36 -1.12
C TYR B 68 1.12 11.84 -1.17
N TYR B 69 2.11 11.16 -0.58
CA TYR B 69 2.13 9.70 -0.58
C TYR B 69 0.87 9.13 0.06
N MET B 70 0.49 9.68 1.21
CA MET B 70 -0.76 9.29 1.85
C MET B 70 -1.93 9.51 0.89
N ASP B 71 -1.96 10.69 0.29
CA ASP B 71 -3.11 11.14 -0.51
C ASP B 71 -3.03 10.61 -1.95
N ARG B 72 -2.28 9.53 -2.15
CA ARG B 72 -2.05 9.02 -3.50
C ARG B 72 -3.11 7.99 -3.86
N TYR B 73 -3.29 7.01 -2.98
CA TYR B 73 -4.22 5.92 -3.24
C TYR B 73 -5.59 6.25 -2.66
N LYS B 74 -5.75 7.48 -2.21
CA LYS B 74 -6.99 7.92 -1.57
C LYS B 74 -8.17 7.78 -2.52
N GLU B 75 -8.10 8.45 -3.66
CA GLU B 75 -9.18 8.42 -4.63
C GLU B 75 -9.37 7.02 -5.20
N MET B 76 -8.27 6.29 -5.34
CA MET B 76 -8.32 4.94 -5.89
C MET B 76 -8.96 3.98 -4.90
N LEU B 77 -8.78 4.28 -3.61
CA LEU B 77 -9.38 3.49 -2.54
C LEU B 77 -10.89 3.74 -2.53
N ASP B 78 -11.25 5.01 -2.68
CA ASP B 78 -12.65 5.45 -2.71
C ASP B 78 -13.41 4.71 -3.82
N ALA B 79 -12.74 4.48 -4.93
CA ALA B 79 -13.35 3.88 -6.10
C ALA B 79 -13.72 2.41 -5.87
N ASN B 80 -13.18 1.82 -4.82
CA ASN B 80 -13.43 0.41 -4.54
C ASN B 80 -14.55 0.24 -3.52
N MET B 81 -14.93 1.32 -2.87
CA MET B 81 -16.04 1.28 -1.92
C MET B 81 -17.37 1.50 -2.64
N GLU B 82 -18.45 1.48 -1.86
CA GLU B 82 -19.82 1.66 -2.34
C GLU B 82 -20.33 0.49 -3.18
N ASP B 83 -19.42 -0.27 -3.79
CA ASP B 83 -19.79 -1.41 -4.63
C ASP B 83 -20.78 -2.34 -3.92
N TYR B 84 -20.37 -2.90 -2.79
CA TYR B 84 -21.24 -3.76 -2.01
C TYR B 84 -22.14 -2.95 -1.07
N ILE B 85 -22.09 -1.63 -1.19
CA ILE B 85 -22.93 -0.77 -0.38
C ILE B 85 -24.22 -0.43 -1.11
N GLU B 86 -24.09 0.08 -2.33
CA GLU B 86 -25.25 0.46 -3.14
C GLU B 86 -26.09 -0.77 -3.43
N ASN B 87 -25.44 -1.92 -3.54
CA ASN B 87 -26.12 -3.17 -3.83
C ASN B 87 -26.43 -3.94 -2.55
N PHE B 88 -26.08 -3.37 -1.40
CA PHE B 88 -26.28 -4.04 -0.11
C PHE B 88 -27.74 -4.43 0.07
N ASP B 89 -28.63 -3.49 -0.19
CA ASP B 89 -30.06 -3.72 -0.02
C ASP B 89 -30.55 -4.78 -1.00
N HIS B 90 -29.92 -4.82 -2.16
CA HIS B 90 -30.25 -5.81 -3.18
C HIS B 90 -29.88 -7.20 -2.66
N TYR B 91 -28.61 -7.36 -2.29
CA TYR B 91 -28.12 -8.62 -1.78
C TYR B 91 -28.84 -9.03 -0.50
N ARG B 92 -28.97 -8.08 0.43
CA ARG B 92 -29.64 -8.32 1.70
C ARG B 92 -31.06 -8.85 1.47
N ALA B 93 -31.68 -8.40 0.42
CA ALA B 93 -33.06 -8.73 0.14
C ALA B 93 -33.21 -10.15 -0.38
N THR B 94 -32.17 -10.63 -1.06
CA THR B 94 -32.22 -11.96 -1.64
C THR B 94 -31.55 -13.00 -0.74
N GLN B 95 -30.76 -12.54 0.22
CA GLN B 95 -30.03 -13.44 1.10
C GLN B 95 -30.83 -13.76 2.34
N LYS B 96 -30.69 -15.00 2.79
CA LYS B 96 -31.40 -15.48 3.96
C LYS B 96 -30.40 -16.17 4.89
N SER A 1 15.20 -14.70 16.09
CA SER A 1 15.31 -13.60 15.10
C SER A 1 14.39 -13.85 13.90
N ASN A 2 13.09 -13.82 14.15
CA ASN A 2 12.11 -13.90 13.08
C ASN A 2 11.52 -12.52 12.83
N ASN A 3 11.01 -11.94 13.90
CA ASN A 3 10.48 -10.58 13.87
C ASN A 3 10.38 -10.05 15.30
N GLU A 4 10.82 -8.81 15.50
CA GLU A 4 10.80 -8.20 16.82
C GLU A 4 9.36 -8.01 17.31
N ASN A 5 8.72 -6.96 16.82
CA ASN A 5 7.33 -6.69 17.18
C ASN A 5 6.49 -6.55 15.92
N ALA A 6 7.07 -5.99 14.87
CA ALA A 6 6.37 -5.82 13.61
C ALA A 6 6.39 -7.11 12.81
N PHE A 7 5.46 -7.20 11.87
CA PHE A 7 5.28 -8.40 11.06
C PHE A 7 6.26 -8.44 9.88
N TYR A 8 7.54 -8.22 10.18
CA TYR A 8 8.58 -8.21 9.15
C TYR A 8 8.53 -9.48 8.29
N ALA A 9 8.31 -10.62 8.95
CA ALA A 9 8.34 -11.91 8.28
C ALA A 9 7.11 -12.13 7.39
N ARG A 10 6.09 -11.30 7.54
CA ARG A 10 4.89 -11.44 6.73
C ARG A 10 4.97 -10.53 5.51
N ALA A 11 5.14 -9.23 5.75
CA ALA A 11 5.23 -8.24 4.69
C ALA A 11 6.35 -8.53 3.70
N THR A 12 7.34 -9.30 4.13
CA THR A 12 8.49 -9.62 3.28
C THR A 12 8.05 -10.42 2.06
N GLU A 13 6.94 -11.16 2.18
CA GLU A 13 6.45 -11.97 1.08
C GLU A 13 5.64 -11.12 0.12
N LEU A 14 5.01 -10.10 0.67
CA LEU A 14 4.24 -9.15 -0.11
C LEU A 14 5.16 -8.43 -1.09
N ILE A 15 6.28 -7.93 -0.57
CA ILE A 15 7.30 -7.29 -1.40
C ILE A 15 7.89 -8.31 -2.38
N LYS A 16 7.98 -9.55 -1.94
CA LYS A 16 8.59 -10.61 -2.72
C LYS A 16 7.87 -10.82 -4.05
N LEU A 17 6.55 -10.65 -4.06
CA LEU A 17 5.77 -10.79 -5.28
C LEU A 17 6.20 -9.72 -6.28
N ALA A 18 6.32 -8.49 -5.79
CA ALA A 18 6.71 -7.37 -6.64
C ALA A 18 8.08 -7.59 -7.27
N ASN A 19 8.93 -8.33 -6.56
CA ASN A 19 10.28 -8.62 -7.04
C ASN A 19 10.23 -9.48 -8.31
N GLN A 20 9.16 -10.24 -8.47
CA GLN A 20 8.98 -11.09 -9.64
C GLN A 20 8.45 -10.27 -10.82
N GLN A 21 7.95 -9.08 -10.54
CA GLN A 21 7.43 -8.21 -11.59
C GLN A 21 8.45 -7.13 -11.94
N ASN A 22 9.19 -6.66 -10.94
CA ASN A 22 10.13 -5.56 -11.11
C ASN A 22 11.42 -6.06 -11.77
N GLN A 23 11.55 -7.38 -11.90
CA GLN A 23 12.73 -7.94 -12.54
C GLN A 23 12.62 -7.91 -14.05
N ASN A 24 11.60 -7.22 -14.56
CA ASN A 24 11.47 -7.00 -15.98
C ASN A 24 12.34 -5.81 -16.36
N THR A 25 13.48 -6.11 -16.96
CA THR A 25 14.52 -5.11 -17.18
C THR A 25 14.07 -3.93 -18.04
N GLU A 26 13.14 -4.17 -18.98
CA GLU A 26 12.67 -3.11 -19.86
C GLU A 26 11.61 -2.23 -19.18
N ILE A 27 11.07 -2.69 -18.06
CA ILE A 27 10.07 -1.91 -17.34
C ILE A 27 10.73 -1.17 -16.20
N GLN A 28 10.21 0.00 -15.88
CA GLN A 28 10.78 0.81 -14.82
C GLN A 28 10.13 0.46 -13.48
N THR A 29 10.83 0.81 -12.41
CA THR A 29 10.40 0.47 -11.06
C THR A 29 9.00 1.03 -10.77
N GLY A 30 8.70 2.18 -11.37
CA GLY A 30 7.44 2.86 -11.13
C GLY A 30 6.22 2.02 -11.47
N GLU A 31 6.33 1.16 -12.47
CA GLU A 31 5.19 0.35 -12.90
C GLU A 31 4.81 -0.68 -11.85
N VAL A 32 5.82 -1.15 -11.13
CA VAL A 32 5.62 -2.20 -10.15
C VAL A 32 5.25 -1.62 -8.78
N SER A 33 5.92 -0.53 -8.41
CA SER A 33 5.66 0.13 -7.14
C SER A 33 4.22 0.62 -7.08
N ALA A 34 3.75 1.19 -8.18
CA ALA A 34 2.39 1.68 -8.27
C ALA A 34 1.39 0.53 -8.16
N SER A 35 1.77 -0.64 -8.66
CA SER A 35 0.91 -1.82 -8.58
C SER A 35 0.68 -2.20 -7.12
N PHE A 36 1.71 -2.03 -6.31
CA PHE A 36 1.60 -2.29 -4.87
C PHE A 36 0.71 -1.24 -4.22
N MET A 37 0.76 -0.03 -4.77
CA MET A 37 -0.01 1.10 -4.26
C MET A 37 -1.51 0.87 -4.48
N TRP A 38 -1.87 0.57 -5.73
CA TRP A 38 -3.27 0.31 -6.08
C TRP A 38 -3.79 -0.93 -5.37
N ALA A 39 -2.92 -1.91 -5.18
CA ALA A 39 -3.29 -3.15 -4.50
C ALA A 39 -3.69 -2.88 -3.06
N LEU A 40 -2.96 -1.99 -2.38
CA LEU A 40 -3.29 -1.65 -1.01
C LEU A 40 -4.60 -0.87 -0.97
N ALA A 41 -4.82 -0.06 -2.00
CA ALA A 41 -6.04 0.73 -2.10
C ALA A 41 -7.26 -0.18 -2.12
N ARG A 42 -7.16 -1.32 -2.78
CA ARG A 42 -8.25 -2.28 -2.82
C ARG A 42 -8.33 -3.07 -1.52
N TYR A 43 -7.18 -3.56 -1.06
CA TYR A 43 -7.13 -4.41 0.12
C TYR A 43 -7.54 -3.64 1.38
N ASN A 44 -7.25 -2.36 1.39
CA ASN A 44 -7.58 -1.52 2.54
C ASN A 44 -9.07 -1.17 2.51
N ALA A 45 -9.58 -0.93 1.30
CA ALA A 45 -10.99 -0.60 1.11
C ALA A 45 -11.88 -1.80 1.43
N TRP A 46 -11.28 -2.99 1.41
CA TRP A 46 -11.98 -4.22 1.76
C TRP A 46 -12.51 -4.13 3.20
N PHE A 47 -11.77 -3.43 4.06
CA PHE A 47 -12.17 -3.24 5.44
C PHE A 47 -13.17 -2.10 5.56
N GLY A 48 -13.41 -1.40 4.46
CA GLY A 48 -14.41 -0.37 4.45
C GLY A 48 -15.81 -0.97 4.53
N SER A 49 -15.91 -2.21 4.11
CA SER A 49 -17.17 -2.95 4.12
C SER A 49 -17.71 -3.08 5.54
N THR A 50 -16.81 -3.18 6.51
CA THR A 50 -17.22 -3.40 7.89
C THR A 50 -17.26 -2.09 8.67
N SER A 51 -17.21 -0.97 7.97
CA SER A 51 -17.22 0.33 8.59
C SER A 51 -18.63 0.73 9.06
N PHE A 52 -19.65 0.33 8.32
CA PHE A 52 -21.02 0.67 8.70
C PHE A 52 -21.99 -0.48 8.39
N GLU A 53 -23.28 -0.18 8.55
CA GLU A 53 -24.33 -1.19 8.49
C GLU A 53 -25.17 -1.07 7.22
N THR A 54 -25.29 0.15 6.71
CA THR A 54 -26.07 0.40 5.51
C THR A 54 -25.24 1.18 4.52
N LYS A 55 -25.55 1.06 3.24
CA LYS A 55 -24.76 1.72 2.22
C LYS A 55 -24.99 3.23 2.25
N GLU A 56 -26.18 3.64 2.66
CA GLU A 56 -26.50 5.05 2.79
C GLU A 56 -25.58 5.72 3.80
N GLN A 57 -25.39 5.06 4.93
CA GLN A 57 -24.56 5.59 5.99
C GLN A 57 -23.08 5.30 5.71
N MET A 58 -22.81 4.12 5.17
CA MET A 58 -21.44 3.71 4.85
C MET A 58 -20.81 4.62 3.79
N GLN A 59 -21.59 4.97 2.77
CA GLN A 59 -21.11 5.83 1.69
C GLN A 59 -20.78 7.23 2.21
N ALA A 60 -21.52 7.66 3.23
CA ALA A 60 -21.28 8.96 3.85
C ALA A 60 -20.05 8.91 4.74
N LYS A 61 -19.56 7.72 5.01
CA LYS A 61 -18.41 7.53 5.88
C LYS A 61 -17.19 7.15 5.05
N LYS A 62 -17.33 7.27 3.73
CA LYS A 62 -16.23 6.99 2.83
C LYS A 62 -15.00 7.79 3.23
N GLN A 63 -15.21 9.09 3.42
CA GLN A 63 -14.10 9.98 3.73
C GLN A 63 -13.66 9.79 5.17
N GLU A 64 -14.58 9.35 6.02
CA GLU A 64 -14.32 9.15 7.43
C GLU A 64 -13.17 8.15 7.63
N MET A 65 -13.27 7.00 6.97
CA MET A 65 -12.27 5.97 7.13
C MET A 65 -11.06 6.25 6.25
N MET A 66 -11.31 6.80 5.08
CA MET A 66 -10.25 7.01 4.09
C MET A 66 -9.36 8.20 4.45
N ASP A 67 -9.87 9.12 5.26
CA ASP A 67 -9.18 10.39 5.51
C ASP A 67 -7.80 10.15 6.10
N TYR A 68 -7.69 9.14 6.93
CA TYR A 68 -6.44 8.86 7.62
C TYR A 68 -5.76 7.62 7.06
N TYR A 69 -6.43 6.91 6.14
CA TYR A 69 -5.85 5.69 5.56
C TYR A 69 -4.53 5.98 4.88
N MET A 70 -4.46 7.09 4.16
CA MET A 70 -3.23 7.56 3.53
C MET A 70 -2.11 7.65 4.57
N ASP A 71 -2.38 8.36 5.66
CA ASP A 71 -1.38 8.63 6.68
C ASP A 71 -1.36 7.54 7.76
N ARG A 72 -0.98 6.34 7.36
CA ARG A 72 -0.86 5.23 8.30
C ARG A 72 0.47 4.51 8.15
N TYR A 73 1.09 4.63 6.99
CA TYR A 73 2.36 3.96 6.74
C TYR A 73 3.49 4.95 6.51
N LYS A 74 3.22 6.23 6.71
CA LYS A 74 4.21 7.24 6.37
C LYS A 74 5.31 7.28 7.42
N GLU A 75 4.96 7.03 8.67
CA GLU A 75 5.92 6.97 9.75
C GLU A 75 6.85 5.78 9.59
N MET A 76 6.37 4.76 8.90
CA MET A 76 7.16 3.57 8.64
C MET A 76 7.91 3.73 7.32
N LEU A 77 7.42 4.66 6.49
CA LEU A 77 8.07 4.96 5.22
C LEU A 77 9.22 5.93 5.45
N ASP A 78 9.04 6.86 6.38
CA ASP A 78 10.07 7.84 6.75
C ASP A 78 11.32 7.10 7.22
N ALA A 79 11.11 6.01 7.93
CA ALA A 79 12.19 5.19 8.44
C ALA A 79 13.08 4.65 7.32
N ASN A 80 12.49 4.39 6.16
CA ASN A 80 13.22 3.84 5.03
C ASN A 80 13.95 4.94 4.28
N MET A 81 13.45 6.16 4.43
CA MET A 81 14.10 7.33 3.84
C MET A 81 15.44 7.57 4.52
N GLU A 82 15.41 7.60 5.85
CA GLU A 82 16.61 7.87 6.64
C GLU A 82 17.75 6.92 6.30
N ASP A 83 17.40 5.68 5.94
CA ASP A 83 18.39 4.67 5.58
C ASP A 83 19.34 5.17 4.50
N TYR A 84 18.81 5.98 3.59
CA TYR A 84 19.61 6.52 2.51
C TYR A 84 19.96 7.98 2.74
N ILE A 85 19.10 8.71 3.45
CA ILE A 85 19.32 10.12 3.71
C ILE A 85 20.55 10.35 4.61
N GLU A 86 20.49 9.88 5.85
CA GLU A 86 21.60 10.12 6.78
C GLU A 86 22.86 9.40 6.31
N ASN A 87 22.67 8.30 5.62
CA ASN A 87 23.79 7.49 5.16
C ASN A 87 24.22 7.88 3.76
N PHE A 88 23.77 9.04 3.31
CA PHE A 88 24.15 9.54 1.99
C PHE A 88 25.66 9.58 1.82
N ASP A 89 26.34 10.16 2.79
CA ASP A 89 27.80 10.26 2.77
C ASP A 89 28.43 8.87 2.79
N HIS A 90 27.69 7.89 3.29
CA HIS A 90 28.15 6.52 3.31
C HIS A 90 27.99 5.88 1.93
N TYR A 91 26.78 6.01 1.37
CA TYR A 91 26.50 5.48 0.03
C TYR A 91 27.35 6.18 -1.02
N ARG A 92 27.47 7.50 -0.90
CA ARG A 92 28.24 8.29 -1.85
C ARG A 92 29.74 8.00 -1.71
N ALA A 93 30.09 7.19 -0.72
CA ALA A 93 31.47 6.80 -0.51
C ALA A 93 31.74 5.44 -1.15
N THR A 94 30.71 4.61 -1.22
CA THR A 94 30.82 3.31 -1.83
C THR A 94 30.49 3.39 -3.32
N GLN A 95 29.54 4.25 -3.65
CA GLN A 95 29.17 4.50 -5.04
C GLN A 95 29.47 5.94 -5.40
N LYS A 96 29.96 6.15 -6.61
CA LYS A 96 30.36 7.47 -7.06
C LYS A 96 29.89 7.72 -8.49
N SER B 1 -7.32 -11.00 -22.51
CA SER B 1 -7.76 -10.03 -21.51
C SER B 1 -6.61 -9.14 -21.06
N ASN B 2 -6.87 -7.84 -21.01
CA ASN B 2 -5.90 -6.87 -20.53
C ASN B 2 -6.54 -5.95 -19.51
N ASN B 3 -5.82 -4.92 -19.11
CA ASN B 3 -6.33 -3.99 -18.12
C ASN B 3 -6.82 -2.72 -18.80
N GLU B 4 -7.73 -2.00 -18.13
CA GLU B 4 -8.33 -0.81 -18.69
C GLU B 4 -7.43 0.41 -18.49
N ASN B 5 -7.68 1.14 -17.41
CA ASN B 5 -6.94 2.36 -17.12
C ASN B 5 -5.92 2.10 -16.02
N ALA B 6 -6.21 1.12 -15.18
CA ALA B 6 -5.30 0.71 -14.13
C ALA B 6 -4.72 -0.65 -14.43
N PHE B 7 -3.54 -0.89 -13.89
CA PHE B 7 -2.79 -2.13 -14.12
C PHE B 7 -3.30 -3.29 -13.25
N TYR B 8 -4.60 -3.57 -13.34
CA TYR B 8 -5.22 -4.62 -12.52
C TYR B 8 -4.45 -5.93 -12.60
N ALA B 9 -4.00 -6.26 -13.81
CA ALA B 9 -3.35 -7.54 -14.09
C ALA B 9 -2.11 -7.77 -13.25
N ARG B 10 -1.44 -6.70 -12.83
CA ARG B 10 -0.23 -6.84 -12.03
C ARG B 10 -0.58 -6.82 -10.55
N ALA B 11 -1.26 -5.76 -10.12
CA ALA B 11 -1.60 -5.57 -8.71
C ALA B 11 -2.41 -6.74 -8.14
N THR B 12 -3.08 -7.49 -9.00
CA THR B 12 -3.92 -8.59 -8.56
C THR B 12 -3.06 -9.71 -7.95
N GLU B 13 -1.80 -9.79 -8.37
CA GLU B 13 -0.89 -10.81 -7.88
C GLU B 13 -0.31 -10.39 -6.54
N LEU B 14 -0.19 -9.09 -6.37
CA LEU B 14 0.30 -8.50 -5.12
C LEU B 14 -0.68 -8.82 -4.00
N ILE B 15 -1.97 -8.64 -4.29
CA ILE B 15 -3.02 -8.98 -3.35
C ILE B 15 -3.10 -10.49 -3.14
N LYS B 16 -2.78 -11.23 -4.19
CA LYS B 16 -2.86 -12.68 -4.18
C LYS B 16 -1.97 -13.28 -3.09
N LEU B 17 -0.80 -12.66 -2.86
CA LEU B 17 0.11 -13.14 -1.82
C LEU B 17 -0.56 -12.99 -0.45
N ALA B 18 -1.17 -11.83 -0.23
CA ALA B 18 -1.83 -11.53 1.03
C ALA B 18 -2.92 -12.55 1.34
N ASN B 19 -3.55 -13.07 0.29
CA ASN B 19 -4.61 -14.06 0.43
C ASN B 19 -4.10 -15.32 1.12
N GLN B 20 -2.88 -15.70 0.78
CA GLN B 20 -2.26 -16.91 1.34
C GLN B 20 -1.99 -16.75 2.83
N GLN B 21 -1.63 -15.54 3.24
CA GLN B 21 -1.35 -15.27 4.64
C GLN B 21 -2.64 -15.11 5.42
N ASN B 22 -3.69 -14.77 4.70
CA ASN B 22 -5.02 -14.59 5.28
C ASN B 22 -5.64 -15.95 5.59
N GLN B 23 -5.08 -17.00 5.00
CA GLN B 23 -5.60 -18.35 5.18
C GLN B 23 -5.19 -18.91 6.54
N ASN B 24 -4.38 -18.16 7.27
CA ASN B 24 -3.92 -18.58 8.59
C ASN B 24 -5.07 -18.48 9.58
N THR B 25 -5.59 -19.63 9.98
CA THR B 25 -6.80 -19.72 10.79
C THR B 25 -6.68 -18.96 12.11
N GLU B 26 -5.50 -18.96 12.72
CA GLU B 26 -5.32 -18.30 14.02
C GLU B 26 -5.03 -16.80 13.87
N ILE B 27 -5.01 -16.30 12.65
CA ILE B 27 -4.77 -14.88 12.43
C ILE B 27 -6.01 -14.23 11.85
N GLN B 28 -6.20 -12.96 12.17
CA GLN B 28 -7.31 -12.20 11.62
C GLN B 28 -6.87 -11.48 10.36
N THR B 29 -7.85 -11.10 9.55
CA THR B 29 -7.58 -10.47 8.26
C THR B 29 -6.84 -9.14 8.44
N GLY B 30 -7.10 -8.47 9.56
CA GLY B 30 -6.51 -7.18 9.83
C GLY B 30 -5.00 -7.23 10.03
N GLU B 31 -4.45 -8.42 10.19
CA GLU B 31 -3.01 -8.57 10.35
C GLU B 31 -2.33 -8.59 8.99
N VAL B 32 -3.07 -9.00 7.97
CA VAL B 32 -2.51 -9.12 6.63
C VAL B 32 -2.58 -7.78 5.91
N SER B 33 -3.68 -7.06 6.11
CA SER B 33 -3.87 -5.75 5.50
C SER B 33 -2.76 -4.79 5.90
N ALA B 34 -2.40 -4.84 7.18
CA ALA B 34 -1.35 -3.98 7.70
C ALA B 34 0.02 -4.38 7.14
N SER B 35 0.20 -5.68 6.88
CA SER B 35 1.46 -6.18 6.35
C SER B 35 1.71 -5.63 4.96
N PHE B 36 0.65 -5.51 4.16
CA PHE B 36 0.76 -4.97 2.82
C PHE B 36 1.13 -3.48 2.88
N MET B 37 0.65 -2.82 3.93
CA MET B 37 0.91 -1.41 4.13
C MET B 37 2.38 -1.15 4.50
N TRP B 38 2.92 -1.95 5.42
CA TRP B 38 4.33 -1.83 5.80
C TRP B 38 5.24 -2.17 4.63
N ALA B 39 4.84 -3.18 3.86
CA ALA B 39 5.59 -3.58 2.69
C ALA B 39 5.66 -2.45 1.66
N LEU B 40 4.55 -1.73 1.51
CA LEU B 40 4.49 -0.62 0.58
C LEU B 40 5.36 0.53 1.06
N ALA B 41 5.46 0.69 2.38
CA ALA B 41 6.29 1.73 2.98
C ALA B 41 7.76 1.55 2.60
N ARG B 42 8.19 0.30 2.54
CA ARG B 42 9.57 -0.01 2.23
C ARG B 42 9.81 0.04 0.72
N TYR B 43 8.77 -0.28 -0.03
CA TYR B 43 8.89 -0.36 -1.49
C TYR B 43 8.77 1.03 -2.12
N ASN B 44 7.98 1.89 -1.50
CA ASN B 44 7.73 3.22 -2.06
C ASN B 44 8.89 4.16 -1.77
N ALA B 45 9.47 4.03 -0.57
CA ALA B 45 10.58 4.90 -0.15
C ALA B 45 11.81 4.69 -1.01
N TRP B 46 11.78 3.61 -1.79
CA TRP B 46 12.83 3.30 -2.76
C TRP B 46 13.05 4.50 -3.69
N PHE B 47 11.96 5.19 -4.04
CA PHE B 47 12.02 6.31 -4.97
C PHE B 47 12.54 7.57 -4.30
N GLY B 48 12.74 7.51 -2.99
CA GLY B 48 13.31 8.64 -2.28
C GLY B 48 14.73 8.91 -2.72
N SER B 49 15.43 7.85 -3.11
CA SER B 49 16.83 7.95 -3.52
C SER B 49 16.97 8.79 -4.79
N THR B 50 16.00 8.70 -5.68
CA THR B 50 16.07 9.41 -6.96
C THR B 50 15.40 10.79 -6.87
N SER B 51 15.02 11.18 -5.66
CA SER B 51 14.38 12.47 -5.45
C SER B 51 15.38 13.61 -5.57
N PHE B 52 16.58 13.43 -5.02
CA PHE B 52 17.59 14.48 -5.08
C PHE B 52 18.99 13.90 -5.06
N GLU B 53 19.97 14.80 -5.10
CA GLU B 53 21.38 14.42 -5.22
C GLU B 53 22.05 14.32 -3.86
N THR B 54 21.81 15.32 -3.00
CA THR B 54 22.43 15.37 -1.69
C THR B 54 21.41 15.03 -0.62
N LYS B 55 21.89 14.59 0.54
CA LYS B 55 20.99 14.23 1.63
C LYS B 55 20.27 15.47 2.13
N GLU B 56 20.96 16.60 2.09
CA GLU B 56 20.42 17.86 2.56
C GLU B 56 19.18 18.24 1.76
N GLN B 57 19.30 18.20 0.44
CA GLN B 57 18.21 18.59 -0.44
C GLN B 57 17.18 17.48 -0.55
N MET B 58 17.64 16.24 -0.46
CA MET B 58 16.74 15.08 -0.47
C MET B 58 15.85 15.09 0.77
N GLN B 59 16.45 15.39 1.91
CA GLN B 59 15.74 15.49 3.17
C GLN B 59 14.72 16.62 3.13
N ALA B 60 15.07 17.69 2.43
CA ALA B 60 14.19 18.84 2.31
C ALA B 60 12.97 18.51 1.45
N LYS B 61 13.02 17.38 0.78
CA LYS B 61 11.93 16.96 -0.10
C LYS B 61 11.24 15.73 0.46
N LYS B 62 11.74 15.23 1.58
CA LYS B 62 11.23 14.02 2.17
C LYS B 62 9.73 14.10 2.42
N GLN B 63 9.30 15.13 3.13
CA GLN B 63 7.90 15.28 3.44
C GLN B 63 7.10 15.60 2.18
N GLU B 64 7.76 16.20 1.20
CA GLU B 64 7.09 16.54 -0.05
C GLU B 64 6.85 15.31 -0.91
N MET B 65 7.81 14.37 -0.91
CA MET B 65 7.63 13.14 -1.66
C MET B 65 6.75 12.20 -0.85
N MET B 66 6.84 12.35 0.47
CA MET B 66 6.04 11.57 1.40
C MET B 66 4.74 12.30 1.72
N ASP B 67 4.25 13.08 0.77
CA ASP B 67 2.92 13.64 0.89
C ASP B 67 2.05 12.98 -0.17
N TYR B 68 2.69 12.65 -1.29
CA TYR B 68 2.01 12.03 -2.41
C TYR B 68 1.98 10.53 -2.29
N TYR B 69 3.01 9.93 -1.71
CA TYR B 69 3.02 8.49 -1.52
C TYR B 69 1.75 8.09 -0.79
N MET B 70 1.48 8.74 0.32
CA MET B 70 0.23 8.53 1.03
C MET B 70 -0.96 9.01 0.20
N ASP B 71 -0.96 10.30 -0.11
CA ASP B 71 -2.13 10.95 -0.71
C ASP B 71 -2.13 10.85 -2.24
N ARG B 72 -2.19 9.64 -2.75
CA ARG B 72 -2.38 9.42 -4.19
C ARG B 72 -3.17 8.15 -4.47
N TYR B 73 -3.08 7.16 -3.58
CA TYR B 73 -3.91 5.95 -3.74
C TYR B 73 -5.27 6.22 -3.12
N LYS B 74 -5.41 7.44 -2.61
CA LYS B 74 -6.63 7.89 -1.97
C LYS B 74 -7.78 7.93 -2.97
N GLU B 75 -7.56 8.64 -4.08
CA GLU B 75 -8.58 8.77 -5.12
C GLU B 75 -8.98 7.42 -5.70
N MET B 76 -8.05 6.48 -5.72
CA MET B 76 -8.32 5.15 -6.26
C MET B 76 -8.95 4.27 -5.20
N LEU B 77 -8.66 4.56 -3.93
CA LEU B 77 -9.19 3.79 -2.81
C LEU B 77 -10.71 3.99 -2.72
N ASP B 78 -11.16 5.19 -3.08
CA ASP B 78 -12.59 5.53 -3.05
C ASP B 78 -13.38 4.62 -3.98
N ALA B 79 -12.84 4.44 -5.18
CA ALA B 79 -13.49 3.63 -6.21
C ALA B 79 -13.58 2.17 -5.78
N ASN B 80 -12.76 1.79 -4.81
CA ASN B 80 -12.73 0.42 -4.34
C ASN B 80 -13.75 0.22 -3.23
N MET B 81 -14.23 1.33 -2.67
CA MET B 81 -15.28 1.29 -1.66
C MET B 81 -16.61 0.99 -2.31
N GLU B 82 -16.83 1.60 -3.48
CA GLU B 82 -18.08 1.49 -4.21
C GLU B 82 -18.51 0.04 -4.40
N ASP B 83 -17.53 -0.83 -4.66
CA ASP B 83 -17.78 -2.24 -4.96
C ASP B 83 -18.79 -2.85 -4.00
N TYR B 84 -18.59 -2.61 -2.71
CA TYR B 84 -19.45 -3.19 -1.68
C TYR B 84 -20.62 -2.26 -1.37
N ILE B 85 -20.39 -0.96 -1.52
CA ILE B 85 -21.44 0.02 -1.26
C ILE B 85 -22.60 -0.13 -2.25
N GLU B 86 -22.29 -0.09 -3.54
CA GLU B 86 -23.31 -0.13 -4.58
C GLU B 86 -23.98 -1.50 -4.64
N ASN B 87 -23.36 -2.51 -4.06
CA ASN B 87 -23.90 -3.87 -4.10
C ASN B 87 -24.45 -4.30 -2.75
N PHE B 88 -24.53 -3.37 -1.80
CA PHE B 88 -25.07 -3.68 -0.48
C PHE B 88 -26.46 -4.29 -0.59
N ASP B 89 -27.29 -3.67 -1.41
CA ASP B 89 -28.65 -4.16 -1.65
C ASP B 89 -28.63 -5.60 -2.15
N HIS B 90 -27.61 -5.93 -2.93
CA HIS B 90 -27.49 -7.26 -3.52
C HIS B 90 -27.01 -8.27 -2.48
N TYR B 91 -25.94 -7.93 -1.79
CA TYR B 91 -25.39 -8.80 -0.75
C TYR B 91 -26.41 -9.03 0.36
N ARG B 92 -26.96 -7.95 0.90
CA ARG B 92 -27.89 -8.05 2.01
C ARG B 92 -29.20 -8.73 1.58
N ALA B 93 -29.38 -8.87 0.27
CA ALA B 93 -30.56 -9.53 -0.27
C ALA B 93 -30.36 -11.04 -0.29
N THR B 94 -29.12 -11.43 -0.50
CA THR B 94 -28.77 -12.84 -0.62
C THR B 94 -28.31 -13.42 0.71
N GLN B 95 -27.55 -12.65 1.46
CA GLN B 95 -26.99 -13.13 2.70
C GLN B 95 -27.36 -12.25 3.88
N LYS B 96 -27.22 -12.80 5.07
CA LYS B 96 -27.53 -12.11 6.30
C LYS B 96 -26.37 -12.26 7.27
N SER A 1 14.06 -11.58 8.06
CA SER A 1 13.68 -12.80 8.79
C SER A 1 13.16 -12.47 10.20
N ASN A 2 14.01 -11.82 10.99
CA ASN A 2 13.66 -11.45 12.36
C ASN A 2 12.63 -10.33 12.38
N ASN A 3 11.78 -10.34 13.39
CA ASN A 3 10.77 -9.31 13.53
C ASN A 3 10.52 -9.03 15.02
N GLU A 4 10.49 -7.76 15.39
CA GLU A 4 10.26 -7.39 16.79
C GLU A 4 8.77 -7.52 17.13
N ASN A 5 8.04 -6.43 16.90
CA ASN A 5 6.61 -6.41 17.19
C ASN A 5 5.82 -6.34 15.89
N ALA A 6 6.48 -5.85 14.84
CA ALA A 6 5.83 -5.68 13.55
C ALA A 6 5.95 -6.94 12.71
N PHE A 7 5.09 -7.04 11.72
CA PHE A 7 5.02 -8.20 10.84
C PHE A 7 6.02 -8.09 9.68
N TYR A 8 7.27 -7.80 10.01
CA TYR A 8 8.32 -7.65 9.00
C TYR A 8 8.38 -8.87 8.07
N ALA A 9 8.34 -10.05 8.67
CA ALA A 9 8.51 -11.30 7.94
C ALA A 9 7.28 -11.64 7.10
N ARG A 10 6.22 -10.87 7.25
CA ARG A 10 5.03 -11.07 6.44
C ARG A 10 5.03 -10.13 5.24
N ALA A 11 5.08 -8.83 5.51
CA ALA A 11 5.08 -7.81 4.48
C ALA A 11 6.22 -7.99 3.46
N THR A 12 7.25 -8.72 3.84
CA THR A 12 8.39 -8.92 2.96
C THR A 12 8.02 -9.80 1.76
N GLU A 13 6.97 -10.62 1.90
CA GLU A 13 6.54 -11.48 0.81
C GLU A 13 5.70 -10.67 -0.17
N LEU A 14 5.04 -9.65 0.37
CA LEU A 14 4.20 -8.75 -0.42
C LEU A 14 5.08 -7.99 -1.41
N ILE A 15 6.23 -7.53 -0.94
CA ILE A 15 7.19 -6.83 -1.77
C ILE A 15 7.83 -7.78 -2.77
N LYS A 16 7.86 -9.07 -2.43
CA LYS A 16 8.46 -10.08 -3.29
C LYS A 16 7.75 -10.17 -4.64
N LEU A 17 6.42 -10.05 -4.63
CA LEU A 17 5.65 -10.10 -5.86
C LEU A 17 6.01 -8.89 -6.73
N ALA A 18 6.30 -7.78 -6.08
CA ALA A 18 6.60 -6.54 -6.76
C ALA A 18 7.97 -6.62 -7.43
N ASN A 19 8.90 -7.29 -6.76
CA ASN A 19 10.26 -7.43 -7.27
C ASN A 19 10.31 -8.35 -8.48
N GLN A 20 9.21 -9.05 -8.74
CA GLN A 20 9.09 -9.89 -9.93
C GLN A 20 8.62 -9.07 -11.12
N GLN A 21 7.69 -8.16 -10.88
CA GLN A 21 7.15 -7.33 -11.94
C GLN A 21 8.13 -6.22 -12.30
N ASN A 22 9.02 -5.92 -11.36
CA ASN A 22 10.03 -4.88 -11.54
C ASN A 22 11.12 -5.35 -12.51
N GLN A 23 11.12 -6.64 -12.81
CA GLN A 23 12.13 -7.22 -13.66
C GLN A 23 11.81 -7.02 -15.14
N ASN A 24 10.70 -6.35 -15.43
CA ASN A 24 10.30 -6.09 -16.80
C ASN A 24 11.21 -5.03 -17.39
N THR A 25 11.98 -5.42 -18.38
CA THR A 25 13.03 -4.60 -18.97
C THR A 25 12.57 -3.18 -19.34
N GLU A 26 11.38 -3.05 -19.92
CA GLU A 26 10.96 -1.76 -20.46
C GLU A 26 10.06 -0.97 -19.50
N ILE A 27 9.82 -1.50 -18.30
CA ILE A 27 9.01 -0.79 -17.32
C ILE A 27 9.90 -0.20 -16.24
N GLN A 28 9.43 0.83 -15.55
CA GLN A 28 10.21 1.43 -14.49
C GLN A 28 9.79 0.86 -13.15
N THR A 29 10.58 1.12 -12.12
CA THR A 29 10.23 0.71 -10.78
C THR A 29 8.91 1.36 -10.37
N GLY A 30 8.69 2.58 -10.89
CA GLY A 30 7.53 3.37 -10.52
C GLY A 30 6.20 2.69 -10.83
N GLU A 31 6.13 1.99 -11.96
CA GLU A 31 4.88 1.35 -12.37
C GLU A 31 4.49 0.26 -11.38
N VAL A 32 5.48 -0.44 -10.86
CA VAL A 32 5.24 -1.51 -9.91
C VAL A 32 4.84 -0.93 -8.55
N SER A 33 5.50 0.16 -8.17
CA SER A 33 5.19 0.85 -6.93
C SER A 33 3.73 1.31 -6.93
N ALA A 34 3.30 1.83 -8.07
CA ALA A 34 1.94 2.31 -8.23
C ALA A 34 0.95 1.15 -8.22
N SER A 35 1.40 -0.02 -8.69
CA SER A 35 0.56 -1.21 -8.68
C SER A 35 0.24 -1.62 -7.25
N PHE A 36 1.24 -1.48 -6.37
CA PHE A 36 1.07 -1.77 -4.96
C PHE A 36 0.12 -0.75 -4.32
N MET A 37 0.19 0.48 -4.81
CA MET A 37 -0.68 1.56 -4.37
C MET A 37 -2.14 1.23 -4.67
N TRP A 38 -2.43 0.91 -5.93
CA TRP A 38 -3.78 0.55 -6.35
C TRP A 38 -4.26 -0.73 -5.66
N ALA A 39 -3.36 -1.69 -5.55
CA ALA A 39 -3.69 -2.97 -4.93
C ALA A 39 -4.09 -2.79 -3.46
N LEU A 40 -3.38 -1.89 -2.77
CA LEU A 40 -3.69 -1.61 -1.37
C LEU A 40 -5.09 -1.04 -1.25
N ALA A 41 -5.48 -0.20 -2.20
CA ALA A 41 -6.80 0.40 -2.21
C ALA A 41 -7.88 -0.69 -2.31
N ARG A 42 -7.68 -1.63 -3.22
CA ARG A 42 -8.66 -2.70 -3.44
C ARG A 42 -8.75 -3.62 -2.23
N TYR A 43 -7.61 -3.91 -1.62
CA TYR A 43 -7.57 -4.84 -0.51
C TYR A 43 -8.05 -4.17 0.78
N ASN A 44 -7.78 -2.87 0.91
CA ASN A 44 -8.13 -2.13 2.10
C ASN A 44 -9.64 -1.89 2.17
N ALA A 45 -10.21 -1.51 1.03
CA ALA A 45 -11.65 -1.21 0.95
C ALA A 45 -12.49 -2.47 1.16
N TRP A 46 -11.86 -3.62 0.98
CA TRP A 46 -12.51 -4.90 1.23
C TRP A 46 -12.98 -4.99 2.69
N PHE A 47 -12.28 -4.32 3.59
CA PHE A 47 -12.65 -4.32 5.01
C PHE A 47 -13.70 -3.27 5.30
N GLY A 48 -13.97 -2.41 4.33
CA GLY A 48 -15.01 -1.43 4.48
C GLY A 48 -16.38 -2.08 4.55
N SER A 49 -16.47 -3.27 3.98
CA SER A 49 -17.74 -3.99 3.92
C SER A 49 -18.16 -4.49 5.31
N THR A 50 -17.22 -4.48 6.25
CA THR A 50 -17.52 -4.93 7.61
C THR A 50 -17.42 -3.76 8.60
N SER A 51 -17.36 -2.54 8.07
CA SER A 51 -17.28 -1.36 8.91
C SER A 51 -18.61 -1.08 9.61
N PHE A 52 -19.71 -1.37 8.94
CA PHE A 52 -21.03 -1.11 9.51
C PHE A 52 -22.07 -2.12 9.05
N GLU A 53 -23.28 -1.95 9.58
CA GLU A 53 -24.36 -2.90 9.39
C GLU A 53 -25.19 -2.55 8.17
N THR A 54 -25.33 -1.27 7.93
CA THR A 54 -26.09 -0.77 6.79
C THR A 54 -25.21 0.14 5.97
N LYS A 55 -25.57 0.34 4.71
CA LYS A 55 -24.74 1.13 3.83
C LYS A 55 -24.94 2.62 4.09
N GLU A 56 -26.09 2.96 4.66
CA GLU A 56 -26.37 4.36 5.00
C GLU A 56 -25.36 4.86 6.01
N GLN A 57 -25.03 4.01 6.97
CA GLN A 57 -24.05 4.33 7.98
C GLN A 57 -22.65 4.07 7.44
N MET A 58 -22.51 2.95 6.72
CA MET A 58 -21.23 2.55 6.12
C MET A 58 -20.68 3.63 5.20
N GLN A 59 -21.56 4.19 4.36
CA GLN A 59 -21.16 5.23 3.41
C GLN A 59 -20.60 6.45 4.14
N ALA A 60 -21.21 6.80 5.26
CA ALA A 60 -20.79 7.95 6.03
C ALA A 60 -19.51 7.69 6.79
N LYS A 61 -18.98 6.48 6.65
CA LYS A 61 -17.79 6.09 7.39
C LYS A 61 -16.61 5.90 6.46
N LYS A 62 -16.85 5.97 5.17
CA LYS A 62 -15.78 5.73 4.23
C LYS A 62 -14.70 6.79 4.37
N GLN A 63 -15.10 8.05 4.51
CA GLN A 63 -14.14 9.12 4.71
C GLN A 63 -13.74 9.23 6.17
N GLU A 64 -14.25 8.33 6.96
CA GLU A 64 -13.82 8.21 8.35
C GLU A 64 -12.78 7.10 8.47
N MET A 65 -12.91 6.06 7.66
CA MET A 65 -11.94 4.99 7.68
C MET A 65 -10.78 5.38 6.77
N MET A 66 -11.11 6.07 5.68
CA MET A 66 -10.11 6.52 4.72
C MET A 66 -9.42 7.78 5.20
N ASP A 67 -10.05 8.48 6.16
CA ASP A 67 -9.52 9.73 6.69
C ASP A 67 -8.05 9.58 7.05
N TYR A 68 -7.74 8.50 7.72
CA TYR A 68 -6.40 8.26 8.21
C TYR A 68 -5.71 7.16 7.40
N TYR A 69 -6.45 6.52 6.49
CA TYR A 69 -5.88 5.45 5.67
C TYR A 69 -4.69 5.96 4.86
N MET A 70 -4.86 7.10 4.19
CA MET A 70 -3.77 7.72 3.46
C MET A 70 -2.57 7.91 4.37
N ASP A 71 -2.82 8.54 5.52
CA ASP A 71 -1.75 8.96 6.41
C ASP A 71 -1.41 7.88 7.44
N ARG A 72 -1.73 6.63 7.12
CA ARG A 72 -1.52 5.52 8.05
C ARG A 72 -0.10 5.02 7.94
N TYR A 73 0.37 4.85 6.72
CA TYR A 73 1.70 4.35 6.48
C TYR A 73 2.66 5.52 6.28
N LYS A 74 2.20 6.70 6.66
CA LYS A 74 2.99 7.92 6.54
C LYS A 74 4.32 7.77 7.27
N GLU A 75 4.23 7.56 8.58
CA GLU A 75 5.40 7.44 9.43
C GLU A 75 6.18 6.16 9.10
N MET A 76 5.45 5.13 8.68
CA MET A 76 6.07 3.88 8.25
C MET A 76 6.97 4.13 7.05
N LEU A 77 6.49 5.00 6.16
CA LEU A 77 7.22 5.34 4.95
C LEU A 77 8.41 6.24 5.31
N ASP A 78 8.15 7.19 6.21
CA ASP A 78 9.19 8.10 6.71
C ASP A 78 10.35 7.32 7.33
N ALA A 79 10.00 6.29 8.09
CA ALA A 79 10.97 5.46 8.79
C ALA A 79 11.89 4.72 7.82
N ASN A 80 11.51 4.64 6.56
CA ASN A 80 12.31 3.95 5.57
C ASN A 80 13.03 4.95 4.67
N MET A 81 12.57 6.19 4.71
CA MET A 81 13.15 7.24 3.89
C MET A 81 14.56 7.58 4.34
N GLU A 82 14.68 8.06 5.57
CA GLU A 82 15.94 8.61 6.03
C GLU A 82 16.93 7.55 6.46
N ASP A 83 16.56 6.28 6.33
CA ASP A 83 17.50 5.18 6.55
C ASP A 83 18.66 5.32 5.58
N TYR A 84 18.31 5.50 4.31
CA TYR A 84 19.31 5.73 3.27
C TYR A 84 19.89 7.14 3.40
N ILE A 85 19.02 8.08 3.74
CA ILE A 85 19.39 9.49 3.84
C ILE A 85 20.52 9.72 4.86
N GLU A 86 20.32 9.24 6.09
CA GLU A 86 21.30 9.47 7.15
C GLU A 86 22.61 8.72 6.88
N ASN A 87 22.59 7.82 5.90
CA ASN A 87 23.76 7.05 5.56
C ASN A 87 24.32 7.46 4.20
N PHE A 88 23.83 8.57 3.65
CA PHE A 88 24.35 9.08 2.38
C PHE A 88 25.86 9.21 2.45
N ASP A 89 26.33 9.98 3.42
CA ASP A 89 27.75 10.21 3.60
C ASP A 89 28.48 8.92 3.94
N HIS A 90 27.76 8.01 4.61
CA HIS A 90 28.32 6.70 4.95
C HIS A 90 28.65 5.91 3.69
N TYR A 91 27.63 5.68 2.87
CA TYR A 91 27.80 4.92 1.64
C TYR A 91 28.72 5.65 0.66
N ARG A 92 28.47 6.94 0.50
CA ARG A 92 29.22 7.77 -0.44
C ARG A 92 30.70 7.78 -0.09
N ALA A 93 31.00 7.52 1.17
CA ALA A 93 32.38 7.50 1.65
C ALA A 93 33.10 6.25 1.18
N THR A 94 32.38 5.14 1.21
CA THR A 94 32.95 3.86 0.81
C THR A 94 32.97 3.71 -0.70
N GLN A 95 32.10 4.46 -1.38
CA GLN A 95 32.00 4.38 -2.82
C GLN A 95 33.05 5.24 -3.49
N LYS A 96 33.99 4.58 -4.14
CA LYS A 96 35.10 5.26 -4.77
C LYS A 96 34.97 5.22 -6.29
N SER B 1 -5.97 -10.34 -14.73
CA SER B 1 -6.10 -11.16 -15.92
C SER B 1 -6.07 -10.29 -17.17
N ASN B 2 -6.73 -9.14 -17.09
CA ASN B 2 -6.76 -8.19 -18.19
C ASN B 2 -6.68 -6.78 -17.63
N ASN B 3 -6.38 -5.81 -18.47
CA ASN B 3 -6.26 -4.44 -18.02
C ASN B 3 -6.80 -3.47 -19.07
N GLU B 4 -7.51 -2.45 -18.61
CA GLU B 4 -8.00 -1.41 -19.49
C GLU B 4 -6.84 -0.57 -20.02
N ASN B 5 -6.33 0.32 -19.18
CA ASN B 5 -5.16 1.13 -19.52
C ASN B 5 -4.11 1.03 -18.43
N ALA B 6 -4.58 0.86 -17.20
CA ALA B 6 -3.70 0.80 -16.05
C ALA B 6 -3.18 -0.62 -15.81
N PHE B 7 -2.36 -0.76 -14.78
CA PHE B 7 -1.68 -2.01 -14.47
C PHE B 7 -2.58 -3.01 -13.75
N TYR B 8 -3.82 -3.15 -14.20
CA TYR B 8 -4.79 -4.04 -13.55
C TYR B 8 -4.27 -5.48 -13.47
N ALA B 9 -3.68 -5.95 -14.56
CA ALA B 9 -3.17 -7.32 -14.62
C ALA B 9 -1.93 -7.49 -13.75
N ARG B 10 -1.35 -6.38 -13.33
CA ARG B 10 -0.17 -6.40 -12.48
C ARG B 10 -0.57 -6.38 -11.02
N ALA B 11 -1.24 -5.31 -10.61
CA ALA B 11 -1.65 -5.11 -9.21
C ALA B 11 -2.49 -6.27 -8.68
N THR B 12 -3.17 -6.99 -9.57
CA THR B 12 -4.02 -8.09 -9.15
C THR B 12 -3.19 -9.25 -8.58
N GLU B 13 -1.91 -9.29 -8.95
CA GLU B 13 -1.02 -10.35 -8.48
C GLU B 13 -0.46 -9.97 -7.11
N LEU B 14 -0.37 -8.67 -6.86
CA LEU B 14 0.08 -8.15 -5.58
C LEU B 14 -0.89 -8.58 -4.49
N ILE B 15 -2.18 -8.52 -4.82
CA ILE B 15 -3.24 -8.92 -3.91
C ILE B 15 -3.23 -10.44 -3.70
N LYS B 16 -2.66 -11.17 -4.64
CA LYS B 16 -2.62 -12.63 -4.58
C LYS B 16 -1.77 -13.11 -3.42
N LEU B 17 -0.63 -12.46 -3.19
CA LEU B 17 0.26 -12.86 -2.11
C LEU B 17 -0.48 -12.68 -0.78
N ALA B 18 -1.30 -11.64 -0.71
CA ALA B 18 -2.04 -11.35 0.50
C ALA B 18 -3.09 -12.42 0.76
N ASN B 19 -3.69 -12.91 -0.32
CA ASN B 19 -4.70 -13.95 -0.21
C ASN B 19 -4.09 -15.31 0.10
N GLN B 20 -2.77 -15.36 0.09
CA GLN B 20 -2.06 -16.59 0.46
C GLN B 20 -1.68 -16.56 1.94
N GLN B 21 -1.39 -15.37 2.46
CA GLN B 21 -1.11 -15.21 3.88
C GLN B 21 -2.41 -15.27 4.67
N ASN B 22 -3.49 -14.90 4.00
CA ASN B 22 -4.82 -14.91 4.60
C ASN B 22 -5.32 -16.33 4.78
N GLN B 23 -4.63 -17.28 4.16
CA GLN B 23 -5.02 -18.69 4.24
C GLN B 23 -4.66 -19.30 5.58
N ASN B 24 -3.83 -18.62 6.35
CA ASN B 24 -3.42 -19.14 7.65
C ASN B 24 -4.58 -19.04 8.61
N THR B 25 -4.95 -20.18 9.16
CA THR B 25 -6.11 -20.30 10.02
C THR B 25 -5.92 -19.52 11.34
N GLU B 26 -4.68 -19.41 11.80
CA GLU B 26 -4.42 -18.83 13.11
C GLU B 26 -4.05 -17.36 13.04
N ILE B 27 -3.98 -16.81 11.84
CA ILE B 27 -3.73 -15.38 11.70
C ILE B 27 -5.04 -14.65 11.46
N GLN B 28 -5.11 -13.43 11.93
CA GLN B 28 -6.29 -12.61 11.76
C GLN B 28 -6.32 -12.04 10.35
N THR B 29 -7.51 -11.88 9.81
CA THR B 29 -7.68 -11.36 8.46
C THR B 29 -7.05 -9.97 8.33
N GLY B 30 -7.15 -9.20 9.40
CA GLY B 30 -6.67 -7.82 9.38
C GLY B 30 -5.16 -7.70 9.53
N GLU B 31 -4.46 -8.81 9.73
CA GLU B 31 -3.02 -8.76 9.88
C GLU B 31 -2.36 -8.68 8.50
N VAL B 32 -3.04 -9.25 7.52
CA VAL B 32 -2.52 -9.33 6.16
C VAL B 32 -2.68 -7.99 5.45
N SER B 33 -3.83 -7.35 5.65
CA SER B 33 -4.11 -6.06 5.02
C SER B 33 -3.12 -5.00 5.49
N ALA B 34 -2.80 -5.03 6.78
CA ALA B 34 -1.86 -4.10 7.36
C ALA B 34 -0.45 -4.33 6.81
N SER B 35 -0.13 -5.60 6.53
CA SER B 35 1.18 -5.95 5.99
C SER B 35 1.37 -5.35 4.60
N PHE B 36 0.29 -5.26 3.83
CA PHE B 36 0.35 -4.68 2.50
C PHE B 36 0.68 -3.19 2.59
N MET B 37 0.16 -2.55 3.62
CA MET B 37 0.39 -1.13 3.84
C MET B 37 1.82 -0.85 4.25
N TRP B 38 2.33 -1.60 5.22
CA TRP B 38 3.71 -1.45 5.68
C TRP B 38 4.70 -1.79 4.56
N ALA B 39 4.34 -2.75 3.72
CA ALA B 39 5.16 -3.13 2.59
C ALA B 39 5.27 -1.99 1.59
N LEU B 40 4.15 -1.30 1.35
CA LEU B 40 4.11 -0.20 0.40
C LEU B 40 4.91 0.98 0.93
N ALA B 41 4.93 1.13 2.24
CA ALA B 41 5.68 2.20 2.88
C ALA B 41 7.18 2.04 2.61
N ARG B 42 7.66 0.80 2.69
CA ARG B 42 9.07 0.53 2.46
C ARG B 42 9.39 0.60 0.98
N TYR B 43 8.38 0.34 0.16
CA TYR B 43 8.55 0.29 -1.28
C TYR B 43 8.54 1.70 -1.88
N ASN B 44 7.72 2.59 -1.33
CA ASN B 44 7.63 3.96 -1.80
C ASN B 44 8.84 4.78 -1.35
N ALA B 45 9.43 4.40 -0.23
CA ALA B 45 10.60 5.10 0.31
C ALA B 45 11.83 4.84 -0.54
N TRP B 46 11.75 3.80 -1.36
CA TRP B 46 12.81 3.43 -2.29
C TRP B 46 13.15 4.62 -3.21
N PHE B 47 12.14 5.42 -3.52
CA PHE B 47 12.31 6.57 -4.41
C PHE B 47 13.08 7.69 -3.76
N GLY B 48 13.26 7.62 -2.45
CA GLY B 48 14.04 8.63 -1.77
C GLY B 48 15.46 8.67 -2.27
N SER B 49 15.99 7.50 -2.62
CA SER B 49 17.36 7.35 -3.08
C SER B 49 17.62 8.18 -4.35
N THR B 50 16.59 8.35 -5.17
CA THR B 50 16.75 9.07 -6.43
C THR B 50 16.20 10.49 -6.33
N SER B 51 16.01 10.97 -5.11
CA SER B 51 15.47 12.30 -4.88
C SER B 51 16.55 13.37 -5.10
N PHE B 52 17.57 13.37 -4.25
CA PHE B 52 18.58 14.43 -4.28
C PHE B 52 19.99 13.88 -4.16
N GLU B 53 20.92 14.81 -3.99
CA GLU B 53 22.34 14.47 -3.90
C GLU B 53 22.76 14.34 -2.46
N THR B 54 22.63 15.42 -1.71
CA THR B 54 23.03 15.47 -0.32
C THR B 54 21.89 15.04 0.58
N LYS B 55 22.23 14.54 1.75
CA LYS B 55 21.20 14.06 2.67
C LYS B 55 20.42 15.22 3.26
N GLU B 56 21.07 16.37 3.33
CA GLU B 56 20.45 17.58 3.85
C GLU B 56 19.23 17.95 3.01
N GLN B 57 19.41 18.00 1.70
CA GLN B 57 18.34 18.38 0.79
C GLN B 57 17.40 17.19 0.59
N MET B 58 17.98 16.01 0.47
CA MET B 58 17.23 14.77 0.28
C MET B 58 16.23 14.54 1.41
N GLN B 59 16.66 14.82 2.63
CA GLN B 59 15.82 14.62 3.81
C GLN B 59 14.68 15.63 3.87
N ALA B 60 14.91 16.81 3.32
CA ALA B 60 13.90 17.86 3.33
C ALA B 60 12.81 17.58 2.30
N LYS B 61 13.10 16.68 1.38
CA LYS B 61 12.20 16.42 0.28
C LYS B 61 11.29 15.25 0.56
N LYS B 62 11.55 14.56 1.67
CA LYS B 62 10.83 13.35 1.98
C LYS B 62 9.33 13.63 2.06
N GLN B 63 8.94 14.69 2.77
CA GLN B 63 7.52 15.00 2.92
C GLN B 63 6.96 15.58 1.65
N GLU B 64 7.82 16.03 0.77
CA GLU B 64 7.37 16.56 -0.51
C GLU B 64 7.06 15.42 -1.48
N MET B 65 7.80 14.32 -1.37
CA MET B 65 7.56 13.17 -2.23
C MET B 65 6.54 12.25 -1.57
N MET B 66 6.48 12.30 -0.24
CA MET B 66 5.56 11.48 0.52
C MET B 66 4.19 12.12 0.63
N ASP B 67 4.13 13.44 0.43
CA ASP B 67 2.88 14.18 0.60
C ASP B 67 1.76 13.54 -0.20
N TYR B 68 2.06 13.24 -1.44
CA TYR B 68 1.07 12.65 -2.33
C TYR B 68 1.24 11.13 -2.37
N TYR B 69 2.20 10.59 -1.63
CA TYR B 69 2.29 9.14 -1.48
C TYR B 69 1.11 8.66 -0.66
N MET B 70 0.90 9.32 0.48
CA MET B 70 -0.30 9.10 1.27
C MET B 70 -1.54 9.28 0.40
N ASP B 71 -1.65 10.45 -0.23
CA ASP B 71 -2.80 10.76 -1.07
C ASP B 71 -2.50 10.46 -2.53
N ARG B 72 -2.47 9.19 -2.88
CA ARG B 72 -2.45 8.77 -4.27
C ARG B 72 -3.55 7.76 -4.53
N TYR B 73 -3.77 6.89 -3.56
CA TYR B 73 -4.76 5.84 -3.74
C TYR B 73 -6.08 6.23 -3.08
N LYS B 74 -6.22 7.49 -2.70
CA LYS B 74 -7.43 7.94 -2.03
C LYS B 74 -8.62 7.83 -2.96
N GLU B 75 -8.53 8.42 -4.15
CA GLU B 75 -9.62 8.36 -5.11
C GLU B 75 -9.89 6.93 -5.55
N MET B 76 -8.82 6.14 -5.64
CA MET B 76 -8.93 4.73 -5.96
C MET B 76 -9.70 4.01 -4.86
N LEU B 77 -9.36 4.36 -3.63
CA LEU B 77 -9.96 3.76 -2.44
C LEU B 77 -11.41 4.20 -2.29
N ASP B 78 -11.65 5.48 -2.54
CA ASP B 78 -13.00 6.05 -2.48
C ASP B 78 -13.94 5.28 -3.39
N ALA B 79 -13.46 5.04 -4.60
CA ALA B 79 -14.24 4.36 -5.63
C ALA B 79 -14.44 2.89 -5.29
N ASN B 80 -13.55 2.33 -4.49
CA ASN B 80 -13.66 0.92 -4.13
C ASN B 80 -14.57 0.75 -2.93
N MET B 81 -14.58 1.75 -2.05
CA MET B 81 -15.46 1.74 -0.88
C MET B 81 -16.91 1.68 -1.31
N GLU B 82 -17.35 2.73 -2.01
CA GLU B 82 -18.75 2.87 -2.36
C GLU B 82 -19.18 1.92 -3.47
N ASP B 83 -18.21 1.20 -4.05
CA ASP B 83 -18.51 0.18 -5.04
C ASP B 83 -19.42 -0.89 -4.43
N TYR B 84 -19.05 -1.36 -3.25
CA TYR B 84 -19.87 -2.34 -2.55
C TYR B 84 -20.93 -1.65 -1.69
N ILE B 85 -20.77 -0.35 -1.46
CA ILE B 85 -21.77 0.41 -0.70
C ILE B 85 -23.03 0.58 -1.54
N GLU B 86 -22.89 1.15 -2.74
CA GLU B 86 -24.04 1.40 -3.61
C GLU B 86 -24.80 0.11 -3.92
N ASN B 87 -24.09 -1.00 -3.94
CA ASN B 87 -24.69 -2.28 -4.27
C ASN B 87 -25.12 -3.03 -3.01
N PHE B 88 -25.02 -2.41 -1.85
CA PHE B 88 -25.43 -3.06 -0.61
C PHE B 88 -26.88 -3.47 -0.70
N ASP B 89 -27.72 -2.58 -1.21
CA ASP B 89 -29.14 -2.88 -1.42
C ASP B 89 -29.30 -4.03 -2.41
N HIS B 90 -28.38 -4.13 -3.35
CA HIS B 90 -28.39 -5.19 -4.35
C HIS B 90 -28.07 -6.53 -3.69
N TYR B 91 -26.96 -6.58 -2.98
CA TYR B 91 -26.53 -7.79 -2.29
C TYR B 91 -27.53 -8.16 -1.21
N ARG B 92 -28.09 -7.13 -0.56
CA ARG B 92 -29.10 -7.31 0.47
C ARG B 92 -30.36 -7.94 -0.13
N ALA B 93 -30.58 -7.70 -1.41
CA ALA B 93 -31.78 -8.17 -2.08
C ALA B 93 -31.56 -9.54 -2.71
N THR B 94 -30.29 -9.92 -2.86
CA THR B 94 -29.95 -11.21 -3.44
C THR B 94 -29.73 -12.25 -2.35
N GLN B 95 -29.82 -11.82 -1.10
CA GLN B 95 -29.64 -12.72 0.02
C GLN B 95 -30.91 -12.81 0.84
N LYS B 96 -31.06 -13.93 1.51
CA LYS B 96 -32.21 -14.16 2.36
C LYS B 96 -31.73 -14.60 3.74
N SER A 1 7.40 -14.92 17.20
CA SER A 1 7.48 -16.03 16.24
C SER A 1 8.60 -15.78 15.22
N ASN A 2 8.35 -14.89 14.26
CA ASN A 2 9.35 -14.59 13.23
C ASN A 2 9.57 -13.10 13.10
N ASN A 3 9.02 -12.33 14.03
CA ASN A 3 9.15 -10.89 14.00
C ASN A 3 9.17 -10.34 15.42
N GLU A 4 9.83 -9.20 15.61
CA GLU A 4 9.99 -8.63 16.93
C GLU A 4 8.78 -7.80 17.33
N ASN A 5 8.68 -6.60 16.79
CA ASN A 5 7.60 -5.70 17.15
C ASN A 5 6.59 -5.62 16.03
N ALA A 6 7.08 -5.39 14.83
CA ALA A 6 6.22 -5.31 13.66
C ALA A 6 6.22 -6.63 12.91
N PHE A 7 5.21 -6.81 12.07
CA PHE A 7 5.04 -8.02 11.28
C PHE A 7 5.96 -8.06 10.05
N TYR A 8 7.26 -7.89 10.29
CA TYR A 8 8.24 -7.88 9.21
C TYR A 8 8.13 -9.13 8.36
N ALA A 9 7.94 -10.27 9.01
CA ALA A 9 7.92 -11.57 8.35
C ALA A 9 6.66 -11.76 7.51
N ARG A 10 5.74 -10.81 7.58
CA ARG A 10 4.53 -10.87 6.76
C ARG A 10 4.70 -9.97 5.55
N ALA A 11 4.87 -8.67 5.80
CA ALA A 11 5.01 -7.67 4.75
C ALA A 11 6.13 -7.99 3.77
N THR A 12 7.11 -8.78 4.20
CA THR A 12 8.25 -9.13 3.36
C THR A 12 7.79 -9.97 2.16
N GLU A 13 6.68 -10.68 2.30
CA GLU A 13 6.18 -11.52 1.22
C GLU A 13 5.39 -10.66 0.24
N LEU A 14 4.74 -9.64 0.80
CA LEU A 14 3.99 -8.68 0.01
C LEU A 14 4.95 -7.92 -0.90
N ILE A 15 6.07 -7.49 -0.33
CA ILE A 15 7.12 -6.80 -1.08
C ILE A 15 7.81 -7.77 -2.05
N LYS A 16 7.88 -9.05 -1.67
CA LYS A 16 8.50 -10.08 -2.46
C LYS A 16 7.82 -10.19 -3.83
N LEU A 17 6.50 -10.05 -3.85
CA LEU A 17 5.75 -10.13 -5.09
C LEU A 17 6.07 -8.93 -5.97
N ALA A 18 6.20 -7.76 -5.37
CA ALA A 18 6.57 -6.55 -6.10
C ALA A 18 7.94 -6.71 -6.75
N ASN A 19 8.76 -7.57 -6.18
CA ASN A 19 10.08 -7.84 -6.72
C ASN A 19 9.98 -8.82 -7.89
N GLN A 20 8.87 -9.55 -7.94
CA GLN A 20 8.61 -10.49 -9.03
C GLN A 20 8.39 -9.71 -10.32
N GLN A 21 7.49 -8.75 -10.23
CA GLN A 21 7.09 -7.95 -11.39
C GLN A 21 8.19 -6.97 -11.75
N ASN A 22 9.13 -6.78 -10.82
CA ASN A 22 10.21 -5.83 -11.01
C ASN A 22 11.33 -6.44 -11.87
N GLN A 23 11.25 -7.75 -12.08
CA GLN A 23 12.25 -8.45 -12.89
C GLN A 23 11.98 -8.23 -14.37
N ASN A 24 12.08 -6.97 -14.79
CA ASN A 24 11.83 -6.59 -16.17
C ASN A 24 12.73 -5.43 -16.53
N THR A 25 13.12 -5.33 -17.79
CA THR A 25 14.04 -4.30 -18.22
C THR A 25 13.32 -3.15 -18.96
N GLU A 26 12.24 -3.48 -19.68
CA GLU A 26 11.48 -2.46 -20.42
C GLU A 26 10.42 -1.79 -19.55
N ILE A 27 10.35 -2.16 -18.28
CA ILE A 27 9.41 -1.52 -17.36
C ILE A 27 10.19 -0.75 -16.30
N GLN A 28 9.60 0.33 -15.82
CA GLN A 28 10.21 1.13 -14.79
C GLN A 28 9.90 0.53 -13.43
N THR A 29 10.84 0.67 -12.50
CA THR A 29 10.70 0.10 -11.17
C THR A 29 9.47 0.65 -10.47
N GLY A 30 9.17 1.92 -10.74
CA GLY A 30 8.05 2.57 -10.10
C GLY A 30 6.70 2.08 -10.61
N GLU A 31 6.70 1.31 -11.70
CA GLU A 31 5.45 0.82 -12.26
C GLU A 31 4.90 -0.31 -11.39
N VAL A 32 5.80 -0.95 -10.65
CA VAL A 32 5.41 -2.01 -9.74
C VAL A 32 5.01 -1.43 -8.39
N SER A 33 5.76 -0.41 -7.96
CA SER A 33 5.49 0.28 -6.72
C SER A 33 4.07 0.84 -6.69
N ALA A 34 3.65 1.41 -7.82
CA ALA A 34 2.33 1.98 -7.95
C ALA A 34 1.26 0.90 -7.87
N SER A 35 1.60 -0.30 -8.35
CA SER A 35 0.67 -1.42 -8.33
C SER A 35 0.38 -1.84 -6.91
N PHE A 36 1.38 -1.68 -6.05
CA PHE A 36 1.23 -2.00 -4.63
C PHE A 36 0.28 -1.01 -3.97
N MET A 37 0.37 0.25 -4.40
CA MET A 37 -0.50 1.30 -3.89
C MET A 37 -1.95 1.07 -4.31
N TRP A 38 -2.17 0.73 -5.58
CA TRP A 38 -3.52 0.43 -6.06
C TRP A 38 -4.09 -0.79 -5.36
N ALA A 39 -3.23 -1.78 -5.12
CA ALA A 39 -3.63 -2.99 -4.45
C ALA A 39 -4.05 -2.72 -3.00
N LEU A 40 -3.35 -1.80 -2.34
CA LEU A 40 -3.69 -1.44 -0.96
C LEU A 40 -5.03 -0.73 -0.94
N ALA A 41 -5.29 0.06 -1.97
CA ALA A 41 -6.55 0.78 -2.09
C ALA A 41 -7.72 -0.19 -2.15
N ARG A 42 -7.56 -1.26 -2.93
CA ARG A 42 -8.61 -2.26 -3.08
C ARG A 42 -8.78 -3.06 -1.79
N TYR A 43 -7.66 -3.36 -1.15
CA TYR A 43 -7.68 -4.17 0.06
C TYR A 43 -8.23 -3.37 1.23
N ASN A 44 -7.99 -2.07 1.22
CA ASN A 44 -8.42 -1.19 2.30
C ASN A 44 -9.93 -0.90 2.19
N ALA A 45 -10.40 -0.71 0.96
CA ALA A 45 -11.82 -0.44 0.71
C ALA A 45 -12.68 -1.62 1.12
N TRP A 46 -12.08 -2.81 1.08
CA TRP A 46 -12.74 -4.05 1.46
C TRP A 46 -13.23 -3.99 2.92
N PHE A 47 -12.55 -3.19 3.74
CA PHE A 47 -12.92 -3.05 5.14
C PHE A 47 -14.09 -2.09 5.32
N GLY A 48 -14.57 -1.52 4.23
CA GLY A 48 -15.74 -0.68 4.30
C GLY A 48 -16.95 -1.45 4.78
N SER A 49 -16.94 -2.75 4.52
CA SER A 49 -18.03 -3.63 4.91
C SER A 49 -18.11 -3.78 6.43
N THR A 50 -17.04 -3.41 7.12
CA THR A 50 -16.98 -3.57 8.56
C THR A 50 -17.39 -2.28 9.26
N SER A 51 -17.74 -1.27 8.46
CA SER A 51 -18.06 0.05 8.99
C SER A 51 -19.49 0.10 9.51
N PHE A 52 -20.42 -0.54 8.81
CA PHE A 52 -21.83 -0.45 9.16
C PHE A 52 -22.62 -1.67 8.70
N GLU A 53 -23.92 -1.65 8.98
CA GLU A 53 -24.80 -2.77 8.67
C GLU A 53 -25.62 -2.49 7.41
N THR A 54 -26.22 -1.30 7.34
CA THR A 54 -27.06 -0.94 6.22
C THR A 54 -26.27 -0.13 5.21
N LYS A 55 -26.70 -0.17 3.96
CA LYS A 55 -25.99 0.53 2.90
C LYS A 55 -26.10 2.04 3.09
N GLU A 56 -27.23 2.46 3.66
CA GLU A 56 -27.47 3.88 3.92
C GLU A 56 -26.39 4.45 4.82
N GLN A 57 -26.15 3.78 5.94
CA GLN A 57 -25.19 4.27 6.92
C GLN A 57 -23.77 3.97 6.45
N MET A 58 -23.59 2.83 5.81
CA MET A 58 -22.28 2.41 5.33
C MET A 58 -21.76 3.35 4.24
N GLN A 59 -22.64 3.73 3.32
CA GLN A 59 -22.29 4.60 2.21
C GLN A 59 -21.81 5.97 2.69
N ALA A 60 -22.44 6.47 3.73
CA ALA A 60 -22.14 7.80 4.24
C ALA A 60 -20.81 7.83 5.00
N LYS A 61 -20.24 6.66 5.24
CA LYS A 61 -19.02 6.57 6.04
C LYS A 61 -17.81 6.34 5.16
N LYS A 62 -18.02 6.25 3.86
CA LYS A 62 -16.94 5.96 2.95
C LYS A 62 -15.86 7.02 3.05
N GLN A 63 -16.25 8.29 3.00
CA GLN A 63 -15.30 9.37 3.06
C GLN A 63 -14.76 9.50 4.47
N GLU A 64 -15.54 9.04 5.44
CA GLU A 64 -15.14 9.07 6.84
C GLU A 64 -14.05 8.05 7.12
N MET A 65 -14.19 6.84 6.57
CA MET A 65 -13.21 5.80 6.78
C MET A 65 -11.97 6.11 5.95
N MET A 66 -12.21 6.68 4.77
CA MET A 66 -11.14 7.04 3.85
C MET A 66 -10.51 8.37 4.22
N ASP A 67 -10.98 8.97 5.30
CA ASP A 67 -10.51 10.30 5.68
C ASP A 67 -9.15 10.20 6.37
N TYR A 68 -8.89 9.06 7.01
CA TYR A 68 -7.63 8.87 7.68
C TYR A 68 -6.87 7.67 7.10
N TYR A 69 -7.53 6.91 6.22
CA TYR A 69 -6.91 5.74 5.59
C TYR A 69 -5.59 6.10 4.92
N MET A 70 -5.62 7.16 4.11
CA MET A 70 -4.43 7.66 3.43
C MET A 70 -3.28 7.88 4.41
N ASP A 71 -3.52 8.71 5.41
CA ASP A 71 -2.46 9.13 6.31
C ASP A 71 -2.36 8.20 7.52
N ARG A 72 -2.06 6.93 7.26
CA ARG A 72 -1.82 5.97 8.33
C ARG A 72 -0.42 5.39 8.26
N TYR A 73 0.07 5.15 7.04
CA TYR A 73 1.41 4.61 6.88
C TYR A 73 2.42 5.74 6.76
N LYS A 74 1.95 6.94 7.10
CA LYS A 74 2.74 8.16 6.99
C LYS A 74 4.08 8.00 7.71
N GLU A 75 4.02 7.86 9.03
CA GLU A 75 5.22 7.81 9.86
C GLU A 75 6.02 6.53 9.65
N MET A 76 5.37 5.48 9.17
CA MET A 76 6.06 4.23 8.89
C MET A 76 6.83 4.34 7.57
N LEU A 77 6.31 5.18 6.68
CA LEU A 77 6.97 5.50 5.43
C LEU A 77 8.13 6.46 5.71
N ASP A 78 7.90 7.37 6.65
CA ASP A 78 8.90 8.35 7.09
C ASP A 78 10.17 7.65 7.55
N ALA A 79 10.00 6.54 8.24
CA ALA A 79 11.11 5.79 8.79
C ALA A 79 11.99 5.18 7.70
N ASN A 80 11.44 5.05 6.50
CA ASN A 80 12.17 4.40 5.41
C ASN A 80 12.70 5.42 4.41
N MET A 81 12.36 6.68 4.62
CA MET A 81 12.79 7.74 3.71
C MET A 81 14.27 8.02 3.84
N GLU A 82 14.79 7.92 5.07
CA GLU A 82 16.19 8.22 5.32
C GLU A 82 17.13 7.14 4.78
N ASP A 83 16.56 6.15 4.09
CA ASP A 83 17.35 5.19 3.36
C ASP A 83 18.08 5.88 2.23
N TYR A 84 19.39 5.66 2.20
CA TYR A 84 20.30 6.24 1.22
C TYR A 84 20.60 7.70 1.54
N ILE A 85 20.01 8.18 2.62
CA ILE A 85 20.27 9.54 3.08
C ILE A 85 21.39 9.53 4.10
N GLU A 86 21.14 8.91 5.25
CA GLU A 86 22.16 8.77 6.28
C GLU A 86 23.29 7.86 5.78
N ASN A 87 22.98 7.09 4.74
CA ASN A 87 23.94 6.16 4.17
C ASN A 87 24.57 6.73 2.90
N PHE A 88 24.17 7.95 2.53
CA PHE A 88 24.66 8.57 1.30
C PHE A 88 26.17 8.72 1.34
N ASP A 89 26.68 9.24 2.45
CA ASP A 89 28.11 9.42 2.66
C ASP A 89 28.87 8.11 2.50
N HIS A 90 28.18 7.01 2.70
CA HIS A 90 28.78 5.69 2.57
C HIS A 90 28.75 5.24 1.11
N TYR A 91 27.55 5.23 0.52
CA TYR A 91 27.38 4.81 -0.87
C TYR A 91 28.17 5.71 -1.82
N ARG A 92 28.14 7.01 -1.55
CA ARG A 92 28.82 8.00 -2.38
C ARG A 92 30.33 7.79 -2.30
N ALA A 93 30.77 7.06 -1.29
CA ALA A 93 32.18 6.77 -1.11
C ALA A 93 32.53 5.42 -1.73
N THR A 94 31.63 4.46 -1.56
CA THR A 94 31.85 3.10 -2.02
C THR A 94 31.51 2.92 -3.50
N GLN A 95 31.03 3.98 -4.13
CA GLN A 95 30.67 3.93 -5.54
C GLN A 95 31.87 3.55 -6.40
N LYS A 96 31.63 2.70 -7.38
CA LYS A 96 32.70 2.18 -8.21
C LYS A 96 32.34 2.29 -9.69
N SER B 1 -1.93 -4.83 -20.36
CA SER B 1 -2.24 -5.65 -21.53
C SER B 1 -3.60 -6.30 -21.36
N ASN B 2 -3.82 -6.93 -20.20
CA ASN B 2 -5.13 -7.48 -19.86
C ASN B 2 -5.94 -6.42 -19.12
N ASN B 3 -5.52 -5.18 -19.28
CA ASN B 3 -6.07 -4.08 -18.52
C ASN B 3 -6.88 -3.14 -19.41
N GLU B 4 -7.43 -2.11 -18.79
CA GLU B 4 -8.17 -1.09 -19.51
C GLU B 4 -7.52 0.27 -19.28
N ASN B 5 -7.42 0.67 -18.02
CA ASN B 5 -6.80 1.93 -17.66
C ASN B 5 -5.63 1.70 -16.70
N ALA B 6 -5.90 0.92 -15.66
CA ALA B 6 -4.91 0.65 -14.63
C ALA B 6 -4.25 -0.70 -14.83
N PHE B 7 -3.15 -0.91 -14.11
CA PHE B 7 -2.39 -2.16 -14.14
C PHE B 7 -3.06 -3.24 -13.27
N TYR B 8 -4.33 -3.50 -13.54
CA TYR B 8 -5.13 -4.46 -12.76
C TYR B 8 -4.46 -5.83 -12.69
N ALA B 9 -3.98 -6.31 -13.84
CA ALA B 9 -3.37 -7.63 -13.94
C ALA B 9 -2.08 -7.74 -13.14
N ARG B 10 -1.51 -6.61 -12.74
CA ARG B 10 -0.32 -6.61 -11.91
C ARG B 10 -0.69 -6.66 -10.44
N ALA B 11 -1.40 -5.65 -9.97
CA ALA B 11 -1.77 -5.52 -8.56
C ALA B 11 -2.58 -6.71 -8.05
N THR B 12 -3.16 -7.49 -8.96
CA THR B 12 -3.94 -8.66 -8.57
C THR B 12 -3.03 -9.73 -7.96
N GLU B 13 -1.74 -9.69 -8.27
CA GLU B 13 -0.79 -10.65 -7.74
C GLU B 13 -0.31 -10.19 -6.38
N LEU B 14 -0.34 -8.88 -6.18
CA LEU B 14 0.05 -8.27 -4.92
C LEU B 14 -0.97 -8.64 -3.84
N ILE B 15 -2.25 -8.51 -4.17
CA ILE B 15 -3.34 -8.90 -3.27
C ILE B 15 -3.38 -10.41 -3.12
N LYS B 16 -2.97 -11.11 -4.18
CA LYS B 16 -2.95 -12.56 -4.18
C LYS B 16 -2.11 -13.11 -3.03
N LEU B 17 -0.98 -12.45 -2.76
CA LEU B 17 -0.11 -12.86 -1.66
C LEU B 17 -0.84 -12.69 -0.33
N ALA B 18 -1.50 -11.54 -0.17
CA ALA B 18 -2.26 -11.25 1.03
C ALA B 18 -3.37 -12.28 1.23
N ASN B 19 -3.97 -12.72 0.13
CA ASN B 19 -5.02 -13.73 0.17
C ASN B 19 -4.45 -15.13 0.44
N GLN B 20 -3.19 -15.19 0.82
CA GLN B 20 -2.60 -16.42 1.33
C GLN B 20 -2.41 -16.32 2.84
N GLN B 21 -2.03 -15.12 3.29
CA GLN B 21 -1.80 -14.87 4.71
C GLN B 21 -3.10 -14.74 5.48
N ASN B 22 -4.07 -14.09 4.84
CA ASN B 22 -5.35 -13.77 5.49
C ASN B 22 -6.20 -15.02 5.69
N GLN B 23 -5.82 -16.10 5.02
CA GLN B 23 -6.61 -17.33 5.08
C GLN B 23 -6.42 -18.05 6.42
N ASN B 24 -5.61 -17.45 7.30
CA ASN B 24 -5.45 -17.96 8.65
C ASN B 24 -6.65 -17.55 9.46
N THR B 25 -7.52 -18.52 9.71
CA THR B 25 -8.80 -18.28 10.34
C THR B 25 -8.67 -17.64 11.73
N GLU B 26 -7.66 -18.02 12.49
CA GLU B 26 -7.50 -17.52 13.85
C GLU B 26 -6.80 -16.16 13.88
N ILE B 27 -6.64 -15.55 12.72
CA ILE B 27 -6.08 -14.21 12.64
C ILE B 27 -7.11 -13.25 12.04
N GLN B 28 -6.99 -11.99 12.39
CA GLN B 28 -7.91 -10.97 11.91
C GLN B 28 -7.52 -10.54 10.49
N THR B 29 -8.49 -10.05 9.74
CA THR B 29 -8.24 -9.60 8.38
C THR B 29 -7.31 -8.38 8.39
N GLY B 30 -7.39 -7.59 9.46
CA GLY B 30 -6.58 -6.40 9.58
C GLY B 30 -5.10 -6.69 9.75
N GLU B 31 -4.77 -7.92 10.13
CA GLU B 31 -3.37 -8.29 10.36
C GLU B 31 -2.61 -8.39 9.04
N VAL B 32 -3.36 -8.53 7.95
CA VAL B 32 -2.75 -8.65 6.63
C VAL B 32 -2.79 -7.32 5.90
N SER B 33 -3.87 -6.58 6.09
CA SER B 33 -4.02 -5.28 5.45
C SER B 33 -2.96 -4.31 5.95
N ALA B 34 -2.69 -4.36 7.26
CA ALA B 34 -1.67 -3.53 7.85
C ALA B 34 -0.30 -3.90 7.32
N SER B 35 -0.11 -5.17 7.00
CA SER B 35 1.15 -5.65 6.46
C SER B 35 1.37 -5.08 5.07
N PHE B 36 0.28 -4.97 4.32
CA PHE B 36 0.31 -4.39 2.98
C PHE B 36 0.64 -2.91 3.09
N MET B 37 0.05 -2.25 4.07
CA MET B 37 0.29 -0.82 4.31
C MET B 37 1.73 -0.57 4.75
N TRP B 38 2.24 -1.39 5.66
CA TRP B 38 3.63 -1.28 6.11
C TRP B 38 4.58 -1.56 4.95
N ALA B 39 4.22 -2.54 4.13
CA ALA B 39 5.04 -2.89 2.99
C ALA B 39 5.10 -1.75 1.98
N LEU B 40 3.99 -1.06 1.78
CA LEU B 40 3.95 0.08 0.87
C LEU B 40 4.78 1.21 1.46
N ALA B 41 4.74 1.35 2.77
CA ALA B 41 5.50 2.38 3.45
C ALA B 41 7.00 2.20 3.25
N ARG B 42 7.43 0.95 3.11
CA ARG B 42 8.85 0.67 2.89
C ARG B 42 9.19 0.69 1.41
N TYR B 43 8.25 0.28 0.57
CA TYR B 43 8.49 0.17 -0.86
C TYR B 43 8.33 1.53 -1.55
N ASN B 44 7.36 2.31 -1.12
CA ASN B 44 7.05 3.58 -1.75
C ASN B 44 8.03 4.66 -1.29
N ALA B 45 8.71 4.39 -0.18
CA ALA B 45 9.73 5.32 0.33
C ALA B 45 10.99 5.26 -0.52
N TRP B 46 11.07 4.22 -1.35
CA TRP B 46 12.20 4.02 -2.24
C TRP B 46 12.33 5.20 -3.22
N PHE B 47 11.21 5.87 -3.47
CA PHE B 47 11.19 7.00 -4.38
C PHE B 47 11.86 8.23 -3.79
N GLY B 48 12.19 8.16 -2.50
CA GLY B 48 12.86 9.27 -1.86
C GLY B 48 14.15 9.64 -2.58
N SER B 49 14.83 8.62 -3.08
CA SER B 49 16.12 8.79 -3.75
C SER B 49 15.97 9.50 -5.10
N THR B 50 14.74 9.60 -5.59
CA THR B 50 14.49 10.22 -6.88
C THR B 50 14.17 11.70 -6.71
N SER B 51 13.97 12.12 -5.47
CA SER B 51 13.55 13.49 -5.19
C SER B 51 14.73 14.45 -5.33
N PHE B 52 15.91 14.00 -4.93
CA PHE B 52 17.10 14.84 -4.98
C PHE B 52 18.36 14.05 -5.23
N GLU B 53 19.48 14.75 -5.27
CA GLU B 53 20.78 14.18 -5.64
C GLU B 53 21.67 13.95 -4.42
N THR B 54 21.54 14.83 -3.44
CA THR B 54 22.34 14.77 -2.22
C THR B 54 21.46 14.49 -1.02
N LYS B 55 22.06 13.98 0.04
CA LYS B 55 21.30 13.64 1.24
C LYS B 55 20.76 14.90 1.91
N GLU B 56 21.55 15.96 1.87
CA GLU B 56 21.16 17.23 2.48
C GLU B 56 19.85 17.72 1.87
N GLN B 57 19.82 17.76 0.54
CA GLN B 57 18.65 18.23 -0.17
C GLN B 57 17.52 17.19 -0.11
N MET B 58 17.88 15.92 -0.24
CA MET B 58 16.91 14.83 -0.23
C MET B 58 16.19 14.74 1.11
N GLN B 59 16.96 14.78 2.20
CA GLN B 59 16.42 14.66 3.55
C GLN B 59 15.46 15.81 3.85
N ALA B 60 15.76 16.98 3.30
CA ALA B 60 14.96 18.17 3.55
C ALA B 60 13.63 18.10 2.80
N LYS B 61 13.46 17.09 1.95
CA LYS B 61 12.24 16.95 1.17
C LYS B 61 11.49 15.70 1.59
N LYS B 62 11.98 15.03 2.64
CA LYS B 62 11.37 13.79 3.09
C LYS B 62 9.87 13.97 3.32
N GLN B 63 9.51 15.02 4.04
CA GLN B 63 8.12 15.28 4.34
C GLN B 63 7.42 15.88 3.14
N GLU B 64 8.18 16.57 2.31
CA GLU B 64 7.64 17.25 1.14
C GLU B 64 7.15 16.25 0.11
N MET B 65 7.88 15.14 -0.05
CA MET B 65 7.52 14.14 -1.05
C MET B 65 6.48 13.20 -0.48
N MET B 66 6.48 13.06 0.84
CA MET B 66 5.55 12.19 1.53
C MET B 66 4.17 12.83 1.67
N ASP B 67 4.12 14.15 1.57
CA ASP B 67 2.92 14.90 1.92
C ASP B 67 1.73 14.47 1.08
N TYR B 68 1.99 14.14 -0.17
CA TYR B 68 0.92 13.71 -1.06
C TYR B 68 0.92 12.21 -1.24
N TYR B 69 1.98 11.54 -0.78
CA TYR B 69 2.10 10.09 -0.92
C TYR B 69 0.95 9.37 -0.23
N MET B 70 0.68 9.77 1.02
CA MET B 70 -0.42 9.21 1.77
C MET B 70 -1.72 9.28 0.98
N ASP B 71 -2.03 10.46 0.48
CA ASP B 71 -3.32 10.74 -0.13
C ASP B 71 -3.29 10.49 -1.64
N ARG B 72 -2.42 9.58 -2.09
CA ARG B 72 -2.31 9.29 -3.52
C ARG B 72 -3.36 8.28 -3.95
N TYR B 73 -3.47 7.19 -3.20
CA TYR B 73 -4.36 6.10 -3.56
C TYR B 73 -5.78 6.37 -3.10
N LYS B 74 -6.02 7.60 -2.66
CA LYS B 74 -7.32 8.00 -2.15
C LYS B 74 -8.41 7.72 -3.18
N GLU B 75 -8.28 8.37 -4.34
CA GLU B 75 -9.25 8.24 -5.42
C GLU B 75 -9.44 6.78 -5.85
N MET B 76 -8.34 6.04 -5.90
CA MET B 76 -8.37 4.68 -6.37
C MET B 76 -8.99 3.76 -5.31
N LEU B 77 -8.88 4.17 -4.06
CA LEU B 77 -9.52 3.47 -2.96
C LEU B 77 -11.02 3.70 -3.02
N ASP B 78 -11.38 4.95 -3.31
CA ASP B 78 -12.79 5.33 -3.47
C ASP B 78 -13.43 4.57 -4.62
N ALA B 79 -12.67 4.37 -5.69
CA ALA B 79 -13.15 3.67 -6.87
C ALA B 79 -13.47 2.20 -6.57
N ASN B 80 -12.96 1.70 -5.45
CA ASN B 80 -13.19 0.31 -5.05
C ASN B 80 -14.27 0.22 -3.99
N MET B 81 -14.76 1.37 -3.55
CA MET B 81 -15.84 1.40 -2.58
C MET B 81 -17.17 1.09 -3.26
N GLU B 82 -18.26 1.18 -2.47
CA GLU B 82 -19.60 0.92 -2.94
C GLU B 82 -19.77 -0.53 -3.42
N ASP B 83 -18.81 -1.37 -3.07
CA ASP B 83 -18.80 -2.76 -3.52
C ASP B 83 -19.96 -3.54 -2.90
N TYR B 84 -20.02 -3.59 -1.59
CA TYR B 84 -21.14 -4.20 -0.89
C TYR B 84 -22.22 -3.17 -0.65
N ILE B 85 -21.92 -1.91 -0.94
CA ILE B 85 -22.83 -0.81 -0.66
C ILE B 85 -23.98 -0.78 -1.67
N GLU B 86 -23.66 -0.67 -2.95
CA GLU B 86 -24.70 -0.63 -3.98
C GLU B 86 -25.33 -2.00 -4.17
N ASN B 87 -24.65 -3.03 -3.68
CA ASN B 87 -25.15 -4.39 -3.81
C ASN B 87 -25.61 -4.91 -2.46
N PHE B 88 -25.93 -4.01 -1.55
CA PHE B 88 -26.36 -4.40 -0.21
C PHE B 88 -27.60 -5.28 -0.27
N ASP B 89 -28.66 -4.77 -0.90
CA ASP B 89 -29.91 -5.51 -1.02
C ASP B 89 -29.71 -6.83 -1.76
N HIS B 90 -28.65 -6.91 -2.55
CA HIS B 90 -28.33 -8.11 -3.29
C HIS B 90 -27.90 -9.21 -2.33
N TYR B 91 -26.86 -8.94 -1.55
CA TYR B 91 -26.36 -9.91 -0.57
C TYR B 91 -27.33 -10.05 0.58
N ARG B 92 -28.07 -8.99 0.84
CA ARG B 92 -29.09 -8.99 1.87
C ARG B 92 -30.30 -9.83 1.42
N ALA B 93 -30.34 -10.13 0.13
CA ALA B 93 -31.38 -11.00 -0.41
C ALA B 93 -30.92 -12.45 -0.40
N THR B 94 -29.64 -12.66 -0.71
CA THR B 94 -29.05 -13.98 -0.75
C THR B 94 -28.38 -14.32 0.58
N GLN B 95 -28.82 -13.64 1.63
CA GLN B 95 -28.29 -13.88 2.96
C GLN B 95 -28.79 -15.21 3.50
N LYS B 96 -27.88 -15.96 4.08
CA LYS B 96 -28.21 -17.26 4.63
C LYS B 96 -27.94 -17.28 6.12
N SER A 1 16.52 -10.55 14.69
CA SER A 1 15.05 -10.51 14.79
C SER A 1 14.42 -10.47 13.40
N ASN A 2 13.72 -11.54 13.03
CA ASN A 2 13.07 -11.62 11.73
C ASN A 2 11.74 -10.88 11.76
N ASN A 3 11.30 -10.53 12.95
CA ASN A 3 10.16 -9.65 13.13
C ASN A 3 10.35 -8.85 14.41
N GLU A 4 10.38 -7.53 14.29
CA GLU A 4 10.66 -6.65 15.41
C GLU A 4 9.39 -5.99 15.94
N ASN A 5 8.62 -6.75 16.71
CA ASN A 5 7.41 -6.25 17.38
C ASN A 5 6.37 -5.94 16.32
N ALA A 6 6.52 -6.61 15.20
CA ALA A 6 5.74 -6.30 14.02
C ALA A 6 5.71 -7.49 13.09
N PHE A 7 4.95 -7.38 12.01
CA PHE A 7 4.79 -8.47 11.06
C PHE A 7 5.81 -8.39 9.93
N TYR A 8 7.06 -8.08 10.29
CA TYR A 8 8.15 -7.99 9.31
C TYR A 8 8.25 -9.27 8.48
N ALA A 9 8.20 -10.41 9.16
CA ALA A 9 8.32 -11.71 8.51
C ALA A 9 7.14 -12.00 7.58
N ARG A 10 6.08 -11.24 7.72
CA ARG A 10 4.90 -11.41 6.87
C ARG A 10 4.96 -10.45 5.69
N ALA A 11 5.05 -9.16 5.97
CA ALA A 11 5.07 -8.11 4.94
C ALA A 11 6.23 -8.30 3.96
N THR A 12 7.28 -9.00 4.38
CA THR A 12 8.42 -9.24 3.51
C THR A 12 8.02 -10.11 2.31
N GLU A 13 6.96 -10.89 2.47
CA GLU A 13 6.50 -11.80 1.43
C GLU A 13 5.67 -11.02 0.42
N LEU A 14 5.12 -9.91 0.87
CA LEU A 14 4.31 -9.04 0.02
C LEU A 14 5.19 -8.34 -1.00
N ILE A 15 6.35 -7.88 -0.55
CA ILE A 15 7.32 -7.24 -1.41
C ILE A 15 7.99 -8.28 -2.32
N LYS A 16 7.93 -9.54 -1.91
CA LYS A 16 8.52 -10.63 -2.67
C LYS A 16 7.97 -10.70 -4.08
N LEU A 17 6.68 -10.49 -4.22
CA LEU A 17 6.05 -10.56 -5.54
C LEU A 17 6.40 -9.31 -6.32
N ALA A 18 6.61 -8.21 -5.61
CA ALA A 18 6.86 -6.92 -6.24
C ALA A 18 8.22 -6.89 -6.89
N ASN A 19 9.21 -7.43 -6.21
CA ASN A 19 10.58 -7.48 -6.73
C ASN A 19 10.61 -8.20 -8.07
N GLN A 20 9.88 -9.30 -8.15
CA GLN A 20 9.81 -10.11 -9.37
C GLN A 20 9.24 -9.32 -10.55
N GLN A 21 8.31 -8.43 -10.26
CA GLN A 21 7.72 -7.60 -11.32
C GLN A 21 8.68 -6.47 -11.70
N ASN A 22 9.50 -6.06 -10.74
CA ASN A 22 10.46 -4.98 -10.95
C ASN A 22 11.64 -5.49 -11.80
N GLN A 23 11.81 -6.81 -11.83
CA GLN A 23 12.91 -7.41 -12.57
C GLN A 23 12.67 -7.31 -14.08
N ASN A 24 11.44 -7.02 -14.48
CA ASN A 24 11.10 -6.97 -15.89
C ASN A 24 11.82 -5.81 -16.57
N THR A 25 12.57 -6.14 -17.60
CA THR A 25 13.41 -5.18 -18.32
C THR A 25 12.61 -3.99 -18.87
N GLU A 26 11.38 -4.25 -19.35
CA GLU A 26 10.60 -3.21 -20.01
C GLU A 26 9.88 -2.32 -19.02
N ILE A 27 9.63 -2.83 -17.82
CA ILE A 27 8.84 -2.09 -16.85
C ILE A 27 9.74 -1.24 -15.98
N GLN A 28 9.23 -0.09 -15.60
CA GLN A 28 9.94 0.83 -14.74
C GLN A 28 9.72 0.42 -13.29
N THR A 29 10.69 0.74 -12.45
CA THR A 29 10.60 0.42 -11.03
C THR A 29 9.36 1.05 -10.42
N GLY A 30 9.05 2.27 -10.88
CA GLY A 30 7.90 2.99 -10.36
C GLY A 30 6.57 2.40 -10.75
N GLU A 31 6.54 1.57 -11.79
CA GLU A 31 5.28 0.99 -12.24
C GLU A 31 4.84 -0.11 -11.27
N VAL A 32 5.83 -0.82 -10.75
CA VAL A 32 5.58 -1.91 -9.81
C VAL A 32 5.15 -1.35 -8.47
N SER A 33 5.80 -0.28 -8.04
CA SER A 33 5.47 0.38 -6.80
C SER A 33 4.02 0.86 -6.82
N ALA A 34 3.57 1.32 -7.98
CA ALA A 34 2.21 1.78 -8.14
C ALA A 34 1.23 0.62 -8.12
N SER A 35 1.66 -0.53 -8.61
CA SER A 35 0.81 -1.71 -8.66
C SER A 35 0.54 -2.20 -7.25
N PHE A 36 1.55 -2.11 -6.39
CA PHE A 36 1.41 -2.48 -5.00
C PHE A 36 0.46 -1.51 -4.30
N MET A 37 0.55 -0.25 -4.68
CA MET A 37 -0.31 0.80 -4.14
C MET A 37 -1.77 0.60 -4.57
N TRP A 38 -1.97 0.34 -5.85
CA TRP A 38 -3.32 0.08 -6.37
C TRP A 38 -3.91 -1.16 -5.73
N ALA A 39 -3.09 -2.19 -5.55
CA ALA A 39 -3.52 -3.43 -4.92
C ALA A 39 -3.96 -3.19 -3.47
N LEU A 40 -3.24 -2.30 -2.78
CA LEU A 40 -3.59 -1.96 -1.40
C LEU A 40 -4.93 -1.27 -1.36
N ALA A 41 -5.19 -0.44 -2.35
CA ALA A 41 -6.45 0.30 -2.44
C ALA A 41 -7.63 -0.64 -2.59
N ARG A 42 -7.42 -1.75 -3.31
CA ARG A 42 -8.48 -2.72 -3.54
C ARG A 42 -8.71 -3.54 -2.28
N TYR A 43 -7.63 -3.84 -1.59
CA TYR A 43 -7.68 -4.69 -0.41
C TYR A 43 -8.21 -3.91 0.80
N ASN A 44 -7.75 -2.67 0.94
CA ASN A 44 -8.09 -1.84 2.09
C ASN A 44 -9.58 -1.51 2.12
N ALA A 45 -10.15 -1.34 0.92
CA ALA A 45 -11.57 -0.98 0.78
C ALA A 45 -12.51 -2.04 1.36
N TRP A 46 -11.97 -3.21 1.70
CA TRP A 46 -12.76 -4.29 2.28
C TRP A 46 -13.33 -3.87 3.64
N PHE A 47 -12.65 -2.95 4.32
CA PHE A 47 -13.06 -2.52 5.65
C PHE A 47 -14.38 -1.78 5.62
N GLY A 48 -14.83 -1.41 4.43
CA GLY A 48 -16.15 -0.81 4.31
C GLY A 48 -17.23 -1.75 4.80
N SER A 49 -16.96 -3.05 4.70
CA SER A 49 -17.90 -4.09 5.12
C SER A 49 -18.18 -4.03 6.62
N THR A 50 -17.33 -3.32 7.36
CA THR A 50 -17.52 -3.19 8.80
C THR A 50 -17.70 -1.72 9.18
N SER A 51 -18.11 -0.89 8.22
CA SER A 51 -18.35 0.51 8.47
C SER A 51 -19.75 0.74 9.03
N PHE A 52 -20.76 0.37 8.24
CA PHE A 52 -22.14 0.59 8.64
C PHE A 52 -23.05 -0.52 8.13
N GLU A 53 -24.35 -0.36 8.36
CA GLU A 53 -25.34 -1.38 8.04
C GLU A 53 -26.08 -1.04 6.75
N THR A 54 -26.28 0.24 6.51
CA THR A 54 -26.99 0.70 5.33
C THR A 54 -26.06 1.45 4.39
N LYS A 55 -26.38 1.42 3.11
CA LYS A 55 -25.55 2.05 2.11
C LYS A 55 -25.54 3.57 2.27
N GLU A 56 -26.66 4.11 2.71
CA GLU A 56 -26.80 5.56 2.90
C GLU A 56 -25.89 6.04 4.02
N GLN A 57 -25.73 5.23 5.06
CA GLN A 57 -24.85 5.58 6.16
C GLN A 57 -23.41 5.18 5.84
N MET A 58 -23.25 4.02 5.23
CA MET A 58 -21.92 3.49 4.90
C MET A 58 -21.20 4.39 3.88
N GLN A 59 -21.93 4.80 2.84
CA GLN A 59 -21.36 5.63 1.78
C GLN A 59 -20.93 6.98 2.32
N ALA A 60 -21.66 7.48 3.30
CA ALA A 60 -21.35 8.78 3.90
C ALA A 60 -20.07 8.70 4.72
N LYS A 61 -19.67 7.48 5.07
CA LYS A 61 -18.50 7.28 5.92
C LYS A 61 -17.32 6.89 5.07
N LYS A 62 -17.54 6.77 3.76
CA LYS A 62 -16.51 6.35 2.85
C LYS A 62 -15.27 7.21 2.98
N GLN A 63 -15.43 8.51 2.92
CA GLN A 63 -14.28 9.41 3.01
C GLN A 63 -13.88 9.60 4.47
N GLU A 64 -14.73 9.14 5.38
CA GLU A 64 -14.40 9.21 6.79
C GLU A 64 -13.54 8.00 7.18
N MET A 65 -13.69 6.89 6.46
CA MET A 65 -12.84 5.74 6.69
C MET A 65 -11.60 5.88 5.80
N MET A 66 -11.80 6.49 4.64
CA MET A 66 -10.72 6.73 3.70
C MET A 66 -9.99 8.02 4.01
N ASP A 67 -10.21 8.56 5.19
CA ASP A 67 -9.51 9.76 5.60
C ASP A 67 -8.18 9.40 6.25
N TYR A 68 -8.18 8.35 7.04
CA TYR A 68 -7.00 7.99 7.81
C TYR A 68 -6.24 6.83 7.20
N TYR A 69 -6.84 6.17 6.19
CA TYR A 69 -6.18 5.03 5.54
C TYR A 69 -4.83 5.43 4.99
N MET A 70 -4.79 6.53 4.26
CA MET A 70 -3.56 7.08 3.73
C MET A 70 -2.53 7.28 4.86
N ASP A 71 -3.02 7.89 5.94
CA ASP A 71 -2.17 8.25 7.08
C ASP A 71 -1.98 7.04 8.02
N ARG A 72 -1.90 5.85 7.44
CA ARG A 72 -1.70 4.64 8.23
C ARG A 72 -0.29 4.10 8.04
N TYR A 73 0.26 4.28 6.86
CA TYR A 73 1.60 3.81 6.60
C TYR A 73 2.57 4.98 6.53
N LYS A 74 2.04 6.17 6.78
CA LYS A 74 2.84 7.38 6.72
C LYS A 74 3.94 7.36 7.77
N GLU A 75 3.54 7.15 9.02
CA GLU A 75 4.47 7.11 10.12
C GLU A 75 5.48 5.97 9.98
N MET A 76 5.08 4.94 9.25
CA MET A 76 5.94 3.78 9.04
C MET A 76 6.79 3.97 7.79
N LEU A 77 6.33 4.82 6.89
CA LEU A 77 7.07 5.14 5.67
C LEU A 77 8.24 6.04 6.04
N ASP A 78 8.00 6.94 6.98
CA ASP A 78 9.02 7.86 7.46
C ASP A 78 10.18 7.09 8.08
N ALA A 79 9.86 5.95 8.67
CA ALA A 79 10.86 5.11 9.31
C ALA A 79 11.73 4.37 8.30
N ASN A 80 11.30 4.34 7.05
CA ASN A 80 12.07 3.69 5.98
C ASN A 80 12.90 4.70 5.22
N MET A 81 12.66 5.97 5.48
CA MET A 81 13.46 7.04 4.91
C MET A 81 14.80 7.13 5.62
N GLU A 82 15.55 8.20 5.34
CA GLU A 82 16.85 8.47 5.93
C GLU A 82 17.93 7.44 5.58
N ASP A 83 17.53 6.31 4.99
CA ASP A 83 18.47 5.24 4.64
C ASP A 83 19.63 5.76 3.80
N TYR A 84 19.34 6.28 2.62
CA TYR A 84 20.37 6.81 1.75
C TYR A 84 20.75 8.23 2.14
N ILE A 85 20.19 8.71 3.25
CA ILE A 85 20.38 10.09 3.67
C ILE A 85 21.48 10.19 4.73
N GLU A 86 21.30 9.51 5.86
CA GLU A 86 22.31 9.56 6.92
C GLU A 86 23.55 8.77 6.52
N ASN A 87 23.41 7.90 5.54
CA ASN A 87 24.53 7.10 5.06
C ASN A 87 25.14 7.73 3.83
N PHE A 88 24.61 8.88 3.41
CA PHE A 88 25.12 9.60 2.26
C PHE A 88 26.56 10.04 2.53
N ASP A 89 26.81 10.45 3.77
CA ASP A 89 28.15 10.78 4.23
C ASP A 89 29.12 9.63 3.97
N HIS A 90 28.60 8.41 4.11
CA HIS A 90 29.39 7.20 3.91
C HIS A 90 29.58 6.93 2.42
N TYR A 91 28.48 6.89 1.68
CA TYR A 91 28.51 6.63 0.24
C TYR A 91 29.38 7.66 -0.49
N ARG A 92 29.16 8.93 -0.16
CA ARG A 92 29.87 10.03 -0.81
C ARG A 92 31.35 10.01 -0.44
N ALA A 93 31.69 9.25 0.59
CA ALA A 93 33.07 9.14 1.04
C ALA A 93 33.75 7.96 0.36
N THR A 94 32.99 6.91 0.11
CA THR A 94 33.54 5.69 -0.48
C THR A 94 33.73 5.83 -1.99
N GLN A 95 33.07 6.80 -2.59
CA GLN A 95 33.20 7.03 -4.02
C GLN A 95 34.19 8.14 -4.32
N LYS A 96 35.13 7.85 -5.20
CA LYS A 96 36.19 8.79 -5.54
C LYS A 96 36.30 8.98 -7.05
N SER B 1 -7.90 -6.08 -24.95
CA SER B 1 -7.50 -5.41 -23.72
C SER B 1 -8.13 -6.10 -22.51
N ASN B 2 -7.30 -6.78 -21.73
CA ASN B 2 -7.76 -7.48 -20.54
C ASN B 2 -7.74 -6.55 -19.33
N ASN B 3 -7.12 -5.40 -19.51
CA ASN B 3 -7.02 -4.39 -18.48
C ASN B 3 -7.84 -3.16 -18.84
N GLU B 4 -8.17 -2.36 -17.84
CA GLU B 4 -8.95 -1.15 -18.06
C GLU B 4 -8.11 0.09 -17.73
N ASN B 5 -7.18 0.39 -18.62
CA ASN B 5 -6.37 1.61 -18.56
C ASN B 5 -5.43 1.54 -17.37
N ALA B 6 -5.20 0.33 -16.90
CA ALA B 6 -4.50 0.12 -15.66
C ALA B 6 -3.77 -1.21 -15.66
N PHE B 7 -2.89 -1.38 -14.70
CA PHE B 7 -2.10 -2.59 -14.58
C PHE B 7 -2.80 -3.62 -13.69
N TYR B 8 -4.10 -3.81 -13.93
CA TYR B 8 -4.91 -4.74 -13.13
C TYR B 8 -4.23 -6.10 -13.01
N ALA B 9 -3.79 -6.65 -14.14
CA ALA B 9 -3.17 -7.97 -14.17
C ALA B 9 -1.94 -8.03 -13.26
N ARG B 10 -1.22 -6.93 -13.16
CA ARG B 10 -0.01 -6.88 -12.35
C ARG B 10 -0.38 -6.96 -10.87
N ALA B 11 -1.18 -6.00 -10.41
CA ALA B 11 -1.57 -5.89 -9.00
C ALA B 11 -2.34 -7.11 -8.54
N THR B 12 -2.85 -7.87 -9.50
CA THR B 12 -3.57 -9.08 -9.22
C THR B 12 -2.70 -10.08 -8.47
N GLU B 13 -1.41 -10.10 -8.77
CA GLU B 13 -0.49 -11.06 -8.18
C GLU B 13 -0.07 -10.58 -6.79
N LEU B 14 -0.12 -9.27 -6.59
CA LEU B 14 0.28 -8.67 -5.32
C LEU B 14 -0.69 -9.09 -4.22
N ILE B 15 -1.98 -9.11 -4.53
CA ILE B 15 -3.01 -9.48 -3.58
C ILE B 15 -3.02 -10.99 -3.32
N LYS B 16 -2.41 -11.76 -4.22
CA LYS B 16 -2.38 -13.21 -4.09
C LYS B 16 -1.66 -13.63 -2.82
N LEU B 17 -0.55 -12.96 -2.51
CA LEU B 17 0.23 -13.27 -1.33
C LEU B 17 -0.59 -12.95 -0.08
N ALA B 18 -1.40 -11.91 -0.17
CA ALA B 18 -2.21 -11.48 0.96
C ALA B 18 -3.23 -12.55 1.31
N ASN B 19 -3.80 -13.18 0.28
CA ASN B 19 -4.76 -14.25 0.48
C ASN B 19 -4.13 -15.41 1.25
N GLN B 20 -2.86 -15.65 1.00
CA GLN B 20 -2.13 -16.73 1.65
C GLN B 20 -1.86 -16.43 3.13
N GLN B 21 -1.74 -15.16 3.46
CA GLN B 21 -1.54 -14.77 4.86
C GLN B 21 -2.88 -14.68 5.57
N ASN B 22 -3.93 -14.49 4.78
CA ASN B 22 -5.28 -14.42 5.31
C ASN B 22 -5.78 -15.81 5.68
N GLN B 23 -5.00 -16.83 5.31
CA GLN B 23 -5.32 -18.21 5.65
C GLN B 23 -4.84 -18.54 7.05
N ASN B 24 -4.26 -17.56 7.73
CA ASN B 24 -3.73 -17.75 9.07
C ASN B 24 -4.80 -17.48 10.12
N THR B 25 -5.23 -18.53 10.79
CA THR B 25 -6.35 -18.45 11.72
C THR B 25 -6.06 -17.56 12.93
N GLU B 26 -4.82 -17.59 13.43
CA GLU B 26 -4.48 -16.81 14.63
C GLU B 26 -4.26 -15.34 14.30
N ILE B 27 -4.19 -15.00 13.02
CA ILE B 27 -4.02 -13.61 12.63
C ILE B 27 -5.35 -13.02 12.21
N GLN B 28 -5.53 -11.75 12.52
CA GLN B 28 -6.77 -11.06 12.19
C GLN B 28 -6.79 -10.69 10.72
N THR B 29 -7.98 -10.63 10.14
CA THR B 29 -8.12 -10.28 8.74
C THR B 29 -7.51 -8.90 8.46
N GLY B 30 -7.65 -8.01 9.43
CA GLY B 30 -7.12 -6.66 9.30
C GLY B 30 -5.61 -6.60 9.37
N GLU B 31 -4.97 -7.66 9.87
CA GLU B 31 -3.52 -7.66 10.01
C GLU B 31 -2.87 -7.90 8.66
N VAL B 32 -3.56 -8.66 7.81
CA VAL B 32 -3.08 -8.96 6.47
C VAL B 32 -3.20 -7.71 5.60
N SER B 33 -4.21 -6.90 5.89
CA SER B 33 -4.37 -5.63 5.23
C SER B 33 -3.27 -4.66 5.66
N ALA B 34 -2.81 -4.85 6.88
CA ALA B 34 -1.79 -3.98 7.47
C ALA B 34 -0.39 -4.35 6.97
N SER B 35 -0.16 -5.64 6.73
CA SER B 35 1.13 -6.08 6.23
C SER B 35 1.36 -5.56 4.82
N PHE B 36 0.28 -5.50 4.04
CA PHE B 36 0.33 -4.92 2.70
C PHE B 36 0.61 -3.42 2.82
N MET B 37 0.01 -2.81 3.83
CA MET B 37 0.18 -1.39 4.12
C MET B 37 1.64 -1.08 4.42
N TRP B 38 2.20 -1.80 5.39
CA TRP B 38 3.59 -1.61 5.81
C TRP B 38 4.56 -1.97 4.68
N ALA B 39 4.23 -2.99 3.90
CA ALA B 39 5.07 -3.40 2.79
C ALA B 39 5.19 -2.27 1.77
N LEU B 40 4.08 -1.61 1.46
CA LEU B 40 4.09 -0.48 0.56
C LEU B 40 4.92 0.65 1.13
N ALA B 41 4.84 0.85 2.44
CA ALA B 41 5.57 1.92 3.10
C ALA B 41 7.07 1.79 2.87
N ARG B 42 7.57 0.57 2.91
CA ARG B 42 8.99 0.33 2.68
C ARG B 42 9.33 0.48 1.21
N TYR B 43 8.47 -0.08 0.36
CA TYR B 43 8.70 -0.10 -1.08
C TYR B 43 8.56 1.31 -1.67
N ASN B 44 7.73 2.12 -1.05
CA ASN B 44 7.44 3.47 -1.55
C ASN B 44 8.54 4.44 -1.18
N ALA B 45 9.07 4.29 0.04
CA ALA B 45 10.14 5.16 0.55
C ALA B 45 11.39 5.11 -0.32
N TRP B 46 11.49 4.06 -1.13
CA TRP B 46 12.60 3.88 -2.05
C TRP B 46 12.76 5.09 -2.98
N PHE B 47 11.65 5.72 -3.33
CA PHE B 47 11.64 6.84 -4.26
C PHE B 47 12.32 8.07 -3.66
N GLY B 48 12.52 8.07 -2.36
CA GLY B 48 13.20 9.18 -1.72
C GLY B 48 14.57 9.45 -2.32
N SER B 49 15.21 8.38 -2.80
CA SER B 49 16.55 8.48 -3.35
C SER B 49 16.54 9.14 -4.73
N THR B 50 15.37 9.25 -5.33
CA THR B 50 15.26 9.80 -6.68
C THR B 50 14.87 11.26 -6.64
N SER B 51 14.58 11.76 -5.45
CA SER B 51 14.10 13.12 -5.29
C SER B 51 15.25 14.13 -5.37
N PHE B 52 16.36 13.82 -4.73
CA PHE B 52 17.49 14.75 -4.70
C PHE B 52 18.83 14.04 -4.69
N GLU B 53 19.90 14.83 -4.73
CA GLU B 53 21.25 14.31 -4.89
C GLU B 53 21.99 14.27 -3.56
N THR B 54 21.91 15.36 -2.81
CA THR B 54 22.63 15.46 -1.54
C THR B 54 21.69 15.19 -0.39
N LYS B 55 22.22 14.68 0.71
CA LYS B 55 21.42 14.33 1.86
C LYS B 55 20.76 15.56 2.46
N GLU B 56 21.48 16.68 2.43
CA GLU B 56 21.00 17.91 3.03
C GLU B 56 19.78 18.44 2.28
N GLN B 57 19.69 18.14 1.00
CA GLN B 57 18.54 18.55 0.21
C GLN B 57 17.48 17.44 0.23
N MET B 58 17.93 16.21 0.04
CA MET B 58 17.04 15.04 -0.01
C MET B 58 16.26 14.87 1.30
N GLN B 59 16.95 15.06 2.43
CA GLN B 59 16.33 14.89 3.74
C GLN B 59 15.23 15.92 3.98
N ALA B 60 15.48 17.14 3.54
CA ALA B 60 14.51 18.22 3.71
C ALA B 60 13.30 18.02 2.81
N LYS B 61 13.35 16.99 1.98
CA LYS B 61 12.30 16.70 1.05
C LYS B 61 11.54 15.45 1.48
N LYS B 62 11.89 14.91 2.64
CA LYS B 62 11.26 13.69 3.09
C LYS B 62 9.75 13.89 3.24
N GLN B 63 9.36 14.95 3.92
CA GLN B 63 7.94 15.23 4.13
C GLN B 63 7.38 16.01 2.94
N GLU B 64 8.24 16.31 1.99
CA GLU B 64 7.84 16.92 0.75
C GLU B 64 7.26 15.86 -0.17
N MET B 65 7.93 14.70 -0.24
CA MET B 65 7.43 13.61 -1.05
C MET B 65 6.46 12.77 -0.25
N MET B 66 6.66 12.69 1.06
CA MET B 66 5.76 11.96 1.94
C MET B 66 4.50 12.76 2.21
N ASP B 67 4.35 13.88 1.51
CA ASP B 67 3.14 14.69 1.62
C ASP B 67 2.01 14.06 0.82
N TYR B 68 2.34 13.60 -0.37
CA TYR B 68 1.33 13.12 -1.30
C TYR B 68 1.36 11.60 -1.43
N TYR B 69 2.42 10.97 -0.93
CA TYR B 69 2.56 9.51 -1.03
C TYR B 69 1.31 8.81 -0.50
N MET B 70 0.90 9.19 0.70
CA MET B 70 -0.31 8.64 1.31
C MET B 70 -1.51 8.92 0.42
N ASP B 71 -1.62 10.17 0.00
CA ASP B 71 -2.78 10.62 -0.76
C ASP B 71 -2.58 10.37 -2.25
N ARG B 72 -2.04 9.21 -2.59
CA ARG B 72 -1.93 8.82 -3.98
C ARG B 72 -2.97 7.77 -4.32
N TYR B 73 -3.17 6.80 -3.43
CA TYR B 73 -4.08 5.70 -3.72
C TYR B 73 -5.47 6.01 -3.20
N LYS B 74 -5.70 7.24 -2.76
CA LYS B 74 -6.99 7.63 -2.23
C LYS B 74 -8.06 7.54 -3.32
N GLU B 75 -7.76 8.11 -4.48
CA GLU B 75 -8.70 8.09 -5.61
C GLU B 75 -8.86 6.67 -6.14
N MET B 76 -7.84 5.86 -5.93
CA MET B 76 -7.82 4.49 -6.41
C MET B 76 -8.56 3.59 -5.42
N LEU B 77 -8.54 4.00 -4.16
CA LEU B 77 -9.22 3.27 -3.10
C LEU B 77 -10.73 3.47 -3.25
N ASP B 78 -11.13 4.70 -3.56
CA ASP B 78 -12.53 5.02 -3.82
C ASP B 78 -13.05 4.22 -5.00
N ALA B 79 -12.15 3.94 -5.94
CA ALA B 79 -12.48 3.21 -7.15
C ALA B 79 -12.75 1.73 -6.86
N ASN B 80 -12.49 1.29 -5.63
CA ASN B 80 -12.73 -0.10 -5.26
C ASN B 80 -13.83 -0.21 -4.24
N MET B 81 -14.28 0.93 -3.72
CA MET B 81 -15.43 0.96 -2.84
C MET B 81 -16.71 1.08 -3.65
N GLU B 82 -17.79 1.48 -2.98
CA GLU B 82 -19.13 1.59 -3.57
C GLU B 82 -19.70 0.24 -4.01
N ASP B 83 -18.81 -0.74 -4.25
CA ASP B 83 -19.20 -2.09 -4.68
C ASP B 83 -20.32 -2.65 -3.80
N TYR B 84 -20.05 -2.84 -2.52
CA TYR B 84 -21.05 -3.34 -1.58
C TYR B 84 -22.14 -2.30 -1.36
N ILE B 85 -21.76 -1.03 -1.44
CA ILE B 85 -22.66 0.08 -1.13
C ILE B 85 -23.81 0.15 -2.13
N GLU B 86 -23.48 0.27 -3.41
CA GLU B 86 -24.50 0.40 -4.45
C GLU B 86 -25.34 -0.86 -4.55
N ASN B 87 -24.79 -1.97 -4.07
CA ASN B 87 -25.48 -3.25 -4.17
C ASN B 87 -26.14 -3.65 -2.85
N PHE B 88 -26.18 -2.76 -1.87
CA PHE B 88 -26.84 -3.07 -0.61
C PHE B 88 -28.31 -3.45 -0.85
N ASP B 89 -29.02 -2.58 -1.56
CA ASP B 89 -30.41 -2.83 -1.89
C ASP B 89 -30.54 -3.97 -2.89
N HIS B 90 -29.44 -4.28 -3.55
CA HIS B 90 -29.37 -5.42 -4.44
C HIS B 90 -29.34 -6.73 -3.62
N TYR B 91 -28.37 -6.83 -2.73
CA TYR B 91 -28.23 -8.02 -1.88
C TYR B 91 -29.43 -8.16 -0.95
N ARG B 92 -29.86 -7.05 -0.37
CA ARG B 92 -30.99 -7.06 0.56
C ARG B 92 -32.32 -7.24 -0.19
N ALA B 93 -32.24 -7.35 -1.51
CA ALA B 93 -33.42 -7.65 -2.31
C ALA B 93 -33.49 -9.15 -2.60
N THR B 94 -32.34 -9.81 -2.54
CA THR B 94 -32.28 -11.25 -2.73
C THR B 94 -32.43 -11.97 -1.38
N GLN B 95 -32.32 -11.19 -0.32
CA GLN B 95 -32.52 -11.70 1.02
C GLN B 95 -33.61 -10.86 1.68
N LYS B 96 -33.99 -11.22 2.89
CA LYS B 96 -35.05 -10.50 3.58
C LYS B 96 -34.64 -10.23 5.02
N SER A 1 12.95 -15.43 16.36
CA SER A 1 13.97 -14.66 15.63
C SER A 1 13.60 -14.56 14.15
N ASN A 2 12.54 -13.84 13.85
CA ASN A 2 12.13 -13.56 12.49
C ASN A 2 11.47 -12.19 12.45
N ASN A 3 10.47 -12.01 13.31
CA ASN A 3 9.84 -10.72 13.47
C ASN A 3 9.93 -10.28 14.93
N GLU A 4 10.56 -9.15 15.14
CA GLU A 4 10.76 -8.61 16.49
C GLU A 4 9.42 -8.27 17.14
N ASN A 5 8.65 -7.41 16.48
CA ASN A 5 7.30 -7.08 16.94
C ASN A 5 6.34 -7.05 15.76
N ALA A 6 6.66 -6.22 14.78
CA ALA A 6 5.84 -6.07 13.60
C ALA A 6 5.85 -7.32 12.74
N PHE A 7 4.93 -7.38 11.80
CA PHE A 7 4.77 -8.52 10.91
C PHE A 7 5.80 -8.51 9.77
N TYR A 8 7.07 -8.34 10.12
CA TYR A 8 8.15 -8.29 9.13
C TYR A 8 8.11 -9.51 8.22
N ALA A 9 7.88 -10.68 8.81
CA ALA A 9 7.85 -11.95 8.09
C ALA A 9 6.66 -12.04 7.14
N ARG A 10 5.74 -11.10 7.25
CA ARG A 10 4.58 -11.07 6.38
C ARG A 10 4.81 -10.09 5.24
N ALA A 11 4.99 -8.82 5.59
CA ALA A 11 5.19 -7.74 4.62
C ALA A 11 6.35 -8.01 3.66
N THR A 12 7.31 -8.84 4.09
CA THR A 12 8.45 -9.18 3.25
C THR A 12 8.01 -9.97 2.01
N GLU A 13 6.88 -10.67 2.13
CA GLU A 13 6.38 -11.50 1.05
C GLU A 13 5.66 -10.63 0.02
N LEU A 14 5.06 -9.56 0.52
CA LEU A 14 4.31 -8.64 -0.31
C LEU A 14 5.25 -7.89 -1.27
N ILE A 15 6.35 -7.37 -0.72
CA ILE A 15 7.34 -6.67 -1.52
C ILE A 15 8.03 -7.63 -2.49
N LYS A 16 8.10 -8.88 -2.10
CA LYS A 16 8.79 -9.89 -2.87
C LYS A 16 8.04 -10.18 -4.16
N LEU A 17 6.73 -9.94 -4.17
CA LEU A 17 5.93 -10.10 -5.38
C LEU A 17 6.21 -8.92 -6.31
N ALA A 18 6.21 -7.71 -5.75
CA ALA A 18 6.54 -6.51 -6.50
C ALA A 18 7.96 -6.63 -7.05
N ASN A 19 8.82 -7.22 -6.23
CA ASN A 19 10.21 -7.48 -6.59
C ASN A 19 10.28 -8.32 -7.87
N GLN A 20 9.27 -9.15 -8.06
CA GLN A 20 9.23 -10.07 -9.19
C GLN A 20 8.82 -9.35 -10.47
N GLN A 21 7.93 -8.38 -10.34
CA GLN A 21 7.42 -7.65 -11.50
C GLN A 21 8.42 -6.61 -11.98
N ASN A 22 9.31 -6.18 -11.09
CA ASN A 22 10.31 -5.18 -11.44
C ASN A 22 11.55 -5.85 -12.03
N GLN A 23 11.46 -7.16 -12.27
CA GLN A 23 12.55 -7.90 -12.88
C GLN A 23 12.59 -7.69 -14.40
N ASN A 24 11.76 -6.77 -14.89
CA ASN A 24 11.73 -6.47 -16.31
C ASN A 24 12.49 -5.18 -16.56
N THR A 25 13.62 -5.32 -17.23
CA THR A 25 14.53 -4.21 -17.48
C THR A 25 13.85 -3.03 -18.19
N GLU A 26 12.88 -3.31 -19.05
CA GLU A 26 12.27 -2.27 -19.87
C GLU A 26 10.98 -1.72 -19.26
N ILE A 27 10.74 -2.02 -18.00
CA ILE A 27 9.62 -1.41 -17.29
C ILE A 27 10.14 -0.47 -16.22
N GLN A 28 9.36 0.56 -15.94
CA GLN A 28 9.74 1.53 -14.94
C GLN A 28 9.61 0.94 -13.55
N THR A 29 10.51 1.31 -12.66
CA THR A 29 10.43 0.88 -11.28
C THR A 29 9.16 1.45 -10.64
N GLY A 30 8.70 2.56 -11.20
CA GLY A 30 7.51 3.22 -10.71
C GLY A 30 6.22 2.55 -11.19
N GLU A 31 6.34 1.59 -12.10
CA GLU A 31 5.16 0.87 -12.58
C GLU A 31 4.75 -0.18 -11.55
N VAL A 32 5.73 -0.62 -10.77
CA VAL A 32 5.52 -1.68 -9.80
C VAL A 32 5.18 -1.09 -8.43
N SER A 33 5.72 0.08 -8.14
CA SER A 33 5.37 0.78 -6.90
C SER A 33 3.92 1.21 -6.94
N ALA A 34 3.47 1.62 -8.12
CA ALA A 34 2.11 2.07 -8.30
C ALA A 34 1.12 0.90 -8.26
N SER A 35 1.54 -0.26 -8.75
CA SER A 35 0.66 -1.42 -8.77
C SER A 35 0.42 -1.93 -7.35
N PHE A 36 1.42 -1.77 -6.50
CA PHE A 36 1.29 -2.10 -5.10
C PHE A 36 0.33 -1.11 -4.43
N MET A 37 0.47 0.15 -4.80
CA MET A 37 -0.40 1.21 -4.28
C MET A 37 -1.85 0.99 -4.72
N TRP A 38 -2.03 0.72 -6.00
CA TRP A 38 -3.36 0.45 -6.55
C TRP A 38 -3.98 -0.79 -5.89
N ALA A 39 -3.15 -1.78 -5.62
CA ALA A 39 -3.62 -3.00 -4.98
C ALA A 39 -4.03 -2.75 -3.54
N LEU A 40 -3.34 -1.83 -2.88
CA LEU A 40 -3.64 -1.50 -1.49
C LEU A 40 -4.98 -0.78 -1.41
N ALA A 41 -5.26 0.05 -2.41
CA ALA A 41 -6.52 0.76 -2.47
C ALA A 41 -7.70 -0.21 -2.59
N ARG A 42 -7.53 -1.23 -3.42
CA ARG A 42 -8.57 -2.22 -3.64
C ARG A 42 -8.72 -3.12 -2.42
N TYR A 43 -7.70 -3.17 -1.58
CA TYR A 43 -7.70 -4.03 -0.42
C TYR A 43 -8.31 -3.30 0.79
N ASN A 44 -7.94 -2.04 0.95
CA ASN A 44 -8.43 -1.24 2.06
C ASN A 44 -9.92 -0.91 1.92
N ALA A 45 -10.41 -0.94 0.68
CA ALA A 45 -11.81 -0.66 0.41
C ALA A 45 -12.73 -1.76 0.94
N TRP A 46 -12.13 -2.89 1.30
CA TRP A 46 -12.86 -4.02 1.84
C TRP A 46 -13.44 -3.69 3.22
N PHE A 47 -12.72 -2.86 3.96
CA PHE A 47 -13.06 -2.58 5.35
C PHE A 47 -14.22 -1.59 5.47
N GLY A 48 -14.76 -1.17 4.34
CA GLY A 48 -15.90 -0.27 4.35
C GLY A 48 -17.09 -0.86 5.09
N SER A 49 -17.24 -2.18 4.98
CA SER A 49 -18.37 -2.86 5.59
C SER A 49 -18.22 -2.98 7.10
N THR A 50 -17.01 -2.74 7.59
CA THR A 50 -16.76 -2.85 9.03
C THR A 50 -17.04 -1.53 9.73
N SER A 51 -17.37 -0.51 8.95
CA SER A 51 -17.60 0.81 9.51
C SER A 51 -19.02 0.95 10.01
N PHE A 52 -19.97 0.35 9.30
CA PHE A 52 -21.37 0.43 9.67
C PHE A 52 -22.14 -0.81 9.21
N GLU A 53 -23.42 -0.85 9.54
CA GLU A 53 -24.27 -1.99 9.23
C GLU A 53 -25.11 -1.72 7.97
N THR A 54 -25.77 -0.57 7.95
CA THR A 54 -26.63 -0.21 6.84
C THR A 54 -25.86 0.60 5.82
N LYS A 55 -26.25 0.50 4.57
CA LYS A 55 -25.53 1.20 3.51
C LYS A 55 -25.73 2.70 3.65
N GLU A 56 -26.86 3.09 4.23
CA GLU A 56 -27.17 4.49 4.49
C GLU A 56 -26.07 5.13 5.33
N GLN A 57 -25.79 4.51 6.47
CA GLN A 57 -24.80 5.04 7.39
C GLN A 57 -23.39 4.74 6.90
N MET A 58 -23.25 3.58 6.26
CA MET A 58 -21.97 3.10 5.75
C MET A 58 -21.44 4.04 4.65
N GLN A 59 -22.34 4.42 3.75
CA GLN A 59 -21.98 5.24 2.60
C GLN A 59 -21.59 6.65 3.03
N ALA A 60 -22.15 7.11 4.13
CA ALA A 60 -21.89 8.46 4.62
C ALA A 60 -20.51 8.58 5.26
N LYS A 61 -19.82 7.46 5.41
CA LYS A 61 -18.51 7.44 6.07
C LYS A 61 -17.43 7.10 5.05
N LYS A 62 -17.82 7.09 3.78
CA LYS A 62 -16.93 6.73 2.69
C LYS A 62 -15.63 7.53 2.75
N GLN A 63 -15.72 8.82 3.07
CA GLN A 63 -14.56 9.68 3.07
C GLN A 63 -13.86 9.63 4.42
N GLU A 64 -14.64 9.41 5.48
CA GLU A 64 -14.11 9.33 6.80
C GLU A 64 -13.14 8.16 6.96
N MET A 65 -13.45 7.05 6.30
CA MET A 65 -12.58 5.89 6.35
C MET A 65 -11.47 6.06 5.33
N MET A 66 -11.80 6.74 4.25
CA MET A 66 -10.88 6.93 3.14
C MET A 66 -9.98 8.14 3.34
N ASP A 67 -9.61 8.44 4.57
CA ASP A 67 -8.67 9.52 4.81
C ASP A 67 -7.54 9.03 5.71
N TYR A 68 -7.89 8.33 6.78
CA TYR A 68 -6.90 7.76 7.67
C TYR A 68 -6.24 6.56 6.98
N TYR A 69 -6.86 6.03 5.93
CA TYR A 69 -6.26 4.97 5.13
C TYR A 69 -4.93 5.44 4.58
N MET A 70 -4.95 6.61 3.96
CA MET A 70 -3.73 7.26 3.47
C MET A 70 -2.76 7.43 4.63
N ASP A 71 -3.29 7.94 5.73
CA ASP A 71 -2.53 8.25 6.92
C ASP A 71 -2.25 6.99 7.76
N ARG A 72 -2.12 5.85 7.10
CA ARG A 72 -1.92 4.59 7.81
C ARG A 72 -0.47 4.14 7.75
N TYR A 73 0.22 4.49 6.67
CA TYR A 73 1.60 4.05 6.51
C TYR A 73 2.56 5.23 6.52
N LYS A 74 2.09 6.39 6.95
CA LYS A 74 2.94 7.56 7.00
C LYS A 74 4.08 7.33 7.97
N GLU A 75 3.74 6.90 9.18
CA GLU A 75 4.73 6.62 10.21
C GLU A 75 5.60 5.43 9.83
N MET A 76 5.03 4.50 9.08
CA MET A 76 5.76 3.33 8.63
C MET A 76 6.79 3.73 7.60
N LEU A 77 6.38 4.64 6.72
CA LEU A 77 7.22 5.14 5.65
C LEU A 77 8.33 5.98 6.25
N ASP A 78 8.01 6.64 7.36
CA ASP A 78 8.97 7.46 8.10
C ASP A 78 10.12 6.62 8.61
N ALA A 79 9.83 5.38 8.97
CA ALA A 79 10.84 4.48 9.50
C ALA A 79 11.71 3.91 8.39
N ASN A 80 11.37 4.24 7.15
CA ASN A 80 12.11 3.74 5.99
C ASN A 80 13.01 4.84 5.46
N MET A 81 12.55 6.08 5.61
CA MET A 81 13.35 7.25 5.25
C MET A 81 14.53 7.40 6.20
N GLU A 82 15.37 8.40 5.92
CA GLU A 82 16.58 8.69 6.67
C GLU A 82 17.63 7.58 6.57
N ASP A 83 17.19 6.34 6.41
CA ASP A 83 18.10 5.22 6.25
C ASP A 83 19.01 5.42 5.04
N TYR A 84 18.42 5.48 3.86
CA TYR A 84 19.18 5.70 2.63
C TYR A 84 19.74 7.13 2.60
N ILE A 85 19.22 7.98 3.47
CA ILE A 85 19.66 9.37 3.52
C ILE A 85 20.96 9.50 4.32
N GLU A 86 20.94 9.07 5.57
CA GLU A 86 22.13 9.13 6.42
C GLU A 86 23.29 8.37 5.80
N ASN A 87 22.95 7.28 5.11
CA ASN A 87 23.97 6.44 4.49
C ASN A 87 24.31 6.91 3.09
N PHE A 88 23.67 7.97 2.62
CA PHE A 88 23.94 8.47 1.28
C PHE A 88 25.39 8.89 1.18
N ASP A 89 25.86 9.58 2.21
CA ASP A 89 27.26 10.01 2.28
C ASP A 89 28.18 8.78 2.27
N HIS A 90 27.68 7.70 2.86
CA HIS A 90 28.40 6.43 2.90
C HIS A 90 28.46 5.82 1.50
N TYR A 91 27.29 5.70 0.86
CA TYR A 91 27.19 5.17 -0.49
C TYR A 91 27.99 6.03 -1.47
N ARG A 92 27.81 7.34 -1.37
CA ARG A 92 28.46 8.29 -2.25
C ARG A 92 29.96 8.36 -1.96
N ALA A 93 30.38 7.75 -0.86
CA ALA A 93 31.79 7.70 -0.52
C ALA A 93 32.42 6.43 -1.08
N THR A 94 31.65 5.35 -1.09
CA THR A 94 32.14 4.08 -1.60
C THR A 94 32.27 4.09 -3.13
N GLN A 95 31.47 4.94 -3.78
CA GLN A 95 31.55 5.08 -5.22
C GLN A 95 32.50 6.20 -5.59
N LYS A 96 33.10 6.10 -6.76
CA LYS A 96 34.09 7.08 -7.20
C LYS A 96 33.60 7.86 -8.41
N SER B 1 -5.38 -11.14 -23.59
CA SER B 1 -5.98 -10.29 -22.57
C SER B 1 -4.90 -9.47 -21.86
N ASN B 2 -4.88 -8.18 -22.16
CA ASN B 2 -3.91 -7.28 -21.56
C ASN B 2 -4.63 -6.13 -20.89
N ASN B 3 -3.96 -5.48 -19.94
CA ASN B 3 -4.58 -4.41 -19.16
C ASN B 3 -4.80 -3.17 -20.01
N GLU B 4 -5.84 -2.42 -19.67
CA GLU B 4 -6.23 -1.26 -20.45
C GLU B 4 -5.38 -0.04 -20.08
N ASN B 5 -5.84 0.74 -19.11
CA ASN B 5 -5.15 1.96 -18.71
C ASN B 5 -4.38 1.71 -17.43
N ALA B 6 -4.98 0.92 -16.56
CA ALA B 6 -4.33 0.54 -15.33
C ALA B 6 -3.69 -0.83 -15.46
N PHE B 7 -2.63 -1.01 -14.71
CA PHE B 7 -1.85 -2.25 -14.67
C PHE B 7 -2.57 -3.35 -13.87
N TYR B 8 -3.80 -3.65 -14.25
CA TYR B 8 -4.61 -4.66 -13.56
C TYR B 8 -3.85 -5.98 -13.46
N ALA B 9 -3.21 -6.36 -14.57
CA ALA B 9 -2.52 -7.66 -14.66
C ALA B 9 -1.30 -7.73 -13.74
N ARG B 10 -0.91 -6.58 -13.19
CA ARG B 10 0.19 -6.54 -12.25
C ARG B 10 -0.32 -6.58 -10.83
N ALA B 11 -1.13 -5.59 -10.47
CA ALA B 11 -1.66 -5.45 -9.11
C ALA B 11 -2.45 -6.68 -8.66
N THR B 12 -2.92 -7.48 -9.62
CA THR B 12 -3.67 -8.69 -9.30
C THR B 12 -2.79 -9.72 -8.60
N GLU B 13 -1.48 -9.64 -8.83
CA GLU B 13 -0.55 -10.61 -8.26
C GLU B 13 -0.12 -10.15 -6.87
N LEU B 14 -0.21 -8.85 -6.64
CA LEU B 14 0.18 -8.25 -5.37
C LEU B 14 -0.77 -8.67 -4.27
N ILE B 15 -2.07 -8.52 -4.53
CA ILE B 15 -3.09 -8.93 -3.57
C ILE B 15 -3.11 -10.46 -3.43
N LYS B 16 -2.67 -11.14 -4.47
CA LYS B 16 -2.65 -12.59 -4.47
C LYS B 16 -1.79 -13.12 -3.32
N LEU B 17 -0.71 -12.41 -3.00
CA LEU B 17 0.14 -12.79 -1.88
C LEU B 17 -0.64 -12.61 -0.58
N ALA B 18 -1.36 -11.50 -0.49
CA ALA B 18 -2.18 -11.20 0.68
C ALA B 18 -3.25 -12.27 0.87
N ASN B 19 -3.62 -12.93 -0.23
CA ASN B 19 -4.59 -14.01 -0.19
C ASN B 19 -4.06 -15.16 0.68
N GLN B 20 -2.75 -15.37 0.63
CA GLN B 20 -2.11 -16.42 1.40
C GLN B 20 -2.03 -16.07 2.88
N GLN B 21 -2.03 -14.78 3.17
CA GLN B 21 -1.94 -14.31 4.54
C GLN B 21 -3.33 -14.25 5.17
N ASN B 22 -4.34 -14.05 4.33
CA ASN B 22 -5.73 -13.98 4.79
C ASN B 22 -6.30 -15.38 4.98
N GLN B 23 -5.50 -16.40 4.69
CA GLN B 23 -5.91 -17.78 4.91
C GLN B 23 -5.98 -18.08 6.40
N ASN B 24 -5.35 -17.24 7.20
CA ASN B 24 -5.39 -17.36 8.65
C ASN B 24 -6.69 -16.78 9.17
N THR B 25 -7.43 -17.59 9.91
CA THR B 25 -8.69 -17.16 10.47
C THR B 25 -8.50 -16.77 11.94
N GLU B 26 -7.39 -17.22 12.53
CA GLU B 26 -7.06 -16.86 13.91
C GLU B 26 -6.42 -15.48 13.97
N ILE B 27 -6.17 -14.89 12.81
CA ILE B 27 -5.64 -13.54 12.77
C ILE B 27 -6.69 -12.61 12.18
N GLN B 28 -6.61 -11.35 12.54
CA GLN B 28 -7.56 -10.35 12.05
C GLN B 28 -7.27 -10.05 10.58
N THR B 29 -8.33 -9.85 9.81
CA THR B 29 -8.19 -9.50 8.40
C THR B 29 -7.47 -8.15 8.27
N GLY B 30 -7.56 -7.35 9.33
CA GLY B 30 -6.90 -6.06 9.36
C GLY B 30 -5.40 -6.16 9.28
N GLU B 31 -4.83 -7.23 9.85
CA GLU B 31 -3.39 -7.41 9.90
C GLU B 31 -2.83 -7.57 8.49
N VAL B 32 -3.62 -8.19 7.62
CA VAL B 32 -3.19 -8.44 6.25
C VAL B 32 -3.20 -7.15 5.42
N SER B 33 -4.11 -6.24 5.77
CA SER B 33 -4.15 -4.95 5.11
C SER B 33 -2.98 -4.09 5.60
N ALA B 34 -2.51 -4.40 6.79
CA ALA B 34 -1.43 -3.64 7.40
C ALA B 34 -0.08 -4.08 6.86
N SER B 35 0.05 -5.36 6.54
CA SER B 35 1.29 -5.88 5.97
C SER B 35 1.48 -5.32 4.57
N PHE B 36 0.38 -5.16 3.83
CA PHE B 36 0.41 -4.52 2.53
C PHE B 36 0.72 -3.05 2.69
N MET B 37 0.21 -2.46 3.76
CA MET B 37 0.42 -1.06 4.08
C MET B 37 1.91 -0.79 4.33
N TRP B 38 2.46 -1.53 5.29
CA TRP B 38 3.86 -1.41 5.68
C TRP B 38 4.79 -1.73 4.50
N ALA B 39 4.38 -2.68 3.67
CA ALA B 39 5.18 -3.07 2.52
C ALA B 39 5.28 -1.93 1.50
N LEU B 40 4.16 -1.25 1.25
CA LEU B 40 4.15 -0.14 0.30
C LEU B 40 5.04 1.00 0.81
N ALA B 41 5.06 1.17 2.12
CA ALA B 41 5.88 2.20 2.74
C ALA B 41 7.35 2.02 2.40
N ARG B 42 7.85 0.80 2.57
CA ARG B 42 9.27 0.52 2.35
C ARG B 42 9.61 0.59 0.87
N TYR B 43 8.62 0.30 0.03
CA TYR B 43 8.82 0.29 -1.41
C TYR B 43 8.77 1.71 -1.96
N ASN B 44 7.92 2.54 -1.37
CA ASN B 44 7.71 3.91 -1.84
C ASN B 44 8.88 4.80 -1.43
N ALA B 45 9.42 4.55 -0.24
CA ALA B 45 10.54 5.34 0.28
C ALA B 45 11.76 5.25 -0.63
N TRP B 46 11.83 4.20 -1.43
CA TRP B 46 12.93 3.99 -2.38
C TRP B 46 13.10 5.19 -3.32
N PHE B 47 11.99 5.84 -3.65
CA PHE B 47 12.01 6.94 -4.61
C PHE B 47 12.59 8.21 -4.00
N GLY B 48 12.84 8.19 -2.70
CA GLY B 48 13.47 9.33 -2.07
C GLY B 48 14.87 9.56 -2.57
N SER B 49 15.56 8.46 -2.88
CA SER B 49 16.95 8.51 -3.32
C SER B 49 17.08 9.08 -4.73
N THR B 50 15.95 9.25 -5.41
CA THR B 50 15.95 9.82 -6.74
C THR B 50 15.13 11.11 -6.78
N SER B 51 14.86 11.67 -5.60
CA SER B 51 14.12 12.92 -5.52
C SER B 51 15.08 14.10 -5.56
N PHE B 52 16.31 13.87 -5.09
CA PHE B 52 17.37 14.86 -5.16
C PHE B 52 18.69 14.15 -5.37
N GLU B 53 19.75 14.91 -5.65
CA GLU B 53 21.03 14.30 -5.97
C GLU B 53 21.87 14.09 -4.71
N THR B 54 21.79 15.02 -3.77
CA THR B 54 22.56 14.95 -2.53
C THR B 54 21.64 14.70 -1.36
N LYS B 55 22.19 14.20 -0.26
CA LYS B 55 21.40 13.94 0.94
C LYS B 55 21.08 15.26 1.62
N GLU B 56 21.94 16.24 1.42
CA GLU B 56 21.74 17.59 1.92
C GLU B 56 20.38 18.13 1.49
N GLN B 57 20.04 17.89 0.23
CA GLN B 57 18.78 18.35 -0.31
C GLN B 57 17.70 17.28 -0.15
N MET B 58 18.10 16.02 -0.31
CA MET B 58 17.19 14.87 -0.20
C MET B 58 16.55 14.79 1.19
N GLN B 59 17.34 15.06 2.21
CA GLN B 59 16.90 14.90 3.59
C GLN B 59 15.93 16.00 3.99
N ALA B 60 16.08 17.17 3.42
CA ALA B 60 15.38 18.35 3.92
C ALA B 60 13.94 18.35 3.45
N LYS B 61 13.65 17.50 2.49
CA LYS B 61 12.36 17.48 1.88
C LYS B 61 11.75 16.09 1.91
N LYS B 62 12.16 15.27 2.87
CA LYS B 62 11.58 13.94 3.06
C LYS B 62 10.09 14.06 3.30
N GLN B 63 9.68 15.11 4.00
CA GLN B 63 8.29 15.29 4.38
C GLN B 63 7.44 15.68 3.17
N GLU B 64 8.06 16.30 2.16
CA GLU B 64 7.34 16.67 0.94
C GLU B 64 6.73 15.43 0.30
N MET B 65 7.57 14.43 0.04
CA MET B 65 7.11 13.22 -0.60
C MET B 65 6.27 12.41 0.37
N MET B 66 6.65 12.45 1.63
CA MET B 66 5.93 11.72 2.66
C MET B 66 4.67 12.45 3.11
N ASP B 67 4.20 13.36 2.28
CA ASP B 67 2.96 14.06 2.57
C ASP B 67 1.92 13.68 1.51
N TYR B 68 2.35 13.68 0.25
CA TYR B 68 1.44 13.38 -0.84
C TYR B 68 1.44 11.88 -1.17
N TYR B 69 2.48 11.15 -0.75
CA TYR B 69 2.55 9.70 -0.99
C TYR B 69 1.28 9.02 -0.49
N MET B 70 0.89 9.34 0.72
CA MET B 70 -0.32 8.81 1.33
C MET B 70 -1.53 9.03 0.44
N ASP B 71 -1.67 10.26 -0.03
CA ASP B 71 -2.89 10.71 -0.68
C ASP B 71 -2.83 10.49 -2.20
N ARG B 72 -2.06 9.51 -2.64
CA ARG B 72 -1.93 9.26 -4.07
C ARG B 72 -2.89 8.17 -4.54
N TYR B 73 -3.25 7.25 -3.63
CA TYR B 73 -4.14 6.16 -4.01
C TYR B 73 -5.55 6.43 -3.50
N LYS B 74 -5.78 7.66 -3.04
CA LYS B 74 -7.08 8.02 -2.52
C LYS B 74 -8.13 7.96 -3.63
N GLU B 75 -7.80 8.48 -4.80
CA GLU B 75 -8.70 8.41 -5.94
C GLU B 75 -8.94 6.98 -6.39
N MET B 76 -7.89 6.16 -6.35
CA MET B 76 -7.99 4.75 -6.70
C MET B 76 -8.96 4.06 -5.74
N LEU B 77 -8.76 4.35 -4.45
CA LEU B 77 -9.55 3.76 -3.39
C LEU B 77 -10.99 4.27 -3.48
N ASP B 78 -11.13 5.52 -3.92
CA ASP B 78 -12.43 6.17 -4.06
C ASP B 78 -13.26 5.47 -5.12
N ALA B 79 -12.57 4.86 -6.08
CA ALA B 79 -13.21 4.15 -7.16
C ALA B 79 -13.42 2.68 -6.80
N ASN B 80 -12.96 2.28 -5.62
CA ASN B 80 -13.10 0.91 -5.17
C ASN B 80 -14.17 0.80 -4.12
N MET B 81 -14.46 1.91 -3.45
CA MET B 81 -15.49 1.93 -2.42
C MET B 81 -16.87 1.79 -3.03
N GLU B 82 -17.86 1.80 -2.14
CA GLU B 82 -19.27 1.75 -2.50
C GLU B 82 -19.68 0.41 -3.09
N ASP B 83 -18.72 -0.43 -3.46
CA ASP B 83 -19.03 -1.76 -3.99
C ASP B 83 -19.90 -2.54 -3.02
N TYR B 84 -19.39 -2.73 -1.80
CA TYR B 84 -20.14 -3.44 -0.77
C TYR B 84 -21.28 -2.57 -0.23
N ILE B 85 -21.22 -1.28 -0.53
CA ILE B 85 -22.23 -0.34 -0.05
C ILE B 85 -23.50 -0.46 -0.91
N GLU B 86 -23.34 -0.25 -2.21
CA GLU B 86 -24.47 -0.29 -3.13
C GLU B 86 -25.05 -1.70 -3.23
N ASN B 87 -24.22 -2.69 -2.95
CA ASN B 87 -24.65 -4.07 -3.02
C ASN B 87 -25.10 -4.60 -1.67
N PHE B 88 -25.35 -3.69 -0.72
CA PHE B 88 -25.92 -4.10 0.55
C PHE B 88 -27.25 -4.80 0.32
N ASP B 89 -28.10 -4.16 -0.47
CA ASP B 89 -29.38 -4.75 -0.89
C ASP B 89 -29.17 -6.08 -1.61
N HIS B 90 -28.03 -6.22 -2.26
CA HIS B 90 -27.69 -7.42 -3.01
C HIS B 90 -27.34 -8.56 -2.06
N TYR B 91 -26.36 -8.31 -1.19
CA TYR B 91 -25.88 -9.33 -0.27
C TYR B 91 -26.91 -9.66 0.80
N ARG B 92 -27.60 -8.62 1.27
CA ARG B 92 -28.62 -8.79 2.30
C ARG B 92 -29.79 -9.61 1.74
N ALA B 93 -29.89 -9.66 0.42
CA ALA B 93 -30.95 -10.40 -0.23
C ALA B 93 -30.58 -11.87 -0.39
N THR B 94 -29.28 -12.14 -0.48
CA THR B 94 -28.80 -13.50 -0.65
C THR B 94 -28.71 -14.22 0.71
N GLN B 95 -28.91 -13.47 1.78
CA GLN B 95 -28.84 -14.03 3.12
C GLN B 95 -30.19 -13.91 3.80
N LYS B 96 -30.39 -14.71 4.83
CA LYS B 96 -31.65 -14.72 5.56
C LYS B 96 -31.37 -14.46 7.03
N SER A 1 14.74 -17.01 11.17
CA SER A 1 14.33 -15.76 11.83
C SER A 1 13.06 -15.22 11.20
N ASN A 2 12.12 -14.78 12.02
CA ASN A 2 10.84 -14.27 11.53
C ASN A 2 10.83 -12.75 11.51
N ASN A 3 10.48 -12.14 12.63
CA ASN A 3 10.37 -10.68 12.70
C ASN A 3 11.18 -10.13 13.85
N GLU A 4 11.30 -8.81 13.88
CA GLU A 4 11.82 -8.11 15.04
C GLU A 4 10.64 -7.61 15.87
N ASN A 5 10.07 -6.48 15.45
CA ASN A 5 8.82 -6.02 16.02
C ASN A 5 7.74 -6.08 14.94
N ALA A 6 8.09 -5.56 13.77
CA ALA A 6 7.17 -5.54 12.64
C ALA A 6 7.17 -6.87 11.90
N PHE A 7 6.09 -7.09 11.16
CA PHE A 7 5.89 -8.28 10.35
C PHE A 7 6.74 -8.26 9.06
N TYR A 8 8.04 -8.11 9.21
CA TYR A 8 8.95 -8.06 8.06
C TYR A 8 8.82 -9.29 7.19
N ALA A 9 8.75 -10.46 7.83
CA ALA A 9 8.68 -11.74 7.11
C ALA A 9 7.42 -11.83 6.25
N ARG A 10 6.44 -11.00 6.56
CA ARG A 10 5.21 -10.97 5.78
C ARG A 10 5.36 -10.00 4.61
N ALA A 11 5.51 -8.71 4.94
CA ALA A 11 5.58 -7.65 3.95
C ALA A 11 6.72 -7.84 2.95
N THR A 12 7.73 -8.62 3.34
CA THR A 12 8.87 -8.87 2.47
C THR A 12 8.43 -9.54 1.17
N GLU A 13 7.35 -10.28 1.24
CA GLU A 13 6.88 -11.07 0.13
C GLU A 13 5.89 -10.28 -0.71
N LEU A 14 5.23 -9.33 -0.06
CA LEU A 14 4.35 -8.40 -0.74
C LEU A 14 5.18 -7.54 -1.69
N ILE A 15 6.31 -7.05 -1.19
CA ILE A 15 7.25 -6.29 -2.01
C ILE A 15 7.91 -7.19 -3.04
N LYS A 16 8.15 -8.44 -2.65
CA LYS A 16 8.84 -9.38 -3.51
C LYS A 16 8.04 -9.68 -4.77
N LEU A 17 6.71 -9.62 -4.68
CA LEU A 17 5.86 -9.81 -5.85
C LEU A 17 6.11 -8.67 -6.83
N ALA A 18 6.22 -7.47 -6.29
CA ALA A 18 6.44 -6.27 -7.09
C ALA A 18 7.76 -6.36 -7.85
N ASN A 19 8.72 -7.06 -7.26
CA ASN A 19 10.03 -7.26 -7.88
C ASN A 19 9.90 -8.04 -9.18
N GLN A 20 8.85 -8.84 -9.29
CA GLN A 20 8.61 -9.64 -10.48
C GLN A 20 7.86 -8.84 -11.53
N GLN A 21 7.39 -7.67 -11.16
CA GLN A 21 6.69 -6.80 -12.10
C GLN A 21 7.59 -5.66 -12.53
N ASN A 22 8.50 -5.25 -11.66
CA ASN A 22 9.43 -4.17 -11.98
C ASN A 22 10.62 -4.70 -12.78
N GLN A 23 10.75 -6.02 -12.82
CA GLN A 23 11.79 -6.65 -13.63
C GLN A 23 11.43 -6.57 -15.11
N ASN A 24 10.28 -5.98 -15.40
CA ASN A 24 9.85 -5.73 -16.76
C ASN A 24 10.50 -4.47 -17.26
N THR A 25 11.46 -4.63 -18.16
CA THR A 25 12.30 -3.54 -18.61
C THR A 25 11.53 -2.42 -19.30
N GLU A 26 10.38 -2.74 -19.88
CA GLU A 26 9.58 -1.73 -20.56
C GLU A 26 8.61 -1.02 -19.61
N ILE A 27 8.64 -1.38 -18.34
CA ILE A 27 7.82 -0.72 -17.34
C ILE A 27 8.71 0.04 -16.37
N GLN A 28 8.21 1.15 -15.86
CA GLN A 28 8.95 1.94 -14.91
C GLN A 28 8.66 1.45 -13.50
N THR A 29 9.56 1.74 -12.57
CA THR A 29 9.40 1.32 -11.20
C THR A 29 8.21 2.03 -10.57
N GLY A 30 7.91 3.22 -11.10
CA GLY A 30 6.78 3.99 -10.61
C GLY A 30 5.45 3.29 -10.87
N GLU A 31 5.39 2.51 -11.94
CA GLU A 31 4.14 1.84 -12.30
C GLU A 31 3.83 0.75 -11.28
N VAL A 32 4.89 0.18 -10.72
CA VAL A 32 4.77 -0.90 -9.77
C VAL A 32 4.47 -0.36 -8.36
N SER A 33 5.00 0.81 -8.06
CA SER A 33 4.72 1.44 -6.78
C SER A 33 3.26 1.83 -6.71
N ALA A 34 2.67 2.11 -7.87
CA ALA A 34 1.30 2.52 -7.95
C ALA A 34 0.35 1.33 -7.91
N SER A 35 0.78 0.20 -8.46
CA SER A 35 -0.06 -0.98 -8.51
C SER A 35 -0.21 -1.56 -7.10
N PHE A 36 0.87 -1.49 -6.33
CA PHE A 36 0.84 -1.92 -4.94
C PHE A 36 -0.10 -1.02 -4.14
N MET A 37 -0.12 0.25 -4.50
CA MET A 37 -0.96 1.23 -3.84
C MET A 37 -2.43 1.05 -4.21
N TRP A 38 -2.71 0.91 -5.51
CA TRP A 38 -4.06 0.65 -5.98
C TRP A 38 -4.59 -0.65 -5.39
N ALA A 39 -3.72 -1.64 -5.25
CA ALA A 39 -4.09 -2.91 -4.65
C ALA A 39 -4.46 -2.73 -3.18
N LEU A 40 -3.73 -1.85 -2.49
CA LEU A 40 -4.01 -1.57 -1.08
C LEU A 40 -5.36 -0.89 -0.96
N ALA A 41 -5.67 0.00 -1.89
CA ALA A 41 -6.93 0.72 -1.88
C ALA A 41 -8.12 -0.25 -1.99
N ARG A 42 -7.88 -1.39 -2.63
CA ARG A 42 -8.92 -2.41 -2.75
C ARG A 42 -8.94 -3.32 -1.53
N TYR A 43 -7.76 -3.75 -1.11
CA TYR A 43 -7.62 -4.70 -0.02
C TYR A 43 -7.98 -4.06 1.33
N ASN A 44 -7.62 -2.80 1.48
CA ASN A 44 -7.80 -2.09 2.75
C ASN A 44 -9.26 -1.68 2.94
N ALA A 45 -10.02 -1.67 1.85
CA ALA A 45 -11.44 -1.33 1.91
C ALA A 45 -12.27 -2.51 2.40
N TRP A 46 -11.61 -3.64 2.58
CA TRP A 46 -12.22 -4.84 3.14
C TRP A 46 -12.81 -4.53 4.51
N PHE A 47 -12.09 -3.73 5.29
CA PHE A 47 -12.49 -3.42 6.64
C PHE A 47 -13.64 -2.42 6.66
N GLY A 48 -13.95 -1.86 5.50
CA GLY A 48 -15.13 -1.02 5.39
C GLY A 48 -16.38 -1.85 5.57
N SER A 49 -16.36 -3.07 5.02
CA SER A 49 -17.50 -3.97 5.06
C SER A 49 -17.72 -4.52 6.47
N THR A 50 -16.81 -4.23 7.38
CA THR A 50 -16.95 -4.69 8.75
C THR A 50 -17.05 -3.49 9.70
N SER A 51 -17.23 -2.30 9.12
CA SER A 51 -17.33 -1.09 9.90
C SER A 51 -18.76 -0.91 10.42
N PHE A 52 -19.74 -1.15 9.55
CA PHE A 52 -21.13 -1.05 9.93
C PHE A 52 -21.98 -2.08 9.19
N GLU A 53 -23.26 -2.11 9.53
CA GLU A 53 -24.17 -3.13 9.02
C GLU A 53 -24.97 -2.62 7.83
N THR A 54 -25.46 -1.38 7.91
CA THR A 54 -26.24 -0.79 6.84
C THR A 54 -25.40 0.17 6.04
N LYS A 55 -25.75 0.34 4.77
CA LYS A 55 -25.02 1.29 3.92
C LYS A 55 -25.24 2.71 4.42
N GLU A 56 -26.42 2.94 4.98
CA GLU A 56 -26.79 4.22 5.55
C GLU A 56 -25.74 4.70 6.54
N GLN A 57 -25.41 3.82 7.48
CA GLN A 57 -24.48 4.16 8.55
C GLN A 57 -23.03 3.90 8.11
N MET A 58 -22.83 2.88 7.28
CA MET A 58 -21.51 2.53 6.79
C MET A 58 -20.92 3.66 5.93
N GLN A 59 -21.77 4.23 5.08
CA GLN A 59 -21.35 5.31 4.20
C GLN A 59 -20.99 6.55 5.01
N ALA A 60 -21.60 6.69 6.18
CA ALA A 60 -21.34 7.83 7.05
C ALA A 60 -20.01 7.66 7.78
N LYS A 61 -19.42 6.48 7.65
CA LYS A 61 -18.18 6.18 8.36
C LYS A 61 -17.03 5.97 7.40
N LYS A 62 -17.33 5.95 6.11
CA LYS A 62 -16.32 5.60 5.12
C LYS A 62 -15.20 6.63 5.10
N GLN A 63 -15.56 7.92 5.11
CA GLN A 63 -14.56 8.96 5.11
C GLN A 63 -13.92 9.07 6.49
N GLU A 64 -14.56 8.50 7.49
CA GLU A 64 -14.00 8.45 8.83
C GLU A 64 -12.94 7.35 8.94
N MET A 65 -13.20 6.20 8.30
CA MET A 65 -12.26 5.10 8.37
C MET A 65 -11.13 5.35 7.38
N MET A 66 -11.47 6.09 6.33
CA MET A 66 -10.51 6.45 5.30
C MET A 66 -9.82 7.77 5.61
N ASP A 67 -10.02 8.27 6.82
CA ASP A 67 -9.38 9.52 7.21
C ASP A 67 -7.96 9.25 7.64
N TYR A 68 -7.76 8.11 8.31
CA TYR A 68 -6.47 7.78 8.87
C TYR A 68 -5.80 6.67 8.08
N TYR A 69 -6.53 6.04 7.15
CA TYR A 69 -5.96 4.95 6.35
C TYR A 69 -4.71 5.40 5.63
N MET A 70 -4.80 6.51 4.92
CA MET A 70 -3.65 7.11 4.25
C MET A 70 -2.54 7.39 5.26
N ASP A 71 -2.96 7.87 6.41
CA ASP A 71 -2.05 8.40 7.42
C ASP A 71 -1.40 7.31 8.27
N ARG A 72 -1.66 6.05 7.95
CA ARG A 72 -1.19 4.96 8.81
C ARG A 72 0.26 4.63 8.50
N TYR A 73 0.61 4.60 7.23
CA TYR A 73 1.95 4.20 6.83
C TYR A 73 2.82 5.43 6.69
N LYS A 74 2.28 6.56 7.12
CA LYS A 74 3.00 7.82 7.03
C LYS A 74 4.25 7.75 7.90
N GLU A 75 4.08 7.35 9.15
CA GLU A 75 5.19 7.25 10.09
C GLU A 75 6.15 6.12 9.69
N MET A 76 5.59 5.09 9.06
CA MET A 76 6.39 3.98 8.56
C MET A 76 7.27 4.43 7.40
N LEU A 77 6.70 5.30 6.58
CA LEU A 77 7.36 5.78 5.38
C LEU A 77 8.48 6.75 5.74
N ASP A 78 8.19 7.67 6.66
CA ASP A 78 9.16 8.67 7.09
C ASP A 78 10.42 8.00 7.63
N ALA A 79 10.21 6.93 8.38
CA ALA A 79 11.29 6.17 8.99
C ALA A 79 12.16 5.47 7.95
N ASN A 80 11.61 5.28 6.75
CA ASN A 80 12.36 4.61 5.68
C ASN A 80 13.08 5.64 4.82
N MET A 81 12.48 6.83 4.72
CA MET A 81 13.06 7.90 3.92
C MET A 81 14.41 8.33 4.46
N GLU A 82 14.43 8.80 5.69
CA GLU A 82 15.62 9.40 6.27
C GLU A 82 16.72 8.37 6.55
N ASP A 83 16.37 7.09 6.50
CA ASP A 83 17.37 6.04 6.69
C ASP A 83 18.44 6.12 5.60
N TYR A 84 18.00 6.15 4.35
CA TYR A 84 18.92 6.34 3.23
C TYR A 84 19.57 7.72 3.31
N ILE A 85 18.77 8.69 3.76
CA ILE A 85 19.20 10.08 3.81
C ILE A 85 20.37 10.28 4.79
N GLU A 86 20.18 9.90 6.04
CA GLU A 86 21.19 10.14 7.07
C GLU A 86 22.48 9.39 6.73
N ASN A 87 22.35 8.24 6.09
CA ASN A 87 23.50 7.42 5.74
C ASN A 87 24.03 7.72 4.35
N PHE A 88 23.45 8.74 3.69
CA PHE A 88 23.84 9.09 2.33
C PHE A 88 25.33 9.39 2.24
N ASP A 89 25.82 10.24 3.12
CA ASP A 89 27.24 10.61 3.14
C ASP A 89 28.10 9.37 3.32
N HIS A 90 27.57 8.40 4.05
CA HIS A 90 28.28 7.16 4.31
C HIS A 90 28.37 6.32 3.04
N TYR A 91 27.23 6.01 2.44
CA TYR A 91 27.19 5.22 1.22
C TYR A 91 27.90 5.91 0.08
N ARG A 92 27.67 7.21 -0.05
CA ARG A 92 28.24 8.00 -1.13
C ARG A 92 29.76 8.10 -0.95
N ALA A 93 30.24 7.86 0.26
CA ALA A 93 31.67 7.91 0.54
C ALA A 93 32.34 6.60 0.14
N THR A 94 31.62 5.50 0.30
CA THR A 94 32.14 4.19 -0.10
C THR A 94 32.09 4.04 -1.62
N GLN A 95 31.27 4.87 -2.26
CA GLN A 95 31.24 4.92 -3.71
C GLN A 95 32.42 5.71 -4.23
N LYS A 96 33.16 5.12 -5.14
CA LYS A 96 34.39 5.72 -5.63
C LYS A 96 34.21 6.24 -7.05
N SER B 1 -7.67 -7.66 -22.61
CA SER B 1 -6.64 -8.69 -22.67
C SER B 1 -5.53 -8.40 -21.65
N ASN B 2 -5.41 -7.14 -21.25
CA ASN B 2 -4.42 -6.77 -20.25
C ASN B 2 -5.03 -5.82 -19.23
N ASN B 3 -5.14 -4.55 -19.60
CA ASN B 3 -5.69 -3.53 -18.71
C ASN B 3 -6.69 -2.66 -19.47
N GLU B 4 -7.27 -1.71 -18.77
CA GLU B 4 -8.20 -0.77 -19.38
C GLU B 4 -7.85 0.66 -18.96
N ASN B 5 -8.23 1.03 -17.74
CA ASN B 5 -7.94 2.36 -17.24
C ASN B 5 -6.71 2.32 -16.35
N ALA B 6 -6.42 1.13 -15.84
CA ALA B 6 -5.35 0.96 -14.87
C ALA B 6 -4.69 -0.40 -14.98
N PHE B 7 -3.56 -0.52 -14.29
CA PHE B 7 -2.77 -1.74 -14.22
C PHE B 7 -3.46 -2.84 -13.39
N TYR B 8 -4.69 -3.17 -13.74
CA TYR B 8 -5.47 -4.17 -13.02
C TYR B 8 -4.73 -5.50 -12.97
N ALA B 9 -4.22 -5.94 -14.12
CA ALA B 9 -3.56 -7.23 -14.23
C ALA B 9 -2.27 -7.28 -13.42
N ARG B 10 -1.76 -6.11 -13.03
CA ARG B 10 -0.57 -6.04 -12.22
C ARG B 10 -0.94 -6.11 -10.74
N ALA B 11 -1.70 -5.11 -10.28
CA ALA B 11 -2.08 -4.98 -8.87
C ALA B 11 -2.76 -6.24 -8.32
N THR B 12 -3.45 -6.98 -9.20
CA THR B 12 -4.18 -8.16 -8.78
C THR B 12 -3.23 -9.24 -8.25
N GLU B 13 -1.97 -9.22 -8.70
CA GLU B 13 -1.00 -10.23 -8.28
C GLU B 13 -0.42 -9.84 -6.93
N LEU B 14 -0.47 -8.56 -6.64
CA LEU B 14 0.00 -8.03 -5.37
C LEU B 14 -0.95 -8.49 -4.26
N ILE B 15 -2.24 -8.42 -4.55
CA ILE B 15 -3.27 -8.88 -3.62
C ILE B 15 -3.21 -10.40 -3.48
N LYS B 16 -2.76 -11.07 -4.53
CA LYS B 16 -2.64 -12.52 -4.51
C LYS B 16 -1.75 -12.99 -3.37
N LEU B 17 -0.59 -12.36 -3.22
CA LEU B 17 0.36 -12.73 -2.17
C LEU B 17 -0.30 -12.51 -0.81
N ALA B 18 -1.17 -11.52 -0.73
CA ALA B 18 -1.82 -11.17 0.52
C ALA B 18 -2.78 -12.27 0.96
N ASN B 19 -3.40 -12.92 -0.01
CA ASN B 19 -4.33 -14.02 0.28
C ASN B 19 -3.59 -15.21 0.89
N GLN B 20 -2.34 -15.37 0.50
CA GLN B 20 -1.52 -16.49 0.97
C GLN B 20 -0.96 -16.20 2.37
N GLN B 21 -1.22 -15.00 2.87
CA GLN B 21 -0.88 -14.68 4.25
C GLN B 21 -2.17 -14.52 5.05
N ASN B 22 -3.27 -14.35 4.32
CA ASN B 22 -4.59 -14.26 4.91
C ASN B 22 -5.12 -15.65 5.25
N GLN B 23 -4.56 -16.64 4.59
CA GLN B 23 -4.92 -18.03 4.79
C GLN B 23 -4.37 -18.58 6.11
N ASN B 24 -3.90 -17.69 6.96
CA ASN B 24 -3.36 -18.09 8.26
C ASN B 24 -4.41 -17.89 9.34
N THR B 25 -4.94 -18.99 9.85
CA THR B 25 -6.05 -18.96 10.79
C THR B 25 -5.69 -18.29 12.13
N GLU B 26 -4.42 -18.38 12.51
CA GLU B 26 -3.96 -17.78 13.77
C GLU B 26 -3.55 -16.32 13.59
N ILE B 27 -3.75 -15.78 12.40
CA ILE B 27 -3.52 -14.37 12.16
C ILE B 27 -4.82 -13.70 11.76
N GLN B 28 -4.88 -12.39 11.87
CA GLN B 28 -6.07 -11.66 11.47
C GLN B 28 -5.81 -10.94 10.16
N THR B 29 -6.87 -10.72 9.40
CA THR B 29 -6.77 -10.04 8.11
C THR B 29 -6.10 -8.67 8.28
N GLY B 30 -6.28 -8.09 9.47
CA GLY B 30 -5.71 -6.78 9.77
C GLY B 30 -4.19 -6.77 9.76
N GLU B 31 -3.58 -7.94 9.94
CA GLU B 31 -2.12 -8.02 9.93
C GLU B 31 -1.61 -8.13 8.50
N VAL B 32 -2.51 -8.48 7.59
CA VAL B 32 -2.18 -8.62 6.19
C VAL B 32 -2.38 -7.29 5.47
N SER B 33 -3.45 -6.60 5.83
CA SER B 33 -3.70 -5.26 5.29
C SER B 33 -2.61 -4.30 5.77
N ALA B 34 -2.15 -4.53 7.00
CA ALA B 34 -1.12 -3.70 7.59
C ALA B 34 0.23 -3.97 6.95
N SER B 35 0.49 -5.22 6.55
CA SER B 35 1.77 -5.56 5.95
C SER B 35 1.81 -5.06 4.52
N PHE B 36 0.66 -5.05 3.86
CA PHE B 36 0.53 -4.46 2.55
C PHE B 36 0.78 -2.96 2.65
N MET B 37 0.26 -2.37 3.72
CA MET B 37 0.45 -0.96 3.99
C MET B 37 1.93 -0.64 4.31
N TRP B 38 2.52 -1.44 5.20
CA TRP B 38 3.92 -1.28 5.56
C TRP B 38 4.83 -1.47 4.33
N ALA B 39 4.53 -2.48 3.53
CA ALA B 39 5.31 -2.77 2.34
C ALA B 39 5.24 -1.62 1.35
N LEU B 40 4.07 -0.98 1.27
CA LEU B 40 3.90 0.18 0.41
C LEU B 40 4.80 1.32 0.86
N ALA B 41 4.90 1.50 2.18
CA ALA B 41 5.78 2.53 2.74
C ALA B 41 7.23 2.22 2.39
N ARG B 42 7.60 0.97 2.55
CA ARG B 42 8.95 0.50 2.22
C ARG B 42 9.27 0.76 0.75
N TYR B 43 8.28 0.51 -0.11
CA TYR B 43 8.47 0.63 -1.55
C TYR B 43 8.49 2.10 -1.98
N ASN B 44 7.65 2.91 -1.35
CA ASN B 44 7.54 4.32 -1.71
C ASN B 44 8.78 5.11 -1.32
N ALA B 45 9.42 4.70 -0.23
CA ALA B 45 10.63 5.39 0.26
C ALA B 45 11.82 5.12 -0.65
N TRP B 46 11.71 4.09 -1.47
CA TRP B 46 12.72 3.75 -2.46
C TRP B 46 12.81 4.86 -3.51
N PHE B 47 11.72 5.62 -3.65
CA PHE B 47 11.66 6.71 -4.61
C PHE B 47 12.24 7.99 -4.03
N GLY B 48 12.74 7.92 -2.80
CA GLY B 48 13.39 9.07 -2.21
C GLY B 48 14.65 9.46 -2.96
N SER B 49 15.36 8.45 -3.45
CA SER B 49 16.60 8.65 -4.17
C SER B 49 16.40 9.46 -5.45
N THR B 50 15.19 9.42 -6.00
CA THR B 50 14.91 10.15 -7.23
C THR B 50 14.25 11.49 -6.94
N SER B 51 14.24 11.90 -5.67
CA SER B 51 13.69 13.18 -5.30
C SER B 51 14.77 14.26 -5.40
N PHE B 52 15.88 14.03 -4.71
CA PHE B 52 16.99 14.98 -4.74
C PHE B 52 18.33 14.27 -4.83
N GLU B 53 19.39 15.07 -4.91
CA GLU B 53 20.73 14.57 -5.13
C GLU B 53 21.49 14.37 -3.84
N THR B 54 21.44 15.37 -2.97
CA THR B 54 22.17 15.31 -1.71
C THR B 54 21.21 15.01 -0.57
N LYS B 55 21.75 14.56 0.56
CA LYS B 55 20.92 14.24 1.70
C LYS B 55 20.38 15.49 2.35
N GLU B 56 21.14 16.57 2.24
CA GLU B 56 20.76 17.85 2.84
C GLU B 56 19.44 18.34 2.26
N GLN B 57 19.30 18.19 0.96
CA GLN B 57 18.09 18.64 0.27
C GLN B 57 17.03 17.55 0.30
N MET B 58 17.43 16.31 0.12
CA MET B 58 16.51 15.17 0.07
C MET B 58 15.80 15.00 1.41
N GLN B 59 16.50 15.26 2.51
CA GLN B 59 15.93 15.14 3.85
C GLN B 59 14.77 16.11 4.04
N ALA B 60 14.94 17.31 3.54
CA ALA B 60 13.94 18.36 3.67
C ALA B 60 12.72 18.06 2.80
N LYS B 61 12.83 17.06 1.94
CA LYS B 61 11.79 16.77 0.97
C LYS B 61 11.03 15.51 1.32
N LYS B 62 11.43 14.83 2.37
CA LYS B 62 10.78 13.58 2.73
C LYS B 62 9.30 13.81 2.99
N GLN B 63 8.98 14.80 3.82
CA GLN B 63 7.60 15.13 4.13
C GLN B 63 6.90 15.69 2.89
N GLU B 64 7.69 16.22 1.97
CA GLU B 64 7.15 16.84 0.76
C GLU B 64 6.84 15.79 -0.31
N MET B 65 7.63 14.73 -0.37
CA MET B 65 7.41 13.67 -1.35
C MET B 65 6.38 12.71 -0.80
N MET B 66 6.31 12.66 0.52
CA MET B 66 5.33 11.83 1.20
C MET B 66 4.00 12.56 1.35
N ASP B 67 4.03 13.86 1.09
CA ASP B 67 2.86 14.72 1.28
C ASP B 67 1.64 14.17 0.55
N TYR B 68 1.88 13.70 -0.65
CA TYR B 68 0.80 13.23 -1.50
C TYR B 68 0.78 11.71 -1.56
N TYR B 69 1.80 11.08 -0.97
CA TYR B 69 1.89 9.62 -0.97
C TYR B 69 0.68 9.01 -0.30
N MET B 70 0.41 9.45 0.93
CA MET B 70 -0.80 9.04 1.64
C MET B 70 -2.02 9.25 0.77
N ASP B 71 -2.10 10.44 0.18
CA ASP B 71 -3.30 10.91 -0.52
C ASP B 71 -3.35 10.44 -1.98
N ARG B 72 -2.66 9.36 -2.30
CA ARG B 72 -2.63 8.89 -3.69
C ARG B 72 -3.68 7.82 -3.95
N TYR B 73 -4.03 7.05 -2.92
CA TYR B 73 -5.00 5.99 -3.09
C TYR B 73 -6.28 6.32 -2.33
N LYS B 74 -6.39 7.57 -1.90
CA LYS B 74 -7.51 8.00 -1.10
C LYS B 74 -8.82 7.92 -1.88
N GLU B 75 -8.83 8.50 -3.07
CA GLU B 75 -10.03 8.44 -3.92
C GLU B 75 -10.25 7.02 -4.44
N MET B 76 -9.14 6.30 -4.63
CA MET B 76 -9.20 4.91 -5.07
C MET B 76 -9.93 4.06 -4.04
N LEU B 77 -9.66 4.34 -2.77
CA LEU B 77 -10.21 3.57 -1.67
C LEU B 77 -11.73 3.78 -1.58
N ASP B 78 -12.17 5.02 -1.79
CA ASP B 78 -13.60 5.35 -1.74
C ASP B 78 -14.36 4.61 -2.83
N ALA B 79 -13.71 4.43 -3.98
CA ALA B 79 -14.32 3.72 -5.10
C ALA B 79 -14.51 2.25 -4.77
N ASN B 80 -13.72 1.74 -3.83
CA ASN B 80 -13.84 0.35 -3.43
C ASN B 80 -14.81 0.21 -2.27
N MET B 81 -14.90 1.26 -1.47
CA MET B 81 -15.89 1.32 -0.40
C MET B 81 -17.28 1.26 -0.99
N GLU B 82 -17.59 2.24 -1.84
CA GLU B 82 -18.91 2.36 -2.44
C GLU B 82 -19.30 1.11 -3.22
N ASP B 83 -18.30 0.34 -3.63
CA ASP B 83 -18.53 -0.89 -4.40
C ASP B 83 -19.61 -1.75 -3.75
N TYR B 84 -19.47 -1.99 -2.45
CA TYR B 84 -20.47 -2.75 -1.72
C TYR B 84 -21.41 -1.84 -0.93
N ILE B 85 -21.08 -0.56 -0.83
CA ILE B 85 -21.96 0.38 -0.12
C ILE B 85 -23.20 0.69 -0.96
N GLU B 86 -23.01 1.14 -2.19
CA GLU B 86 -24.13 1.45 -3.07
C GLU B 86 -24.89 0.18 -3.42
N ASN B 87 -24.17 -0.92 -3.57
CA ASN B 87 -24.78 -2.19 -3.94
C ASN B 87 -25.22 -2.98 -2.72
N PHE B 88 -25.14 -2.35 -1.53
CA PHE B 88 -25.57 -3.01 -0.31
C PHE B 88 -27.00 -3.48 -0.45
N ASP B 89 -27.89 -2.54 -0.76
CA ASP B 89 -29.31 -2.86 -0.91
C ASP B 89 -29.59 -3.58 -2.22
N HIS B 90 -28.52 -3.93 -2.93
CA HIS B 90 -28.66 -4.76 -4.11
C HIS B 90 -28.41 -6.22 -3.71
N TYR B 91 -27.25 -6.46 -3.10
CA TYR B 91 -26.90 -7.80 -2.62
C TYR B 91 -27.85 -8.21 -1.49
N ARG B 92 -28.13 -7.25 -0.61
CA ARG B 92 -28.98 -7.50 0.54
C ARG B 92 -30.44 -7.65 0.09
N ALA B 93 -30.71 -7.26 -1.14
CA ALA B 93 -32.05 -7.41 -1.71
C ALA B 93 -32.20 -8.75 -2.41
N THR B 94 -31.09 -9.31 -2.87
CA THR B 94 -31.10 -10.63 -3.50
C THR B 94 -31.05 -11.73 -2.46
N GLN B 95 -30.83 -11.33 -1.21
CA GLN B 95 -30.84 -12.28 -0.10
C GLN B 95 -32.17 -12.17 0.64
N LYS B 96 -32.51 -13.22 1.34
CA LYS B 96 -33.80 -13.30 2.01
C LYS B 96 -33.62 -13.86 3.41
N SER A 1 11.47 -16.82 15.92
CA SER A 1 10.89 -15.46 15.93
C SER A 1 11.34 -14.69 14.70
N ASN A 2 10.42 -14.49 13.77
CA ASN A 2 10.71 -13.80 12.53
C ASN A 2 10.33 -12.33 12.63
N ASN A 3 9.86 -11.93 13.80
CA ASN A 3 9.43 -10.57 14.02
C ASN A 3 9.65 -10.17 15.48
N GLU A 4 9.49 -8.88 15.76
CA GLU A 4 9.50 -8.39 17.13
C GLU A 4 8.08 -8.39 17.66
N ASN A 5 7.27 -7.46 17.16
CA ASN A 5 5.86 -7.39 17.53
C ASN A 5 5.01 -7.31 16.26
N ALA A 6 5.41 -6.43 15.34
CA ALA A 6 4.70 -6.25 14.09
C ALA A 6 4.84 -7.47 13.17
N PHE A 7 3.98 -7.53 12.16
CA PHE A 7 3.91 -8.67 11.26
C PHE A 7 5.00 -8.61 10.18
N TYR A 8 6.22 -8.27 10.58
CA TYR A 8 7.33 -8.04 9.64
C TYR A 8 7.39 -9.12 8.56
N ALA A 9 7.54 -10.36 8.99
CA ALA A 9 7.75 -11.50 8.10
C ALA A 9 6.62 -11.70 7.09
N ARG A 10 5.45 -11.15 7.38
CA ARG A 10 4.32 -11.26 6.47
C ARG A 10 4.48 -10.30 5.30
N ALA A 11 4.78 -9.04 5.59
CA ALA A 11 4.84 -8.00 4.57
C ALA A 11 6.05 -8.22 3.69
N THR A 12 6.97 -9.01 4.20
CA THR A 12 8.17 -9.39 3.50
C THR A 12 7.83 -10.06 2.18
N GLU A 13 6.77 -10.87 2.17
CA GLU A 13 6.41 -11.62 0.98
C GLU A 13 5.63 -10.73 0.01
N LEU A 14 5.07 -9.66 0.55
CA LEU A 14 4.33 -8.71 -0.26
C LEU A 14 5.29 -7.95 -1.17
N ILE A 15 6.44 -7.57 -0.61
CA ILE A 15 7.49 -6.93 -1.39
C ILE A 15 8.19 -7.96 -2.28
N LYS A 16 8.12 -9.22 -1.89
CA LYS A 16 8.72 -10.30 -2.66
C LYS A 16 8.13 -10.36 -4.07
N LEU A 17 6.83 -10.17 -4.18
CA LEU A 17 6.18 -10.18 -5.49
C LEU A 17 6.65 -8.98 -6.30
N ALA A 18 6.95 -7.90 -5.60
CA ALA A 18 7.37 -6.66 -6.24
C ALA A 18 8.76 -6.82 -6.85
N ASN A 19 9.58 -7.64 -6.21
CA ASN A 19 10.93 -7.90 -6.70
C ASN A 19 10.88 -8.55 -8.07
N GLN A 20 9.96 -9.49 -8.25
CA GLN A 20 9.84 -10.22 -9.49
C GLN A 20 9.36 -9.32 -10.63
N GLN A 21 8.63 -8.27 -10.28
CA GLN A 21 8.18 -7.30 -11.28
C GLN A 21 9.29 -6.30 -11.55
N ASN A 22 10.10 -6.05 -10.53
CA ASN A 22 11.22 -5.11 -10.63
C ASN A 22 12.34 -5.71 -11.46
N GLN A 23 12.34 -7.04 -11.58
CA GLN A 23 13.35 -7.73 -12.37
C GLN A 23 13.26 -7.36 -13.85
N ASN A 24 12.13 -6.77 -14.24
CA ASN A 24 11.95 -6.31 -15.60
C ASN A 24 12.82 -5.08 -15.85
N THR A 25 13.91 -5.30 -16.57
CA THR A 25 14.91 -4.27 -16.79
C THR A 25 14.36 -3.11 -17.62
N GLU A 26 13.47 -3.42 -18.56
CA GLU A 26 12.93 -2.42 -19.48
C GLU A 26 11.84 -1.57 -18.83
N ILE A 27 11.45 -1.91 -17.62
CA ILE A 27 10.42 -1.14 -16.92
C ILE A 27 11.05 -0.30 -15.82
N GLN A 28 10.41 0.81 -15.51
CA GLN A 28 10.89 1.71 -14.48
C GLN A 28 10.50 1.17 -13.11
N THR A 29 11.23 1.56 -12.08
CA THR A 29 10.99 1.06 -10.74
C THR A 29 9.68 1.64 -10.19
N GLY A 30 9.27 2.78 -10.75
CA GLY A 30 8.05 3.44 -10.29
C GLY A 30 6.78 2.72 -10.70
N GLU A 31 6.89 1.77 -11.64
CA GLU A 31 5.72 1.00 -12.05
C GLU A 31 5.31 0.02 -10.96
N VAL A 32 6.31 -0.54 -10.30
CA VAL A 32 6.07 -1.55 -9.28
C VAL A 32 5.50 -0.92 -8.02
N SER A 33 6.07 0.22 -7.63
CA SER A 33 5.61 0.93 -6.43
C SER A 33 4.16 1.38 -6.60
N ALA A 34 3.84 1.91 -7.77
CA ALA A 34 2.51 2.39 -8.05
C ALA A 34 1.51 1.24 -8.06
N SER A 35 1.95 0.06 -8.49
CA SER A 35 1.09 -1.11 -8.49
C SER A 35 0.74 -1.50 -7.06
N PHE A 36 1.71 -1.38 -6.17
CA PHE A 36 1.50 -1.65 -4.76
C PHE A 36 0.56 -0.59 -4.16
N MET A 37 0.71 0.64 -4.64
CA MET A 37 -0.13 1.77 -4.23
C MET A 37 -1.60 1.48 -4.56
N TRP A 38 -1.86 1.14 -5.81
CA TRP A 38 -3.22 0.85 -6.27
C TRP A 38 -3.77 -0.42 -5.64
N ALA A 39 -2.93 -1.43 -5.49
CA ALA A 39 -3.35 -2.71 -4.96
C ALA A 39 -3.87 -2.60 -3.53
N LEU A 40 -3.21 -1.76 -2.73
CA LEU A 40 -3.60 -1.56 -1.34
C LEU A 40 -4.97 -0.89 -1.27
N ALA A 41 -5.28 -0.08 -2.26
CA ALA A 41 -6.56 0.63 -2.31
C ALA A 41 -7.72 -0.36 -2.39
N ARG A 42 -7.58 -1.35 -3.27
CA ARG A 42 -8.63 -2.33 -3.48
C ARG A 42 -8.77 -3.22 -2.26
N TYR A 43 -7.65 -3.49 -1.61
CA TYR A 43 -7.63 -4.40 -0.47
C TYR A 43 -8.19 -3.72 0.78
N ASN A 44 -7.99 -2.42 0.90
CA ASN A 44 -8.48 -1.68 2.05
C ASN A 44 -9.97 -1.36 1.91
N ALA A 45 -10.42 -1.13 0.68
CA ALA A 45 -11.83 -0.84 0.42
C ALA A 45 -12.70 -2.07 0.71
N TRP A 46 -12.05 -3.22 0.76
CA TRP A 46 -12.70 -4.49 1.08
C TRP A 46 -13.39 -4.41 2.44
N PHE A 47 -12.83 -3.64 3.36
CA PHE A 47 -13.36 -3.52 4.71
C PHE A 47 -14.47 -2.48 4.80
N GLY A 48 -14.82 -1.88 3.68
CA GLY A 48 -15.87 -0.87 3.69
C GLY A 48 -17.18 -1.44 4.19
N SER A 49 -17.46 -2.69 3.82
CA SER A 49 -18.70 -3.34 4.19
C SER A 49 -18.76 -3.66 5.68
N THR A 50 -17.60 -3.65 6.34
CA THR A 50 -17.52 -3.96 7.74
C THR A 50 -17.61 -2.70 8.59
N SER A 51 -17.60 -1.55 7.93
CA SER A 51 -17.54 -0.27 8.61
C SER A 51 -18.88 0.11 9.24
N PHE A 52 -19.97 -0.24 8.56
CA PHE A 52 -21.29 0.16 9.05
C PHE A 52 -22.36 -0.87 8.73
N GLU A 53 -23.57 -0.61 9.21
CA GLU A 53 -24.68 -1.54 9.11
C GLU A 53 -25.48 -1.32 7.81
N THR A 54 -25.61 -0.06 7.43
CA THR A 54 -26.39 0.31 6.26
C THR A 54 -25.51 1.00 5.23
N LYS A 55 -25.94 0.98 3.97
CA LYS A 55 -25.18 1.63 2.92
C LYS A 55 -25.19 3.15 3.12
N GLU A 56 -26.25 3.65 3.71
CA GLU A 56 -26.42 5.06 3.96
C GLU A 56 -25.29 5.57 4.86
N GLN A 57 -25.07 4.88 5.97
CA GLN A 57 -24.04 5.25 6.91
C GLN A 57 -22.66 4.82 6.40
N MET A 58 -22.62 3.68 5.73
CA MET A 58 -21.38 3.16 5.15
C MET A 58 -20.82 4.13 4.10
N GLN A 59 -21.71 4.68 3.29
CA GLN A 59 -21.34 5.57 2.20
C GLN A 59 -20.71 6.87 2.70
N ALA A 60 -21.33 7.46 3.71
CA ALA A 60 -20.90 8.75 4.23
C ALA A 60 -19.55 8.65 4.92
N LYS A 61 -19.23 7.47 5.40
CA LYS A 61 -18.03 7.24 6.18
C LYS A 61 -16.88 6.80 5.30
N LYS A 62 -17.08 6.84 3.99
CA LYS A 62 -16.02 6.49 3.07
C LYS A 62 -14.77 7.28 3.40
N GLN A 63 -14.93 8.58 3.60
CA GLN A 63 -13.81 9.45 3.86
C GLN A 63 -13.27 9.22 5.27
N GLU A 64 -14.14 8.75 6.15
CA GLU A 64 -13.77 8.56 7.54
C GLU A 64 -13.03 7.23 7.74
N MET A 65 -13.37 6.21 6.96
CA MET A 65 -12.69 4.93 7.08
C MET A 65 -11.40 4.98 6.27
N MET A 66 -11.40 5.83 5.25
CA MET A 66 -10.25 6.00 4.38
C MET A 66 -9.23 6.97 4.97
N ASP A 67 -9.56 7.59 6.11
CA ASP A 67 -8.67 8.59 6.68
C ASP A 67 -7.45 7.90 7.24
N TYR A 68 -7.66 6.66 7.66
CA TYR A 68 -6.60 5.85 8.22
C TYR A 68 -6.06 4.88 7.19
N TYR A 69 -6.69 4.84 6.04
CA TYR A 69 -6.12 4.12 4.92
C TYR A 69 -5.02 4.98 4.33
N MET A 70 -5.35 6.21 3.99
CA MET A 70 -4.35 7.18 3.60
C MET A 70 -3.35 7.40 4.73
N ASP A 71 -3.81 7.97 5.84
CA ASP A 71 -2.90 8.38 6.92
C ASP A 71 -2.77 7.34 8.01
N ARG A 72 -1.92 6.34 7.78
CA ARG A 72 -1.49 5.44 8.84
C ARG A 72 -0.12 4.86 8.55
N TYR A 73 0.18 4.57 7.29
CA TYR A 73 1.48 4.03 6.96
C TYR A 73 2.45 5.18 6.77
N LYS A 74 1.95 6.38 6.99
CA LYS A 74 2.73 7.60 6.87
C LYS A 74 3.90 7.56 7.85
N GLU A 75 3.60 7.27 9.11
CA GLU A 75 4.62 7.19 10.14
C GLU A 75 5.58 6.02 9.89
N MET A 76 5.03 4.92 9.40
CA MET A 76 5.82 3.74 9.06
C MET A 76 6.79 4.09 7.93
N LEU A 77 6.27 4.85 6.97
CA LEU A 77 7.03 5.27 5.80
C LEU A 77 8.13 6.25 6.22
N ASP A 78 7.77 7.16 7.11
CA ASP A 78 8.70 8.14 7.66
C ASP A 78 9.86 7.45 8.35
N ALA A 79 9.55 6.41 9.08
CA ALA A 79 10.55 5.69 9.87
C ALA A 79 11.46 4.85 8.99
N ASN A 80 11.12 4.71 7.71
CA ASN A 80 11.94 3.90 6.81
C ASN A 80 12.76 4.78 5.86
N MET A 81 12.56 6.08 5.94
CA MET A 81 13.33 6.99 5.12
C MET A 81 14.63 7.39 5.80
N GLU A 82 15.37 8.27 5.11
CA GLU A 82 16.67 8.76 5.55
C GLU A 82 17.73 7.68 5.55
N ASP A 83 17.35 6.43 5.25
CA ASP A 83 18.31 5.34 5.16
C ASP A 83 19.40 5.67 4.15
N TYR A 84 19.00 6.30 3.04
CA TYR A 84 19.95 6.71 2.01
C TYR A 84 20.41 8.14 2.25
N ILE A 85 19.68 8.86 3.10
CA ILE A 85 19.96 10.27 3.34
C ILE A 85 21.12 10.42 4.31
N GLU A 86 21.01 9.81 5.49
CA GLU A 86 22.06 9.88 6.49
C GLU A 86 23.32 9.20 5.98
N ASN A 87 23.13 8.18 5.15
CA ASN A 87 24.24 7.41 4.62
C ASN A 87 24.77 8.01 3.32
N PHE A 88 24.27 9.19 2.96
CA PHE A 88 24.75 9.85 1.75
C PHE A 88 26.22 10.17 1.87
N ASP A 89 26.63 10.62 3.06
CA ASP A 89 28.04 10.88 3.34
C ASP A 89 28.86 9.63 3.08
N HIS A 90 28.31 8.50 3.53
CA HIS A 90 28.93 7.20 3.33
C HIS A 90 28.99 6.85 1.85
N TYR A 91 27.85 6.89 1.17
CA TYR A 91 27.78 6.54 -0.25
C TYR A 91 28.64 7.45 -1.10
N ARG A 92 28.50 8.75 -0.92
CA ARG A 92 29.25 9.73 -1.71
C ARG A 92 30.75 9.55 -1.50
N ALA A 93 31.13 8.89 -0.43
CA ALA A 93 32.53 8.69 -0.10
C ALA A 93 33.00 7.31 -0.57
N THR A 94 32.09 6.36 -0.59
CA THR A 94 32.40 5.01 -1.02
C THR A 94 32.25 4.86 -2.53
N GLN A 95 31.78 5.92 -3.17
CA GLN A 95 31.73 5.96 -4.63
C GLN A 95 33.14 6.07 -5.18
N LYS A 96 33.41 5.30 -6.22
CA LYS A 96 34.77 5.17 -6.72
C LYS A 96 34.83 5.38 -8.22
N SER B 1 -5.74 -6.73 -24.07
CA SER B 1 -4.90 -6.75 -22.89
C SER B 1 -5.69 -7.19 -21.66
N ASN B 2 -4.98 -7.61 -20.63
CA ASN B 2 -5.60 -7.97 -19.35
C ASN B 2 -5.54 -6.78 -18.39
N ASN B 3 -5.22 -5.62 -18.96
CA ASN B 3 -5.24 -4.37 -18.23
C ASN B 3 -5.95 -3.32 -19.08
N GLU B 4 -6.70 -2.45 -18.44
CA GLU B 4 -7.45 -1.43 -19.16
C GLU B 4 -6.59 -0.20 -19.44
N ASN B 5 -6.50 0.69 -18.46
CA ASN B 5 -5.75 1.93 -18.63
C ASN B 5 -4.56 1.97 -17.67
N ALA B 6 -4.40 0.93 -16.89
CA ALA B 6 -3.37 0.91 -15.86
C ALA B 6 -2.75 -0.47 -15.71
N PHE B 7 -1.81 -0.56 -14.80
CA PHE B 7 -1.08 -1.80 -14.50
C PHE B 7 -1.94 -2.81 -13.73
N TYR B 8 -3.19 -2.98 -14.16
CA TYR B 8 -4.12 -3.88 -13.49
C TYR B 8 -3.61 -5.31 -13.51
N ALA B 9 -2.78 -5.61 -14.51
CA ALA B 9 -2.19 -6.93 -14.65
C ALA B 9 -1.08 -7.15 -13.62
N ARG B 10 -0.49 -6.07 -13.15
CA ARG B 10 0.58 -6.14 -12.18
C ARG B 10 0.06 -6.14 -10.76
N ALA B 11 -0.70 -5.10 -10.40
CA ALA B 11 -1.26 -4.96 -9.06
C ALA B 11 -2.05 -6.20 -8.63
N THR B 12 -2.59 -6.93 -9.59
CA THR B 12 -3.36 -8.13 -9.28
C THR B 12 -2.46 -9.25 -8.73
N GLU B 13 -1.16 -9.15 -9.01
CA GLU B 13 -0.21 -10.16 -8.56
C GLU B 13 0.24 -9.84 -7.15
N LEU B 14 0.25 -8.55 -6.84
CA LEU B 14 0.60 -8.07 -5.51
C LEU B 14 -0.43 -8.53 -4.49
N ILE B 15 -1.70 -8.31 -4.81
CA ILE B 15 -2.81 -8.73 -3.95
C ILE B 15 -2.87 -10.26 -3.85
N LYS B 16 -2.47 -10.91 -4.93
CA LYS B 16 -2.53 -12.36 -5.02
C LYS B 16 -1.67 -13.02 -3.94
N LEU B 17 -0.60 -12.34 -3.53
CA LEU B 17 0.25 -12.86 -2.48
C LEU B 17 -0.47 -12.75 -1.13
N ALA B 18 -1.14 -11.63 -0.93
CA ALA B 18 -1.85 -11.36 0.32
C ALA B 18 -2.90 -12.42 0.60
N ASN B 19 -3.58 -12.87 -0.45
CA ASN B 19 -4.60 -13.89 -0.30
C ASN B 19 -4.03 -15.19 0.24
N GLN B 20 -2.79 -15.50 -0.15
CA GLN B 20 -2.12 -16.71 0.31
C GLN B 20 -1.86 -16.68 1.81
N GLN B 21 -1.58 -15.49 2.33
CA GLN B 21 -1.33 -15.32 3.75
C GLN B 21 -2.63 -15.29 4.53
N ASN B 22 -3.69 -14.88 3.85
CA ASN B 22 -5.00 -14.79 4.47
C ASN B 22 -5.65 -16.19 4.53
N GLN B 23 -5.04 -17.15 3.85
CA GLN B 23 -5.50 -18.53 3.90
C GLN B 23 -5.16 -19.17 5.24
N ASN B 24 -4.34 -18.49 6.03
CA ASN B 24 -3.96 -18.99 7.34
C ASN B 24 -5.16 -18.90 8.26
N THR B 25 -5.66 -20.06 8.65
CA THR B 25 -6.92 -20.21 9.37
C THR B 25 -7.08 -19.26 10.57
N GLU B 26 -6.02 -19.01 11.33
CA GLU B 26 -6.15 -18.19 12.54
C GLU B 26 -5.73 -16.73 12.35
N ILE B 27 -5.60 -16.27 11.11
CA ILE B 27 -5.26 -14.87 10.89
C ILE B 27 -6.53 -14.08 10.62
N GLN B 28 -6.46 -12.80 10.92
CA GLN B 28 -7.50 -11.88 10.56
C GLN B 28 -7.18 -11.27 9.21
N THR B 29 -8.17 -11.13 8.34
CA THR B 29 -7.96 -10.53 7.04
C THR B 29 -7.38 -9.12 7.17
N GLY B 30 -7.69 -8.49 8.29
CA GLY B 30 -7.18 -7.17 8.59
C GLY B 30 -5.69 -7.16 8.95
N GLU B 31 -5.11 -8.33 9.19
CA GLU B 31 -3.69 -8.39 9.51
C GLU B 31 -2.89 -8.43 8.23
N VAL B 32 -3.50 -8.97 7.19
CA VAL B 32 -2.85 -9.09 5.89
C VAL B 32 -2.91 -7.74 5.17
N SER B 33 -4.03 -7.05 5.29
CA SER B 33 -4.18 -5.73 4.68
C SER B 33 -3.15 -4.76 5.25
N ALA B 34 -2.94 -4.82 6.55
CA ALA B 34 -1.99 -3.96 7.22
C ALA B 34 -0.56 -4.29 6.78
N SER B 35 -0.30 -5.56 6.50
CA SER B 35 1.02 -5.98 6.03
C SER B 35 1.31 -5.37 4.66
N PHE B 36 0.28 -5.30 3.82
CA PHE B 36 0.40 -4.68 2.51
C PHE B 36 0.70 -3.20 2.67
N MET B 37 0.09 -2.60 3.68
CA MET B 37 0.30 -1.19 4.01
C MET B 37 1.72 -0.95 4.50
N TRP B 38 2.18 -1.76 5.44
CA TRP B 38 3.53 -1.65 5.99
C TRP B 38 4.58 -1.88 4.90
N ALA B 39 4.34 -2.86 4.04
CA ALA B 39 5.26 -3.17 2.95
C ALA B 39 5.37 -2.00 1.98
N LEU B 40 4.24 -1.34 1.72
CA LEU B 40 4.20 -0.21 0.80
C LEU B 40 5.00 0.95 1.36
N ALA B 41 4.94 1.12 2.68
CA ALA B 41 5.67 2.18 3.34
C ALA B 41 7.17 2.02 3.15
N ARG B 42 7.64 0.79 3.22
CA ARG B 42 9.06 0.51 3.07
C ARG B 42 9.49 0.70 1.62
N TYR B 43 8.60 0.31 0.70
CA TYR B 43 8.89 0.37 -0.72
C TYR B 43 8.93 1.82 -1.21
N ASN B 44 8.01 2.63 -0.73
CA ASN B 44 7.92 4.03 -1.16
C ASN B 44 9.10 4.86 -0.66
N ALA B 45 9.65 4.46 0.48
CA ALA B 45 10.78 5.20 1.08
C ALA B 45 12.04 5.06 0.24
N TRP B 46 12.05 4.06 -0.62
CA TRP B 46 13.16 3.81 -1.53
C TRP B 46 13.37 4.98 -2.49
N PHE B 47 12.26 5.55 -2.95
CA PHE B 47 12.27 6.55 -4.01
C PHE B 47 12.79 7.89 -3.52
N GLY B 48 13.04 8.00 -2.22
CA GLY B 48 13.63 9.20 -1.68
C GLY B 48 14.97 9.51 -2.32
N SER B 49 15.64 8.44 -2.76
CA SER B 49 16.96 8.54 -3.37
C SER B 49 16.90 9.27 -4.72
N THR B 50 15.71 9.29 -5.32
CA THR B 50 15.54 9.88 -6.64
C THR B 50 15.17 11.35 -6.54
N SER B 51 14.82 11.78 -5.33
CA SER B 51 14.30 13.11 -5.11
C SER B 51 15.34 14.19 -5.37
N PHE B 52 16.57 13.96 -4.91
CA PHE B 52 17.60 14.99 -5.00
C PHE B 52 19.00 14.42 -5.12
N GLU B 53 19.96 15.33 -5.18
CA GLU B 53 21.36 14.99 -5.37
C GLU B 53 22.07 14.84 -4.03
N THR B 54 21.96 15.87 -3.18
CA THR B 54 22.61 15.89 -1.89
C THR B 54 21.63 15.54 -0.80
N LYS B 55 22.15 15.10 0.34
CA LYS B 55 21.30 14.73 1.46
C LYS B 55 20.61 15.95 2.06
N GLU B 56 21.27 17.10 2.01
CA GLU B 56 20.72 18.32 2.56
C GLU B 56 19.39 18.68 1.89
N GLN B 57 19.38 18.59 0.56
CA GLN B 57 18.19 18.90 -0.20
C GLN B 57 17.22 17.72 -0.18
N MET B 58 17.79 16.53 -0.20
CA MET B 58 17.02 15.28 -0.20
C MET B 58 16.21 15.12 1.09
N GLN B 59 16.85 15.41 2.22
CA GLN B 59 16.23 15.27 3.53
C GLN B 59 15.02 16.19 3.67
N ALA B 60 15.14 17.39 3.14
CA ALA B 60 14.08 18.38 3.24
C ALA B 60 12.85 17.97 2.44
N LYS B 61 13.03 17.00 1.55
CA LYS B 61 11.96 16.57 0.66
C LYS B 61 11.28 15.33 1.21
N LYS B 62 11.82 14.79 2.30
CA LYS B 62 11.29 13.57 2.89
C LYS B 62 9.80 13.72 3.17
N GLN B 63 9.44 14.77 3.88
CA GLN B 63 8.05 15.01 4.22
C GLN B 63 7.26 15.37 2.96
N GLU B 64 7.92 16.05 2.02
CA GLU B 64 7.27 16.51 0.81
C GLU B 64 6.91 15.36 -0.11
N MET B 65 7.78 14.36 -0.23
CA MET B 65 7.54 13.26 -1.13
C MET B 65 6.58 12.27 -0.48
N MET B 66 6.57 12.28 0.84
CA MET B 66 5.76 11.37 1.61
C MET B 66 4.30 11.78 1.67
N ASP B 67 4.05 13.06 1.86
CA ASP B 67 2.72 13.51 2.29
C ASP B 67 1.66 13.21 1.26
N TYR B 68 2.03 13.14 0.00
CA TYR B 68 1.08 12.86 -1.05
C TYR B 68 1.02 11.37 -1.37
N TYR B 69 1.95 10.59 -0.79
CA TYR B 69 1.94 9.14 -0.97
C TYR B 69 0.65 8.55 -0.40
N MET B 70 0.35 8.94 0.84
CA MET B 70 -0.89 8.54 1.48
C MET B 70 -2.07 8.91 0.59
N ASP B 71 -1.97 10.09 0.00
CA ASP B 71 -3.05 10.70 -0.76
C ASP B 71 -3.05 10.24 -2.22
N ARG B 72 -2.22 9.25 -2.56
CA ARG B 72 -2.08 8.86 -3.95
C ARG B 72 -3.17 7.89 -4.33
N TYR B 73 -3.45 6.95 -3.44
CA TYR B 73 -4.45 5.96 -3.71
C TYR B 73 -5.75 6.32 -3.01
N LYS B 74 -5.84 7.58 -2.58
CA LYS B 74 -7.06 8.10 -1.98
C LYS B 74 -8.22 7.95 -2.96
N GLU B 75 -8.05 8.58 -4.12
CA GLU B 75 -9.05 8.54 -5.17
C GLU B 75 -9.23 7.11 -5.70
N MET B 76 -8.13 6.37 -5.75
CA MET B 76 -8.14 4.99 -6.19
C MET B 76 -9.01 4.14 -5.27
N LEU B 77 -8.86 4.39 -3.97
CA LEU B 77 -9.55 3.62 -2.96
C LEU B 77 -11.04 3.96 -2.97
N ASP B 78 -11.36 5.23 -3.18
CA ASP B 78 -12.75 5.66 -3.33
C ASP B 78 -13.39 4.98 -4.52
N ALA B 79 -12.60 4.79 -5.57
CA ALA B 79 -13.06 4.14 -6.79
C ALA B 79 -13.22 2.64 -6.59
N ASN B 80 -12.68 2.13 -5.50
CA ASN B 80 -12.81 0.72 -5.16
C ASN B 80 -13.91 0.53 -4.14
N MET B 81 -14.37 1.66 -3.63
CA MET B 81 -15.50 1.69 -2.71
C MET B 81 -16.80 1.69 -3.49
N GLU B 82 -17.90 1.92 -2.78
CA GLU B 82 -19.20 2.18 -3.36
C GLU B 82 -19.84 0.94 -3.97
N ASP B 83 -19.04 0.03 -4.50
CA ASP B 83 -19.53 -1.22 -5.07
C ASP B 83 -20.38 -1.97 -4.05
N TYR B 84 -19.80 -2.22 -2.89
CA TYR B 84 -20.51 -2.90 -1.81
C TYR B 84 -21.63 -2.01 -1.25
N ILE B 85 -21.46 -0.70 -1.41
CA ILE B 85 -22.43 0.26 -0.89
C ILE B 85 -23.71 0.22 -1.72
N GLU B 86 -23.58 0.44 -3.02
CA GLU B 86 -24.73 0.47 -3.91
C GLU B 86 -25.41 -0.90 -3.96
N ASN B 87 -24.64 -1.95 -3.75
CA ASN B 87 -25.18 -3.30 -3.81
C ASN B 87 -25.59 -3.79 -2.44
N PHE B 88 -25.61 -2.90 -1.45
CA PHE B 88 -26.04 -3.27 -0.11
C PHE B 88 -27.47 -3.78 -0.15
N ASP B 89 -28.36 -3.02 -0.80
CA ASP B 89 -29.75 -3.41 -0.95
C ASP B 89 -29.87 -4.67 -1.80
N HIS B 90 -28.82 -5.00 -2.53
CA HIS B 90 -28.77 -6.21 -3.34
C HIS B 90 -28.40 -7.40 -2.46
N TYR B 91 -27.28 -7.27 -1.75
CA TYR B 91 -26.82 -8.31 -0.86
C TYR B 91 -27.78 -8.53 0.29
N ARG B 92 -28.20 -7.44 0.95
CA ARG B 92 -29.09 -7.52 2.10
C ARG B 92 -30.43 -8.16 1.72
N ALA B 93 -30.70 -8.26 0.41
CA ALA B 93 -31.93 -8.85 -0.08
C ALA B 93 -31.72 -10.30 -0.51
N THR B 94 -30.47 -10.69 -0.69
CA THR B 94 -30.15 -12.03 -1.17
C THR B 94 -29.32 -12.80 -0.16
N GLN B 95 -29.18 -12.21 1.03
CA GLN B 95 -28.38 -12.80 2.09
C GLN B 95 -28.97 -14.11 2.60
N LYS B 96 -28.10 -14.93 3.13
CA LYS B 96 -28.48 -16.21 3.68
C LYS B 96 -28.12 -16.25 5.16
#